data_7U9F
#
_entry.id   7U9F
#
_cell.length_a   259.397
_cell.length_b   144.292
_cell.length_c   104.923
_cell.angle_alpha   90.000
_cell.angle_beta   90.000
_cell.angle_gamma   90.000
#
_symmetry.space_group_name_H-M   'P 21 21 2'
#
loop_
_entity.id
_entity.type
_entity.pdbx_description
1 polymer 'Integrin alpha-IIb'
2 polymer 'Integrin beta-3'
3 polymer 'Fab heavy chain'
4 polymer 'Fab light chain'
5 branched alpha-D-mannopyranose-(1-3)-[alpha-D-mannopyranose-(1-6)]beta-D-mannopyranose-(1-4)-2-acetamido-2-deoxy-beta-D-glucopyranose-(1-4)-2-acetamido-2-deoxy-beta-D-glucopyranose
6 branched 2-acetamido-2-deoxy-beta-D-glucopyranose-(1-4)-2-acetamido-2-deoxy-beta-D-glucopyranose
7 branched alpha-D-mannopyranose-(1-3)-beta-D-mannopyranose-(1-4)-2-acetamido-2-deoxy-beta-D-glucopyranose-(1-4)-2-acetamido-2-deoxy-beta-D-glucopyranose
8 non-polymer 'SULFATE ION'
9 non-polymer 'CALCIUM ION'
10 non-polymer 'MANGANESE (II) ION'
11 non-polymer 2-acetamido-2-deoxy-beta-D-glucopyranose
12 non-polymer '(4-{[(5S)-3-{4-[(E)-imino(4-methylpiperazin-1-yl)methyl]phenyl}-4,5-dihydro-1,2-oxazol-5-yl]methyl}piperazin-1-yl)acetic acid'
13 non-polymer 'CHLORIDE ION'
14 water water
#
loop_
_entity_poly.entity_id
_entity_poly.type
_entity_poly.pdbx_seq_one_letter_code
_entity_poly.pdbx_strand_id
1 'polypeptide(L)'
;LNLDPVQLTFYAGPNGSQFGFSLDFHKDSHGRVAIVVGAPRTLGPSQEETGGVFLCPWRAEGGQCPSLLFDLRDETRNVG
SQTLQTFKARQGLGASVVSWSDVIVACAPWQHWNVLEKTEEAEKTPVGSCFLAQPESGRRAEYSPCRGNTLSRIYVENDF
SWDKRYCEAGFSSVVTQAGELVLGAPGGYYFLGLLAQAPVADIFSSYRPGILLWHVSSQSLSFDSSNPEYFDGYWGYSVA
VGEFDGDLNTTEYVVGAPTWSWTLGAVEILDSYYQRLHRLRGEQMASYFGHSVAVTDVNGDGRHDLLVGAPLYMESRADR
KLAEVGRVYLFLQPRGPHALGAPSLLLTGTQLYGRFGSAIAPLGDLDRDGYNDIAVAAPYGGPSGRGQVLVFLGQSEGLR
SRPSQVLDSPFPTGSAFGFSLRGAVDIDDNGYPDLIVGAYGANQVAVYRAQPVV
;
A,C
2 'polypeptide(L)'
;GPNICTTRGVSSCQQCLAVSPMCAWCSDEALPLGSPRCDLKENLLKDNCAPESIEFPVSEARVLEDRPLSDKGSGDSSQV
TQVSPQRIALRLRPDDSKNFSIQVRQVEDYPVDIYYLMDLSYSMKDDLWSIQNLGTKLATQMRKLTSNLRIGFGAFVDKP
VSPYMYISPPEALENPCYDMKTTCLPMFGYKHVLTLTDQVTRFNEEVKKQSVSRNRDAPEGGFDAIMQATVCDEKIGWRN
DASHLLVFTTDAKTHIALDGRLAGIVQPNDGQCHVGSDNHYSASTTMDYPSLGLMTEKLSQKNINLIFAVTENVVNLYQN
YSELIPGTTVGVLSMDSSNVLQLIVDAYGKIRSKVELEVRDLPEELSLSFNATCLNNEVIPGLKSCMGLKIGDTVSFSIE
AKVRGCPQEKEKSFTIKPVGFKDSLIVQVTFDCDCACQAQAEPNSHRCNNGNGTFECGVCRCGPGWLGSQC
;
B,D
3 'polypeptide(L)'
;EVQLQQSGAELVKPGASVKLSCTASGFNIKDTYVHWVKQRPEQGLEWIGRIDPANGYTKYDPKFQGKATITADTSSNTAY
LQLSSLTSEDTAVYYCVRPLYDYYAMDYWGQGTSVTVSSAKTTAPSVYPLAPVCTGSSVTLGCLVKGYFPEPVTLTWNSG
SLSSGVHTFPAVLQSDLYTLSSSVTVTSSTWPSQSITCNVAHPASSTKVDKKIEPR
;
E,H
4 'polypeptide(L)'
;DILMTQSPSSMSVSLGDTVSITCHASQGISSNIGWLQQKPGKSFMGLIYYGTNLVDGVPSRFSGSGSGADYSLTISSLDS
EDFADYYCVQYAQLPYTFGGGTKLEIKRADAAPTVSIFPPSSEQLTSGGASVVCFLNNFYPKDINVKWKIDGSERQNGVL
NSWTDQDSKDSTYSMSSTLTLTKDEYERHNSYTCEATHKTSTSPIVKSFNRNEC
;
F,L
#
# COMPACT_ATOMS: atom_id res chain seq x y z
N LEU A 1 -29.74 7.64 -37.51
CA LEU A 1 -29.82 7.58 -38.97
C LEU A 1 -31.19 8.03 -39.47
N ASN A 2 -32.23 7.36 -38.98
CA ASN A 2 -33.58 7.52 -39.50
C ASN A 2 -34.52 8.20 -38.52
N LEU A 3 -33.99 9.04 -37.64
CA LEU A 3 -34.82 9.91 -36.83
C LEU A 3 -35.21 11.13 -37.64
N ASP A 4 -36.46 11.55 -37.51
CA ASP A 4 -36.99 12.67 -38.29
C ASP A 4 -36.65 14.00 -37.61
N PRO A 5 -35.77 14.81 -38.19
CA PRO A 5 -35.43 16.12 -37.60
C PRO A 5 -36.24 17.29 -38.17
N VAL A 6 -37.28 17.03 -38.95
CA VAL A 6 -38.07 18.08 -39.59
C VAL A 6 -39.35 18.35 -38.81
N GLN A 7 -40.13 17.32 -38.53
CA GLN A 7 -41.43 17.46 -37.86
C GLN A 7 -41.28 16.91 -36.44
N LEU A 8 -40.92 17.78 -35.51
CA LEU A 8 -40.77 17.42 -34.12
C LEU A 8 -42.06 17.66 -33.36
N THR A 9 -42.12 17.12 -32.14
CA THR A 9 -43.20 17.37 -31.21
C THR A 9 -42.62 18.03 -29.97
N PHE A 10 -43.25 19.12 -29.52
CA PHE A 10 -42.75 19.91 -28.41
C PHE A 10 -43.76 19.90 -27.27
N TYR A 11 -43.32 19.43 -26.11
CA TYR A 11 -44.06 19.58 -24.87
C TYR A 11 -43.37 20.63 -24.01
N ALA A 12 -44.15 21.41 -23.26
CA ALA A 12 -43.61 22.52 -22.50
C ALA A 12 -44.30 22.62 -21.15
N GLY A 13 -43.57 23.15 -20.17
CA GLY A 13 -44.10 23.37 -18.84
C GLY A 13 -43.98 24.81 -18.42
N PRO A 14 -44.20 25.09 -17.14
CA PRO A 14 -44.15 26.48 -16.66
C PRO A 14 -42.75 27.07 -16.81
N ASN A 15 -42.71 28.40 -16.89
CA ASN A 15 -41.44 29.09 -17.01
C ASN A 15 -40.64 28.95 -15.72
N GLY A 16 -39.39 28.53 -15.85
CA GLY A 16 -38.52 28.37 -14.69
C GLY A 16 -38.73 27.11 -13.88
N SER A 17 -39.58 26.19 -14.35
CA SER A 17 -39.85 24.96 -13.62
C SER A 17 -38.81 23.87 -13.91
N GLN A 18 -37.89 24.11 -14.84
CA GLN A 18 -36.92 23.11 -15.27
C GLN A 18 -37.64 21.85 -15.78
N PHE A 19 -38.77 22.07 -16.43
CA PHE A 19 -39.50 21.02 -17.13
C PHE A 19 -38.57 20.33 -18.13
N GLY A 20 -38.49 19.00 -18.04
CA GLY A 20 -37.61 18.23 -18.88
C GLY A 20 -36.28 17.85 -18.26
N PHE A 21 -36.07 18.19 -16.99
CA PHE A 21 -34.86 17.78 -16.29
C PHE A 21 -34.74 16.25 -16.24
N SER A 22 -35.87 15.56 -16.21
CA SER A 22 -35.90 14.10 -16.22
C SER A 22 -37.17 13.64 -16.92
N LEU A 23 -37.08 12.56 -17.68
CA LEU A 23 -38.23 12.06 -18.41
C LEU A 23 -38.11 10.56 -18.61
N ASP A 24 -39.24 9.95 -18.97
CA ASP A 24 -39.29 8.53 -19.27
C ASP A 24 -40.60 8.24 -19.99
N PHE A 25 -40.62 7.15 -20.74
CA PHE A 25 -41.86 6.66 -21.33
C PHE A 25 -42.67 5.91 -20.27
N HIS A 26 -43.98 6.06 -20.33
CA HIS A 26 -44.88 5.40 -19.39
C HIS A 26 -46.02 4.74 -20.16
N LYS A 27 -46.19 3.44 -19.94
CA LYS A 27 -47.28 2.68 -20.53
C LYS A 27 -48.34 2.42 -19.46
N ASP A 28 -49.60 2.72 -19.78
CA ASP A 28 -50.69 2.47 -18.84
C ASP A 28 -51.05 0.98 -18.87
N SER A 29 -52.12 0.62 -18.16
CA SER A 29 -52.54 -0.77 -18.12
C SER A 29 -53.01 -1.27 -19.49
N HIS A 30 -53.21 -0.38 -20.46
CA HIS A 30 -53.66 -0.75 -21.79
C HIS A 30 -52.54 -0.67 -22.83
N GLY A 31 -51.32 -0.38 -22.40
CA GLY A 31 -50.19 -0.27 -23.31
C GLY A 31 -50.08 1.05 -24.06
N ARG A 32 -50.92 2.03 -23.74
CA ARG A 32 -50.87 3.34 -24.38
C ARG A 32 -49.70 4.13 -23.80
N VAL A 33 -48.74 4.48 -24.65
CA VAL A 33 -47.52 5.12 -24.20
C VAL A 33 -47.77 6.61 -23.97
N ALA A 34 -47.27 7.11 -22.83
CA ALA A 34 -47.26 8.53 -22.52
C ALA A 34 -45.84 8.93 -22.12
N ILE A 35 -45.66 10.19 -21.74
CA ILE A 35 -44.36 10.70 -21.33
C ILE A 35 -44.50 11.32 -19.96
N VAL A 36 -43.79 10.79 -18.98
CA VAL A 36 -43.70 11.40 -17.65
C VAL A 36 -42.52 12.35 -17.65
N VAL A 37 -42.75 13.59 -17.20
CA VAL A 37 -41.73 14.63 -17.21
C VAL A 37 -41.57 15.16 -15.80
N GLY A 38 -40.31 15.31 -15.38
CA GLY A 38 -40.00 15.91 -14.09
C GLY A 38 -39.61 17.37 -14.27
N ALA A 39 -40.13 18.21 -13.37
CA ALA A 39 -39.85 19.64 -13.37
C ALA A 39 -39.47 20.02 -11.94
N PRO A 40 -38.19 19.89 -11.59
CA PRO A 40 -37.80 19.94 -10.17
C PRO A 40 -37.89 21.31 -9.53
N ARG A 41 -38.19 22.38 -10.27
CA ARG A 41 -38.34 23.70 -9.67
C ARG A 41 -39.76 24.24 -9.86
N THR A 42 -40.73 23.37 -10.10
CA THR A 42 -42.13 23.78 -10.16
C THR A 42 -42.55 24.36 -8.82
N LEU A 43 -43.32 25.44 -8.86
CA LEU A 43 -43.80 26.08 -7.65
C LEU A 43 -44.86 25.22 -6.97
N GLY A 44 -44.88 25.27 -5.64
CA GLY A 44 -45.84 24.53 -4.86
C GLY A 44 -46.98 25.41 -4.39
N PRO A 45 -47.54 25.07 -3.22
CA PRO A 45 -48.67 25.86 -2.69
C PRO A 45 -48.26 27.19 -2.10
N SER A 46 -47.16 27.18 -1.34
CA SER A 46 -46.70 28.38 -0.64
C SER A 46 -45.85 29.26 -1.55
N GLN A 47 -46.07 29.17 -2.87
CA GLN A 47 -45.34 29.94 -3.87
C GLN A 47 -43.83 29.68 -3.79
N GLU A 48 -43.45 28.53 -3.25
CA GLU A 48 -42.05 28.16 -3.09
C GLU A 48 -41.72 26.98 -3.98
N GLU A 49 -40.50 26.95 -4.50
CA GLU A 49 -40.08 25.87 -5.36
C GLU A 49 -40.10 24.55 -4.60
N THR A 50 -40.87 23.60 -5.11
CA THR A 50 -40.92 22.25 -4.55
C THR A 50 -40.78 21.16 -5.60
N GLY A 51 -40.81 21.48 -6.88
CA GLY A 51 -40.79 20.49 -7.93
C GLY A 51 -42.19 19.99 -8.26
N GLY A 52 -42.28 19.28 -9.37
CA GLY A 52 -43.55 18.75 -9.84
C GLY A 52 -43.34 17.75 -10.95
N VAL A 53 -44.37 16.96 -11.19
CA VAL A 53 -44.33 15.90 -12.18
C VAL A 53 -45.51 16.07 -13.13
N PHE A 54 -45.27 15.84 -14.41
CA PHE A 54 -46.30 15.95 -15.44
C PHE A 54 -46.37 14.65 -16.24
N LEU A 55 -47.58 14.31 -16.66
CA LEU A 55 -47.84 13.10 -17.44
C LEU A 55 -48.42 13.52 -18.79
N CYS A 56 -47.58 13.49 -19.83
CA CYS A 56 -47.95 14.03 -21.12
C CYS A 56 -48.56 12.95 -22.01
N PRO A 57 -49.81 13.06 -22.40
CA PRO A 57 -50.36 12.12 -23.40
C PRO A 57 -49.69 12.35 -24.75
N TRP A 58 -49.64 11.28 -25.56
CA TRP A 58 -49.01 11.38 -26.86
C TRP A 58 -49.91 12.11 -27.83
N ARG A 59 -49.45 13.27 -28.30
CA ARG A 59 -50.11 14.04 -29.35
C ARG A 59 -49.02 14.57 -30.27
N ALA A 60 -49.21 14.39 -31.59
CA ALA A 60 -48.22 14.86 -32.54
C ALA A 60 -48.00 16.38 -32.45
N GLU A 61 -49.00 17.11 -31.95
CA GLU A 61 -48.86 18.56 -31.77
C GLU A 61 -48.20 18.94 -30.45
N GLY A 62 -48.19 18.04 -29.47
CA GLY A 62 -47.62 18.33 -28.17
C GLY A 62 -48.41 19.30 -27.33
N GLY A 63 -47.73 20.27 -26.71
CA GLY A 63 -48.41 21.28 -25.93
C GLY A 63 -48.25 21.14 -24.44
N GLN A 64 -49.28 21.49 -23.68
CA GLN A 64 -49.26 21.44 -22.23
C GLN A 64 -49.64 20.05 -21.74
N CYS A 65 -49.25 19.74 -20.50
CA CYS A 65 -49.51 18.44 -19.91
C CYS A 65 -50.18 18.60 -18.55
N PRO A 66 -51.07 17.68 -18.20
CA PRO A 66 -51.67 17.71 -16.87
C PRO A 66 -50.67 17.27 -15.81
N SER A 67 -50.91 17.74 -14.59
CA SER A 67 -50.02 17.43 -13.47
C SER A 67 -50.31 16.04 -12.91
N LEU A 68 -49.25 15.37 -12.48
CA LEU A 68 -49.35 14.16 -11.66
C LEU A 68 -49.17 14.63 -10.22
N LEU A 69 -50.29 14.78 -9.51
CA LEU A 69 -50.29 15.46 -8.23
C LEU A 69 -49.70 14.61 -7.12
N PHE A 70 -48.92 15.26 -6.26
CA PHE A 70 -48.35 14.66 -5.06
C PHE A 70 -48.56 15.60 -3.88
N ASP A 71 -48.38 15.06 -2.68
CA ASP A 71 -48.53 15.84 -1.46
C ASP A 71 -47.31 16.73 -1.28
N LEU A 72 -47.53 18.04 -1.16
CA LEU A 72 -46.44 19.01 -1.02
C LEU A 72 -46.43 19.70 0.34
N ARG A 73 -47.20 19.20 1.30
CA ARG A 73 -47.27 19.78 2.63
C ARG A 73 -46.19 19.18 3.53
N ASP A 74 -45.51 20.03 4.29
CA ASP A 74 -44.55 19.55 5.27
C ASP A 74 -45.28 18.81 6.38
N GLU A 75 -44.67 17.73 6.86
CA GLU A 75 -45.30 16.84 7.83
C GLU A 75 -44.57 16.89 9.16
N THR A 76 -45.33 16.71 10.24
CA THR A 76 -44.79 16.71 11.59
C THR A 76 -45.52 15.65 12.41
N ARG A 77 -44.76 14.78 13.06
CA ARG A 77 -45.32 13.71 13.87
C ARG A 77 -44.61 13.70 15.22
N ASN A 78 -45.38 13.79 16.31
CA ASN A 78 -44.84 13.73 17.67
C ASN A 78 -45.13 12.33 18.20
N VAL A 79 -44.13 11.46 18.14
CA VAL A 79 -44.27 10.07 18.52
C VAL A 79 -42.98 9.60 19.19
N GLY A 80 -43.12 8.70 20.16
CA GLY A 80 -41.97 8.16 20.85
C GLY A 80 -41.12 9.20 21.56
N SER A 81 -41.76 10.22 22.12
CA SER A 81 -41.05 11.33 22.77
C SER A 81 -40.07 12.00 21.81
N GLN A 82 -40.40 12.02 20.52
CA GLN A 82 -39.60 12.68 19.51
C GLN A 82 -40.52 13.45 18.57
N THR A 83 -39.92 14.29 17.74
CA THR A 83 -40.65 15.08 16.75
C THR A 83 -40.03 14.83 15.39
N LEU A 84 -40.79 14.21 14.49
CA LEU A 84 -40.33 13.92 13.14
C LEU A 84 -40.78 15.03 12.20
N GLN A 85 -39.88 15.47 11.32
CA GLN A 85 -40.14 16.60 10.44
C GLN A 85 -39.66 16.31 9.03
N THR A 86 -40.51 16.58 8.04
CA THR A 86 -40.13 16.58 6.64
C THR A 86 -40.22 18.01 6.12
N PHE A 87 -39.29 18.37 5.23
CA PHE A 87 -39.25 19.71 4.64
C PHE A 87 -39.13 19.57 3.13
N LYS A 88 -40.20 19.92 2.43
CA LYS A 88 -40.30 19.75 0.98
C LYS A 88 -39.94 21.01 0.20
N ALA A 89 -39.55 22.08 0.87
CA ALA A 89 -39.14 23.29 0.17
C ALA A 89 -37.84 23.06 -0.56
N ARG A 90 -37.84 23.35 -1.87
CA ARG A 90 -36.68 23.16 -2.74
C ARG A 90 -36.17 21.71 -2.72
N GLN A 91 -37.10 20.77 -2.57
CA GLN A 91 -36.75 19.36 -2.55
C GLN A 91 -36.37 18.83 -3.91
N GLY A 92 -36.83 19.46 -4.98
CA GLY A 92 -36.52 18.99 -6.32
C GLY A 92 -37.32 17.79 -6.77
N LEU A 93 -38.62 17.77 -6.48
CA LEU A 93 -39.47 16.68 -6.96
C LEU A 93 -39.48 16.67 -8.48
N GLY A 94 -39.11 15.53 -9.06
CA GLY A 94 -38.95 15.42 -10.49
C GLY A 94 -37.53 15.55 -10.98
N ALA A 95 -36.54 15.66 -10.07
CA ALA A 95 -35.14 15.59 -10.48
C ALA A 95 -34.77 14.23 -11.05
N SER A 96 -35.61 13.22 -10.84
CA SER A 96 -35.49 11.95 -11.54
C SER A 96 -36.87 11.32 -11.59
N VAL A 97 -37.23 10.77 -12.74
CA VAL A 97 -38.48 10.05 -12.91
C VAL A 97 -38.19 8.77 -13.68
N VAL A 98 -38.98 7.73 -13.39
CA VAL A 98 -38.81 6.44 -14.06
C VAL A 98 -40.15 5.72 -13.98
N SER A 99 -40.44 4.92 -15.00
CA SER A 99 -41.69 4.19 -15.10
C SER A 99 -41.44 2.70 -15.13
N TRP A 100 -42.32 1.95 -14.47
CA TRP A 100 -42.28 0.49 -14.52
C TRP A 100 -43.72 -0.01 -14.36
N SER A 101 -44.15 -0.87 -15.29
CA SER A 101 -45.53 -1.37 -15.36
C SER A 101 -46.43 -0.14 -15.44
N ASP A 102 -47.49 -0.04 -14.64
CA ASP A 102 -48.34 1.15 -14.61
C ASP A 102 -48.05 2.02 -13.39
N VAL A 103 -46.78 2.11 -13.01
CA VAL A 103 -46.36 2.85 -11.81
C VAL A 103 -45.28 3.85 -12.21
N ILE A 104 -45.37 5.05 -11.65
CA ILE A 104 -44.39 6.11 -11.88
C ILE A 104 -43.67 6.38 -10.57
N VAL A 105 -42.35 6.49 -10.63
CA VAL A 105 -41.52 6.78 -9.46
C VAL A 105 -40.81 8.11 -9.72
N ALA A 106 -41.24 9.16 -9.02
CA ALA A 106 -40.63 10.48 -9.10
C ALA A 106 -40.03 10.81 -7.75
N CYS A 107 -38.78 11.27 -7.77
CA CYS A 107 -38.00 11.45 -6.55
C CYS A 107 -37.63 12.91 -6.34
N ALA A 108 -37.46 13.26 -5.07
CA ALA A 108 -37.01 14.59 -4.65
C ALA A 108 -35.73 14.41 -3.85
N PRO A 109 -34.56 14.45 -4.51
CA PRO A 109 -33.31 14.13 -3.81
C PRO A 109 -32.98 15.09 -2.68
N TRP A 110 -33.52 16.30 -2.67
CA TRP A 110 -33.15 17.30 -1.68
C TRP A 110 -34.28 17.60 -0.70
N GLN A 111 -35.22 16.67 -0.52
CA GLN A 111 -36.16 16.79 0.58
C GLN A 111 -35.43 16.62 1.89
N HIS A 112 -35.63 17.55 2.81
CA HIS A 112 -34.90 17.56 4.06
C HIS A 112 -35.71 16.88 5.17
N TRP A 113 -35.01 16.56 6.25
CA TRP A 113 -35.55 15.74 7.32
C TRP A 113 -34.80 16.08 8.60
N ASN A 114 -35.53 16.02 9.72
CA ASN A 114 -34.93 16.27 11.02
C ASN A 114 -35.79 15.61 12.09
N VAL A 115 -35.16 15.31 13.22
CA VAL A 115 -35.82 14.67 14.35
C VAL A 115 -35.43 15.44 15.61
N LEU A 116 -36.42 15.95 16.32
CA LEU A 116 -36.20 16.75 17.53
C LEU A 116 -36.56 15.92 18.76
N GLU A 117 -35.62 15.85 19.71
CA GLU A 117 -35.87 15.22 21.01
C GLU A 117 -35.35 16.18 22.07
N LYS A 118 -36.25 16.95 22.68
CA LYS A 118 -35.92 17.95 23.70
C LYS A 118 -35.00 18.98 23.08
N THR A 119 -33.78 19.18 23.58
CA THR A 119 -32.84 20.15 23.04
C THR A 119 -31.93 19.57 21.97
N GLU A 120 -31.94 18.26 21.79
CA GLU A 120 -31.11 17.62 20.78
C GLU A 120 -31.89 17.44 19.48
N GLU A 121 -31.15 17.11 18.42
CA GLU A 121 -31.76 16.93 17.11
C GLU A 121 -30.91 15.96 16.29
N ALA A 122 -31.53 15.42 15.23
CA ALA A 122 -30.81 14.57 14.29
C ALA A 122 -30.02 15.38 13.27
N GLU A 123 -30.31 16.68 13.15
CA GLU A 123 -29.79 17.63 12.17
C GLU A 123 -30.64 17.62 10.90
N LYS A 124 -31.00 18.82 10.43
CA LYS A 124 -31.84 19.01 9.25
C LYS A 124 -31.00 18.75 8.00
N THR A 125 -31.20 17.60 7.38
CA THR A 125 -30.32 17.12 6.31
C THR A 125 -31.15 16.58 5.16
N PRO A 126 -30.60 16.58 3.94
CA PRO A 126 -31.37 16.09 2.78
C PRO A 126 -31.30 14.58 2.59
N VAL A 127 -32.17 13.83 3.27
CA VAL A 127 -32.20 12.38 3.09
C VAL A 127 -32.78 11.99 1.73
N GLY A 128 -33.48 12.91 1.07
CA GLY A 128 -34.17 12.59 -0.16
C GLY A 128 -35.41 11.77 0.08
N SER A 129 -36.22 11.64 -0.96
CA SER A 129 -37.46 10.88 -0.89
C SER A 129 -37.98 10.65 -2.30
N CYS A 130 -38.73 9.56 -2.48
CA CYS A 130 -39.33 9.21 -3.75
C CYS A 130 -40.83 9.03 -3.57
N PHE A 131 -41.59 9.52 -4.54
CA PHE A 131 -43.04 9.41 -4.57
C PHE A 131 -43.42 8.41 -5.66
N LEU A 132 -44.33 7.49 -5.32
CA LEU A 132 -44.78 6.46 -6.24
C LEU A 132 -46.27 6.63 -6.49
N ALA A 133 -46.67 6.54 -7.76
CA ALA A 133 -48.05 6.76 -8.14
C ALA A 133 -48.50 5.71 -9.14
N GLN A 134 -49.75 5.28 -9.00
CA GLN A 134 -50.45 4.48 -10.01
C GLN A 134 -51.53 5.36 -10.61
N PRO A 135 -51.24 6.04 -11.73
CA PRO A 135 -52.15 7.11 -12.19
C PRO A 135 -53.57 6.66 -12.46
N GLU A 136 -53.76 5.46 -13.02
CA GLU A 136 -55.10 5.03 -13.37
C GLU A 136 -55.96 4.76 -12.14
N SER A 137 -55.36 4.33 -11.04
CA SER A 137 -56.10 4.01 -9.83
C SER A 137 -56.05 5.11 -8.78
N GLY A 138 -55.08 6.02 -8.86
CA GLY A 138 -54.93 7.06 -7.87
C GLY A 138 -54.14 6.66 -6.65
N ARG A 139 -53.64 5.43 -6.60
CA ARG A 139 -52.84 5.00 -5.46
C ARG A 139 -51.56 5.82 -5.35
N ARG A 140 -51.17 6.12 -4.11
CA ARG A 140 -49.96 6.86 -3.84
C ARG A 140 -49.18 6.17 -2.74
N ALA A 141 -47.84 6.30 -2.80
CA ALA A 141 -46.97 5.74 -1.78
C ALA A 141 -45.66 6.51 -1.81
N GLU A 142 -44.89 6.38 -0.74
CA GLU A 142 -43.60 7.04 -0.61
C GLU A 142 -42.55 6.01 -0.20
N TYR A 143 -41.29 6.40 -0.37
CA TYR A 143 -40.17 5.56 0.02
C TYR A 143 -38.98 6.45 0.31
N SER A 144 -38.54 6.46 1.57
CA SER A 144 -37.42 7.29 2.02
C SER A 144 -36.54 6.44 2.93
N PRO A 145 -35.66 5.62 2.34
CA PRO A 145 -34.94 4.62 3.12
C PRO A 145 -33.87 5.19 4.04
N CYS A 146 -33.51 6.47 3.90
CA CYS A 146 -32.42 7.03 4.69
C CYS A 146 -32.91 7.88 5.86
N ARG A 147 -34.22 8.00 6.05
CA ARG A 147 -34.74 8.65 7.24
C ARG A 147 -34.36 7.85 8.47
N GLY A 148 -33.84 8.54 9.49
CA GLY A 148 -33.50 7.92 10.75
C GLY A 148 -34.01 8.75 11.91
N ASN A 149 -33.86 8.18 13.11
CA ASN A 149 -34.24 8.88 14.34
C ASN A 149 -33.08 8.92 15.33
N THR A 150 -31.85 8.78 14.86
CA THR A 150 -30.68 8.86 15.72
C THR A 150 -30.25 10.32 15.88
N LEU A 151 -29.95 10.69 17.13
CA LEU A 151 -29.60 12.08 17.42
C LEU A 151 -28.16 12.37 17.02
N SER A 152 -27.87 13.68 16.89
CA SER A 152 -26.60 14.11 16.31
C SER A 152 -25.40 13.66 17.13
N ARG A 153 -25.54 13.65 18.46
CA ARG A 153 -24.42 13.29 19.32
C ARG A 153 -23.93 11.87 19.08
N ILE A 154 -24.84 10.94 18.75
CA ILE A 154 -24.45 9.55 18.57
C ILE A 154 -23.55 9.39 17.35
N TYR A 155 -23.87 10.08 16.25
CA TYR A 155 -23.04 9.99 15.06
C TYR A 155 -21.61 10.46 15.34
N VAL A 156 -21.46 11.46 16.21
CA VAL A 156 -20.13 11.98 16.53
C VAL A 156 -19.33 10.96 17.33
N GLU A 157 -19.97 10.29 18.27
CA GLU A 157 -19.28 9.28 19.08
C GLU A 157 -18.73 8.16 18.19
N ASN A 158 -19.58 7.61 17.33
CA ASN A 158 -19.21 6.49 16.48
C ASN A 158 -18.46 6.89 15.22
N ASP A 159 -17.96 8.12 15.16
CA ASP A 159 -17.16 8.60 14.03
C ASP A 159 -17.94 8.58 12.72
N PHE A 160 -19.22 8.95 12.79
CA PHE A 160 -20.09 9.09 11.61
C PHE A 160 -20.15 7.81 10.79
N SER A 161 -20.40 6.69 11.48
CA SER A 161 -20.57 5.41 10.81
C SER A 161 -22.04 5.20 10.48
N TRP A 162 -22.30 4.68 9.29
CA TRP A 162 -23.66 4.42 8.81
C TRP A 162 -24.52 5.68 8.92
N ASP A 163 -23.95 6.79 8.46
CA ASP A 163 -24.60 8.10 8.51
C ASP A 163 -25.33 8.31 7.18
N LYS A 164 -26.63 8.03 7.17
CA LYS A 164 -27.45 8.16 5.97
C LYS A 164 -28.22 9.48 5.94
N ARG A 165 -27.76 10.49 6.68
CA ARG A 165 -28.54 11.71 6.82
C ARG A 165 -28.52 12.56 5.54
N TYR A 166 -27.48 12.46 4.73
CA TYR A 166 -27.33 13.25 3.52
C TYR A 166 -27.42 12.39 2.27
N CYS A 167 -28.26 11.36 2.31
CA CYS A 167 -28.36 10.40 1.22
C CYS A 167 -28.66 11.08 -0.12
N GLU A 168 -29.69 11.92 -0.12
CA GLU A 168 -30.30 12.40 -1.36
C GLU A 168 -30.78 11.23 -2.22
N ALA A 169 -31.54 10.34 -1.57
CA ALA A 169 -32.07 9.18 -2.26
C ALA A 169 -33.00 9.59 -3.39
N GLY A 170 -32.93 8.87 -4.50
CA GLY A 170 -33.63 9.25 -5.70
C GLY A 170 -32.86 10.17 -6.62
N PHE A 171 -31.64 10.56 -6.23
CA PHE A 171 -30.74 11.28 -7.13
C PHE A 171 -30.69 10.61 -8.49
N SER A 172 -30.53 9.29 -8.50
CA SER A 172 -30.69 8.47 -9.69
C SER A 172 -31.59 7.30 -9.33
N SER A 173 -32.23 6.72 -10.35
CA SER A 173 -33.19 5.66 -10.09
C SER A 173 -33.27 4.71 -11.27
N VAL A 174 -33.70 3.49 -10.99
CA VAL A 174 -33.92 2.47 -12.01
C VAL A 174 -34.78 1.39 -11.37
N VAL A 175 -35.51 0.64 -12.21
CA VAL A 175 -36.35 -0.45 -11.74
C VAL A 175 -36.02 -1.69 -12.55
N THR A 176 -35.79 -2.80 -11.86
CA THR A 176 -35.55 -4.07 -12.55
C THR A 176 -36.84 -4.57 -13.19
N GLN A 177 -36.68 -5.48 -14.16
CA GLN A 177 -37.85 -6.06 -14.81
C GLN A 177 -38.74 -6.79 -13.83
N ALA A 178 -38.16 -7.31 -12.75
CA ALA A 178 -38.93 -7.98 -11.71
C ALA A 178 -39.73 -7.00 -10.85
N GLY A 179 -39.44 -5.71 -10.93
CA GLY A 179 -40.16 -4.72 -10.18
C GLY A 179 -39.49 -4.25 -8.91
N GLU A 180 -38.17 -4.24 -8.85
CA GLU A 180 -37.43 -3.79 -7.67
C GLU A 180 -36.87 -2.40 -7.95
N LEU A 181 -37.34 -1.41 -7.20
CA LEU A 181 -36.85 -0.05 -7.32
C LEU A 181 -35.45 0.06 -6.72
N VAL A 182 -34.52 0.64 -7.47
CA VAL A 182 -33.14 0.81 -7.03
C VAL A 182 -32.82 2.29 -7.05
N LEU A 183 -32.55 2.84 -5.87
CA LEU A 183 -32.30 4.27 -5.72
C LEU A 183 -30.80 4.52 -5.53
N GLY A 184 -30.29 5.52 -6.25
CA GLY A 184 -28.93 5.98 -6.03
C GLY A 184 -28.93 7.13 -5.04
N ALA A 185 -28.03 7.04 -4.06
CA ALA A 185 -27.90 8.06 -3.01
C ALA A 185 -26.43 8.42 -2.90
N PRO A 186 -25.97 9.44 -3.63
CA PRO A 186 -24.54 9.75 -3.67
C PRO A 186 -24.00 10.38 -2.40
N GLY A 187 -24.86 10.71 -1.43
CA GLY A 187 -24.40 11.33 -0.21
C GLY A 187 -24.53 10.41 0.99
N GLY A 188 -24.95 9.18 0.75
CA GLY A 188 -25.06 8.23 1.84
C GLY A 188 -23.71 7.91 2.44
N TYR A 189 -23.72 7.63 3.75
CA TYR A 189 -22.50 7.27 4.49
C TYR A 189 -21.46 8.39 4.40
N TYR A 190 -21.90 9.61 4.71
CA TYR A 190 -21.07 10.81 4.68
C TYR A 190 -20.39 10.97 3.32
N PHE A 191 -21.22 10.98 2.29
CA PHE A 191 -20.84 11.27 0.91
C PHE A 191 -19.98 10.18 0.28
N LEU A 192 -20.03 8.96 0.81
CA LEU A 192 -19.45 7.83 0.09
C LEU A 192 -20.39 7.38 -1.02
N GLY A 193 -21.68 7.33 -0.73
CA GLY A 193 -22.69 6.92 -1.68
C GLY A 193 -23.20 5.53 -1.36
N LEU A 194 -24.52 5.36 -1.45
CA LEU A 194 -25.14 4.07 -1.19
C LEU A 194 -26.25 3.84 -2.21
N LEU A 195 -26.71 2.60 -2.29
CA LEU A 195 -27.85 2.20 -3.09
C LEU A 195 -28.93 1.63 -2.18
N ALA A 196 -30.19 1.93 -2.50
CA ALA A 196 -31.33 1.41 -1.77
C ALA A 196 -32.24 0.68 -2.73
N GLN A 197 -32.55 -0.58 -2.41
CA GLN A 197 -33.40 -1.41 -3.25
C GLN A 197 -34.58 -1.91 -2.41
N ALA A 198 -35.76 -1.96 -3.04
CA ALA A 198 -36.96 -2.45 -2.39
C ALA A 198 -37.99 -2.76 -3.46
N PRO A 199 -38.73 -3.87 -3.34
CA PRO A 199 -39.77 -4.17 -4.33
C PRO A 199 -40.86 -3.10 -4.32
N VAL A 200 -41.31 -2.71 -5.51
CA VAL A 200 -42.35 -1.70 -5.63
C VAL A 200 -43.62 -2.14 -4.93
N ALA A 201 -43.96 -3.43 -5.04
CA ALA A 201 -45.17 -3.93 -4.42
C ALA A 201 -45.12 -3.80 -2.90
N ASP A 202 -43.95 -4.02 -2.31
CA ASP A 202 -43.82 -3.91 -0.86
C ASP A 202 -43.78 -2.46 -0.39
N ILE A 203 -43.34 -1.54 -1.25
CA ILE A 203 -43.40 -0.12 -0.90
C ILE A 203 -44.84 0.32 -0.72
N PHE A 204 -45.72 -0.11 -1.61
CA PHE A 204 -47.13 0.27 -1.51
C PHE A 204 -47.81 -0.38 -0.31
N SER A 205 -47.53 -1.67 -0.07
CA SER A 205 -48.24 -2.39 0.98
C SER A 205 -47.78 -1.97 2.37
N SER A 206 -46.56 -1.47 2.50
CA SER A 206 -46.00 -1.10 3.79
C SER A 206 -46.10 0.39 4.08
N TYR A 207 -46.66 1.18 3.17
CA TYR A 207 -46.75 2.62 3.35
C TYR A 207 -48.14 3.01 3.82
N ARG A 208 -48.18 3.85 4.86
CA ARG A 208 -49.38 4.54 5.31
C ARG A 208 -49.03 6.01 5.51
N PRO A 209 -49.92 6.92 5.13
CA PRO A 209 -49.59 8.35 5.26
C PRO A 209 -49.49 8.77 6.71
N GLY A 210 -48.53 9.67 6.98
CA GLY A 210 -48.35 10.23 8.31
C GLY A 210 -47.39 9.47 9.20
N ILE A 211 -47.00 8.25 8.83
CA ILE A 211 -46.11 7.47 9.68
C ILE A 211 -44.69 8.03 9.65
N LEU A 212 -44.24 8.45 8.46
CA LEU A 212 -42.96 9.13 8.25
C LEU A 212 -41.76 8.20 8.48
N LEU A 213 -41.83 7.35 9.50
CA LEU A 213 -40.79 6.37 9.78
C LEU A 213 -41.42 4.99 9.85
N TRP A 214 -41.17 4.16 8.84
CA TRP A 214 -41.75 2.83 8.78
C TRP A 214 -40.75 1.86 8.17
N HIS A 215 -40.90 0.59 8.53
CA HIS A 215 -40.01 -0.47 8.06
C HIS A 215 -40.49 -1.04 6.73
N VAL A 216 -39.54 -1.25 5.81
CA VAL A 216 -39.78 -1.99 4.57
C VAL A 216 -38.85 -3.19 4.64
N SER A 217 -39.38 -4.33 5.08
CA SER A 217 -38.54 -5.46 5.47
C SER A 217 -37.80 -6.07 4.29
N SER A 218 -38.40 -6.04 3.09
CA SER A 218 -37.76 -6.62 1.93
C SER A 218 -36.71 -5.72 1.30
N GLN A 219 -36.39 -4.57 1.93
CA GLN A 219 -35.46 -3.64 1.34
C GLN A 219 -34.01 -4.08 1.60
N SER A 220 -33.09 -3.55 0.80
CA SER A 220 -31.69 -3.92 0.87
C SER A 220 -30.85 -2.71 0.53
N LEU A 221 -30.01 -2.27 1.47
CA LEU A 221 -29.11 -1.15 1.27
C LEU A 221 -27.68 -1.63 1.16
N SER A 222 -26.87 -0.88 0.42
CA SER A 222 -25.45 -1.20 0.28
C SER A 222 -24.74 -0.88 1.60
N PHE A 223 -23.42 -0.94 1.59
CA PHE A 223 -22.65 -0.97 2.83
C PHE A 223 -21.69 0.20 2.92
N ASP A 224 -21.44 0.63 4.16
CA ASP A 224 -20.44 1.64 4.46
C ASP A 224 -19.04 1.07 4.20
N SER A 225 -18.05 1.95 4.28
CA SER A 225 -16.68 1.55 4.03
C SER A 225 -15.73 2.52 4.73
N SER A 226 -14.61 1.99 5.20
CA SER A 226 -13.55 2.80 5.78
C SER A 226 -12.36 2.93 4.82
N ASN A 227 -12.54 2.59 3.55
CA ASN A 227 -11.51 2.75 2.55
C ASN A 227 -11.58 4.17 1.98
N PRO A 228 -10.51 4.98 2.11
CA PRO A 228 -10.57 6.36 1.61
C PRO A 228 -10.78 6.46 0.11
N GLU A 229 -10.57 5.38 -0.64
CA GLU A 229 -10.85 5.41 -2.08
C GLU A 229 -12.30 5.75 -2.36
N TYR A 230 -13.21 5.37 -1.46
CA TYR A 230 -14.63 5.65 -1.63
C TYR A 230 -15.07 6.97 -1.03
N PHE A 231 -14.20 7.66 -0.30
CA PHE A 231 -14.58 8.90 0.34
C PHE A 231 -14.87 9.97 -0.70
N ASP A 232 -16.03 10.63 -0.56
CA ASP A 232 -16.46 11.69 -1.47
C ASP A 232 -16.53 11.21 -2.92
N GLY A 233 -16.85 9.92 -3.11
CA GLY A 233 -16.91 9.32 -4.42
C GLY A 233 -18.26 9.42 -5.11
N TYR A 234 -19.30 9.78 -4.37
CA TYR A 234 -20.65 9.95 -4.91
C TYR A 234 -21.12 8.69 -5.63
N TRP A 235 -20.85 7.55 -5.00
CA TRP A 235 -21.33 6.25 -5.46
C TRP A 235 -22.85 6.27 -5.56
N GLY A 236 -23.37 6.10 -6.77
CA GLY A 236 -24.79 6.22 -7.00
C GLY A 236 -25.22 7.52 -7.66
N TYR A 237 -24.28 8.33 -8.13
CA TYR A 237 -24.61 9.47 -8.97
C TYR A 237 -25.46 9.04 -10.16
N SER A 238 -25.13 7.89 -10.74
CA SER A 238 -25.90 7.27 -11.81
C SER A 238 -26.02 5.78 -11.53
N VAL A 239 -27.12 5.18 -11.99
CA VAL A 239 -27.39 3.77 -11.74
CA VAL A 239 -27.40 3.78 -11.75
C VAL A 239 -28.04 3.17 -12.99
N ALA A 240 -27.84 1.87 -13.16
CA ALA A 240 -28.43 1.10 -14.25
C ALA A 240 -28.39 -0.38 -13.86
N VAL A 241 -29.13 -1.19 -14.63
CA VAL A 241 -29.21 -2.62 -14.37
C VAL A 241 -28.97 -3.39 -15.66
N GLY A 242 -28.54 -4.63 -15.50
CA GLY A 242 -28.27 -5.48 -16.65
C GLY A 242 -27.96 -6.89 -16.21
N GLU A 243 -27.57 -7.70 -17.19
CA GLU A 243 -27.20 -9.10 -16.97
C GLU A 243 -25.72 -9.26 -17.32
N PHE A 244 -24.89 -9.49 -16.31
CA PHE A 244 -23.45 -9.51 -16.49
C PHE A 244 -22.74 -10.73 -15.91
N ASP A 245 -23.43 -11.60 -15.18
CA ASP A 245 -22.77 -12.75 -14.53
C ASP A 245 -23.15 -14.08 -15.16
N GLY A 246 -23.91 -14.08 -16.25
CA GLY A 246 -24.31 -15.30 -16.91
C GLY A 246 -25.44 -16.07 -16.25
N ASP A 247 -25.90 -15.63 -15.08
CA ASP A 247 -27.03 -16.25 -14.38
C ASP A 247 -28.25 -15.38 -14.63
N LEU A 248 -29.21 -15.89 -15.39
CA LEU A 248 -30.39 -15.12 -15.76
C LEU A 248 -31.37 -14.94 -14.61
N ASN A 249 -31.19 -15.65 -13.51
CA ASN A 249 -32.08 -15.45 -12.36
C ASN A 249 -31.65 -14.27 -11.51
N THR A 250 -30.36 -13.94 -11.50
CA THR A 250 -29.87 -12.79 -10.77
C THR A 250 -29.90 -11.55 -11.65
N THR A 251 -30.22 -10.40 -11.04
CA THR A 251 -30.15 -9.11 -11.71
C THR A 251 -28.94 -8.35 -11.15
N GLU A 252 -28.09 -7.87 -12.04
CA GLU A 252 -26.88 -7.17 -11.65
C GLU A 252 -27.10 -5.65 -11.67
N TYR A 253 -26.29 -4.94 -10.89
CA TYR A 253 -26.40 -3.51 -10.73
C TYR A 253 -25.16 -2.83 -11.30
N VAL A 254 -25.36 -1.70 -11.98
CA VAL A 254 -24.28 -0.86 -12.47
C VAL A 254 -24.36 0.47 -11.74
N VAL A 255 -23.25 0.88 -11.13
CA VAL A 255 -23.21 2.07 -10.28
C VAL A 255 -22.09 2.99 -10.76
N GLY A 256 -22.39 4.27 -10.88
CA GLY A 256 -21.40 5.27 -11.24
C GLY A 256 -20.94 6.05 -10.03
N ALA A 257 -19.62 6.16 -9.88
CA ALA A 257 -18.99 6.92 -8.81
C ALA A 257 -18.00 7.88 -9.44
N PRO A 258 -18.47 9.03 -9.92
CA PRO A 258 -17.64 9.89 -10.77
C PRO A 258 -16.57 10.68 -10.04
N THR A 259 -16.48 10.59 -8.71
CA THR A 259 -15.40 11.21 -7.95
C THR A 259 -14.66 10.18 -7.12
N TRP A 260 -14.69 8.93 -7.56
CA TRP A 260 -14.10 7.82 -6.81
C TRP A 260 -12.58 7.93 -6.83
N SER A 261 -11.96 7.63 -5.68
CA SER A 261 -10.51 7.62 -5.51
C SER A 261 -9.90 8.97 -5.92
N TRP A 262 -10.25 9.99 -5.14
CA TRP A 262 -9.73 11.34 -5.33
C TRP A 262 -9.99 11.85 -6.74
N THR A 263 -11.28 11.82 -7.12
CA THR A 263 -11.78 12.36 -8.40
C THR A 263 -11.19 11.64 -9.60
N LEU A 264 -10.78 10.38 -9.44
CA LEU A 264 -10.47 9.55 -10.60
C LEU A 264 -11.73 9.05 -11.28
N GLY A 265 -12.75 8.75 -10.51
CA GLY A 265 -14.01 8.26 -11.04
C GLY A 265 -13.98 6.76 -11.26
N ALA A 266 -15.15 6.14 -11.14
CA ALA A 266 -15.24 4.69 -11.29
C ALA A 266 -16.68 4.30 -11.58
N VAL A 267 -16.81 3.13 -12.21
CA VAL A 267 -18.09 2.46 -12.41
C VAL A 267 -17.91 1.01 -11.97
N GLU A 268 -18.83 0.52 -11.14
CA GLU A 268 -18.77 -0.82 -10.59
C GLU A 268 -20.00 -1.61 -11.00
N ILE A 269 -19.80 -2.91 -11.20
CA ILE A 269 -20.88 -3.85 -11.51
C ILE A 269 -20.98 -4.81 -10.34
N LEU A 270 -22.17 -4.93 -9.77
CA LEU A 270 -22.40 -5.71 -8.56
C LEU A 270 -23.55 -6.67 -8.77
N ASP A 271 -23.62 -7.68 -7.90
CA ASP A 271 -24.81 -8.53 -7.85
C ASP A 271 -25.87 -7.86 -6.98
N SER A 272 -27.02 -8.51 -6.85
CA SER A 272 -28.10 -7.93 -6.05
C SER A 272 -27.78 -7.88 -4.56
N TYR A 273 -26.66 -8.48 -4.14
CA TYR A 273 -26.20 -8.38 -2.77
C TYR A 273 -25.06 -7.37 -2.61
N TYR A 274 -24.87 -6.51 -3.60
CA TYR A 274 -23.87 -5.45 -3.60
C TYR A 274 -22.44 -5.98 -3.49
N GLN A 275 -22.23 -7.24 -3.86
CA GLN A 275 -20.87 -7.77 -3.97
C GLN A 275 -20.30 -7.38 -5.33
N ARG A 276 -19.08 -6.83 -5.31
CA ARG A 276 -18.51 -6.23 -6.51
C ARG A 276 -18.01 -7.29 -7.47
N LEU A 277 -18.50 -7.24 -8.70
CA LEU A 277 -18.08 -8.14 -9.77
C LEU A 277 -16.98 -7.55 -10.65
N HIS A 278 -17.13 -6.30 -11.06
CA HIS A 278 -16.07 -5.64 -11.80
CA HIS A 278 -16.14 -5.60 -11.87
C HIS A 278 -16.03 -4.16 -11.40
N ARG A 279 -14.90 -3.53 -11.72
CA ARG A 279 -14.72 -2.11 -11.47
C ARG A 279 -13.99 -1.51 -12.65
N LEU A 280 -14.60 -0.51 -13.28
CA LEU A 280 -13.97 0.25 -14.35
C LEU A 280 -13.47 1.56 -13.77
N ARG A 281 -12.18 1.83 -13.92
CA ARG A 281 -11.57 3.02 -13.37
C ARG A 281 -11.55 4.14 -14.41
N GLY A 282 -11.65 5.37 -13.92
CA GLY A 282 -11.57 6.51 -14.80
C GLY A 282 -10.21 6.64 -15.46
N GLU A 283 -10.20 7.29 -16.62
CA GLU A 283 -8.97 7.50 -17.38
C GLU A 283 -8.24 8.78 -17.00
N GLN A 284 -8.96 9.77 -16.47
CA GLN A 284 -8.41 11.09 -16.23
C GLN A 284 -9.15 11.73 -15.06
N MET A 285 -8.40 12.38 -14.18
CA MET A 285 -9.00 12.94 -12.98
C MET A 285 -9.91 14.12 -13.31
N ALA A 286 -11.01 14.23 -12.57
CA ALA A 286 -12.03 15.27 -12.68
C ALA A 286 -12.80 15.21 -14.00
N SER A 287 -12.63 14.15 -14.79
CA SER A 287 -13.41 13.98 -16.01
C SER A 287 -14.84 13.56 -15.73
N TYR A 288 -15.16 13.24 -14.48
CA TYR A 288 -16.48 12.73 -14.08
C TYR A 288 -16.83 11.46 -14.85
N PHE A 289 -15.86 10.55 -14.91
CA PHE A 289 -16.08 9.21 -15.44
C PHE A 289 -17.09 8.48 -14.55
N GLY A 290 -18.25 8.17 -15.12
CA GLY A 290 -19.35 7.60 -14.36
C GLY A 290 -20.52 8.55 -14.18
N HIS A 291 -20.46 9.75 -14.76
CA HIS A 291 -21.58 10.68 -14.71
C HIS A 291 -22.86 10.04 -15.24
N SER A 292 -22.74 9.21 -16.27
CA SER A 292 -23.87 8.52 -16.86
C SER A 292 -23.45 7.12 -17.26
N VAL A 293 -24.35 6.16 -17.03
CA VAL A 293 -24.12 4.77 -17.41
C VAL A 293 -25.31 4.29 -18.22
N ALA A 294 -25.06 3.36 -19.14
CA ALA A 294 -26.10 2.81 -19.98
C ALA A 294 -25.76 1.35 -20.27
N VAL A 295 -26.80 0.52 -20.33
CA VAL A 295 -26.65 -0.92 -20.52
C VAL A 295 -27.52 -1.35 -21.69
N THR A 296 -26.90 -1.93 -22.72
CA THR A 296 -27.62 -2.50 -23.86
C THR A 296 -26.63 -3.33 -24.66
N ASP A 297 -27.17 -4.33 -25.35
CA ASP A 297 -26.36 -5.19 -26.22
C ASP A 297 -26.25 -4.52 -27.59
N VAL A 298 -25.07 -3.99 -27.90
CA VAL A 298 -24.88 -3.24 -29.13
C VAL A 298 -24.38 -4.08 -30.30
N ASN A 299 -23.82 -5.26 -30.04
CA ASN A 299 -23.23 -6.07 -31.10
C ASN A 299 -24.00 -7.36 -31.36
N GLY A 300 -25.25 -7.45 -30.89
CA GLY A 300 -26.14 -8.53 -31.28
C GLY A 300 -25.66 -9.92 -30.91
N ASP A 301 -25.02 -10.08 -29.75
CA ASP A 301 -24.65 -11.39 -29.25
C ASP A 301 -25.45 -11.77 -28.02
N GLY A 302 -26.46 -10.97 -27.65
CA GLY A 302 -27.30 -11.26 -26.51
C GLY A 302 -26.70 -10.89 -25.17
N ARG A 303 -25.43 -10.52 -25.12
CA ARG A 303 -24.77 -10.15 -23.87
C ARG A 303 -24.78 -8.64 -23.73
N HIS A 304 -25.37 -8.15 -22.63
CA HIS A 304 -25.41 -6.72 -22.37
C HIS A 304 -24.02 -6.11 -22.39
N ASP A 305 -23.91 -4.95 -23.01
CA ASP A 305 -22.67 -4.18 -23.04
C ASP A 305 -22.83 -2.93 -22.19
N LEU A 306 -21.70 -2.36 -21.79
CA LEU A 306 -21.68 -1.23 -20.87
C LEU A 306 -21.11 0.00 -21.55
N LEU A 307 -21.79 1.13 -21.38
CA LEU A 307 -21.32 2.42 -21.85
C LEU A 307 -21.21 3.37 -20.67
N VAL A 308 -20.10 4.11 -20.61
CA VAL A 308 -19.83 5.03 -19.52
C VAL A 308 -19.48 6.40 -20.11
N GLY A 309 -20.04 7.45 -19.54
CA GLY A 309 -19.80 8.81 -19.98
C GLY A 309 -18.89 9.57 -19.03
N ALA A 310 -17.91 10.26 -19.60
CA ALA A 310 -17.02 11.16 -18.87
C ALA A 310 -17.10 12.52 -19.55
N PRO A 311 -18.13 13.32 -19.21
CA PRO A 311 -18.39 14.55 -19.98
C PRO A 311 -17.33 15.63 -19.83
N LEU A 312 -16.41 15.51 -18.87
CA LEU A 312 -15.38 16.52 -18.66
C LEU A 312 -14.00 16.04 -19.07
N TYR A 313 -13.91 14.99 -19.88
CA TYR A 313 -12.61 14.50 -20.33
C TYR A 313 -11.94 15.54 -21.20
N MET A 314 -10.66 15.80 -20.91
CA MET A 314 -9.87 16.77 -21.67
C MET A 314 -9.01 16.01 -22.68
N GLU A 315 -9.30 16.21 -23.96
CA GLU A 315 -8.58 15.51 -25.01
C GLU A 315 -7.21 16.13 -25.22
N SER A 316 -6.22 15.29 -25.48
CA SER A 316 -4.87 15.77 -25.76
CA SER A 316 -4.88 15.77 -25.77
C SER A 316 -4.80 16.33 -27.18
N ARG A 317 -4.15 17.49 -27.31
CA ARG A 317 -4.04 18.16 -28.60
C ARG A 317 -2.61 18.69 -28.76
N ALA A 318 -2.38 19.35 -29.89
CA ALA A 318 -1.04 19.80 -30.23
C ALA A 318 -0.52 20.82 -29.24
N ASP A 319 0.81 20.91 -29.14
CA ASP A 319 1.50 21.86 -28.28
C ASP A 319 1.16 21.63 -26.80
N ARG A 320 1.02 20.36 -26.42
CA ARG A 320 0.85 19.94 -25.03
C ARG A 320 -0.36 20.60 -24.37
N LYS A 321 -1.42 20.85 -25.13
CA LYS A 321 -2.61 21.53 -24.63
C LYS A 321 -3.78 20.57 -24.56
N LEU A 322 -4.60 20.73 -23.52
CA LEU A 322 -5.79 19.92 -23.31
C LEU A 322 -7.03 20.73 -23.65
N ALA A 323 -8.10 20.02 -24.01
CA ALA A 323 -9.36 20.65 -24.39
C ALA A 323 -10.51 19.80 -23.87
N GLU A 324 -11.29 20.37 -22.97
CA GLU A 324 -12.44 19.66 -22.40
C GLU A 324 -13.51 19.47 -23.47
N VAL A 325 -13.85 18.22 -23.75
CA VAL A 325 -14.81 17.92 -24.81
C VAL A 325 -15.77 16.82 -24.36
N GLY A 326 -15.31 15.93 -23.49
CA GLY A 326 -16.10 14.80 -23.05
C GLY A 326 -15.77 13.54 -23.83
N ARG A 327 -16.07 12.40 -23.22
CA ARG A 327 -15.72 11.11 -23.80
C ARG A 327 -16.69 10.03 -23.34
N VAL A 328 -16.93 9.06 -24.21
CA VAL A 328 -17.79 7.92 -23.92
C VAL A 328 -16.98 6.64 -24.13
N TYR A 329 -17.14 5.68 -23.23
CA TYR A 329 -16.39 4.43 -23.25
C TYR A 329 -17.35 3.27 -23.47
N LEU A 330 -16.99 2.37 -24.39
CA LEU A 330 -17.78 1.18 -24.69
C LEU A 330 -17.05 -0.06 -24.23
N PHE A 331 -17.73 -0.89 -23.42
CA PHE A 331 -17.18 -2.14 -22.92
C PHE A 331 -18.08 -3.28 -23.39
N LEU A 332 -17.51 -4.18 -24.19
CA LEU A 332 -18.23 -5.34 -24.68
C LEU A 332 -18.07 -6.50 -23.71
N GLN A 333 -19.19 -7.07 -23.28
CA GLN A 333 -19.13 -8.18 -22.33
C GLN A 333 -18.54 -9.42 -23.01
N PRO A 334 -17.52 -10.05 -22.43
CA PRO A 334 -16.92 -11.22 -23.04
C PRO A 334 -17.79 -12.46 -22.88
N ARG A 335 -17.43 -13.50 -23.61
CA ARG A 335 -18.19 -14.75 -23.60
C ARG A 335 -17.96 -15.49 -22.28
N GLY A 336 -19.04 -15.75 -21.55
CA GLY A 336 -18.96 -16.50 -20.31
C GLY A 336 -18.35 -15.69 -19.18
N PRO A 337 -17.93 -16.39 -18.12
CA PRO A 337 -17.40 -15.70 -16.93
C PRO A 337 -16.01 -15.14 -17.14
N HIS A 338 -15.92 -13.89 -17.60
CA HIS A 338 -14.63 -13.25 -17.80
C HIS A 338 -14.76 -11.76 -17.50
N ALA A 339 -13.65 -11.17 -17.04
CA ALA A 339 -13.65 -9.77 -16.68
C ALA A 339 -13.75 -8.90 -17.92
N LEU A 340 -14.48 -7.79 -17.79
CA LEU A 340 -14.51 -6.78 -18.84
C LEU A 340 -13.11 -6.20 -19.00
N GLY A 341 -12.55 -6.32 -20.20
CA GLY A 341 -11.19 -5.85 -20.44
C GLY A 341 -11.11 -4.37 -20.69
N ALA A 342 -10.20 -3.96 -21.57
CA ALA A 342 -10.07 -2.57 -21.95
C ALA A 342 -11.28 -2.14 -22.78
N PRO A 343 -11.51 -0.83 -22.92
CA PRO A 343 -12.64 -0.37 -23.73
C PRO A 343 -12.48 -0.79 -25.18
N SER A 344 -13.59 -1.25 -25.78
CA SER A 344 -13.56 -1.62 -27.19
C SER A 344 -13.51 -0.39 -28.09
N LEU A 345 -14.06 0.73 -27.65
CA LEU A 345 -14.21 1.91 -28.49
C LEU A 345 -14.21 3.15 -27.62
N LEU A 346 -13.61 4.22 -28.14
CA LEU A 346 -13.58 5.52 -27.47
C LEU A 346 -14.20 6.57 -28.39
N LEU A 347 -15.29 7.17 -27.94
CA LEU A 347 -15.93 8.27 -28.63
C LEU A 347 -15.62 9.55 -27.86
N THR A 348 -15.02 10.53 -28.54
CA THR A 348 -14.54 11.75 -27.91
C THR A 348 -15.19 12.96 -28.57
N GLY A 349 -15.65 13.90 -27.75
CA GLY A 349 -16.32 15.08 -28.25
C GLY A 349 -15.41 15.97 -29.09
N THR A 350 -16.03 16.95 -29.72
CA THR A 350 -15.34 17.89 -30.60
CA THR A 350 -15.36 17.88 -30.61
C THR A 350 -15.43 19.33 -30.14
N GLN A 351 -16.60 19.76 -29.65
CA GLN A 351 -16.80 21.14 -29.26
C GLN A 351 -16.26 21.38 -27.84
N LEU A 352 -15.50 22.46 -27.66
CA LEU A 352 -14.98 22.80 -26.35
C LEU A 352 -16.13 23.08 -25.38
N TYR A 353 -16.03 22.50 -24.19
CA TYR A 353 -17.04 22.61 -23.13
C TYR A 353 -18.38 21.99 -23.55
N GLY A 354 -18.37 21.14 -24.57
CA GLY A 354 -19.62 20.56 -25.06
C GLY A 354 -20.21 19.51 -24.14
N ARG A 355 -19.39 18.87 -23.31
CA ARG A 355 -19.82 17.83 -22.37
C ARG A 355 -20.43 16.64 -23.10
N PHE A 356 -19.75 16.20 -24.14
CA PHE A 356 -20.11 14.97 -24.85
C PHE A 356 -20.04 13.79 -23.90
N GLY A 357 -21.16 13.11 -23.71
CA GLY A 357 -21.25 12.01 -22.76
C GLY A 357 -22.00 12.34 -21.49
N SER A 358 -22.65 13.50 -21.42
CA SER A 358 -23.44 13.84 -20.25
C SER A 358 -24.62 12.88 -20.08
N ALA A 359 -25.16 12.39 -21.19
CA ALA A 359 -26.27 11.43 -21.16
C ALA A 359 -26.08 10.42 -22.27
N ILE A 360 -26.42 9.17 -21.98
CA ILE A 360 -26.33 8.08 -22.94
C ILE A 360 -27.62 7.28 -22.87
N ALA A 361 -28.37 7.25 -23.97
CA ALA A 361 -29.65 6.57 -24.01
C ALA A 361 -29.59 5.41 -25.01
N PRO A 362 -29.82 4.17 -24.56
CA PRO A 362 -30.06 3.10 -25.54
C PRO A 362 -31.30 3.40 -26.38
N LEU A 363 -31.16 3.22 -27.69
CA LEU A 363 -32.26 3.51 -28.61
C LEU A 363 -33.02 2.27 -29.05
N GLY A 364 -32.60 1.09 -28.62
CA GLY A 364 -33.01 -0.13 -29.28
C GLY A 364 -32.39 -0.21 -30.67
N ASP A 365 -33.06 -0.91 -31.57
CA ASP A 365 -32.62 -1.01 -32.95
C ASP A 365 -33.34 0.06 -33.75
N LEU A 366 -32.64 1.16 -34.05
CA LEU A 366 -33.26 2.29 -34.73
C LEU A 366 -33.53 1.99 -36.19
N ASP A 367 -32.50 1.59 -36.94
CA ASP A 367 -32.63 1.33 -38.36
C ASP A 367 -33.04 -0.11 -38.67
N ARG A 368 -33.36 -0.90 -37.65
CA ARG A 368 -33.92 -2.25 -37.82
C ARG A 368 -32.98 -3.17 -38.59
N ASP A 369 -31.69 -3.15 -38.23
CA ASP A 369 -30.69 -3.97 -38.90
C ASP A 369 -30.19 -5.12 -38.05
N GLY A 370 -30.75 -5.32 -36.85
CA GLY A 370 -30.35 -6.40 -35.98
C GLY A 370 -29.38 -6.01 -34.88
N TYR A 371 -28.95 -4.77 -34.83
CA TYR A 371 -28.01 -4.29 -33.82
C TYR A 371 -28.61 -3.09 -33.11
N ASN A 372 -28.63 -3.14 -31.78
CA ASN A 372 -29.13 -2.02 -31.00
C ASN A 372 -28.18 -0.83 -31.12
N ASP A 373 -28.75 0.37 -30.97
CA ASP A 373 -28.03 1.61 -31.17
C ASP A 373 -28.19 2.49 -29.95
N ILE A 374 -27.43 3.59 -29.91
CA ILE A 374 -27.43 4.50 -28.76
C ILE A 374 -27.46 5.95 -29.25
N ALA A 375 -27.73 6.85 -28.31
CA ALA A 375 -27.65 8.29 -28.54
C ALA A 375 -26.81 8.90 -27.42
N VAL A 376 -25.90 9.79 -27.81
CA VAL A 376 -25.01 10.47 -26.87
C VAL A 376 -25.26 11.97 -26.97
N ALA A 377 -25.46 12.60 -25.82
CA ALA A 377 -25.78 14.03 -25.77
C ALA A 377 -24.54 14.85 -25.43
N ALA A 378 -24.40 15.98 -26.13
CA ALA A 378 -23.43 17.02 -25.81
C ALA A 378 -24.24 18.28 -25.55
N PRO A 379 -24.75 18.46 -24.33
CA PRO A 379 -25.74 19.52 -24.08
C PRO A 379 -25.24 20.93 -24.38
N TYR A 380 -23.94 21.14 -24.54
CA TYR A 380 -23.40 22.44 -24.92
C TYR A 380 -22.49 22.33 -26.12
N GLY A 381 -22.66 21.28 -26.92
CA GLY A 381 -21.88 21.07 -28.12
C GLY A 381 -22.54 21.68 -29.34
N GLY A 382 -22.05 21.26 -30.50
CA GLY A 382 -22.45 21.87 -31.75
C GLY A 382 -21.66 23.14 -32.00
N PRO A 383 -21.60 23.58 -33.26
CA PRO A 383 -20.79 24.76 -33.58
C PRO A 383 -21.28 26.03 -32.91
N SER A 384 -22.54 26.05 -32.46
CA SER A 384 -23.09 27.21 -31.76
C SER A 384 -23.08 27.04 -30.25
N GLY A 385 -22.76 25.86 -29.74
CA GLY A 385 -22.83 25.62 -28.31
C GLY A 385 -24.23 25.46 -27.77
N ARG A 386 -25.23 25.33 -28.64
CA ARG A 386 -26.61 25.18 -28.19
C ARG A 386 -26.95 23.76 -27.75
N GLY A 387 -26.15 22.78 -28.15
CA GLY A 387 -26.42 21.40 -27.79
C GLY A 387 -26.54 20.48 -28.99
N GLN A 388 -26.20 19.21 -28.80
CA GLN A 388 -26.27 18.22 -29.86
C GLN A 388 -26.51 16.84 -29.28
N VAL A 389 -27.26 16.02 -30.01
CA VAL A 389 -27.43 14.61 -29.70
C VAL A 389 -26.97 13.81 -30.90
N LEU A 390 -26.03 12.89 -30.67
CA LEU A 390 -25.40 12.12 -31.74
C LEU A 390 -25.81 10.66 -31.64
N VAL A 391 -26.18 10.07 -32.77
CA VAL A 391 -26.62 8.69 -32.84
C VAL A 391 -25.50 7.83 -33.39
N PHE A 392 -25.14 6.79 -32.65
CA PHE A 392 -24.14 5.82 -33.08
C PHE A 392 -24.81 4.46 -33.22
N LEU A 393 -24.60 3.82 -34.37
CA LEU A 393 -25.28 2.57 -34.70
C LEU A 393 -24.45 1.37 -34.27
N GLY A 394 -25.15 0.32 -33.82
CA GLY A 394 -24.47 -0.90 -33.47
C GLY A 394 -24.00 -1.67 -34.69
N GLN A 395 -22.99 -2.52 -34.46
CA GLN A 395 -22.42 -3.36 -35.50
C GLN A 395 -21.95 -4.65 -34.86
N SER A 396 -21.44 -5.56 -35.68
CA SER A 396 -21.00 -6.86 -35.17
C SER A 396 -19.81 -6.72 -34.21
N GLU A 397 -18.99 -5.68 -34.39
CA GLU A 397 -17.80 -5.49 -33.58
C GLU A 397 -17.96 -4.41 -32.52
N GLY A 398 -19.19 -3.98 -32.26
CA GLY A 398 -19.44 -2.95 -31.26
C GLY A 398 -20.30 -1.83 -31.78
N LEU A 399 -19.71 -0.64 -31.95
CA LEU A 399 -20.42 0.53 -32.44
C LEU A 399 -19.62 1.18 -33.55
N ARG A 400 -20.33 1.92 -34.40
CA ARG A 400 -19.67 2.74 -35.40
C ARG A 400 -18.95 3.91 -34.73
N SER A 401 -17.73 4.20 -35.19
CA SER A 401 -16.95 5.27 -34.60
C SER A 401 -17.45 6.65 -35.00
N ARG A 402 -18.15 6.77 -36.12
CA ARG A 402 -18.71 8.03 -36.57
C ARG A 402 -20.23 8.00 -36.46
N PRO A 403 -20.85 9.14 -36.15
CA PRO A 403 -22.31 9.15 -35.96
C PRO A 403 -23.05 9.04 -37.29
N SER A 404 -24.22 8.40 -37.22
CA SER A 404 -25.08 8.26 -38.39
C SER A 404 -26.04 9.43 -38.55
N GLN A 405 -26.22 10.23 -37.50
CA GLN A 405 -27.18 11.32 -37.50
C GLN A 405 -26.90 12.21 -36.30
N VAL A 406 -27.02 13.52 -36.49
CA VAL A 406 -26.77 14.50 -35.44
C VAL A 406 -28.00 15.39 -35.32
N LEU A 407 -28.50 15.54 -34.10
CA LEU A 407 -29.68 16.35 -33.82
C LEU A 407 -29.23 17.65 -33.17
N ASP A 408 -29.31 18.74 -33.93
CA ASP A 408 -29.01 20.06 -33.40
C ASP A 408 -30.19 20.58 -32.59
N SER A 409 -29.89 21.29 -31.51
CA SER A 409 -30.94 21.75 -30.60
C SER A 409 -31.89 22.71 -31.30
N PRO A 410 -33.20 22.48 -31.24
CA PRO A 410 -34.16 23.47 -31.76
C PRO A 410 -34.46 24.59 -30.78
N PHE A 411 -33.80 24.63 -29.65
CA PHE A 411 -34.03 25.59 -28.57
C PHE A 411 -32.94 26.66 -28.53
N PRO A 412 -33.18 27.77 -27.81
CA PRO A 412 -32.15 28.81 -27.71
C PRO A 412 -30.94 28.37 -26.90
N THR A 413 -29.99 29.29 -26.73
CA THR A 413 -28.80 29.00 -25.94
C THR A 413 -29.17 28.75 -24.48
N GLY A 414 -28.50 27.79 -23.87
CA GLY A 414 -28.69 27.52 -22.45
C GLY A 414 -29.82 26.56 -22.13
N SER A 415 -30.44 25.94 -23.14
CA SER A 415 -31.53 25.01 -22.88
C SER A 415 -31.05 23.69 -22.29
N ALA A 416 -29.74 23.41 -22.35
CA ALA A 416 -29.18 22.12 -21.92
C ALA A 416 -29.85 20.96 -22.65
N PHE A 417 -30.15 21.18 -23.93
CA PHE A 417 -30.70 20.17 -24.82
C PHE A 417 -29.88 18.89 -24.76
N GLY A 418 -30.53 17.79 -24.39
CA GLY A 418 -29.87 16.51 -24.28
C GLY A 418 -29.46 16.11 -22.88
N PHE A 419 -29.56 17.03 -21.92
CA PHE A 419 -29.19 16.71 -20.54
C PHE A 419 -29.93 15.46 -20.03
N SER A 420 -31.15 15.24 -20.51
CA SER A 420 -31.89 14.01 -20.24
C SER A 420 -32.31 13.39 -21.56
N LEU A 421 -32.22 12.06 -21.64
CA LEU A 421 -32.56 11.33 -22.85
C LEU A 421 -33.33 10.07 -22.46
N ARG A 422 -34.09 9.54 -23.43
CA ARG A 422 -34.76 8.26 -23.28
C ARG A 422 -35.27 7.80 -24.63
N GLY A 423 -34.98 6.54 -24.98
CA GLY A 423 -35.41 5.98 -26.24
C GLY A 423 -35.90 4.55 -26.13
N ALA A 424 -35.85 3.82 -27.25
CA ALA A 424 -36.20 2.41 -27.32
C ALA A 424 -37.67 2.12 -27.04
N VAL A 425 -38.55 3.10 -27.23
CA VAL A 425 -39.98 2.91 -27.06
C VAL A 425 -40.69 3.52 -28.26
N ASP A 426 -41.58 2.74 -28.88
CA ASP A 426 -42.37 3.18 -30.03
C ASP A 426 -43.61 3.90 -29.53
N ILE A 427 -43.63 5.22 -29.65
CA ILE A 427 -44.70 6.00 -29.05
C ILE A 427 -45.88 6.21 -30.01
N ASP A 428 -45.62 6.29 -31.31
CA ASP A 428 -46.68 6.44 -32.29
C ASP A 428 -47.11 5.12 -32.91
N ASP A 429 -46.53 4.00 -32.48
CA ASP A 429 -46.90 2.67 -32.92
C ASP A 429 -46.70 2.50 -34.43
N ASN A 430 -45.55 2.93 -34.91
CA ASN A 430 -45.21 2.80 -36.32
C ASN A 430 -44.18 1.71 -36.58
N GLY A 431 -43.78 0.96 -35.55
CA GLY A 431 -42.80 -0.10 -35.70
C GLY A 431 -41.37 0.30 -35.48
N TYR A 432 -41.11 1.59 -35.24
CA TYR A 432 -39.76 2.09 -35.03
C TYR A 432 -39.64 2.78 -33.68
N PRO A 433 -38.58 2.50 -32.92
CA PRO A 433 -38.43 3.12 -31.60
C PRO A 433 -38.01 4.58 -31.71
N ASP A 434 -38.58 5.41 -30.83
CA ASP A 434 -38.45 6.85 -30.89
C ASP A 434 -37.62 7.39 -29.75
N LEU A 435 -37.33 8.68 -29.81
CA LEU A 435 -36.43 9.34 -28.87
C LEU A 435 -37.08 10.60 -28.32
N ILE A 436 -37.03 10.77 -27.00
CA ILE A 436 -37.47 11.99 -26.34
C ILE A 436 -36.26 12.65 -25.70
N VAL A 437 -36.16 13.97 -25.88
CA VAL A 437 -35.00 14.74 -25.42
C VAL A 437 -35.49 15.88 -24.55
N GLY A 438 -34.87 16.02 -23.38
CA GLY A 438 -35.23 17.08 -22.45
C GLY A 438 -34.31 18.28 -22.59
N ALA A 439 -34.90 19.47 -22.45
CA ALA A 439 -34.17 20.74 -22.45
C ALA A 439 -34.71 21.58 -21.30
N TYR A 440 -34.23 21.29 -20.09
CA TYR A 440 -34.80 21.92 -18.90
C TYR A 440 -34.51 23.42 -18.87
N GLY A 441 -33.43 23.85 -19.54
CA GLY A 441 -33.15 25.28 -19.62
C GLY A 441 -34.24 26.04 -20.34
N ALA A 442 -34.92 25.39 -21.29
CA ALA A 442 -36.04 25.99 -22.00
C ALA A 442 -37.39 25.46 -21.53
N ASN A 443 -37.40 24.60 -20.51
CA ASN A 443 -38.62 24.06 -19.93
C ASN A 443 -39.45 23.30 -20.97
N GLN A 444 -38.77 22.59 -21.87
CA GLN A 444 -39.45 21.90 -22.97
C GLN A 444 -38.85 20.53 -23.18
N VAL A 445 -39.64 19.66 -23.81
CA VAL A 445 -39.23 18.33 -24.22
C VAL A 445 -39.50 18.18 -25.71
N ALA A 446 -38.53 17.62 -26.43
CA ALA A 446 -38.65 17.38 -27.86
C ALA A 446 -38.78 15.88 -28.12
N VAL A 447 -39.70 15.51 -29.00
CA VAL A 447 -39.94 14.12 -29.36
C VAL A 447 -39.50 13.92 -30.81
N TYR A 448 -38.51 13.05 -31.02
CA TYR A 448 -38.03 12.71 -32.34
C TYR A 448 -38.59 11.35 -32.74
N ARG A 449 -39.37 11.32 -33.82
CA ARG A 449 -39.97 10.09 -34.31
C ARG A 449 -39.05 9.42 -35.32
N ALA A 450 -38.87 8.11 -35.17
CA ALA A 450 -38.10 7.34 -36.13
C ALA A 450 -38.99 6.94 -37.31
N GLN A 451 -38.45 7.08 -38.51
CA GLN A 451 -39.15 6.82 -39.75
C GLN A 451 -38.42 5.74 -40.54
N PRO A 452 -39.07 5.13 -41.54
CA PRO A 452 -38.39 4.14 -42.36
C PRO A 452 -37.11 4.69 -42.97
N VAL A 453 -36.13 3.80 -43.14
CA VAL A 453 -34.80 4.20 -43.59
C VAL A 453 -34.86 4.71 -45.01
N VAL A 454 -34.18 5.83 -45.26
CA VAL A 454 -34.13 6.43 -46.60
C VAL A 454 -32.75 6.21 -47.21
N GLY B 1 24.63 24.64 -68.79
CA GLY B 1 23.76 23.54 -69.18
C GLY B 1 22.33 23.73 -68.72
N PRO B 2 21.43 22.90 -69.23
CA PRO B 2 20.03 22.99 -68.81
C PRO B 2 19.83 22.61 -67.36
N ASN B 3 18.82 23.21 -66.74
CA ASN B 3 18.48 22.97 -65.34
C ASN B 3 16.97 22.88 -65.20
N ILE B 4 16.50 22.81 -63.95
CA ILE B 4 15.07 22.71 -63.70
C ILE B 4 14.34 23.95 -64.15
N CYS B 5 15.03 25.09 -64.24
CA CYS B 5 14.37 26.32 -64.68
C CYS B 5 14.04 26.27 -66.17
N THR B 6 14.95 25.74 -66.98
CA THR B 6 14.72 25.66 -68.41
C THR B 6 13.92 24.40 -68.77
N THR B 7 14.30 23.25 -68.20
CA THR B 7 13.68 21.99 -68.57
C THR B 7 12.21 21.93 -68.21
N ARG B 8 11.75 22.78 -67.27
CA ARG B 8 10.33 22.82 -66.96
C ARG B 8 9.51 23.51 -68.05
N GLY B 9 10.13 24.38 -68.84
CA GLY B 9 9.46 25.06 -69.92
C GLY B 9 8.31 25.93 -69.44
N VAL B 10 8.64 27.03 -68.77
CA VAL B 10 7.61 27.88 -68.18
C VAL B 10 7.05 28.84 -69.23
N SER B 11 5.84 29.33 -68.96
CA SER B 11 5.12 30.17 -69.90
C SER B 11 5.14 31.66 -69.53
N SER B 12 5.54 32.00 -68.31
CA SER B 12 5.51 33.39 -67.87
C SER B 12 6.59 33.62 -66.83
N CYS B 13 6.69 34.88 -66.39
CA CYS B 13 7.64 35.22 -65.32
C CYS B 13 7.19 34.63 -63.99
N GLN B 14 5.88 34.64 -63.73
CA GLN B 14 5.36 34.10 -62.48
C GLN B 14 5.60 32.60 -62.38
N GLN B 15 5.35 31.86 -63.46
CA GLN B 15 5.59 30.43 -63.45
C GLN B 15 7.07 30.11 -63.33
N CYS B 16 7.93 31.00 -63.82
CA CYS B 16 9.38 30.76 -63.74
C CYS B 16 9.86 30.81 -62.30
N LEU B 17 9.43 31.82 -61.55
CA LEU B 17 9.83 31.93 -60.15
C LEU B 17 9.25 30.81 -59.30
N ALA B 18 8.16 30.18 -59.74
CA ALA B 18 7.53 29.11 -58.99
C ALA B 18 8.20 27.76 -59.18
N VAL B 19 9.20 27.67 -60.06
CA VAL B 19 9.89 26.40 -60.27
C VAL B 19 10.81 26.10 -59.09
N SER B 20 11.67 27.05 -58.74
CA SER B 20 12.65 26.85 -57.67
C SER B 20 13.13 28.22 -57.22
N PRO B 21 13.52 28.37 -55.96
CA PRO B 21 14.03 29.68 -55.48
C PRO B 21 15.25 30.17 -56.24
N MET B 22 15.90 29.34 -57.04
CA MET B 22 17.11 29.73 -57.75
C MET B 22 16.84 30.24 -59.16
N CYS B 23 15.62 30.10 -59.67
CA CYS B 23 15.32 30.51 -61.03
C CYS B 23 15.16 32.02 -61.14
N ALA B 24 15.49 32.54 -62.33
CA ALA B 24 15.33 33.96 -62.63
C ALA B 24 14.73 34.10 -64.01
N TRP B 25 14.21 35.29 -64.29
CA TRP B 25 13.50 35.57 -65.54
C TRP B 25 14.09 36.79 -66.21
N CYS B 26 14.19 36.73 -67.54
CA CYS B 26 14.70 37.84 -68.35
C CYS B 26 13.56 38.39 -69.18
N SER B 27 13.18 39.65 -68.91
CA SER B 27 12.12 40.31 -69.64
C SER B 27 12.63 41.12 -70.83
N ASP B 28 13.86 40.86 -71.27
CA ASP B 28 14.46 41.66 -72.33
C ASP B 28 13.85 41.33 -73.68
N GLU B 29 13.72 42.34 -74.54
CA GLU B 29 13.25 42.11 -75.90
C GLU B 29 14.32 41.44 -76.75
N ALA B 30 15.53 42.01 -76.77
CA ALA B 30 16.62 41.47 -77.56
C ALA B 30 17.13 40.17 -76.95
N LEU B 31 16.35 39.10 -77.09
CA LEU B 31 16.71 37.78 -76.61
C LEU B 31 16.48 36.77 -77.73
N PRO B 32 17.41 35.85 -77.95
CA PRO B 32 17.26 34.88 -79.04
C PRO B 32 15.99 34.05 -78.88
N LEU B 33 15.47 33.59 -80.03
CA LEU B 33 14.26 32.76 -80.01
C LEU B 33 14.52 31.43 -79.32
N GLY B 34 15.67 30.81 -79.60
CA GLY B 34 16.00 29.54 -79.00
C GLY B 34 16.48 29.62 -77.57
N SER B 35 16.94 30.80 -77.13
CA SER B 35 17.43 30.93 -75.77
C SER B 35 16.26 31.04 -74.79
N PRO B 36 16.31 30.33 -73.67
CA PRO B 36 15.23 30.44 -72.68
C PRO B 36 15.39 31.67 -71.80
N ARG B 37 14.25 32.22 -71.40
CA ARG B 37 14.21 33.37 -70.51
C ARG B 37 14.26 32.99 -69.04
N CYS B 38 14.08 31.71 -68.72
CA CYS B 38 13.99 31.24 -67.34
C CYS B 38 15.19 30.33 -67.07
N ASP B 39 16.24 30.90 -66.49
CA ASP B 39 17.47 30.18 -66.21
C ASP B 39 18.04 30.71 -64.90
N LEU B 40 19.26 30.29 -64.57
CA LEU B 40 19.97 30.90 -63.46
C LEU B 40 20.29 32.35 -63.78
N LYS B 41 20.45 33.16 -62.74
CA LYS B 41 20.81 34.56 -62.96
C LYS B 41 22.17 34.68 -63.63
N GLU B 42 23.07 33.72 -63.37
CA GLU B 42 24.37 33.72 -64.04
C GLU B 42 24.23 33.43 -65.54
N ASN B 43 23.38 32.45 -65.89
CA ASN B 43 23.23 32.08 -67.29
C ASN B 43 22.55 33.17 -68.10
N LEU B 44 21.67 33.95 -67.47
CA LEU B 44 20.99 35.02 -68.20
C LEU B 44 21.96 36.16 -68.52
N LEU B 45 22.74 36.60 -67.52
CA LEU B 45 23.80 37.56 -67.80
C LEU B 45 24.81 37.00 -68.78
N LYS B 46 25.01 35.69 -68.78
CA LYS B 46 25.92 35.06 -69.73
C LYS B 46 25.40 35.21 -71.16
N ASP B 47 24.08 35.18 -71.34
CA ASP B 47 23.46 35.34 -72.65
C ASP B 47 23.05 36.78 -72.93
N ASN B 48 23.73 37.75 -72.31
CA ASN B 48 23.55 39.17 -72.62
C ASN B 48 22.13 39.65 -72.32
N CYS B 49 21.60 39.23 -71.18
CA CYS B 49 20.33 39.77 -70.71
C CYS B 49 20.57 41.10 -70.00
N ALA B 50 19.77 42.10 -70.36
CA ALA B 50 19.89 43.42 -69.74
C ALA B 50 19.71 43.29 -68.23
N PRO B 51 20.65 43.79 -67.42
CA PRO B 51 20.55 43.60 -65.96
C PRO B 51 19.28 44.19 -65.36
N GLU B 52 18.70 45.21 -66.00
CA GLU B 52 17.48 45.81 -65.48
C GLU B 52 16.25 44.94 -65.70
N SER B 53 16.31 44.02 -66.67
CA SER B 53 15.18 43.16 -66.99
C SER B 53 15.28 41.78 -66.34
N ILE B 54 16.09 41.64 -65.30
CA ILE B 54 16.28 40.37 -64.61
C ILE B 54 15.41 40.37 -63.36
N GLU B 55 14.38 39.54 -63.37
CA GLU B 55 13.52 39.34 -62.21
C GLU B 55 14.07 38.19 -61.38
N PHE B 56 14.61 38.50 -60.21
CA PHE B 56 15.20 37.49 -59.33
C PHE B 56 15.10 37.95 -57.89
N PRO B 57 13.95 37.71 -57.25
CA PRO B 57 13.80 38.07 -55.84
C PRO B 57 14.61 37.14 -54.94
N VAL B 58 15.12 37.71 -53.85
CA VAL B 58 15.92 36.99 -52.88
C VAL B 58 15.20 37.01 -51.54
N SER B 59 15.00 35.83 -50.96
CA SER B 59 14.41 35.75 -49.62
C SER B 59 15.37 36.35 -48.60
N GLU B 60 14.88 37.31 -47.82
CA GLU B 60 15.70 38.03 -46.86
C GLU B 60 14.95 38.14 -45.54
N ALA B 61 15.60 38.76 -44.55
CA ALA B 61 15.00 38.97 -43.24
C ALA B 61 15.76 40.12 -42.57
N ARG B 62 15.08 41.25 -42.39
CA ARG B 62 15.67 42.42 -41.76
C ARG B 62 14.84 42.84 -40.56
N VAL B 63 15.50 43.44 -39.58
CA VAL B 63 14.85 43.84 -38.34
C VAL B 63 14.25 45.23 -38.52
N LEU B 64 13.08 45.44 -37.91
CA LEU B 64 12.43 46.74 -37.86
C LEU B 64 12.51 47.38 -36.49
N GLU B 65 12.28 46.59 -35.44
CA GLU B 65 12.45 47.03 -34.06
C GLU B 65 13.47 46.12 -33.39
N ASP B 66 14.51 46.71 -32.83
CA ASP B 66 15.59 45.95 -32.19
C ASP B 66 16.02 46.65 -30.90
N ARG B 67 15.05 46.89 -30.02
CA ARG B 67 15.37 47.46 -28.71
C ARG B 67 16.30 46.52 -27.95
N PRO B 68 17.24 47.04 -27.18
CA PRO B 68 18.14 46.17 -26.41
C PRO B 68 17.45 45.65 -25.16
N LEU B 69 17.83 44.44 -24.77
CA LEU B 69 17.27 43.82 -23.57
C LEU B 69 17.62 44.64 -22.35
N SER B 70 16.61 44.90 -21.52
CA SER B 70 16.82 45.70 -20.31
C SER B 70 17.67 44.94 -19.30
N ASP B 71 18.54 45.68 -18.61
CA ASP B 71 19.31 45.09 -17.53
C ASP B 71 18.52 45.06 -16.22
N LYS B 72 17.46 45.87 -16.10
CA LYS B 72 16.68 45.94 -14.89
C LYS B 72 15.22 46.18 -15.26
N GLY B 73 14.33 45.38 -14.69
CA GLY B 73 12.90 45.61 -14.81
C GLY B 73 12.35 46.62 -13.83
N SER B 74 13.22 47.15 -12.97
CA SER B 74 12.82 48.18 -12.02
C SER B 74 12.63 49.51 -12.73
N GLY B 75 11.88 50.40 -12.09
CA GLY B 75 11.61 51.69 -12.66
C GLY B 75 10.84 51.58 -13.97
N ASP B 76 10.86 52.67 -14.72
CA ASP B 76 10.19 52.79 -16.02
C ASP B 76 8.68 52.69 -15.90
N SER B 77 7.96 53.28 -16.86
CA SER B 77 6.53 53.02 -17.00
C SER B 77 6.35 51.75 -17.81
N SER B 78 7.06 50.70 -17.44
CA SER B 78 7.09 49.42 -18.15
C SER B 78 7.62 49.58 -19.58
N GLN B 79 8.69 50.37 -19.71
CA GLN B 79 9.48 50.39 -20.94
C GLN B 79 10.58 49.34 -20.91
N VAL B 80 10.27 48.18 -20.35
CA VAL B 80 11.23 47.08 -20.19
C VAL B 80 11.13 46.17 -21.39
N THR B 81 12.28 45.75 -21.91
CA THR B 81 12.36 44.90 -23.10
C THR B 81 12.85 43.52 -22.68
N GLN B 82 11.98 42.51 -22.83
CA GLN B 82 12.32 41.13 -22.50
C GLN B 82 12.63 40.29 -23.73
N VAL B 83 12.24 40.74 -24.91
CA VAL B 83 12.40 39.98 -26.15
C VAL B 83 13.06 40.87 -27.19
N SER B 84 14.09 40.35 -27.87
CA SER B 84 14.79 41.09 -28.90
C SER B 84 15.12 40.13 -30.04
N PRO B 85 14.81 40.49 -31.29
CA PRO B 85 14.14 41.75 -31.66
C PRO B 85 12.64 41.71 -31.37
N GLN B 86 11.98 42.87 -31.49
CA GLN B 86 10.56 42.96 -31.23
C GLN B 86 9.71 42.89 -32.49
N ARG B 87 10.31 43.13 -33.66
CA ARG B 87 9.58 43.13 -34.92
C ARG B 87 10.57 43.00 -36.05
N ILE B 88 10.30 42.11 -36.99
CA ILE B 88 11.13 41.92 -38.17
C ILE B 88 10.25 41.85 -39.41
N ALA B 89 10.86 42.08 -40.56
CA ALA B 89 10.22 41.92 -41.85
C ALA B 89 10.78 40.66 -42.52
N LEU B 90 9.90 39.81 -43.01
CA LEU B 90 10.28 38.54 -43.62
C LEU B 90 9.76 38.51 -45.05
N ARG B 91 10.66 38.23 -46.00
CA ARG B 91 10.30 38.10 -47.41
C ARG B 91 10.65 36.70 -47.87
N LEU B 92 9.73 36.07 -48.59
CA LEU B 92 9.88 34.68 -49.01
C LEU B 92 9.28 34.48 -50.39
N ARG B 93 10.06 33.90 -51.29
CA ARG B 93 9.56 33.46 -52.58
C ARG B 93 9.12 32.00 -52.48
N PRO B 94 8.28 31.52 -53.41
CA PRO B 94 7.65 30.21 -53.23
C PRO B 94 8.63 29.08 -52.94
N ASP B 95 8.26 28.24 -51.96
CA ASP B 95 8.98 27.03 -51.57
C ASP B 95 10.38 27.31 -51.05
N ASP B 96 10.72 28.57 -50.77
CA ASP B 96 12.01 28.91 -50.21
C ASP B 96 11.93 28.91 -48.69
N SER B 97 13.03 29.24 -48.03
CA SER B 97 13.06 29.30 -46.57
C SER B 97 14.14 30.27 -46.13
N LYS B 98 13.78 31.20 -45.25
CA LYS B 98 14.71 32.13 -44.63
C LYS B 98 14.70 31.92 -43.13
N ASN B 99 15.79 32.32 -42.48
CA ASN B 99 15.95 32.07 -41.05
C ASN B 99 16.31 33.36 -40.31
N PHE B 100 15.91 33.41 -39.05
CA PHE B 100 16.15 34.56 -38.19
C PHE B 100 16.31 34.06 -36.76
N SER B 101 16.52 35.00 -35.84
CA SER B 101 16.79 34.68 -34.44
C SER B 101 15.91 35.51 -33.52
N ILE B 102 15.86 35.10 -32.26
CA ILE B 102 15.13 35.79 -31.22
C ILE B 102 15.89 35.63 -29.91
N GLN B 103 15.87 36.66 -29.07
CA GLN B 103 16.49 36.63 -27.76
C GLN B 103 15.44 36.85 -26.69
N VAL B 104 15.51 36.04 -25.63
CA VAL B 104 14.59 36.13 -24.50
C VAL B 104 15.42 36.23 -23.24
N ARG B 105 15.03 37.14 -22.34
CA ARG B 105 15.74 37.35 -21.08
C ARG B 105 14.75 37.36 -19.93
N GLN B 106 15.06 36.62 -18.88
CA GLN B 106 14.33 36.69 -17.62
C GLN B 106 14.89 37.90 -16.87
N VAL B 107 14.22 39.04 -16.99
CA VAL B 107 14.78 40.31 -16.55
C VAL B 107 14.86 40.34 -15.02
N GLU B 108 15.93 40.94 -14.51
CA GLU B 108 16.13 41.08 -13.08
C GLU B 108 15.31 42.26 -12.54
N ASP B 109 14.84 42.12 -11.30
CA ASP B 109 14.09 43.17 -10.60
C ASP B 109 12.77 43.48 -11.30
N TYR B 110 12.00 42.43 -11.60
CA TYR B 110 10.70 42.61 -12.23
C TYR B 110 9.60 42.64 -11.18
N PRO B 111 8.61 43.53 -11.33
CA PRO B 111 7.54 43.64 -10.34
C PRO B 111 6.75 42.34 -10.20
N VAL B 112 6.20 42.13 -9.01
CA VAL B 112 5.55 40.87 -8.64
C VAL B 112 4.26 41.18 -7.89
N ASP B 113 3.18 40.49 -8.27
CA ASP B 113 1.94 40.48 -7.50
C ASP B 113 1.79 39.12 -6.84
N ILE B 114 1.42 39.12 -5.56
CA ILE B 114 1.20 37.89 -4.81
C ILE B 114 -0.13 38.02 -4.07
N TYR B 115 -1.13 37.28 -4.51
CA TYR B 115 -2.45 37.27 -3.87
C TYR B 115 -2.57 35.99 -3.06
N TYR B 116 -2.77 36.14 -1.74
CA TYR B 116 -2.83 35.01 -0.83
C TYR B 116 -4.28 34.55 -0.70
N LEU B 117 -4.60 33.41 -1.31
CA LEU B 117 -5.94 32.83 -1.28
C LEU B 117 -5.92 31.66 -0.30
N MET B 118 -6.63 31.81 0.82
CA MET B 118 -6.44 30.94 1.96
C MET B 118 -7.72 30.17 2.29
N ASP B 119 -7.60 28.85 2.39
CA ASP B 119 -8.64 28.04 3.01
C ASP B 119 -8.86 28.51 4.44
N LEU B 120 -10.12 28.82 4.78
CA LEU B 120 -10.44 29.23 6.15
C LEU B 120 -11.52 28.36 6.75
N SER B 121 -11.54 27.08 6.40
CA SER B 121 -12.31 26.13 7.17
C SER B 121 -11.63 25.89 8.53
N TYR B 122 -12.29 25.09 9.37
CA TYR B 122 -11.96 25.10 10.78
C TYR B 122 -10.54 24.60 11.06
N SER B 123 -9.99 23.78 10.17
CA SER B 123 -8.67 23.20 10.41
C SER B 123 -7.54 24.19 10.11
N MET B 124 -7.85 25.41 9.67
CA MET B 124 -6.84 26.42 9.37
C MET B 124 -6.75 27.48 10.46
N LYS B 125 -7.39 27.25 11.60
CA LYS B 125 -7.32 28.21 12.71
C LYS B 125 -5.89 28.42 13.16
N ASP B 126 -5.14 27.33 13.30
N ASP B 126 -5.12 27.34 13.29
CA ASP B 126 -3.72 27.43 13.64
CA ASP B 126 -3.72 27.49 13.67
C ASP B 126 -2.93 28.14 12.56
C ASP B 126 -2.91 28.14 12.54
N ASP B 127 -3.34 27.98 11.29
CA ASP B 127 -2.61 28.58 10.18
C ASP B 127 -2.73 30.10 10.20
N LEU B 128 -3.93 30.61 10.50
CA LEU B 128 -4.11 32.07 10.58
C LEU B 128 -3.17 32.71 11.59
N TRP B 129 -2.85 31.99 12.67
CA TRP B 129 -2.05 32.59 13.73
C TRP B 129 -0.60 32.77 13.31
N SER B 130 -0.05 31.83 12.54
CA SER B 130 1.36 31.85 12.20
C SER B 130 1.69 32.72 11.00
N ILE B 131 0.69 33.25 10.30
CA ILE B 131 0.92 34.17 9.18
C ILE B 131 0.55 35.60 9.53
N GLN B 132 0.33 35.89 10.82
CA GLN B 132 -0.02 37.25 11.22
C GLN B 132 1.09 38.24 10.92
N ASN B 133 2.33 37.78 10.75
CA ASN B 133 3.45 38.63 10.37
C ASN B 133 3.99 38.28 9.00
N LEU B 134 3.24 37.54 8.20
CA LEU B 134 3.72 37.09 6.90
C LEU B 134 3.96 38.26 5.95
N GLY B 135 3.12 39.29 6.02
CA GLY B 135 3.26 40.41 5.11
C GLY B 135 4.61 41.10 5.22
N THR B 136 5.06 41.36 6.44
CA THR B 136 6.36 41.99 6.63
C THR B 136 7.50 41.01 6.41
N LYS B 137 7.34 39.77 6.87
CA LYS B 137 8.37 38.76 6.63
C LYS B 137 8.56 38.52 5.13
N LEU B 138 7.46 38.46 4.38
CA LEU B 138 7.55 38.25 2.94
C LEU B 138 8.14 39.46 2.24
N ALA B 139 7.81 40.67 2.70
CA ALA B 139 8.38 41.87 2.10
C ALA B 139 9.90 41.93 2.30
N THR B 140 10.39 41.43 3.43
CA THR B 140 11.83 41.43 3.68
C THR B 140 12.56 40.52 2.70
N GLN B 141 12.00 39.33 2.44
CA GLN B 141 12.69 38.36 1.59
C GLN B 141 12.53 38.69 0.11
N MET B 142 11.34 39.16 -0.29
CA MET B 142 11.13 39.52 -1.70
C MET B 142 11.91 40.76 -2.10
N ARG B 143 12.27 41.61 -1.14
CA ARG B 143 13.09 42.78 -1.41
C ARG B 143 14.42 42.42 -2.05
N LYS B 144 14.90 41.19 -1.83
CA LYS B 144 16.15 40.74 -2.43
C LYS B 144 16.00 40.43 -3.92
N LEU B 145 14.77 40.24 -4.40
CA LEU B 145 14.54 39.88 -5.79
C LEU B 145 13.80 40.95 -6.59
N THR B 146 13.01 41.80 -5.94
CA THR B 146 12.25 42.82 -6.64
C THR B 146 12.05 44.03 -5.73
N SER B 147 11.85 45.18 -6.36
CA SER B 147 11.58 46.42 -5.64
C SER B 147 10.15 46.91 -5.82
N ASN B 148 9.34 46.22 -6.61
CA ASN B 148 7.92 46.53 -6.79
C ASN B 148 7.12 45.30 -6.40
N LEU B 149 6.78 45.20 -5.12
CA LEU B 149 6.00 44.09 -4.59
C LEU B 149 4.63 44.59 -4.14
N ARG B 150 3.59 43.83 -4.49
CA ARG B 150 2.24 44.07 -4.01
C ARG B 150 1.66 42.75 -3.54
N ILE B 151 0.92 42.79 -2.43
CA ILE B 151 0.34 41.59 -1.85
C ILE B 151 -1.12 41.86 -1.50
N GLY B 152 -1.93 40.81 -1.60
CA GLY B 152 -3.34 40.86 -1.25
C GLY B 152 -3.76 39.57 -0.58
N PHE B 153 -5.02 39.53 -0.16
CA PHE B 153 -5.50 38.40 0.62
C PHE B 153 -6.96 38.11 0.30
N GLY B 154 -7.26 36.83 0.10
CA GLY B 154 -8.63 36.37 -0.02
C GLY B 154 -8.80 35.06 0.71
N ALA B 155 -10.06 34.72 0.99
CA ALA B 155 -10.37 33.54 1.79
C ALA B 155 -11.59 32.84 1.23
N PHE B 156 -11.62 31.52 1.41
CA PHE B 156 -12.73 30.68 0.95
C PHE B 156 -13.01 29.60 1.98
N VAL B 157 -14.22 29.04 1.88
CA VAL B 157 -14.56 27.83 2.61
C VAL B 157 -15.24 26.88 1.63
N ASP B 158 -16.54 27.05 1.42
CA ASP B 158 -17.32 26.19 0.54
C ASP B 158 -18.63 26.91 0.25
N LYS B 159 -19.40 26.34 -0.68
CA LYS B 159 -20.69 26.93 -1.04
C LYS B 159 -21.62 26.95 0.17
N PRO B 160 -21.97 28.13 0.69
CA PRO B 160 -22.83 28.19 1.88
C PRO B 160 -24.26 27.74 1.58
N VAL B 161 -24.44 26.42 1.45
CA VAL B 161 -25.75 25.85 1.14
C VAL B 161 -25.73 24.40 1.58
N SER B 162 -26.88 23.91 2.03
CA SER B 162 -26.99 22.51 2.40
C SER B 162 -26.68 21.64 1.19
N PRO B 163 -25.98 20.49 1.37
CA PRO B 163 -25.55 19.92 2.65
C PRO B 163 -24.13 20.30 3.10
N TYR B 164 -23.42 21.12 2.33
CA TYR B 164 -22.11 21.58 2.79
C TYR B 164 -22.23 22.40 4.06
N MET B 165 -23.37 23.06 4.26
CA MET B 165 -23.57 23.98 5.37
C MET B 165 -24.54 23.38 6.37
N TYR B 166 -24.21 23.50 7.65
CA TYR B 166 -25.14 23.15 8.71
C TYR B 166 -26.27 24.18 8.72
N ILE B 167 -27.52 23.70 8.71
CA ILE B 167 -28.68 24.57 8.60
C ILE B 167 -29.64 24.39 9.78
N SER B 168 -29.20 23.72 10.85
CA SER B 168 -30.03 23.54 12.03
C SER B 168 -29.10 23.39 13.22
N PRO B 169 -29.45 23.96 14.39
CA PRO B 169 -30.59 24.83 14.70
C PRO B 169 -30.40 26.23 14.10
N PRO B 170 -31.38 27.13 14.25
CA PRO B 170 -31.19 28.50 13.76
C PRO B 170 -29.92 29.16 14.28
N GLU B 171 -29.46 28.77 15.47
CA GLU B 171 -28.20 29.29 16.00
C GLU B 171 -27.02 28.91 15.12
N ALA B 172 -27.09 27.75 14.46
CA ALA B 172 -25.96 27.24 13.69
C ALA B 172 -25.68 28.07 12.45
N LEU B 173 -26.67 28.83 11.95
CA LEU B 173 -26.43 29.67 10.78
C LEU B 173 -25.56 30.87 11.14
N GLU B 174 -25.83 31.50 12.28
CA GLU B 174 -25.01 32.61 12.73
C GLU B 174 -23.68 32.14 13.29
N ASN B 175 -23.66 30.96 13.91
CA ASN B 175 -22.46 30.40 14.52
C ASN B 175 -22.41 28.90 14.22
N PRO B 176 -21.68 28.49 13.18
CA PRO B 176 -21.61 27.05 12.85
C PRO B 176 -20.94 26.21 13.92
N CYS B 177 -20.12 26.81 14.78
CA CYS B 177 -19.44 26.08 15.85
C CYS B 177 -20.26 26.03 17.13
N TYR B 178 -21.58 26.16 17.03
CA TYR B 178 -22.40 26.26 18.24
C TYR B 178 -22.32 24.99 19.08
N ASP B 179 -22.35 23.82 18.44
CA ASP B 179 -22.41 22.56 19.19
C ASP B 179 -21.05 22.12 19.72
N MET B 180 -20.05 22.99 19.60
CA MET B 180 -18.78 22.87 20.29
C MET B 180 -18.77 23.91 21.41
N LYS B 181 -17.59 24.33 21.83
CA LYS B 181 -17.46 25.34 22.89
C LYS B 181 -16.69 26.56 22.38
N THR B 182 -17.00 26.99 21.17
CA THR B 182 -16.35 28.17 20.58
C THR B 182 -17.33 28.87 19.66
N THR B 183 -16.85 29.94 19.02
CA THR B 183 -17.59 30.69 18.03
C THR B 183 -16.76 30.77 16.76
N CYS B 184 -17.41 30.59 15.61
CA CYS B 184 -16.76 30.82 14.33
C CYS B 184 -17.69 31.61 13.43
N LEU B 185 -17.12 32.14 12.35
CA LEU B 185 -17.88 32.98 11.43
C LEU B 185 -18.97 32.18 10.73
N PRO B 186 -20.06 32.84 10.33
CA PRO B 186 -21.01 32.20 9.43
C PRO B 186 -20.30 31.71 8.17
N MET B 187 -20.87 30.70 7.54
N MET B 187 -20.88 30.69 7.55
CA MET B 187 -20.23 30.10 6.38
CA MET B 187 -20.32 30.12 6.33
C MET B 187 -20.27 31.06 5.19
C MET B 187 -20.24 31.16 5.23
N PHE B 188 -19.17 31.10 4.44
CA PHE B 188 -19.03 31.96 3.28
C PHE B 188 -18.28 31.20 2.19
N GLY B 189 -18.66 31.45 0.95
CA GLY B 189 -18.04 30.79 -0.19
C GLY B 189 -16.63 31.31 -0.45
N TYR B 190 -16.54 32.54 -0.94
CA TYR B 190 -15.27 33.21 -1.16
C TYR B 190 -15.46 34.69 -0.90
N LYS B 191 -14.51 35.28 -0.18
CA LYS B 191 -14.57 36.71 0.09
C LYS B 191 -13.22 37.35 -0.19
N HIS B 192 -13.24 38.42 -0.99
CA HIS B 192 -12.06 39.26 -1.16
C HIS B 192 -11.88 40.13 0.08
N VAL B 193 -10.63 40.24 0.54
CA VAL B 193 -10.31 40.95 1.77
C VAL B 193 -9.41 42.15 1.51
N LEU B 194 -8.36 41.97 0.73
CA LEU B 194 -7.36 43.02 0.54
C LEU B 194 -6.92 43.05 -0.92
N THR B 195 -7.14 44.18 -1.57
CA THR B 195 -6.62 44.39 -2.92
C THR B 195 -5.10 44.49 -2.88
N LEU B 196 -4.47 44.03 -3.97
CA LEU B 196 -3.02 44.06 -4.09
C LEU B 196 -2.48 45.47 -3.82
N THR B 197 -1.69 45.60 -2.76
CA THR B 197 -1.12 46.87 -2.36
C THR B 197 0.34 46.66 -1.96
N ASP B 198 1.12 47.74 -2.05
CA ASP B 198 2.52 47.70 -1.64
C ASP B 198 2.70 48.06 -0.16
N GLN B 199 1.62 48.34 0.56
CA GLN B 199 1.67 48.60 2.00
C GLN B 199 1.46 47.27 2.71
N VAL B 200 2.56 46.56 2.98
CA VAL B 200 2.48 45.19 3.46
C VAL B 200 1.89 45.09 4.86
N THR B 201 1.97 46.15 5.67
CA THR B 201 1.36 46.10 6.99
C THR B 201 -0.15 45.99 6.92
N ARG B 202 -0.77 46.38 5.80
CA ARG B 202 -2.19 46.15 5.62
C ARG B 202 -2.51 44.67 5.54
N PHE B 203 -1.59 43.87 5.01
CA PHE B 203 -1.77 42.42 5.02
C PHE B 203 -1.80 41.88 6.45
N ASN B 204 -0.83 42.29 7.27
CA ASN B 204 -0.77 41.81 8.64
C ASN B 204 -2.05 42.14 9.41
N GLU B 205 -2.52 43.38 9.28
CA GLU B 205 -3.66 43.82 10.09
C GLU B 205 -4.98 43.26 9.59
N GLU B 206 -5.12 43.05 8.28
CA GLU B 206 -6.31 42.38 7.77
C GLU B 206 -6.34 40.92 8.19
N VAL B 207 -5.18 40.25 8.17
CA VAL B 207 -5.10 38.86 8.59
C VAL B 207 -5.42 38.71 10.07
N LYS B 208 -4.92 39.65 10.90
CA LYS B 208 -5.17 39.58 12.33
C LYS B 208 -6.66 39.70 12.67
N LYS B 209 -7.46 40.30 11.79
CA LYS B 209 -8.90 40.40 12.01
C LYS B 209 -9.68 39.26 11.37
N GLN B 210 -9.00 38.33 10.71
CA GLN B 210 -9.69 37.20 10.09
C GLN B 210 -9.95 36.10 11.12
N SER B 211 -10.92 35.24 10.78
CA SER B 211 -11.25 34.09 11.61
C SER B 211 -11.90 33.04 10.72
N VAL B 212 -11.91 31.81 11.21
CA VAL B 212 -12.33 30.65 10.40
C VAL B 212 -13.82 30.42 10.51
N SER B 213 -14.36 29.60 9.61
CA SER B 213 -15.73 29.10 9.70
C SER B 213 -15.70 27.58 9.79
N ARG B 214 -16.82 26.93 9.51
CA ARG B 214 -16.89 25.48 9.61
C ARG B 214 -18.00 24.95 8.71
N ASN B 215 -17.69 23.92 7.92
CA ASN B 215 -18.66 23.28 7.05
C ASN B 215 -18.60 21.76 7.27
N ARG B 216 -19.44 21.04 6.54
CA ARG B 216 -19.69 19.64 6.83
C ARG B 216 -18.76 18.68 6.09
N ASP B 217 -18.57 18.88 4.79
CA ASP B 217 -17.88 17.89 3.96
C ASP B 217 -16.44 18.31 3.69
N ALA B 218 -15.54 17.33 3.72
CA ALA B 218 -14.10 17.57 3.60
C ALA B 218 -13.69 18.35 2.35
N PRO B 219 -14.17 18.04 1.14
CA PRO B 219 -13.80 18.87 -0.01
C PRO B 219 -14.33 20.29 0.16
N GLU B 220 -13.53 21.26 -0.27
CA GLU B 220 -13.87 22.66 -0.09
C GLU B 220 -13.89 23.38 -1.43
N GLY B 221 -14.70 24.43 -1.51
CA GLY B 221 -14.90 25.17 -2.74
C GLY B 221 -13.79 26.15 -3.05
N GLY B 222 -12.54 25.68 -3.06
CA GLY B 222 -11.44 26.55 -3.40
C GLY B 222 -11.34 26.90 -4.85
N PHE B 223 -11.82 26.02 -5.74
CA PHE B 223 -11.77 26.32 -7.17
C PHE B 223 -12.71 27.46 -7.54
N ASP B 224 -13.81 27.62 -6.80
CA ASP B 224 -14.63 28.82 -6.94
C ASP B 224 -13.81 30.08 -6.70
N ALA B 225 -12.97 30.08 -5.66
CA ALA B 225 -12.16 31.23 -5.32
C ALA B 225 -11.02 31.46 -6.31
N ILE B 226 -10.42 30.39 -6.85
CA ILE B 226 -9.37 30.55 -7.85
C ILE B 226 -9.91 31.26 -9.07
N MET B 227 -11.11 30.89 -9.52
CA MET B 227 -11.70 31.51 -10.70
C MET B 227 -11.95 33.00 -10.46
N GLN B 228 -12.55 33.34 -9.31
CA GLN B 228 -12.87 34.73 -9.03
C GLN B 228 -11.62 35.56 -8.81
N ALA B 229 -10.61 34.99 -8.16
CA ALA B 229 -9.34 35.71 -7.99
C ALA B 229 -8.61 35.91 -9.30
N THR B 230 -9.00 35.22 -10.36
CA THR B 230 -8.38 35.33 -11.67
C THR B 230 -9.09 36.31 -12.60
N VAL B 231 -10.42 36.21 -12.68
CA VAL B 231 -11.17 37.00 -13.64
C VAL B 231 -11.63 38.35 -13.11
N CYS B 232 -11.65 38.55 -11.80
CA CYS B 232 -11.99 39.85 -11.22
C CYS B 232 -10.73 40.73 -11.19
N ASP B 233 -10.34 41.19 -12.39
CA ASP B 233 -9.08 41.90 -12.55
C ASP B 233 -9.02 43.14 -11.65
N GLU B 234 -10.04 43.98 -11.71
CA GLU B 234 -9.98 45.27 -11.03
C GLU B 234 -10.03 45.13 -9.52
N LYS B 235 -10.79 44.15 -9.01
CA LYS B 235 -10.96 44.04 -7.56
C LYS B 235 -9.71 43.48 -6.91
N ILE B 236 -9.17 42.37 -7.44
CA ILE B 236 -7.92 41.84 -6.90
C ILE B 236 -6.77 42.80 -7.17
N GLY B 237 -6.74 43.37 -8.37
CA GLY B 237 -5.80 44.44 -8.66
C GLY B 237 -4.51 44.03 -9.32
N TRP B 238 -4.52 42.98 -10.14
CA TRP B 238 -3.31 42.58 -10.85
C TRP B 238 -2.82 43.72 -11.73
N ARG B 239 -1.51 43.88 -11.79
CA ARG B 239 -0.90 44.88 -12.65
C ARG B 239 -0.56 44.28 -14.01
N ASN B 240 -0.53 45.15 -15.02
CA ASN B 240 -0.31 44.69 -16.39
C ASN B 240 1.09 44.14 -16.60
N ASP B 241 2.10 44.84 -16.07
CA ASP B 241 3.49 44.49 -16.28
C ASP B 241 4.07 44.02 -14.95
N ALA B 242 3.77 42.77 -14.60
CA ALA B 242 4.25 42.15 -13.37
C ALA B 242 3.97 40.66 -13.43
N SER B 243 4.73 39.90 -12.66
CA SER B 243 4.45 38.48 -12.49
C SER B 243 3.32 38.28 -11.50
N HIS B 244 2.34 37.46 -11.86
CA HIS B 244 1.14 37.26 -11.07
C HIS B 244 1.23 35.91 -10.38
N LEU B 245 1.33 35.92 -9.06
CA LEU B 245 1.39 34.70 -8.25
C LEU B 245 0.12 34.56 -7.45
N LEU B 246 -0.62 33.48 -7.67
CA LEU B 246 -1.83 33.16 -6.93
C LEU B 246 -1.52 31.99 -6.01
N VAL B 247 -1.39 32.27 -4.72
CA VAL B 247 -0.97 31.27 -3.74
C VAL B 247 -2.22 30.64 -3.12
N PHE B 248 -2.41 29.35 -3.40
CA PHE B 248 -3.58 28.59 -2.95
C PHE B 248 -3.15 27.66 -1.82
N THR B 249 -3.64 27.92 -0.62
CA THR B 249 -3.29 27.14 0.56
C THR B 249 -4.52 26.39 1.06
N THR B 250 -4.38 25.09 1.26
CA THR B 250 -5.46 24.26 1.78
C THR B 250 -4.88 22.96 2.32
N ASP B 251 -5.67 22.28 3.13
CA ASP B 251 -5.27 21.01 3.74
C ASP B 251 -6.30 19.92 3.48
N ALA B 252 -7.03 20.02 2.38
CA ALA B 252 -8.15 19.11 2.13
C ALA B 252 -8.33 18.92 0.63
N LYS B 253 -9.17 17.95 0.30
CA LYS B 253 -9.61 17.76 -1.08
C LYS B 253 -10.42 18.97 -1.53
N THR B 254 -10.67 19.04 -2.83
CA THR B 254 -11.39 20.17 -3.41
C THR B 254 -12.59 19.67 -4.20
N HIS B 255 -13.62 20.51 -4.26
CA HIS B 255 -14.76 20.24 -5.12
C HIS B 255 -14.42 20.60 -6.56
N ILE B 256 -15.02 19.88 -7.49
CA ILE B 256 -14.77 20.05 -8.91
C ILE B 256 -16.10 20.28 -9.61
N ALA B 257 -16.03 20.55 -10.92
CA ALA B 257 -17.24 20.75 -11.71
C ALA B 257 -18.11 19.51 -11.66
N LEU B 258 -19.43 19.73 -11.61
CA LEU B 258 -20.51 18.76 -11.51
C LEU B 258 -20.70 18.24 -10.09
N ASP B 259 -19.83 18.61 -9.14
CA ASP B 259 -20.11 18.29 -7.73
C ASP B 259 -21.30 19.08 -7.21
N GLY B 260 -21.53 20.28 -7.72
CA GLY B 260 -22.55 21.16 -7.18
C GLY B 260 -23.95 20.61 -7.26
N ARG B 261 -24.18 19.56 -8.07
CA ARG B 261 -25.50 18.98 -8.18
C ARG B 261 -25.99 18.40 -6.86
N LEU B 262 -25.08 18.04 -5.95
CA LEU B 262 -25.50 17.60 -4.63
C LEU B 262 -26.05 18.74 -3.77
N ALA B 263 -25.98 19.98 -4.25
CA ALA B 263 -26.66 21.10 -3.60
C ALA B 263 -27.81 21.63 -4.45
N GLY B 264 -28.21 20.89 -5.49
CA GLY B 264 -29.21 21.36 -6.42
C GLY B 264 -28.71 22.35 -7.44
N ILE B 265 -27.39 22.51 -7.56
CA ILE B 265 -26.78 23.48 -8.46
C ILE B 265 -26.36 22.78 -9.73
N VAL B 266 -26.93 23.19 -10.86
CA VAL B 266 -26.60 22.59 -12.15
C VAL B 266 -26.07 23.59 -13.17
N GLN B 267 -26.24 24.89 -12.96
CA GLN B 267 -25.80 25.88 -13.93
C GLN B 267 -24.29 25.84 -14.08
N PRO B 268 -23.76 25.65 -15.29
CA PRO B 268 -22.30 25.61 -15.48
C PRO B 268 -21.66 26.95 -15.10
N ASN B 269 -20.40 26.87 -14.69
CA ASN B 269 -19.63 28.08 -14.38
C ASN B 269 -19.42 28.89 -15.65
N ASP B 270 -19.63 30.21 -15.56
CA ASP B 270 -19.53 31.07 -16.72
C ASP B 270 -18.16 31.72 -16.88
N GLY B 271 -17.27 31.56 -15.90
CA GLY B 271 -15.96 32.17 -15.97
C GLY B 271 -15.95 33.68 -15.87
N GLN B 272 -17.05 34.30 -15.46
CA GLN B 272 -17.14 35.74 -15.31
C GLN B 272 -16.97 36.13 -13.85
N CYS B 273 -16.74 37.42 -13.62
CA CYS B 273 -16.59 37.95 -12.27
C CYS B 273 -17.94 38.16 -11.61
N HIS B 274 -18.09 37.69 -10.38
CA HIS B 274 -19.33 37.85 -9.64
C HIS B 274 -19.06 38.30 -8.20
N VAL B 275 -18.04 39.12 -8.00
CA VAL B 275 -17.72 39.68 -6.68
C VAL B 275 -18.03 41.17 -6.74
N GLY B 276 -19.07 41.59 -6.03
CA GLY B 276 -19.53 42.96 -6.05
C GLY B 276 -18.90 43.83 -4.99
N SER B 277 -19.66 44.83 -4.54
CA SER B 277 -19.15 45.78 -3.56
C SER B 277 -19.02 45.17 -2.17
N ASP B 278 -19.79 44.13 -1.87
CA ASP B 278 -19.71 43.48 -0.56
C ASP B 278 -18.55 42.48 -0.49
N ASN B 279 -17.80 42.32 -1.58
CA ASN B 279 -16.59 41.50 -1.64
C ASN B 279 -16.85 40.01 -1.43
N HIS B 280 -18.08 39.56 -1.61
CA HIS B 280 -18.40 38.14 -1.52
C HIS B 280 -18.86 37.61 -2.89
N TYR B 281 -18.51 36.36 -3.16
CA TYR B 281 -18.88 35.70 -4.41
C TYR B 281 -20.38 35.42 -4.40
N SER B 282 -21.13 36.19 -5.19
CA SER B 282 -22.59 36.17 -5.13
C SER B 282 -23.23 35.01 -5.90
N ALA B 283 -22.47 34.28 -6.70
CA ALA B 283 -22.98 33.14 -7.44
C ALA B 283 -22.61 31.81 -6.79
N SER B 284 -22.19 31.84 -5.52
CA SER B 284 -21.73 30.63 -4.86
C SER B 284 -22.85 29.60 -4.71
N THR B 285 -24.06 30.07 -4.43
CA THR B 285 -25.19 29.18 -4.21
C THR B 285 -25.99 28.92 -5.48
N THR B 286 -25.62 29.51 -6.61
CA THR B 286 -26.38 29.36 -7.84
C THR B 286 -25.56 28.84 -9.02
N MET B 287 -24.24 28.81 -8.92
CA MET B 287 -23.39 28.44 -10.03
C MET B 287 -22.44 27.33 -9.62
N ASP B 288 -22.29 26.32 -10.48
CA ASP B 288 -21.50 25.16 -10.18
C ASP B 288 -20.01 25.49 -10.13
N TYR B 289 -19.23 24.60 -9.50
CA TYR B 289 -17.79 24.78 -9.44
C TYR B 289 -17.20 24.77 -10.85
N PRO B 290 -16.08 25.45 -11.06
CA PRO B 290 -15.47 25.48 -12.39
C PRO B 290 -14.74 24.19 -12.72
N SER B 291 -14.63 23.94 -14.01
CA SER B 291 -13.88 22.79 -14.53
C SER B 291 -12.42 23.16 -14.70
N LEU B 292 -11.57 22.13 -14.74
CA LEU B 292 -10.13 22.35 -14.87
C LEU B 292 -9.81 23.06 -16.19
N GLY B 293 -10.52 22.72 -17.26
CA GLY B 293 -10.29 23.37 -18.53
C GLY B 293 -10.65 24.85 -18.51
N LEU B 294 -11.78 25.18 -17.89
CA LEU B 294 -12.18 26.58 -17.78
C LEU B 294 -11.21 27.36 -16.90
N MET B 295 -10.72 26.73 -15.83
CA MET B 295 -9.70 27.37 -14.99
C MET B 295 -8.43 27.64 -15.77
N THR B 296 -7.98 26.65 -16.55
CA THR B 296 -6.77 26.82 -17.36
C THR B 296 -6.94 27.97 -18.36
N GLU B 297 -8.12 28.09 -18.96
CA GLU B 297 -8.35 29.15 -19.94
C GLU B 297 -8.22 30.53 -19.30
N LYS B 298 -8.77 30.70 -18.09
CA LYS B 298 -8.74 32.01 -17.46
C LYS B 298 -7.38 32.32 -16.84
N LEU B 299 -6.73 31.31 -16.27
CA LEU B 299 -5.37 31.51 -15.75
C LEU B 299 -4.41 31.92 -16.86
N SER B 300 -4.58 31.33 -18.04
CA SER B 300 -3.71 31.67 -19.18
C SER B 300 -4.09 33.04 -19.75
N GLN B 301 -5.39 33.35 -19.78
CA GLN B 301 -5.85 34.62 -20.33
C GLN B 301 -5.37 35.81 -19.49
N LYS B 302 -5.19 35.61 -18.18
CA LYS B 302 -4.80 36.69 -17.28
C LYS B 302 -3.35 36.59 -16.82
N ASN B 303 -2.57 35.64 -17.34
CA ASN B 303 -1.16 35.47 -16.97
C ASN B 303 -1.01 35.23 -15.47
N ILE B 304 -1.84 34.36 -14.92
CA ILE B 304 -1.82 34.05 -13.50
C ILE B 304 -1.05 32.74 -13.30
N ASN B 305 -0.08 32.76 -12.39
CA ASN B 305 0.69 31.58 -12.01
C ASN B 305 0.09 31.02 -10.73
N LEU B 306 -0.71 29.96 -10.86
CA LEU B 306 -1.33 29.32 -9.71
C LEU B 306 -0.30 28.47 -8.97
N ILE B 307 -0.33 28.55 -7.64
CA ILE B 307 0.59 27.83 -6.78
C ILE B 307 -0.22 27.03 -5.78
N PHE B 308 -0.16 25.70 -5.89
CA PHE B 308 -0.83 24.79 -4.95
C PHE B 308 0.09 24.57 -3.76
N ALA B 309 -0.11 25.36 -2.71
CA ALA B 309 0.63 25.21 -1.45
C ALA B 309 -0.25 24.40 -0.50
N VAL B 310 -0.07 23.09 -0.53
CA VAL B 310 -0.95 22.15 0.16
C VAL B 310 -0.14 21.30 1.12
N THR B 311 -0.86 20.65 2.03
CA THR B 311 -0.25 19.78 3.03
C THR B 311 0.05 18.41 2.43
N GLU B 312 0.94 17.67 3.10
CA GLU B 312 1.45 16.42 2.57
C GLU B 312 0.36 15.37 2.37
N ASN B 313 -0.76 15.48 3.09
CA ASN B 313 -1.83 14.50 2.95
C ASN B 313 -2.60 14.65 1.63
N VAL B 314 -2.36 15.71 0.87
CA VAL B 314 -3.04 15.91 -0.40
C VAL B 314 -2.06 16.43 -1.45
N VAL B 315 -0.76 16.26 -1.21
CA VAL B 315 0.25 16.71 -2.17
C VAL B 315 0.10 15.94 -3.48
N ASN B 316 -0.03 14.61 -3.38
CA ASN B 316 -0.19 13.81 -4.59
C ASN B 316 -1.45 14.19 -5.37
N LEU B 317 -2.53 14.51 -4.65
CA LEU B 317 -3.76 14.93 -5.31
C LEU B 317 -3.54 16.19 -6.14
N TYR B 318 -2.95 17.22 -5.52
CA TYR B 318 -2.79 18.49 -6.23
C TYR B 318 -1.62 18.46 -7.21
N GLN B 319 -0.62 17.60 -6.98
CA GLN B 319 0.40 17.40 -8.00
CA GLN B 319 0.41 17.38 -8.00
C GLN B 319 -0.19 16.82 -9.27
N ASN B 320 -1.22 15.98 -9.13
CA ASN B 320 -1.88 15.40 -10.29
C ASN B 320 -2.80 16.41 -10.98
N TYR B 321 -3.49 17.25 -10.20
CA TYR B 321 -4.23 18.36 -10.80
C TYR B 321 -3.28 19.31 -11.53
N SER B 322 -2.10 19.56 -10.94
CA SER B 322 -1.15 20.48 -11.53
C SER B 322 -0.68 20.01 -12.90
N GLU B 323 -0.65 18.71 -13.13
CA GLU B 323 -0.23 18.21 -14.44
C GLU B 323 -1.31 18.40 -15.50
N LEU B 324 -2.56 18.55 -15.10
CA LEU B 324 -3.64 18.86 -16.02
C LEU B 324 -3.83 20.36 -16.23
N ILE B 325 -3.10 21.19 -15.47
CA ILE B 325 -3.13 22.63 -15.63
C ILE B 325 -1.68 23.10 -15.81
N PRO B 326 -1.18 23.13 -17.05
CA PRO B 326 0.24 23.49 -17.26
C PRO B 326 0.57 24.87 -16.71
N GLY B 327 1.83 25.03 -16.30
CA GLY B 327 2.29 26.26 -15.69
C GLY B 327 2.05 26.37 -14.20
N THR B 328 1.46 25.35 -13.58
CA THR B 328 1.14 25.37 -12.16
C THR B 328 2.28 24.78 -11.34
N THR B 329 2.48 25.32 -10.15
CA THR B 329 3.55 24.92 -9.25
C THR B 329 2.96 24.40 -7.94
N VAL B 330 3.60 23.40 -7.36
CA VAL B 330 3.15 22.77 -6.13
C VAL B 330 4.25 22.85 -5.08
N GLY B 331 3.87 23.21 -3.87
CA GLY B 331 4.76 23.17 -2.73
C GLY B 331 4.08 22.50 -1.55
N VAL B 332 4.90 21.95 -0.67
CA VAL B 332 4.40 21.22 0.50
C VAL B 332 4.24 22.19 1.66
N LEU B 333 3.01 22.35 2.12
CA LEU B 333 2.67 23.27 3.19
C LEU B 333 2.59 22.51 4.52
N SER B 334 3.16 23.09 5.57
N SER B 334 3.16 23.09 5.57
CA SER B 334 3.08 22.48 6.88
CA SER B 334 3.09 22.50 6.88
C SER B 334 1.65 22.58 7.41
C SER B 334 1.66 22.59 7.42
N MET B 335 1.39 21.82 8.48
CA MET B 335 0.04 21.75 9.04
C MET B 335 -0.42 23.07 9.66
N ASP B 336 0.47 24.05 9.81
CA ASP B 336 0.09 25.37 10.32
C ASP B 336 0.61 26.50 9.44
N SER B 337 1.03 26.19 8.20
CA SER B 337 1.52 27.16 7.23
C SER B 337 2.75 27.92 7.72
N SER B 338 3.50 27.34 8.67
CA SER B 338 4.69 28.01 9.18
C SER B 338 5.81 28.09 8.17
N ASN B 339 5.74 27.33 7.07
CA ASN B 339 6.77 27.31 6.04
C ASN B 339 6.34 27.95 4.74
N VAL B 340 5.17 28.61 4.73
CA VAL B 340 4.65 29.16 3.48
C VAL B 340 5.53 30.27 2.91
N LEU B 341 6.32 30.94 3.75
CA LEU B 341 7.20 32.00 3.27
C LEU B 341 8.25 31.43 2.31
N GLN B 342 9.00 30.42 2.74
CA GLN B 342 10.00 29.82 1.86
C GLN B 342 9.34 29.10 0.69
N LEU B 343 8.12 28.59 0.87
CA LEU B 343 7.41 27.93 -0.21
C LEU B 343 7.13 28.91 -1.35
N ILE B 344 6.75 30.15 -1.02
CA ILE B 344 6.45 31.13 -2.05
C ILE B 344 7.72 31.54 -2.79
N VAL B 345 8.83 31.67 -2.08
CA VAL B 345 10.08 32.09 -2.71
C VAL B 345 10.59 31.01 -3.66
N ASP B 346 10.57 29.75 -3.20
CA ASP B 346 11.01 28.66 -4.06
C ASP B 346 10.12 28.53 -5.30
N ALA B 347 8.83 28.79 -5.14
CA ALA B 347 7.92 28.72 -6.29
C ALA B 347 8.17 29.87 -7.25
N TYR B 348 8.46 31.07 -6.73
CA TYR B 348 8.74 32.21 -7.61
C TYR B 348 10.01 31.98 -8.41
N GLY B 349 11.03 31.38 -7.79
CA GLY B 349 12.23 31.03 -8.54
C GLY B 349 11.97 29.94 -9.57
N LYS B 350 11.15 28.95 -9.21
CA LYS B 350 10.82 27.89 -10.16
C LYS B 350 9.97 28.43 -11.31
N ILE B 351 9.13 29.43 -11.04
CA ILE B 351 8.25 29.97 -12.07
C ILE B 351 9.07 30.69 -13.14
N ARG B 352 10.08 31.45 -12.74
CA ARG B 352 10.91 32.20 -13.68
C ARG B 352 12.15 31.45 -14.11
N SER B 353 12.17 30.12 -13.95
CA SER B 353 13.31 29.31 -14.37
C SER B 353 13.09 28.69 -15.75
N LYS B 354 12.00 29.04 -16.43
CA LYS B 354 11.65 28.44 -17.71
C LYS B 354 11.32 29.51 -18.73
N VAL B 355 11.80 29.31 -19.95
CA VAL B 355 11.41 30.10 -21.12
C VAL B 355 10.87 29.12 -22.15
N GLU B 356 9.64 29.32 -22.59
CA GLU B 356 8.97 28.43 -23.53
C GLU B 356 8.30 29.26 -24.61
N LEU B 357 8.77 29.12 -25.85
CA LEU B 357 8.24 29.91 -26.95
C LEU B 357 6.85 29.41 -27.35
N GLU B 358 6.05 30.33 -27.87
CA GLU B 358 4.70 30.05 -28.33
C GLU B 358 4.44 30.87 -29.58
N VAL B 359 3.67 30.31 -30.50
CA VAL B 359 3.40 30.94 -31.79
C VAL B 359 1.90 31.21 -31.90
N ARG B 360 1.57 32.43 -32.34
CA ARG B 360 0.19 32.83 -32.55
C ARG B 360 -0.01 33.30 -33.98
N ASP B 361 -1.15 32.91 -34.57
CA ASP B 361 -1.57 33.43 -35.88
C ASP B 361 -0.62 33.01 -37.00
N LEU B 362 -0.07 31.81 -36.89
CA LEU B 362 0.80 31.31 -37.94
C LEU B 362 -0.04 30.88 -39.14
N PRO B 363 0.26 31.37 -40.35
CA PRO B 363 -0.49 30.94 -41.53
C PRO B 363 -0.34 29.45 -41.78
N GLU B 364 -1.29 28.90 -42.53
CA GLU B 364 -1.31 27.46 -42.79
C GLU B 364 -0.10 27.04 -43.62
N GLU B 365 0.29 27.85 -44.60
CA GLU B 365 1.37 27.47 -45.51
C GLU B 365 2.75 27.62 -44.89
N LEU B 366 2.86 28.19 -43.69
CA LEU B 366 4.15 28.37 -43.03
C LEU B 366 4.37 27.29 -41.98
N SER B 367 5.56 26.73 -41.96
CA SER B 367 5.99 25.79 -40.93
C SER B 367 7.29 26.30 -40.33
N LEU B 368 7.45 26.09 -39.01
CA LEU B 368 8.58 26.63 -38.28
C LEU B 368 9.42 25.51 -37.68
N SER B 369 10.67 25.84 -37.38
CA SER B 369 11.61 24.92 -36.75
C SER B 369 12.57 25.73 -35.89
N PHE B 370 12.85 25.23 -34.69
CA PHE B 370 13.58 25.99 -33.68
C PHE B 370 14.80 25.23 -33.20
N ASN B 371 15.81 25.99 -32.81
CA ASN B 371 16.98 25.48 -32.10
C ASN B 371 17.21 26.34 -30.86
N ALA B 372 17.35 25.71 -29.70
CA ALA B 372 17.48 26.41 -28.44
C ALA B 372 18.94 26.49 -28.02
N THR B 373 19.31 27.61 -27.41
CA THR B 373 20.65 27.83 -26.86
C THR B 373 20.49 28.21 -25.40
N CYS B 374 20.38 27.20 -24.55
CA CYS B 374 20.33 27.39 -23.11
C CYS B 374 21.72 27.16 -22.52
N LEU B 375 21.85 27.41 -21.22
CA LEU B 375 23.10 27.18 -20.47
C LEU B 375 24.18 28.07 -21.09
N ASN B 376 25.31 27.52 -21.51
CA ASN B 376 26.42 28.28 -22.09
C ASN B 376 26.60 27.86 -23.56
N ASN B 377 25.90 28.56 -24.45
CA ASN B 377 26.11 28.45 -25.89
C ASN B 377 25.96 27.02 -26.41
N GLU B 378 25.17 26.20 -25.72
CA GLU B 378 24.97 24.81 -26.09
C GLU B 378 23.70 24.70 -26.92
N VAL B 379 23.86 24.40 -28.21
CA VAL B 379 22.74 24.33 -29.14
C VAL B 379 21.98 23.03 -28.92
N ILE B 380 20.65 23.13 -28.94
CA ILE B 380 19.78 21.96 -28.81
C ILE B 380 18.78 21.99 -29.96
N PRO B 381 18.96 21.14 -30.97
CA PRO B 381 18.08 21.21 -32.15
C PRO B 381 16.69 20.67 -31.87
N GLY B 382 15.71 21.25 -32.58
CA GLY B 382 14.34 20.84 -32.43
C GLY B 382 13.73 21.10 -31.07
N LEU B 383 14.12 22.20 -30.43
CA LEU B 383 13.63 22.54 -29.10
C LEU B 383 13.30 24.02 -29.05
N LYS B 384 12.16 24.35 -28.45
CA LYS B 384 11.70 25.72 -28.33
C LYS B 384 11.45 26.10 -26.87
N SER B 385 12.22 25.54 -25.95
CA SER B 385 12.03 25.82 -24.54
C SER B 385 13.32 25.56 -23.78
N CYS B 386 13.63 26.41 -22.82
CA CYS B 386 14.75 26.24 -21.91
C CYS B 386 14.24 26.09 -20.48
N MET B 387 15.03 25.42 -19.65
CA MET B 387 14.67 25.20 -18.26
C MET B 387 15.89 25.38 -17.38
N GLY B 388 15.66 25.40 -16.07
CA GLY B 388 16.76 25.54 -15.12
C GLY B 388 17.43 26.89 -15.15
N LEU B 389 16.72 27.93 -15.58
CA LEU B 389 17.28 29.26 -15.68
C LEU B 389 17.25 29.97 -14.33
N LYS B 390 18.01 31.05 -14.23
CA LYS B 390 18.01 31.91 -13.06
C LYS B 390 17.64 33.33 -13.48
N ILE B 391 17.30 34.15 -12.49
CA ILE B 391 16.96 35.55 -12.77
C ILE B 391 18.19 36.25 -13.32
N GLY B 392 18.07 36.80 -14.52
CA GLY B 392 19.15 37.47 -15.21
C GLY B 392 19.73 36.70 -16.37
N ASP B 393 19.41 35.40 -16.48
CA ASP B 393 19.90 34.61 -17.59
C ASP B 393 19.25 35.05 -18.89
N THR B 394 19.90 34.71 -20.00
CA THR B 394 19.41 35.07 -21.33
C THR B 394 19.61 33.88 -22.26
N VAL B 395 18.57 33.53 -23.00
CA VAL B 395 18.62 32.45 -23.99
C VAL B 395 18.27 33.02 -25.36
N SER B 396 18.49 32.22 -26.38
CA SER B 396 18.16 32.61 -27.75
C SER B 396 17.72 31.39 -28.52
N PHE B 397 16.98 31.65 -29.61
CA PHE B 397 16.47 30.59 -30.46
C PHE B 397 16.69 30.94 -31.92
N SER B 398 17.16 29.98 -32.70
CA SER B 398 17.28 30.13 -34.14
C SER B 398 16.03 29.54 -34.80
N ILE B 399 15.38 30.33 -35.65
CA ILE B 399 14.10 29.96 -36.24
C ILE B 399 14.24 29.97 -37.76
N GLU B 400 13.65 28.98 -38.41
CA GLU B 400 13.60 28.90 -39.87
C GLU B 400 12.15 28.72 -40.30
N ALA B 401 11.67 29.63 -41.13
CA ALA B 401 10.33 29.55 -41.70
C ALA B 401 10.40 28.96 -43.10
N LYS B 402 9.53 28.00 -43.39
CA LYS B 402 9.49 27.34 -44.69
C LYS B 402 8.07 27.46 -45.24
N VAL B 403 7.94 28.08 -46.41
CA VAL B 403 6.64 28.29 -47.04
C VAL B 403 6.42 27.20 -48.07
N ARG B 404 5.17 26.75 -48.19
CA ARG B 404 4.77 25.75 -49.17
C ARG B 404 4.01 26.44 -50.29
N GLY B 405 4.57 26.40 -51.50
CA GLY B 405 3.92 27.04 -52.63
C GLY B 405 3.89 28.56 -52.46
N CYS B 406 2.79 29.16 -52.92
CA CYS B 406 2.57 30.60 -52.76
C CYS B 406 1.11 30.78 -52.38
N PRO B 407 0.82 31.51 -51.30
CA PRO B 407 -0.57 31.69 -50.88
C PRO B 407 -1.26 32.80 -51.67
N GLN B 408 -2.58 32.86 -51.51
CA GLN B 408 -3.35 33.91 -52.17
C GLN B 408 -3.03 35.28 -51.55
N GLU B 409 -3.25 35.43 -50.25
CA GLU B 409 -2.89 36.66 -49.58
C GLU B 409 -1.38 36.80 -49.50
N LYS B 410 -0.85 37.94 -49.92
CA LYS B 410 0.58 38.13 -50.07
C LYS B 410 1.24 38.75 -48.85
N GLU B 411 0.47 39.23 -47.88
CA GLU B 411 1.04 39.88 -46.69
C GLU B 411 0.24 39.46 -45.47
N LYS B 412 0.87 38.66 -44.60
CA LYS B 412 0.31 38.26 -43.32
C LYS B 412 1.33 38.58 -42.24
N SER B 413 1.01 38.20 -41.00
CA SER B 413 1.91 38.44 -39.88
C SER B 413 1.53 37.52 -38.73
N PHE B 414 2.55 37.04 -38.00
CA PHE B 414 2.35 36.18 -36.85
C PHE B 414 3.27 36.63 -35.72
N THR B 415 3.18 35.94 -34.58
CA THR B 415 3.81 36.39 -33.35
C THR B 415 4.56 35.24 -32.68
N ILE B 416 5.73 35.55 -32.13
CA ILE B 416 6.49 34.64 -31.29
C ILE B 416 6.56 35.26 -29.90
N LYS B 417 5.99 34.58 -28.90
CA LYS B 417 5.92 35.12 -27.55
C LYS B 417 6.18 34.02 -26.53
N PRO B 418 7.08 34.25 -25.57
CA PRO B 418 7.24 33.26 -24.49
C PRO B 418 6.01 33.21 -23.61
N VAL B 419 5.83 32.06 -22.95
CA VAL B 419 4.66 31.86 -22.09
C VAL B 419 4.77 32.76 -20.87
N GLY B 420 3.77 33.63 -20.69
CA GLY B 420 3.70 34.51 -19.54
C GLY B 420 4.39 35.85 -19.71
N PHE B 421 5.21 36.02 -20.74
CA PHE B 421 5.92 37.26 -20.96
C PHE B 421 5.00 38.31 -21.58
N LYS B 422 5.34 39.58 -21.36
CA LYS B 422 4.59 40.69 -21.93
C LYS B 422 5.04 41.00 -23.35
N ASP B 423 6.36 41.05 -23.57
CA ASP B 423 6.90 41.37 -24.89
C ASP B 423 6.81 40.17 -25.82
N SER B 424 7.02 40.43 -27.11
CA SER B 424 6.88 39.40 -28.13
C SER B 424 7.62 39.86 -29.38
N LEU B 425 7.84 38.91 -30.28
CA LEU B 425 8.45 39.17 -31.59
C LEU B 425 7.37 39.04 -32.66
N ILE B 426 7.08 40.15 -33.34
CA ILE B 426 6.13 40.16 -34.43
C ILE B 426 6.89 39.95 -35.74
N VAL B 427 6.46 38.99 -36.54
CA VAL B 427 7.10 38.66 -37.80
C VAL B 427 6.16 39.07 -38.93
N GLN B 428 6.47 40.17 -39.60
CA GLN B 428 5.69 40.64 -40.74
C GLN B 428 6.20 39.93 -41.99
N VAL B 429 5.38 39.03 -42.54
CA VAL B 429 5.76 38.20 -43.67
C VAL B 429 5.20 38.81 -44.94
N THR B 430 6.01 38.78 -46.00
CA THR B 430 5.58 39.17 -47.34
C THR B 430 5.97 38.07 -48.31
N PHE B 431 5.03 37.68 -49.17
CA PHE B 431 5.24 36.59 -50.12
C PHE B 431 5.50 37.18 -51.50
N ASP B 432 6.77 37.33 -51.85
CA ASP B 432 7.17 37.86 -53.15
C ASP B 432 7.13 36.72 -54.17
N CYS B 433 5.98 36.56 -54.82
CA CYS B 433 5.82 35.55 -55.86
C CYS B 433 5.72 36.14 -57.26
N ASP B 434 5.27 37.38 -57.38
CA ASP B 434 5.08 38.02 -58.68
C ASP B 434 6.35 38.73 -59.14
N CYS B 435 6.32 39.20 -60.38
CA CYS B 435 7.41 39.96 -60.97
C CYS B 435 7.00 41.42 -61.12
N ALA B 436 7.98 42.31 -61.05
CA ALA B 436 7.69 43.74 -61.18
C ALA B 436 7.20 44.09 -62.57
N CYS B 437 7.69 43.38 -63.59
CA CYS B 437 7.30 43.65 -64.97
C CYS B 437 5.84 43.33 -65.24
N GLN B 438 5.15 42.64 -64.33
CA GLN B 438 3.74 42.36 -64.53
C GLN B 438 2.89 43.61 -64.31
N ALA B 439 3.34 44.52 -63.45
CA ALA B 439 2.60 45.75 -63.18
C ALA B 439 2.54 46.68 -64.38
N GLN B 440 3.23 46.35 -65.46
CA GLN B 440 3.27 47.18 -66.67
C GLN B 440 2.92 46.34 -67.89
N ALA B 441 1.94 45.45 -67.75
CA ALA B 441 1.53 44.59 -68.85
C ALA B 441 0.72 45.36 -69.88
N GLU B 442 0.68 44.82 -71.10
CA GLU B 442 -0.06 45.43 -72.20
C GLU B 442 -1.27 44.56 -72.53
N PRO B 443 -2.45 44.84 -71.98
CA PRO B 443 -3.63 44.07 -72.36
C PRO B 443 -4.11 44.43 -73.76
N ASN B 444 -4.59 43.41 -74.48
CA ASN B 444 -4.99 43.55 -75.88
C ASN B 444 -3.82 44.06 -76.73
N SER B 445 -2.65 43.47 -76.50
CA SER B 445 -1.45 43.89 -77.21
C SER B 445 -1.54 43.52 -78.68
N HIS B 446 -1.03 44.39 -79.54
CA HIS B 446 -0.98 44.13 -80.97
C HIS B 446 0.27 43.36 -81.35
N ARG B 447 0.97 42.77 -80.38
CA ARG B 447 2.03 41.82 -80.62
C ARG B 447 1.59 40.37 -80.43
N CYS B 448 0.39 40.16 -79.88
CA CYS B 448 -0.07 38.84 -79.43
C CYS B 448 -1.36 38.48 -80.15
N ASN B 449 -1.23 37.91 -81.35
CA ASN B 449 -2.34 37.25 -82.04
C ASN B 449 -3.48 38.22 -82.33
N ASN B 450 -3.12 39.40 -82.84
CA ASN B 450 -4.08 40.43 -83.24
C ASN B 450 -5.01 40.82 -82.09
N GLY B 451 -4.40 41.19 -80.96
CA GLY B 451 -5.18 41.67 -79.84
C GLY B 451 -5.87 40.61 -79.03
N ASN B 452 -5.67 39.33 -79.35
CA ASN B 452 -6.29 38.24 -78.59
C ASN B 452 -5.48 37.83 -77.37
N GLY B 453 -4.43 38.57 -77.02
CA GLY B 453 -3.60 38.21 -75.89
C GLY B 453 -2.98 39.43 -75.24
N THR B 454 -2.29 39.18 -74.13
CA THR B 454 -1.65 40.21 -73.34
C THR B 454 -0.13 40.04 -73.37
N PHE B 455 0.59 41.14 -73.47
CA PHE B 455 2.04 41.15 -73.54
C PHE B 455 2.59 41.63 -72.19
N GLU B 456 3.22 40.72 -71.45
CA GLU B 456 3.82 41.06 -70.17
C GLU B 456 5.20 40.41 -70.06
N CYS B 457 6.14 41.16 -69.49
CA CYS B 457 7.49 40.66 -69.20
C CYS B 457 8.17 40.08 -70.44
N GLY B 458 7.79 40.56 -71.63
CA GLY B 458 8.44 40.13 -72.84
C GLY B 458 7.93 38.84 -73.46
N VAL B 459 6.70 38.44 -73.13
CA VAL B 459 6.06 37.27 -73.72
C VAL B 459 4.58 37.55 -73.91
N CYS B 460 3.90 36.64 -74.61
CA CYS B 460 2.48 36.75 -74.89
C CYS B 460 1.70 35.75 -74.04
N ARG B 461 0.69 36.25 -73.33
CA ARG B 461 -0.19 35.41 -72.53
C ARG B 461 -1.62 35.57 -73.05
N CYS B 462 -2.36 34.46 -73.04
CA CYS B 462 -3.76 34.50 -73.44
C CYS B 462 -4.57 35.34 -72.45
N GLY B 463 -5.32 36.31 -72.97
CA GLY B 463 -6.06 37.21 -72.13
C GLY B 463 -7.20 36.53 -71.40
N PRO B 464 -7.93 37.32 -70.60
CA PRO B 464 -9.06 36.76 -69.85
C PRO B 464 -10.14 36.23 -70.80
N GLY B 465 -10.79 35.15 -70.37
CA GLY B 465 -11.86 34.54 -71.13
C GLY B 465 -11.42 33.49 -72.13
N TRP B 466 -10.13 33.29 -72.31
CA TRP B 466 -9.63 32.29 -73.25
C TRP B 466 -9.21 31.01 -72.52
N LEU C 1 38.24 -43.12 24.94
CA LEU C 1 37.53 -42.07 24.21
C LEU C 1 38.41 -41.48 23.12
N ASN C 2 37.82 -40.64 22.27
CA ASN C 2 38.53 -40.06 21.15
C ASN C 2 39.23 -38.77 21.54
N LEU C 3 38.48 -37.69 21.69
CA LEU C 3 39.05 -36.41 22.09
C LEU C 3 39.27 -36.39 23.60
N ASP C 4 40.48 -36.05 24.02
CA ASP C 4 40.83 -36.03 25.43
C ASP C 4 40.17 -34.84 26.12
N PRO C 5 39.20 -35.05 27.01
CA PRO C 5 38.57 -33.92 27.71
C PRO C 5 39.22 -33.55 29.03
N VAL C 6 40.35 -34.17 29.37
CA VAL C 6 40.99 -33.99 30.66
C VAL C 6 42.14 -33.00 30.59
N GLN C 7 43.08 -33.22 29.67
N GLN C 7 43.08 -33.23 29.68
CA GLN C 7 44.25 -32.37 29.49
CA GLN C 7 44.25 -32.37 29.49
C GLN C 7 44.04 -31.53 28.25
C GLN C 7 44.03 -31.53 28.24
N LEU C 8 43.44 -30.35 28.43
CA LEU C 8 43.18 -29.44 27.33
C LEU C 8 44.30 -28.41 27.21
N THR C 9 44.31 -27.72 26.07
CA THR C 9 45.21 -26.59 25.84
C THR C 9 44.36 -25.34 25.64
N PHE C 10 44.73 -24.26 26.33
CA PHE C 10 43.96 -23.02 26.29
C PHE C 10 44.84 -21.89 25.76
N TYR C 11 44.33 -21.19 24.75
CA TYR C 11 44.91 -19.94 24.27
C TYR C 11 43.96 -18.80 24.63
N ALA C 12 44.54 -17.64 24.93
CA ALA C 12 43.75 -16.50 25.40
C ALA C 12 44.20 -15.22 24.72
N GLY C 13 43.23 -14.34 24.48
CA GLY C 13 43.49 -13.02 23.96
C GLY C 13 43.10 -11.95 24.95
N PRO C 14 43.12 -10.69 24.51
CA PRO C 14 42.78 -9.59 25.42
C PRO C 14 41.30 -9.59 25.79
N ASN C 15 40.99 -8.92 26.90
CA ASN C 15 39.60 -8.80 27.32
C ASN C 15 38.81 -7.99 26.30
N GLY C 16 37.58 -8.45 26.02
CA GLY C 16 36.69 -7.71 25.15
C GLY C 16 37.07 -7.78 23.68
N SER C 17 38.17 -8.46 23.39
CA SER C 17 38.64 -8.57 22.02
C SER C 17 37.83 -9.57 21.20
N GLN C 18 37.00 -10.40 21.84
CA GLN C 18 36.29 -11.49 21.18
C GLN C 18 37.26 -12.46 20.50
N PHE C 19 38.42 -12.65 21.12
CA PHE C 19 39.38 -13.65 20.71
C PHE C 19 38.71 -15.02 20.63
N GLY C 20 38.77 -15.64 19.45
CA GLY C 20 38.13 -16.91 19.23
C GLY C 20 36.84 -16.86 18.43
N PHE C 21 36.43 -15.67 17.99
CA PHE C 21 35.24 -15.55 17.15
C PHE C 21 35.38 -16.37 15.87
N SER C 22 36.59 -16.47 15.34
CA SER C 22 36.88 -17.30 14.18
C SER C 22 38.29 -17.85 14.32
N LEU C 23 38.52 -19.03 13.75
CA LEU C 23 39.81 -19.68 13.83
C LEU C 23 39.96 -20.69 12.71
N ASP C 24 41.20 -21.11 12.48
CA ASP C 24 41.51 -22.13 11.48
C ASP C 24 42.90 -22.67 11.76
N PHE C 25 43.21 -23.80 11.13
CA PHE C 25 44.55 -24.36 11.16
C PHE C 25 45.37 -23.76 10.02
N HIS C 26 46.65 -23.51 10.28
CA HIS C 26 47.54 -22.87 9.31
C HIS C 26 48.86 -23.62 9.25
N LYS C 27 49.15 -24.22 8.10
CA LYS C 27 50.45 -24.82 7.84
C LYS C 27 51.36 -23.79 7.19
N ASP C 28 52.58 -23.68 7.70
CA ASP C 28 53.58 -22.82 7.07
C ASP C 28 54.18 -23.54 5.87
N SER C 29 55.28 -23.00 5.33
CA SER C 29 55.92 -23.64 4.19
C SER C 29 56.63 -24.93 4.58
N HIS C 30 56.90 -25.13 5.87
CA HIS C 30 57.56 -26.34 6.35
C HIS C 30 56.57 -27.39 6.86
N GLY C 31 55.27 -27.14 6.76
CA GLY C 31 54.27 -28.07 7.23
C GLY C 31 53.94 -27.99 8.70
N ARG C 32 54.59 -27.08 9.44
CA ARG C 32 54.31 -26.95 10.86
C ARG C 32 52.95 -26.29 11.08
N VAL C 33 52.12 -26.94 11.88
CA VAL C 33 50.73 -26.52 12.07
C VAL C 33 50.65 -25.51 13.21
N ALA C 34 49.99 -24.38 12.96
CA ALA C 34 49.70 -23.37 13.97
C ALA C 34 48.21 -23.09 13.96
N ILE C 35 47.78 -22.12 14.76
CA ILE C 35 46.38 -21.72 14.85
C ILE C 35 46.29 -20.23 14.62
N VAL C 36 45.46 -19.83 13.66
CA VAL C 36 45.12 -18.43 13.44
C VAL C 36 43.80 -18.15 14.13
N VAL C 37 43.74 -17.06 14.90
CA VAL C 37 42.57 -16.73 15.69
C VAL C 37 42.11 -15.33 15.34
N GLY C 38 40.81 -15.17 15.12
CA GLY C 38 40.24 -13.86 14.87
C GLY C 38 39.68 -13.25 16.16
N ALA C 39 39.92 -11.95 16.31
CA ALA C 39 39.45 -11.19 17.48
C ALA C 39 38.87 -9.87 16.99
N PRO C 40 37.62 -9.88 16.53
CA PRO C 40 37.09 -8.74 15.76
C PRO C 40 36.81 -7.49 16.59
N ARG C 41 37.02 -7.48 17.90
CA ARG C 41 36.85 -6.27 18.69
C ARG C 41 38.16 -5.86 19.38
N THR C 42 39.29 -6.29 18.82
CA THR C 42 40.59 -5.86 19.35
C THR C 42 40.79 -4.37 19.11
N LEU C 43 41.32 -3.69 20.12
CA LEU C 43 41.58 -2.26 20.00
C LEU C 43 42.64 -1.99 18.94
N GLY C 44 42.46 -0.89 18.20
CA GLY C 44 43.43 -0.47 17.23
C GLY C 44 44.36 0.59 17.80
N PRO C 45 45.11 1.26 16.93
CA PRO C 45 46.00 2.32 17.43
C PRO C 45 45.25 3.55 17.91
N SER C 46 44.14 3.89 17.27
CA SER C 46 43.28 5.02 17.63
C SER C 46 42.48 4.77 18.89
N GLN C 47 42.74 3.66 19.59
CA GLN C 47 42.03 3.27 20.80
C GLN C 47 40.55 2.99 20.53
N GLU C 48 40.18 2.79 19.28
CA GLU C 48 38.84 2.36 18.90
C GLU C 48 38.90 0.93 18.38
N GLU C 49 37.78 0.22 18.53
CA GLU C 49 37.71 -1.17 18.10
C GLU C 49 37.91 -1.27 16.59
N THR C 50 38.87 -2.10 16.19
CA THR C 50 39.12 -2.41 14.78
C THR C 50 39.19 -3.88 14.49
N GLY C 51 39.38 -4.74 15.50
CA GLY C 51 39.63 -6.14 15.27
C GLY C 51 41.12 -6.44 15.14
N GLY C 52 41.43 -7.73 15.21
CA GLY C 52 42.82 -8.15 15.13
C GLY C 52 42.90 -9.63 14.86
N VAL C 53 44.11 -10.07 14.50
CA VAL C 53 44.39 -11.46 14.18
C VAL C 53 45.60 -11.91 14.99
N PHE C 54 45.58 -13.17 15.41
CA PHE C 54 46.66 -13.75 16.19
C PHE C 54 47.06 -15.09 15.59
N LEU C 55 48.37 -15.32 15.49
CA LEU C 55 48.92 -16.56 14.94
C LEU C 55 49.54 -17.33 16.11
N CYS C 56 48.79 -18.29 16.65
CA CYS C 56 49.22 -19.03 17.83
C CYS C 56 50.08 -20.21 17.43
N PRO C 57 51.35 -20.25 17.83
CA PRO C 57 52.14 -21.46 17.59
C PRO C 57 51.70 -22.58 18.53
N TRP C 58 51.84 -23.82 18.05
CA TRP C 58 51.37 -24.97 18.81
C TRP C 58 52.26 -25.19 20.02
N ARG C 59 51.70 -24.98 21.21
CA ARG C 59 52.37 -25.28 22.47
C ARG C 59 51.36 -25.97 23.36
N ALA C 60 51.70 -27.17 23.83
CA ALA C 60 50.75 -27.96 24.62
C ALA C 60 50.27 -27.23 25.87
N GLU C 61 51.01 -26.24 26.34
CA GLU C 61 50.57 -25.43 27.48
C GLU C 61 49.79 -24.19 27.06
N GLY C 62 49.71 -23.90 25.77
CA GLY C 62 49.02 -22.72 25.27
C GLY C 62 49.62 -21.39 25.63
N GLY C 63 48.79 -20.47 26.09
CA GLY C 63 49.23 -19.16 26.52
C GLY C 63 48.86 -18.06 25.55
N GLN C 64 49.61 -16.97 25.63
CA GLN C 64 49.39 -15.82 24.76
C GLN C 64 49.92 -16.11 23.35
N CYS C 65 49.52 -15.28 22.40
CA CYS C 65 49.92 -15.45 21.01
C CYS C 65 50.38 -14.12 20.44
N PRO C 66 51.29 -14.15 19.47
CA PRO C 66 51.70 -12.91 18.80
C PRO C 66 50.64 -12.43 17.83
N SER C 67 50.67 -11.13 17.57
CA SER C 67 49.72 -10.50 16.67
C SER C 67 50.19 -10.61 15.22
N LEU C 68 49.27 -10.95 14.32
CA LEU C 68 49.51 -10.88 12.90
C LEU C 68 49.09 -9.48 12.44
N LEU C 69 50.07 -8.64 12.15
CA LEU C 69 49.82 -7.21 11.97
C LEU C 69 49.25 -6.90 10.60
N PHE C 70 48.32 -5.94 10.57
CA PHE C 70 47.76 -5.41 9.33
C PHE C 70 47.70 -3.89 9.44
N ASP C 71 47.53 -3.25 8.29
CA ASP C 71 47.43 -1.79 8.24
C ASP C 71 46.03 -1.36 8.68
N LEU C 72 45.96 -0.64 9.80
CA LEU C 72 44.69 -0.19 10.37
C LEU C 72 44.47 1.31 10.18
N ARG C 73 45.00 1.87 9.10
CA ARG C 73 44.92 3.30 8.83
C ARG C 73 43.74 3.59 7.91
N ASP C 74 42.95 4.61 8.25
CA ASP C 74 41.95 5.11 7.35
C ASP C 74 42.63 5.76 6.14
N GLU C 75 42.23 5.36 4.95
CA GLU C 75 42.88 5.78 3.72
C GLU C 75 41.99 6.77 2.97
N THR C 76 42.63 7.71 2.28
CA THR C 76 41.94 8.71 1.48
C THR C 76 42.73 8.93 0.19
N ARG C 77 42.03 8.88 -0.95
CA ARG C 77 42.63 9.14 -2.24
C ARG C 77 41.76 10.15 -3.00
N ASN C 78 42.37 11.27 -3.38
CA ASN C 78 41.71 12.26 -4.22
C ASN C 78 42.14 12.00 -5.66
N VAL C 79 41.25 11.36 -6.43
CA VAL C 79 41.57 10.93 -7.78
C VAL C 79 40.30 10.98 -8.63
N GLY C 80 40.47 11.32 -9.91
CA GLY C 80 39.34 11.37 -10.82
C GLY C 80 38.28 12.37 -10.44
N SER C 81 38.70 13.52 -9.89
CA SER C 81 37.81 14.54 -9.35
C SER C 81 36.89 13.98 -8.27
N GLN C 82 37.28 12.87 -7.65
CA GLN C 82 36.54 12.24 -6.58
C GLN C 82 37.45 12.06 -5.37
N THR C 83 36.84 11.72 -4.24
CA THR C 83 37.57 11.48 -2.99
C THR C 83 37.16 10.11 -2.44
N LEU C 84 38.09 9.16 -2.48
CA LEU C 84 37.84 7.82 -1.97
C LEU C 84 38.19 7.75 -0.49
N GLN C 85 37.40 6.99 0.26
CA GLN C 85 37.56 6.92 1.71
C GLN C 85 37.35 5.49 2.19
N THR C 86 38.21 5.04 3.10
CA THR C 86 38.02 3.80 3.83
C THR C 86 37.92 4.12 5.32
N PHE C 87 37.01 3.43 6.01
CA PHE C 87 36.78 3.62 7.43
C PHE C 87 36.91 2.26 8.11
N LYS C 88 37.95 2.08 8.92
CA LYS C 88 38.25 0.81 9.55
C LYS C 88 37.83 0.74 11.01
N ALA C 89 37.18 1.78 11.53
CA ALA C 89 36.65 1.73 12.88
C ALA C 89 35.47 0.77 12.94
N ARG C 90 35.50 -0.15 13.90
CA ARG C 90 34.47 -1.17 14.07
C ARG C 90 34.30 -2.04 12.83
N GLN C 91 35.39 -2.26 12.09
CA GLN C 91 35.33 -3.07 10.88
C GLN C 91 35.24 -4.56 11.20
N GLY C 92 35.58 -4.97 12.42
CA GLY C 92 35.52 -6.37 12.78
C GLY C 92 36.55 -7.23 12.10
N LEU C 93 37.80 -6.76 12.00
CA LEU C 93 38.86 -7.56 11.43
C LEU C 93 39.09 -8.80 12.28
N GLY C 94 38.90 -9.96 11.67
CA GLY C 94 38.95 -11.22 12.40
C GLY C 94 37.60 -11.86 12.62
N ALA C 95 36.51 -11.26 12.11
CA ALA C 95 35.21 -11.90 12.15
C ALA C 95 35.17 -13.16 11.31
N SER C 96 36.15 -13.37 10.45
CA SER C 96 36.30 -14.61 9.69
C SER C 96 37.77 -14.75 9.29
N VAL C 97 38.30 -15.96 9.44
CA VAL C 97 39.66 -16.26 9.03
C VAL C 97 39.67 -17.62 8.35
N VAL C 98 40.60 -17.79 7.40
CA VAL C 98 40.77 -19.06 6.70
C VAL C 98 42.20 -19.11 6.19
N SER C 99 42.76 -20.32 6.12
CA SER C 99 44.12 -20.52 5.68
C SER C 99 44.15 -21.43 4.45
N TRP C 100 45.08 -21.14 3.56
CA TRP C 100 45.34 -21.97 2.38
C TRP C 100 46.79 -21.79 1.99
N SER C 101 47.49 -22.91 1.78
CA SER C 101 48.93 -22.89 1.56
C SER C 101 49.60 -22.12 2.70
N ASP C 102 50.59 -21.27 2.37
CA ASP C 102 51.23 -20.43 3.36
C ASP C 102 50.61 -19.04 3.45
N VAL C 103 49.30 -18.94 3.26
CA VAL C 103 48.60 -17.65 3.17
C VAL C 103 47.44 -17.65 4.15
N ILE C 104 47.21 -16.50 4.77
CA ILE C 104 46.09 -16.29 5.69
C ILE C 104 45.18 -15.20 5.12
N VAL C 105 43.87 -15.40 5.22
CA VAL C 105 42.88 -14.43 4.77
C VAL C 105 42.01 -14.07 5.96
N ALA C 106 42.22 -12.88 6.52
CA ALA C 106 41.41 -12.34 7.61
C ALA C 106 40.58 -11.19 7.05
N CYS C 107 39.29 -11.19 7.39
CA CYS C 107 38.33 -10.29 6.75
C CYS C 107 37.66 -9.39 7.77
N ALA C 108 37.39 -8.15 7.37
CA ALA C 108 36.62 -7.17 8.14
C ALA C 108 35.32 -6.92 7.41
N PRO C 109 34.23 -7.62 7.77
CA PRO C 109 32.99 -7.49 6.99
C PRO C 109 32.28 -6.16 7.19
N TRP C 110 32.64 -5.38 8.21
CA TRP C 110 31.96 -4.12 8.48
C TRP C 110 32.86 -2.91 8.25
N GLN C 111 33.94 -3.09 7.48
CA GLN C 111 34.71 -1.95 7.01
C GLN C 111 33.86 -1.12 6.05
N HIS C 112 33.86 0.18 6.25
CA HIS C 112 32.99 1.05 5.48
C HIS C 112 33.76 1.75 4.36
N TRP C 113 33.01 2.22 3.37
CA TRP C 113 33.56 2.74 2.13
C TRP C 113 32.70 3.90 1.66
N ASN C 114 33.33 4.93 1.11
CA ASN C 114 32.60 6.10 0.63
C ASN C 114 33.39 6.75 -0.50
N VAL C 115 32.64 7.40 -1.39
CA VAL C 115 33.19 8.13 -2.53
C VAL C 115 32.52 9.49 -2.58
N LEU C 116 33.33 10.54 -2.71
CA LEU C 116 32.84 11.92 -2.68
C LEU C 116 33.13 12.60 -4.00
N GLU C 117 32.09 13.19 -4.60
CA GLU C 117 32.22 13.98 -5.82
C GLU C 117 31.40 15.26 -5.61
N LYS C 118 32.06 16.31 -5.15
CA LYS C 118 31.42 17.61 -4.86
C LYS C 118 30.34 17.36 -3.82
N THR C 119 29.08 17.76 -4.07
CA THR C 119 28.05 17.59 -3.07
C THR C 119 27.54 16.15 -3.01
N GLU C 120 27.67 15.42 -4.11
CA GLU C 120 27.13 14.08 -4.18
C GLU C 120 28.09 13.06 -3.57
N GLU C 121 27.58 11.86 -3.33
CA GLU C 121 28.36 10.80 -2.71
C GLU C 121 27.72 9.47 -3.07
N ALA C 122 28.50 8.41 -2.86
CA ALA C 122 28.04 7.05 -3.03
C ALA C 122 27.39 6.48 -1.77
N GLU C 123 27.39 7.25 -0.68
CA GLU C 123 26.88 6.84 0.64
C GLU C 123 27.90 6.00 1.39
N LYS C 124 27.97 6.20 2.71
CA LYS C 124 28.92 5.51 3.57
C LYS C 124 28.30 4.17 3.98
N THR C 125 28.78 3.09 3.39
CA THR C 125 28.17 1.77 3.53
C THR C 125 29.25 0.73 3.81
N PRO C 126 28.89 -0.36 4.50
CA PRO C 126 29.87 -1.41 4.79
C PRO C 126 30.07 -2.38 3.62
N VAL C 127 30.98 -2.04 2.71
CA VAL C 127 31.31 -2.98 1.64
C VAL C 127 32.12 -4.15 2.15
N GLY C 128 32.74 -4.04 3.33
CA GLY C 128 33.63 -5.07 3.81
C GLY C 128 34.94 -5.16 3.05
N SER C 129 35.97 -5.70 3.69
CA SER C 129 37.27 -5.87 3.04
C SER C 129 37.99 -7.02 3.72
N CYS C 130 38.73 -7.79 2.92
CA CYS C 130 39.54 -8.90 3.40
C CYS C 130 41.02 -8.57 3.30
N PHE C 131 41.75 -8.92 4.35
CA PHE C 131 43.20 -8.73 4.43
C PHE C 131 43.89 -10.07 4.21
N LEU C 132 44.89 -10.08 3.34
CA LEU C 132 45.66 -11.28 3.05
C LEU C 132 47.09 -11.11 3.54
N ALA C 133 47.71 -12.21 3.95
CA ALA C 133 49.04 -12.17 4.50
C ALA C 133 49.77 -13.47 4.17
N GLN C 134 51.06 -13.34 3.88
CA GLN C 134 51.99 -14.47 3.81
C GLN C 134 52.98 -14.26 4.94
N PRO C 135 52.73 -14.84 6.12
CA PRO C 135 53.50 -14.46 7.32
C PRO C 135 54.99 -14.66 7.21
N GLU C 136 55.45 -15.73 6.54
CA GLU C 136 56.89 -15.98 6.47
C GLU C 136 57.60 -14.92 5.64
N SER C 137 56.95 -14.43 4.58
CA SER C 137 57.56 -13.42 3.72
C SER C 137 57.18 -12.00 4.11
N GLY C 138 56.20 -11.82 4.99
CA GLY C 138 55.72 -10.51 5.36
C GLY C 138 54.87 -9.81 4.32
N ARG C 139 54.65 -10.44 3.17
CA ARG C 139 53.86 -9.82 2.12
C ARG C 139 52.40 -9.65 2.56
N ARG C 140 51.79 -8.59 2.06
CA ARG C 140 50.41 -8.26 2.39
C ARG C 140 49.62 -7.95 1.12
N ALA C 141 48.31 -8.07 1.23
CA ALA C 141 47.40 -7.76 0.14
C ALA C 141 46.00 -7.61 0.71
N GLU C 142 45.20 -6.76 0.07
CA GLU C 142 43.81 -6.56 0.43
C GLU C 142 42.93 -6.92 -0.76
N TYR C 143 41.67 -7.25 -0.46
CA TYR C 143 40.70 -7.60 -1.49
C TYR C 143 39.34 -7.10 -1.06
N SER C 144 38.80 -6.12 -1.78
CA SER C 144 37.51 -5.52 -1.47
C SER C 144 36.73 -5.35 -2.77
N PRO C 145 36.09 -6.43 -3.23
CA PRO C 145 35.51 -6.43 -4.58
C PRO C 145 34.21 -5.67 -4.72
N CYS C 146 33.62 -5.19 -3.63
CA CYS C 146 32.35 -4.49 -3.70
C CYS C 146 32.48 -2.97 -3.63
N ARG C 147 33.71 -2.45 -3.63
CA ARG C 147 33.90 -1.01 -3.67
C ARG C 147 33.52 -0.48 -5.05
N GLY C 148 32.76 0.62 -5.08
CA GLY C 148 32.36 1.24 -6.32
C GLY C 148 32.46 2.74 -6.23
N ASN C 149 32.37 3.38 -7.39
CA ASN C 149 32.44 4.84 -7.49
C ASN C 149 31.15 5.45 -8.02
N THR C 150 30.05 4.70 -8.02
CA THR C 150 28.78 5.20 -8.52
C THR C 150 28.07 5.99 -7.43
N LEU C 151 27.59 7.19 -7.79
CA LEU C 151 26.99 8.08 -6.82
C LEU C 151 25.58 7.61 -6.43
N SER C 152 25.09 8.15 -5.32
CA SER C 152 23.81 7.70 -4.75
C SER C 152 22.66 7.95 -5.70
N ARG C 153 22.71 9.06 -6.44
CA ARG C 153 21.62 9.41 -7.35
C ARG C 153 21.38 8.32 -8.39
N ILE C 154 22.43 7.61 -8.80
CA ILE C 154 22.31 6.67 -9.91
C ILE C 154 21.58 5.41 -9.48
N TYR C 155 21.90 4.87 -8.30
CA TYR C 155 21.22 3.66 -7.84
C TYR C 155 19.71 3.86 -7.72
N VAL C 156 19.28 5.06 -7.34
CA VAL C 156 17.86 5.33 -7.23
C VAL C 156 17.19 5.29 -8.59
N GLU C 157 17.84 5.84 -9.61
CA GLU C 157 17.26 5.86 -10.95
C GLU C 157 17.10 4.45 -11.51
N ASN C 158 17.98 3.53 -11.14
CA ASN C 158 17.97 2.17 -11.67
C ASN C 158 17.26 1.19 -10.74
N ASP C 159 16.47 1.69 -9.79
CA ASP C 159 15.72 0.85 -8.84
C ASP C 159 16.66 -0.02 -8.00
N PHE C 160 17.81 0.54 -7.64
CA PHE C 160 18.79 -0.15 -6.78
C PHE C 160 19.24 -1.48 -7.38
N SER C 161 19.56 -1.45 -8.69
CA SER C 161 20.06 -2.63 -9.37
C SER C 161 21.59 -2.66 -9.29
N TRP C 162 22.13 -3.85 -9.04
CA TRP C 162 23.57 -4.06 -8.90
C TRP C 162 24.15 -3.16 -7.81
N ASP C 163 23.48 -3.16 -6.65
CA ASP C 163 23.84 -2.32 -5.51
C ASP C 163 24.70 -3.14 -4.57
N LYS C 164 26.02 -3.05 -4.74
CA LYS C 164 26.97 -3.82 -3.94
C LYS C 164 27.55 -3.01 -2.78
N ARG C 165 26.87 -1.94 -2.37
CA ARG C 165 27.44 -1.05 -1.37
C ARG C 165 27.43 -1.65 0.03
N TYR C 166 26.51 -2.56 0.32
CA TYR C 166 26.37 -3.14 1.66
C TYR C 166 26.75 -4.62 1.67
N CYS C 167 27.70 -5.01 0.82
CA CYS C 167 28.08 -6.41 0.68
C CYS C 167 28.42 -7.05 2.01
N GLU C 168 29.30 -6.41 2.78
CA GLU C 168 29.98 -7.04 3.91
C GLU C 168 30.76 -8.26 3.44
N ALA C 169 31.55 -8.06 2.40
CA ALA C 169 32.40 -9.13 1.88
C ALA C 169 33.34 -9.63 2.97
N GLY C 170 33.52 -10.94 3.03
CA GLY C 170 34.28 -11.56 4.09
C GLY C 170 33.46 -11.95 5.31
N PHE C 171 32.15 -11.72 5.27
CA PHE C 171 31.27 -12.23 6.32
C PHE C 171 31.46 -13.72 6.51
N SER C 172 31.58 -14.47 5.41
CA SER C 172 32.01 -15.85 5.42
C SER C 172 33.02 -16.03 4.30
N SER C 173 33.81 -17.10 4.39
CA SER C 173 34.87 -17.30 3.41
C SER C 173 35.24 -18.78 3.34
N VAL C 174 36.02 -19.11 2.32
CA VAL C 174 36.47 -20.47 2.02
C VAL C 174 37.43 -20.37 0.84
N VAL C 175 38.38 -21.30 0.74
CA VAL C 175 39.35 -21.32 -0.34
C VAL C 175 39.38 -22.72 -0.93
N THR C 176 39.27 -22.81 -2.26
CA THR C 176 39.30 -24.10 -2.94
C THR C 176 40.71 -24.68 -2.89
N GLN C 177 40.81 -25.97 -3.22
N GLN C 177 40.80 -25.97 -3.22
CA GLN C 177 42.10 -26.65 -3.23
CA GLN C 177 42.10 -26.64 -3.23
C GLN C 177 43.05 -26.02 -4.25
C GLN C 177 43.04 -26.05 -4.26
N ALA C 178 42.51 -25.40 -5.31
CA ALA C 178 43.33 -24.76 -6.32
C ALA C 178 43.76 -23.35 -5.93
N GLY C 179 43.17 -22.79 -4.88
CA GLY C 179 43.52 -21.46 -4.42
C GLY C 179 42.58 -20.35 -4.85
N GLU C 180 41.29 -20.66 -5.06
CA GLU C 180 40.31 -19.65 -5.44
C GLU C 180 39.59 -19.18 -4.18
N LEU C 181 39.89 -17.95 -3.76
CA LEU C 181 39.19 -17.38 -2.62
C LEU C 181 37.74 -17.07 -3.00
N VAL C 182 36.81 -17.53 -2.17
CA VAL C 182 35.38 -17.29 -2.37
C VAL C 182 34.84 -16.60 -1.13
N LEU C 183 34.28 -15.41 -1.31
CA LEU C 183 33.79 -14.60 -0.21
C LEU C 183 32.27 -14.59 -0.16
N GLY C 184 31.72 -14.52 1.04
CA GLY C 184 30.29 -14.39 1.22
C GLY C 184 29.90 -12.98 1.60
N ALA C 185 29.03 -12.36 0.80
CA ALA C 185 28.55 -11.00 1.02
C ALA C 185 27.04 -11.04 1.22
N PRO C 186 26.58 -11.23 2.45
CA PRO C 186 25.13 -11.41 2.67
C PRO C 186 24.32 -10.16 2.44
N GLY C 187 24.95 -8.99 2.41
CA GLY C 187 24.27 -7.76 2.13
C GLY C 187 24.38 -7.29 0.69
N GLY C 188 24.99 -8.08 -0.18
CA GLY C 188 25.16 -7.67 -1.56
C GLY C 188 23.84 -7.61 -2.31
N TYR C 189 23.79 -6.71 -3.30
CA TYR C 189 22.60 -6.48 -4.12
C TYR C 189 21.40 -6.14 -3.24
N TYR C 190 21.60 -5.20 -2.33
CA TYR C 190 20.58 -4.73 -1.40
C TYR C 190 20.04 -5.89 -0.56
N PHE C 191 20.94 -6.50 0.21
CA PHE C 191 20.63 -7.53 1.20
C PHE C 191 20.06 -8.80 0.57
N LEU C 192 20.20 -8.97 -0.75
CA LEU C 192 19.95 -10.27 -1.34
C LEU C 192 21.10 -11.23 -1.02
N GLY C 193 22.33 -10.73 -1.13
CA GLY C 193 23.51 -11.55 -0.88
C GLY C 193 24.18 -11.99 -2.17
N LEU C 194 25.50 -11.98 -2.20
CA LEU C 194 26.24 -12.38 -3.38
C LEU C 194 27.50 -13.14 -2.96
N LEU C 195 28.20 -13.66 -3.96
CA LEU C 195 29.47 -14.36 -3.78
C LEU C 195 30.52 -13.69 -4.64
N ALA C 196 31.72 -13.54 -4.08
CA ALA C 196 32.86 -12.99 -4.79
C ALA C 196 33.98 -14.02 -4.84
N GLN C 197 34.46 -14.31 -6.04
CA GLN C 197 35.54 -15.27 -6.25
C GLN C 197 36.72 -14.58 -6.92
N ALA C 198 37.93 -14.95 -6.50
CA ALA C 198 39.16 -14.42 -7.10
C ALA C 198 40.34 -15.29 -6.68
N PRO C 199 41.23 -15.63 -7.60
CA PRO C 199 42.41 -16.42 -7.21
C PRO C 199 43.30 -15.66 -6.25
N VAL C 200 43.93 -16.41 -5.33
CA VAL C 200 44.78 -15.79 -4.31
C VAL C 200 45.95 -15.08 -4.96
N ALA C 201 46.68 -15.78 -5.83
CA ALA C 201 47.86 -15.20 -6.46
C ALA C 201 47.51 -13.95 -7.27
N ASP C 202 46.33 -13.95 -7.90
CA ASP C 202 45.93 -12.78 -8.68
C ASP C 202 45.58 -11.60 -7.78
N ILE C 203 45.18 -11.85 -6.54
CA ILE C 203 44.96 -10.76 -5.60
C ILE C 203 46.29 -10.11 -5.23
N PHE C 204 47.32 -10.93 -5.00
CA PHE C 204 48.63 -10.39 -4.63
C PHE C 204 49.29 -9.66 -5.81
N SER C 205 49.17 -10.23 -7.01
CA SER C 205 49.84 -9.64 -8.16
C SER C 205 49.17 -8.36 -8.66
N SER C 206 47.90 -8.16 -8.33
CA SER C 206 47.16 -6.99 -8.79
C SER C 206 47.00 -5.93 -7.72
N TYR C 207 47.43 -6.18 -6.49
CA TYR C 207 47.26 -5.22 -5.40
C TYR C 207 48.50 -4.36 -5.23
N ARG C 208 48.26 -3.06 -5.03
CA ARG C 208 49.27 -2.09 -4.67
C ARG C 208 48.67 -1.18 -3.61
N PRO C 209 49.45 -0.74 -2.63
CA PRO C 209 48.89 0.08 -1.56
C PRO C 209 48.53 1.48 -2.04
N GLY C 210 47.40 1.98 -1.57
CA GLY C 210 46.98 3.34 -1.88
C GLY C 210 46.12 3.50 -3.11
N ILE C 211 45.72 2.41 -3.75
CA ILE C 211 44.89 2.50 -4.95
C ILE C 211 43.41 2.51 -4.60
N LEU C 212 43.00 1.65 -3.65
CA LEU C 212 41.65 1.54 -3.13
C LEU C 212 40.68 0.95 -4.14
N LEU C 213 40.74 1.40 -5.40
CA LEU C 213 39.88 0.89 -6.47
C LEU C 213 40.77 0.34 -7.58
N TRP C 214 40.76 -0.99 -7.75
CA TRP C 214 41.55 -1.62 -8.78
C TRP C 214 40.79 -2.81 -9.37
N HIS C 215 41.19 -3.18 -10.59
CA HIS C 215 40.52 -4.26 -11.32
C HIS C 215 41.24 -5.57 -11.09
N VAL C 216 40.49 -6.59 -10.67
CA VAL C 216 40.95 -7.97 -10.64
C VAL C 216 40.16 -8.70 -11.73
N SER C 217 40.78 -8.86 -12.90
CA SER C 217 40.05 -9.34 -14.07
C SER C 217 39.60 -10.79 -13.90
N SER C 218 40.42 -11.62 -13.24
CA SER C 218 40.08 -13.02 -13.06
C SER C 218 38.99 -13.24 -12.01
N GLN C 219 38.47 -12.19 -11.40
CA GLN C 219 37.44 -12.36 -10.38
C GLN C 219 36.09 -12.65 -11.03
N SER C 220 35.18 -13.21 -10.23
CA SER C 220 33.87 -13.60 -10.72
C SER C 220 32.86 -13.47 -9.59
N LEU C 221 31.89 -12.58 -9.77
CA LEU C 221 30.86 -12.33 -8.78
C LEU C 221 29.52 -12.92 -9.23
N SER C 222 28.70 -13.30 -8.25
CA SER C 222 27.37 -13.80 -8.55
C SER C 222 26.48 -12.65 -8.99
N PHE C 223 25.22 -12.96 -9.30
CA PHE C 223 24.34 -12.06 -10.00
C PHE C 223 23.18 -11.61 -9.14
N ASP C 224 22.57 -10.49 -9.55
CA ASP C 224 21.41 -9.94 -8.87
C ASP C 224 20.15 -10.71 -9.29
N SER C 225 19.01 -10.31 -8.72
CA SER C 225 17.76 -11.02 -8.99
C SER C 225 16.58 -10.14 -8.60
N SER C 226 15.58 -10.09 -9.48
CA SER C 226 14.32 -9.41 -9.19
C SER C 226 13.29 -10.34 -8.56
N ASN C 227 13.65 -11.58 -8.29
CA ASN C 227 12.74 -12.54 -7.67
C ASN C 227 12.60 -12.22 -6.18
N PRO C 228 11.40 -11.90 -5.69
CA PRO C 228 11.25 -11.57 -4.26
C PRO C 228 11.59 -12.72 -3.34
N GLU C 229 11.66 -13.96 -3.85
CA GLU C 229 12.08 -15.08 -3.01
C GLU C 229 13.47 -14.85 -2.44
N TYR C 230 14.32 -14.13 -3.16
CA TYR C 230 15.68 -13.86 -2.72
C TYR C 230 15.82 -12.57 -1.93
N PHE C 231 14.73 -11.81 -1.75
CA PHE C 231 14.83 -10.54 -1.05
C PHE C 231 15.09 -10.76 0.43
N ASP C 232 16.14 -10.11 0.95
CA ASP C 232 16.50 -10.15 2.37
C ASP C 232 16.86 -11.57 2.82
N GLY C 233 17.46 -12.35 1.92
CA GLY C 233 17.81 -13.73 2.23
C GLY C 233 19.20 -13.94 2.79
N TYR C 234 20.06 -12.92 2.74
CA TYR C 234 21.42 -13.02 3.28
C TYR C 234 22.20 -14.17 2.63
N TRP C 235 22.02 -14.31 1.32
CA TRP C 235 22.78 -15.26 0.51
C TRP C 235 24.27 -15.06 0.70
N GLY C 236 24.94 -16.05 1.26
CA GLY C 236 26.34 -15.92 1.60
C GLY C 236 26.61 -15.73 3.08
N TYR C 237 25.58 -15.81 3.92
CA TYR C 237 25.77 -15.82 5.37
C TYR C 237 26.77 -16.90 5.79
N SER C 238 26.74 -18.04 5.09
CA SER C 238 27.71 -19.10 5.25
C SER C 238 28.12 -19.57 3.86
N VAL C 239 29.22 -20.32 3.79
CA VAL C 239 29.75 -20.77 2.51
C VAL C 239 30.70 -21.94 2.74
N ALA C 240 30.73 -22.86 1.78
CA ALA C 240 31.68 -23.96 1.76
C ALA C 240 31.85 -24.40 0.31
N VAL C 241 32.74 -25.38 0.09
CA VAL C 241 33.01 -25.92 -1.23
C VAL C 241 32.93 -27.45 -1.16
N GLY C 242 32.95 -28.06 -2.34
CA GLY C 242 32.90 -29.51 -2.40
C GLY C 242 32.83 -29.98 -3.84
N GLU C 243 32.57 -31.28 -3.99
CA GLU C 243 32.42 -31.92 -5.29
C GLU C 243 31.05 -32.58 -5.35
N PHE C 244 30.21 -32.11 -6.28
CA PHE C 244 28.83 -32.57 -6.35
C PHE C 244 28.32 -32.85 -7.76
N ASP C 245 29.00 -32.41 -8.81
CA ASP C 245 28.51 -32.59 -10.17
C ASP C 245 29.17 -33.75 -10.90
N GLY C 246 30.08 -34.46 -10.26
CA GLY C 246 30.79 -35.58 -10.87
C GLY C 246 32.07 -35.19 -11.58
N ASP C 247 32.08 -34.02 -12.22
CA ASP C 247 33.27 -33.54 -12.92
C ASP C 247 34.31 -33.08 -11.92
N LEU C 248 35.42 -33.82 -11.84
CA LEU C 248 36.47 -33.47 -10.88
C LEU C 248 37.23 -32.22 -11.28
N ASN C 249 37.24 -31.86 -12.57
CA ASN C 249 37.85 -30.61 -12.98
C ASN C 249 37.15 -29.41 -12.35
N THR C 250 35.83 -29.46 -12.26
CA THR C 250 35.06 -28.36 -11.72
C THR C 250 34.97 -28.44 -10.20
N THR C 251 34.79 -27.28 -9.58
CA THR C 251 34.57 -27.17 -8.14
C THR C 251 33.21 -26.51 -7.90
N GLU C 252 32.42 -27.11 -7.02
CA GLU C 252 31.08 -26.63 -6.74
C GLU C 252 31.06 -25.85 -5.43
N TYR C 253 30.14 -24.88 -5.35
CA TYR C 253 30.03 -24.00 -4.20
C TYR C 253 28.76 -24.32 -3.41
N VAL C 254 28.83 -24.16 -2.10
CA VAL C 254 27.71 -24.34 -1.20
C VAL C 254 27.45 -23.02 -0.49
N VAL C 255 26.24 -22.49 -0.63
CA VAL C 255 25.87 -21.20 -0.07
C VAL C 255 24.64 -21.36 0.80
N GLY C 256 24.65 -20.72 1.96
CA GLY C 256 23.52 -20.71 2.88
C GLY C 256 22.85 -19.35 2.91
N ALA C 257 21.54 -19.34 2.65
CA ALA C 257 20.72 -18.14 2.70
C ALA C 257 19.69 -18.34 3.80
N PRO C 258 20.04 -18.04 5.05
CA PRO C 258 19.19 -18.44 6.18
C PRO C 258 17.90 -17.64 6.34
N THR C 259 17.67 -16.62 5.53
CA THR C 259 16.40 -15.90 5.53
C THR C 259 15.76 -15.89 4.14
N TRP C 260 16.14 -16.84 3.29
CA TRP C 260 15.59 -16.93 1.94
C TRP C 260 14.09 -17.18 1.99
N SER C 261 13.37 -16.56 1.05
CA SER C 261 11.94 -16.74 0.88
C SER C 261 11.18 -16.51 2.17
N TRP C 262 11.23 -15.26 2.65
CA TRP C 262 10.51 -14.82 3.84
C TRP C 262 10.90 -15.65 5.07
N THR C 263 12.21 -15.64 5.35
CA THR C 263 12.82 -16.28 6.52
C THR C 263 12.60 -17.80 6.56
N LEU C 264 12.16 -18.40 5.46
CA LEU C 264 12.13 -19.86 5.40
C LEU C 264 13.54 -20.43 5.39
N GLY C 265 14.49 -19.73 4.79
CA GLY C 265 15.87 -20.17 4.73
C GLY C 265 16.10 -21.21 3.67
N ALA C 266 17.32 -21.26 3.12
CA ALA C 266 17.65 -22.24 2.10
C ALA C 266 19.16 -22.36 1.99
N VAL C 267 19.59 -23.44 1.32
CA VAL C 267 20.99 -23.67 0.99
C VAL C 267 21.04 -24.16 -0.45
N GLU C 268 21.97 -23.62 -1.22
CA GLU C 268 22.06 -23.90 -2.65
C GLU C 268 23.45 -24.41 -3.02
N ILE C 269 23.48 -25.40 -3.90
CA ILE C 269 24.71 -25.90 -4.50
C ILE C 269 24.81 -25.34 -5.91
N LEU C 270 25.99 -24.86 -6.27
CA LEU C 270 26.19 -24.19 -7.54
C LEU C 270 27.46 -24.69 -8.21
N ASP C 271 27.60 -24.40 -9.50
CA ASP C 271 28.87 -24.59 -10.17
C ASP C 271 29.73 -23.34 -9.96
N SER C 272 30.96 -23.36 -10.48
CA SER C 272 31.83 -22.21 -10.33
C SER C 272 31.33 -20.97 -11.07
N TYR C 273 30.33 -21.13 -11.93
CA TYR C 273 29.70 -20.00 -12.62
C TYR C 273 28.39 -19.57 -11.97
N TYR C 274 28.15 -20.01 -10.72
CA TYR C 274 27.02 -19.59 -9.90
C TYR C 274 25.67 -20.02 -10.49
N GLN C 275 25.67 -21.05 -11.34
CA GLN C 275 24.43 -21.65 -11.81
C GLN C 275 23.98 -22.71 -10.81
N ARG C 276 22.71 -22.63 -10.39
CA ARG C 276 22.23 -23.49 -9.33
C ARG C 276 22.14 -24.93 -9.81
N LEU C 277 22.68 -25.85 -9.00
CA LEU C 277 22.55 -27.29 -9.23
C LEU C 277 21.46 -27.91 -8.37
N HIS C 278 21.35 -27.49 -7.12
CA HIS C 278 20.27 -27.97 -6.26
CA HIS C 278 20.32 -28.00 -6.22
C HIS C 278 19.92 -26.88 -5.26
N ARG C 279 18.73 -27.00 -4.68
CA ARG C 279 18.28 -26.06 -3.66
C ARG C 279 17.58 -26.84 -2.56
N LEU C 280 18.05 -26.66 -1.32
CA LEU C 280 17.45 -27.29 -0.16
C LEU C 280 16.71 -26.21 0.63
N ARG C 281 15.40 -26.39 0.78
CA ARG C 281 14.57 -25.40 1.44
C ARG C 281 14.53 -25.64 2.95
N GLY C 282 14.21 -24.58 3.68
CA GLY C 282 14.06 -24.70 5.11
C GLY C 282 12.80 -25.45 5.50
N GLU C 283 12.83 -26.02 6.71
CA GLU C 283 11.69 -26.74 7.24
C GLU C 283 10.76 -25.86 8.06
N GLN C 284 11.31 -24.85 8.74
CA GLN C 284 10.55 -24.01 9.65
C GLN C 284 11.05 -22.58 9.52
N MET C 285 10.11 -21.63 9.50
CA MET C 285 10.46 -20.23 9.36
C MET C 285 11.18 -19.72 10.61
N ALA C 286 12.14 -18.83 10.40
CA ALA C 286 12.96 -18.20 11.43
C ALA C 286 13.90 -19.19 12.11
N SER C 287 13.97 -20.43 11.65
CA SER C 287 14.91 -21.40 12.22
C SER C 287 16.34 -21.13 11.80
N TYR C 288 16.57 -20.16 10.92
CA TYR C 288 17.90 -19.86 10.36
C TYR C 288 18.52 -21.09 9.73
N PHE C 289 17.72 -21.85 8.99
CA PHE C 289 18.20 -22.95 8.17
C PHE C 289 19.22 -22.42 7.16
N GLY C 290 20.49 -22.79 7.33
CA GLY C 290 21.57 -22.25 6.53
C GLY C 290 22.55 -21.40 7.30
N HIS C 291 22.36 -21.27 8.62
CA HIS C 291 23.31 -20.53 9.44
C HIS C 291 24.71 -21.13 9.38
N SER C 292 24.79 -22.44 9.13
CA SER C 292 26.08 -23.11 8.99
C SER C 292 25.93 -24.23 7.97
N VAL C 293 26.98 -24.45 7.18
CA VAL C 293 27.04 -25.55 6.23
C VAL C 293 28.38 -26.24 6.37
N ALA C 294 28.39 -27.54 6.08
CA ALA C 294 29.60 -28.34 6.12
C ALA C 294 29.56 -29.37 5.01
N VAL C 295 30.74 -29.70 4.48
CA VAL C 295 30.87 -30.63 3.37
C VAL C 295 31.94 -31.66 3.71
N THR C 296 31.52 -32.91 3.90
CA THR C 296 32.44 -34.01 4.11
C THR C 296 31.72 -35.31 3.82
N ASP C 297 32.48 -36.32 3.40
CA ASP C 297 31.95 -37.64 3.09
C ASP C 297 31.90 -38.45 4.38
N VAL C 298 30.69 -38.67 4.90
CA VAL C 298 30.55 -39.31 6.21
C VAL C 298 30.40 -40.82 6.11
N ASN C 299 29.90 -41.34 4.98
CA ASN C 299 29.61 -42.76 4.84
C ASN C 299 30.63 -43.49 3.98
N GLY C 300 31.82 -42.90 3.79
CA GLY C 300 32.91 -43.59 3.14
C GLY C 300 32.64 -44.08 1.73
N ASP C 301 31.82 -43.36 0.96
CA ASP C 301 31.55 -43.72 -0.42
C ASP C 301 32.19 -42.73 -1.39
N GLY C 302 33.14 -41.91 -0.92
CA GLY C 302 33.87 -40.99 -1.76
C GLY C 302 33.10 -39.80 -2.26
N ARG C 303 31.81 -39.69 -1.98
CA ARG C 303 30.99 -38.58 -2.44
C ARG C 303 30.71 -37.65 -1.28
N HIS C 304 31.11 -36.38 -1.43
CA HIS C 304 30.90 -35.38 -0.39
C HIS C 304 29.42 -35.28 -0.03
N ASP C 305 29.13 -35.27 1.27
CA ASP C 305 27.79 -35.13 1.78
C ASP C 305 27.63 -33.76 2.43
N LEU C 306 26.38 -33.30 2.51
CA LEU C 306 26.08 -31.94 2.94
C LEU C 306 25.38 -31.95 4.30
N LEU C 307 25.85 -31.10 5.20
CA LEU C 307 25.23 -30.89 6.50
C LEU C 307 24.80 -29.44 6.63
N VAL C 308 23.59 -29.23 7.11
CA VAL C 308 23.01 -27.89 7.25
C VAL C 308 22.51 -27.73 8.67
N GLY C 309 22.81 -26.58 9.28
CA GLY C 309 22.42 -26.29 10.64
C GLY C 309 21.33 -25.21 10.67
N ALA C 310 20.28 -25.49 11.44
CA ALA C 310 19.21 -24.54 11.72
C ALA C 310 19.17 -24.32 13.22
N PRO C 311 20.02 -23.43 13.75
CA PRO C 311 20.18 -23.34 15.22
C PRO C 311 18.96 -22.83 15.96
N LEU C 312 17.94 -22.32 15.28
CA LEU C 312 16.77 -21.78 15.94
C LEU C 312 15.51 -22.59 15.69
N TYR C 313 15.67 -23.83 15.22
CA TYR C 313 14.52 -24.70 14.98
C TYR C 313 13.80 -25.00 16.28
N MET C 314 12.49 -24.78 16.30
CA MET C 314 11.66 -25.10 17.45
C MET C 314 11.05 -26.49 17.28
N GLU C 315 11.25 -27.33 18.29
CA GLU C 315 10.81 -28.71 18.23
C GLU C 315 9.41 -28.86 18.81
N SER C 316 8.64 -29.77 18.22
CA SER C 316 7.29 -30.04 18.70
C SER C 316 7.33 -30.73 20.05
N ARG C 317 6.58 -30.19 21.01
CA ARG C 317 6.45 -30.77 22.34
C ARG C 317 4.99 -31.10 22.60
N ALA C 318 4.74 -31.77 23.72
CA ALA C 318 3.39 -32.15 24.08
C ALA C 318 2.53 -30.91 24.34
N ASP C 319 1.22 -31.07 24.18
CA ASP C 319 0.24 -30.00 24.35
C ASP C 319 0.44 -28.88 23.33
N ARG C 320 0.86 -29.25 22.11
CA ARG C 320 1.04 -28.31 21.00
C ARG C 320 2.00 -27.17 21.37
N LYS C 321 3.08 -27.52 22.07
CA LYS C 321 4.09 -26.55 22.46
C LYS C 321 5.29 -26.61 21.51
N LEU C 322 6.06 -25.53 21.50
CA LEU C 322 7.27 -25.43 20.69
C LEU C 322 8.43 -25.02 21.58
N ALA C 323 9.59 -25.63 21.34
CA ALA C 323 10.79 -25.38 22.14
C ALA C 323 11.97 -25.18 21.20
N GLU C 324 12.58 -24.01 21.25
CA GLU C 324 13.74 -23.71 20.41
C GLU C 324 14.94 -24.51 20.91
N VAL C 325 15.49 -25.36 20.03
CA VAL C 325 16.62 -26.20 20.39
C VAL C 325 17.65 -26.22 19.27
N GLY C 326 17.20 -26.07 18.03
CA GLY C 326 18.08 -26.19 16.88
C GLY C 326 18.08 -27.59 16.31
N ARG C 327 18.45 -27.68 15.03
CA ARG C 327 18.42 -28.95 14.32
C ARG C 327 19.51 -28.95 13.25
N VAL C 328 20.09 -30.12 13.01
CA VAL C 328 21.10 -30.33 11.98
C VAL C 328 20.56 -31.34 10.97
N TYR C 329 20.71 -31.03 9.68
CA TYR C 329 20.19 -31.86 8.60
C TYR C 329 21.35 -32.50 7.86
N LEU C 330 21.22 -33.80 7.56
CA LEU C 330 22.24 -34.54 6.84
C LEU C 330 21.69 -34.93 5.47
N PHE C 331 22.39 -34.53 4.42
CA PHE C 331 22.04 -34.88 3.04
C PHE C 331 23.19 -35.69 2.44
N LEU C 332 22.90 -36.92 2.04
CA LEU C 332 23.89 -37.80 1.43
C LEU C 332 23.79 -37.71 -0.08
N GLN C 333 24.94 -37.57 -0.74
CA GLN C 333 24.94 -37.44 -2.19
C GLN C 333 24.65 -38.79 -2.84
N PRO C 334 23.66 -38.89 -3.71
CA PRO C 334 23.26 -40.18 -4.26
C PRO C 334 24.17 -40.63 -5.40
N ARG C 335 23.95 -41.86 -5.84
CA ARG C 335 24.69 -42.42 -6.97
C ARG C 335 24.33 -41.68 -8.25
N GLY C 336 25.32 -41.06 -8.88
CA GLY C 336 25.12 -40.43 -10.17
C GLY C 336 24.75 -38.96 -10.04
N PRO C 337 24.20 -38.40 -11.13
CA PRO C 337 23.87 -36.98 -11.16
C PRO C 337 22.54 -36.62 -10.50
N HIS C 338 21.90 -37.55 -9.80
CA HIS C 338 20.60 -37.30 -9.22
C HIS C 338 20.65 -36.15 -8.23
N ALA C 339 19.52 -35.46 -8.08
CA ALA C 339 19.44 -34.35 -7.14
C ALA C 339 19.43 -34.87 -5.71
N LEU C 340 19.86 -34.01 -4.79
CA LEU C 340 19.89 -34.36 -3.37
C LEU C 340 18.48 -34.37 -2.82
N GLY C 341 18.03 -35.53 -2.34
CA GLY C 341 16.65 -35.69 -1.93
C GLY C 341 16.34 -35.21 -0.53
N ALA C 342 15.57 -36.00 0.21
CA ALA C 342 15.19 -35.66 1.58
C ALA C 342 16.37 -35.87 2.53
N PRO C 343 16.34 -35.25 3.70
CA PRO C 343 17.43 -35.47 4.67
C PRO C 343 17.56 -36.93 5.04
N SER C 344 18.81 -37.42 5.02
CA SER C 344 19.07 -38.79 5.44
C SER C 344 19.02 -38.95 6.96
N LEU C 345 19.11 -37.85 7.70
CA LEU C 345 19.13 -37.90 9.16
C LEU C 345 18.84 -36.51 9.70
N LEU C 346 18.12 -36.48 10.84
CA LEU C 346 17.81 -35.24 11.53
C LEU C 346 18.37 -35.33 12.95
N LEU C 347 19.35 -34.47 13.26
CA LEU C 347 19.89 -34.34 14.60
C LEU C 347 19.28 -33.11 15.25
N THR C 348 18.69 -33.29 16.43
CA THR C 348 17.95 -32.24 17.10
C THR C 348 18.49 -32.04 18.51
N GLY C 349 18.70 -30.78 18.88
CA GLY C 349 19.21 -30.46 20.21
C GLY C 349 18.17 -30.70 21.30
N THR C 350 18.64 -30.62 22.54
CA THR C 350 17.80 -30.88 23.70
C THR C 350 17.68 -29.70 24.65
N GLN C 351 18.70 -28.86 24.77
CA GLN C 351 18.67 -27.76 25.72
C GLN C 351 17.96 -26.56 25.11
N LEU C 352 17.04 -25.98 25.87
CA LEU C 352 16.32 -24.80 25.42
C LEU C 352 17.29 -23.65 25.16
N TYR C 353 17.11 -22.96 24.04
CA TYR C 353 17.95 -21.85 23.60
C TYR C 353 19.39 -22.26 23.39
N GLY C 354 19.66 -23.55 23.21
CA GLY C 354 21.02 -24.03 23.07
C GLY C 354 21.65 -23.75 21.73
N ARG C 355 20.84 -23.46 20.71
CA ARG C 355 21.32 -23.16 19.36
C ARG C 355 22.17 -24.29 18.80
N PHE C 356 21.67 -25.52 18.97
CA PHE C 356 22.30 -26.68 18.39
C PHE C 356 22.32 -26.56 16.87
N GLY C 357 23.52 -26.58 16.29
CA GLY C 357 23.70 -26.39 14.86
C GLY C 357 24.31 -25.06 14.50
N SER C 358 24.74 -24.26 15.47
CA SER C 358 25.37 -22.99 15.16
CA SER C 358 25.37 -22.99 15.16
C SER C 358 26.65 -23.18 14.35
N ALA C 359 27.38 -24.26 14.62
CA ALA C 359 28.60 -24.59 13.91
C ALA C 359 28.65 -26.08 13.66
N ILE C 360 29.18 -26.47 12.50
CA ILE C 360 29.33 -27.87 12.11
C ILE C 360 30.71 -28.03 11.50
N ALA C 361 31.58 -28.79 12.15
CA ALA C 361 32.96 -28.93 11.71
C ALA C 361 33.26 -30.37 11.32
N PRO C 362 33.73 -30.63 10.11
CA PRO C 362 34.27 -31.95 9.80
C PRO C 362 35.52 -32.22 10.61
N LEU C 363 35.67 -33.48 11.04
CA LEU C 363 36.77 -33.87 11.91
C LEU C 363 37.74 -34.84 11.24
N GLY C 364 37.56 -35.14 9.95
CA GLY C 364 38.32 -36.24 9.39
C GLY C 364 37.83 -37.54 10.02
N ASP C 365 38.70 -38.55 9.98
CA ASP C 365 38.41 -39.82 10.64
C ASP C 365 39.03 -39.80 12.04
N LEU C 366 38.19 -39.67 13.05
CA LEU C 366 38.64 -39.50 14.42
C LEU C 366 39.21 -40.80 14.98
N ASP C 367 38.39 -41.85 15.02
CA ASP C 367 38.81 -43.15 15.53
C ASP C 367 39.52 -44.01 14.48
N ARG C 368 39.72 -43.47 13.28
CA ARG C 368 40.40 -44.17 12.19
C ARG C 368 39.78 -45.54 11.92
N ASP C 369 38.45 -45.54 11.78
CA ASP C 369 37.70 -46.75 11.48
C ASP C 369 37.31 -46.86 10.01
N GLY C 370 37.47 -45.80 9.24
CA GLY C 370 37.11 -45.79 7.83
C GLY C 370 36.06 -44.75 7.46
N TYR C 371 35.40 -44.11 8.42
CA TYR C 371 34.36 -43.15 8.14
C TYR C 371 34.68 -41.81 8.80
N ASN C 372 34.49 -40.74 8.04
CA ASN C 372 34.72 -39.40 8.57
C ASN C 372 33.61 -39.02 9.54
N ASP C 373 33.96 -38.18 10.50
CA ASP C 373 33.07 -37.82 11.60
C ASP C 373 32.95 -36.31 11.70
N ILE C 374 31.94 -35.85 12.42
CA ILE C 374 31.63 -34.43 12.53
C ILE C 374 31.50 -34.03 13.99
N ALA C 375 31.53 -32.72 14.22
CA ALA C 375 31.26 -32.11 15.52
C ALA C 375 30.23 -31.01 15.32
N VAL C 376 29.24 -30.96 16.22
CA VAL C 376 28.17 -29.98 16.15
C VAL C 376 28.13 -29.22 17.47
N ALA C 377 28.08 -27.89 17.39
CA ALA C 377 28.15 -27.04 18.56
C ALA C 377 26.76 -26.57 18.96
N ALA C 378 26.56 -26.48 20.29
CA ALA C 378 25.39 -25.84 20.87
C ALA C 378 25.93 -24.82 21.86
N PRO C 379 26.24 -23.60 21.40
CA PRO C 379 27.03 -22.66 22.21
C PRO C 379 26.35 -22.24 23.51
N TYR C 380 25.06 -22.47 23.65
CA TYR C 380 24.35 -22.18 24.90
C TYR C 380 23.59 -23.40 25.38
N GLY C 381 24.05 -24.58 24.98
CA GLY C 381 23.43 -25.83 25.35
C GLY C 381 24.15 -26.52 26.49
N GLY C 382 23.92 -27.83 26.60
CA GLY C 382 24.36 -28.58 27.75
C GLY C 382 23.39 -28.38 28.90
N PRO C 383 23.46 -29.24 29.91
CA PRO C 383 22.54 -29.11 31.05
C PRO C 383 22.70 -27.80 31.80
N SER C 384 23.89 -27.18 31.73
CA SER C 384 24.15 -25.91 32.38
C SER C 384 23.91 -24.71 31.48
N GLY C 385 23.71 -24.93 30.18
CA GLY C 385 23.59 -23.82 29.25
C GLY C 385 24.89 -23.09 28.97
N ARG C 386 26.02 -23.63 29.41
CA ARG C 386 27.32 -22.99 29.23
C ARG C 386 27.96 -23.30 27.89
N GLY C 387 27.35 -24.15 27.08
CA GLY C 387 27.93 -24.52 25.81
C GLY C 387 28.33 -25.98 25.78
N GLN C 388 28.23 -26.58 24.59
CA GLN C 388 28.46 -28.02 24.45
C GLN C 388 28.73 -28.35 23.00
N VAL C 389 29.77 -29.14 22.75
CA VAL C 389 30.10 -29.66 21.42
C VAL C 389 29.84 -31.15 21.42
N LEU C 390 29.19 -31.64 20.36
CA LEU C 390 28.77 -33.03 20.27
C LEU C 390 29.43 -33.69 19.06
N VAL C 391 30.12 -34.81 19.31
CA VAL C 391 30.81 -35.54 18.26
C VAL C 391 29.90 -36.65 17.75
N PHE C 392 29.73 -36.73 16.43
CA PHE C 392 28.95 -37.76 15.78
C PHE C 392 29.85 -38.53 14.82
N LEU C 393 29.95 -39.84 15.03
CA LEU C 393 30.81 -40.69 14.22
C LEU C 393 30.10 -41.12 12.94
N GLY C 394 30.88 -41.25 11.88
CA GLY C 394 30.35 -41.72 10.61
C GLY C 394 30.08 -43.21 10.62
N GLN C 395 29.31 -43.64 9.63
CA GLN C 395 28.95 -45.04 9.47
C GLN C 395 28.51 -45.26 8.04
N SER C 396 28.37 -46.53 7.66
CA SER C 396 27.99 -46.86 6.29
C SER C 396 26.62 -46.29 5.92
N GLU C 397 25.72 -46.18 6.90
CA GLU C 397 24.40 -45.61 6.68
C GLU C 397 24.38 -44.10 6.83
N GLY C 398 25.50 -43.48 7.20
CA GLY C 398 25.57 -42.04 7.38
C GLY C 398 26.21 -41.64 8.69
N LEU C 399 25.39 -41.17 9.63
CA LEU C 399 25.86 -40.78 10.95
C LEU C 399 25.05 -41.48 12.02
N ARG C 400 25.67 -41.71 13.17
CA ARG C 400 24.97 -42.27 14.31
C ARG C 400 23.89 -41.31 14.80
N SER C 401 22.80 -41.86 15.32
CA SER C 401 21.72 -41.03 15.83
C SER C 401 22.13 -40.31 17.10
N ARG C 402 23.06 -40.87 17.86
CA ARG C 402 23.46 -40.34 19.15
C ARG C 402 24.95 -40.03 19.16
N PRO C 403 25.39 -39.04 19.93
CA PRO C 403 26.81 -38.67 19.91
C PRO C 403 27.67 -39.72 20.61
N SER C 404 28.86 -39.95 20.04
CA SER C 404 29.85 -40.80 20.67
C SER C 404 30.57 -40.12 21.82
N GLN C 405 30.42 -38.80 21.95
CA GLN C 405 31.17 -38.02 22.93
C GLN C 405 30.51 -36.66 23.04
N VAL C 406 30.81 -35.97 24.14
CA VAL C 406 30.26 -34.64 24.40
C VAL C 406 31.33 -33.83 25.11
N LEU C 407 31.58 -32.62 24.63
CA LEU C 407 32.58 -31.71 25.19
C LEU C 407 31.84 -30.54 25.84
N ASP C 408 31.64 -30.63 27.15
CA ASP C 408 31.03 -29.53 27.88
C ASP C 408 32.03 -28.39 28.04
N SER C 409 31.51 -27.16 28.04
CA SER C 409 32.37 -25.98 28.05
C SER C 409 33.17 -25.91 29.35
N PRO C 410 34.48 -25.67 29.28
CA PRO C 410 35.27 -25.45 30.50
C PRO C 410 35.28 -24.01 30.99
N PHE C 411 34.54 -23.12 30.33
CA PHE C 411 34.54 -21.70 30.62
C PHE C 411 33.29 -21.32 31.40
N PRO C 412 33.24 -20.11 31.97
CA PRO C 412 32.02 -19.67 32.66
C PRO C 412 30.85 -19.46 31.71
N THR C 413 29.71 -19.06 32.26
CA THR C 413 28.54 -18.79 31.44
C THR C 413 28.81 -17.64 30.49
N GLY C 414 28.29 -17.75 29.26
CA GLY C 414 28.35 -16.68 28.30
C GLY C 414 29.55 -16.70 27.37
N SER C 415 30.40 -17.72 27.45
CA SER C 415 31.58 -17.77 26.60
C SER C 415 31.24 -18.05 25.15
N ALA C 416 30.00 -18.45 24.85
CA ALA C 416 29.61 -18.88 23.50
C ALA C 416 30.55 -19.98 23.00
N PHE C 417 30.89 -20.90 23.89
CA PHE C 417 31.77 -22.01 23.59
C PHE C 417 31.22 -22.85 22.45
N GLY C 418 31.99 -22.98 21.38
CA GLY C 418 31.57 -23.72 20.21
C GLY C 418 31.11 -22.87 19.05
N PHE C 419 30.92 -21.56 19.26
CA PHE C 419 30.47 -20.68 18.19
C PHE C 419 31.34 -20.81 16.94
N SER C 420 32.61 -21.14 17.12
CA SER C 420 33.52 -21.41 16.01
C SER C 420 34.20 -22.76 16.25
N LEU C 421 34.26 -23.59 15.22
CA LEU C 421 34.86 -24.90 15.29
C LEU C 421 35.76 -25.12 14.08
N ARG C 422 36.70 -26.06 14.23
CA ARG C 422 37.59 -26.45 13.14
C ARG C 422 38.38 -27.70 13.52
N GLY C 423 38.37 -28.71 12.65
CA GLY C 423 39.08 -29.94 12.92
C GLY C 423 39.78 -30.53 11.73
N ALA C 424 39.93 -31.87 11.73
CA ALA C 424 40.51 -32.61 10.61
C ALA C 424 41.98 -32.25 10.37
N VAL C 425 42.68 -31.82 11.42
CA VAL C 425 44.10 -31.49 11.33
C VAL C 425 44.80 -32.06 12.56
N ASP C 426 45.90 -32.78 12.33
CA ASP C 426 46.73 -33.31 13.40
C ASP C 426 47.75 -32.25 13.79
N ILE C 427 47.46 -31.51 14.86
CA ILE C 427 48.31 -30.38 15.23
C ILE C 427 49.54 -30.84 16.02
N ASP C 428 49.43 -31.93 16.78
CA ASP C 428 50.54 -32.43 17.58
C ASP C 428 51.23 -33.62 16.95
N ASP C 429 50.88 -33.96 15.70
CA ASP C 429 51.58 -34.98 14.92
C ASP C 429 51.63 -36.33 15.64
N ASN C 430 50.48 -36.76 16.14
CA ASN C 430 50.33 -38.08 16.73
C ASN C 430 49.56 -39.04 15.83
N GLY C 431 49.26 -38.62 14.60
CA GLY C 431 48.53 -39.45 13.66
C GLY C 431 47.03 -39.35 13.73
N TYR C 432 46.49 -38.49 14.59
CA TYR C 432 45.06 -38.39 14.80
C TYR C 432 44.60 -36.94 14.67
N PRO C 433 43.47 -36.70 13.99
CA PRO C 433 42.99 -35.33 13.78
C PRO C 433 42.42 -34.73 15.05
N ASP C 434 42.76 -33.48 15.29
CA ASP C 434 42.42 -32.78 16.53
C ASP C 434 41.34 -31.73 16.25
N LEU C 435 40.91 -31.06 17.33
CA LEU C 435 39.77 -30.15 17.28
C LEU C 435 40.07 -28.90 18.09
N ILE C 436 39.85 -27.74 17.48
CA ILE C 436 39.97 -26.45 18.17
C ILE C 436 38.58 -25.84 18.30
N VAL C 437 38.31 -25.25 19.45
CA VAL C 437 37.01 -24.67 19.77
C VAL C 437 37.21 -23.23 20.21
N GLY C 438 36.45 -22.31 19.63
CA GLY C 438 36.51 -20.92 20.01
C GLY C 438 35.42 -20.58 21.01
N ALA C 439 35.70 -19.59 21.86
CA ALA C 439 34.74 -19.07 22.84
C ALA C 439 35.02 -17.57 22.95
N TYR C 440 34.43 -16.80 22.03
CA TYR C 440 34.73 -15.37 21.97
C TYR C 440 34.23 -14.63 23.20
N GLY C 441 33.24 -15.18 23.92
CA GLY C 441 32.78 -14.53 25.13
C GLY C 441 33.84 -14.49 26.21
N ALA C 442 34.58 -15.58 26.39
CA ALA C 442 35.67 -15.64 27.35
C ALA C 442 37.01 -15.26 26.75
N ASN C 443 37.04 -14.88 25.47
CA ASN C 443 38.27 -14.47 24.78
C ASN C 443 39.33 -15.57 24.84
N GLN C 444 38.91 -16.81 24.62
CA GLN C 444 39.82 -17.94 24.69
C GLN C 444 39.50 -18.96 23.62
N VAL C 445 40.47 -19.84 23.37
CA VAL C 445 40.35 -20.93 22.41
C VAL C 445 40.82 -22.20 23.09
N ALA C 446 40.01 -23.27 22.97
CA ALA C 446 40.31 -24.56 23.57
C ALA C 446 40.68 -25.56 22.49
N VAL C 447 41.74 -26.33 22.73
CA VAL C 447 42.24 -27.31 21.78
C VAL C 447 42.08 -28.70 22.40
N TYR C 448 41.44 -29.61 21.68
CA TYR C 448 41.22 -30.97 22.11
C TYR C 448 42.08 -31.90 21.26
N ARG C 449 42.92 -32.70 21.92
CA ARG C 449 43.80 -33.62 21.21
C ARG C 449 43.17 -35.00 21.13
N ALA C 450 43.21 -35.59 19.94
CA ALA C 450 42.69 -36.94 19.75
C ALA C 450 43.71 -37.97 20.24
N GLN C 451 43.20 -38.96 20.96
CA GLN C 451 44.04 -39.99 21.55
C GLN C 451 43.88 -41.30 20.80
N PRO C 452 44.95 -42.11 20.73
CA PRO C 452 44.88 -43.36 19.96
C PRO C 452 43.80 -44.31 20.50
N VAL C 453 43.34 -45.18 19.61
CA VAL C 453 42.29 -46.12 19.95
C VAL C 453 42.86 -47.52 20.12
N GLY D 1 -18.43 -66.29 44.78
CA GLY D 1 -17.46 -67.03 45.57
C GLY D 1 -16.03 -66.68 45.23
N PRO D 2 -15.55 -67.16 44.09
CA PRO D 2 -14.19 -66.84 43.66
C PRO D 2 -14.12 -65.59 42.80
N ASN D 3 -13.01 -64.87 42.94
CA ASN D 3 -12.73 -63.67 42.16
C ASN D 3 -11.26 -63.34 42.31
N ILE D 4 -10.84 -62.23 41.69
CA ILE D 4 -9.43 -61.86 41.72
C ILE D 4 -8.99 -61.42 43.10
N CYS D 5 -9.94 -61.09 43.99
CA CYS D 5 -9.56 -60.68 45.35
C CYS D 5 -9.10 -61.88 46.17
N THR D 6 -9.75 -63.03 45.99
CA THR D 6 -9.42 -64.22 46.76
C THR D 6 -8.31 -65.05 46.12
N THR D 7 -8.33 -65.19 44.79
CA THR D 7 -7.36 -66.04 44.10
C THR D 7 -5.95 -65.47 44.08
N ARG D 8 -5.77 -64.20 44.46
CA ARG D 8 -4.44 -63.63 44.49
C ARG D 8 -3.61 -64.21 45.64
N GLY D 9 -4.24 -64.47 46.78
CA GLY D 9 -3.51 -64.93 47.95
C GLY D 9 -2.69 -63.82 48.58
N VAL D 10 -3.36 -62.74 48.97
CA VAL D 10 -2.67 -61.56 49.49
C VAL D 10 -2.20 -61.83 50.92
N SER D 11 -1.17 -61.11 51.32
CA SER D 11 -0.56 -61.28 52.65
C SER D 11 -0.84 -60.10 53.57
N SER D 12 -1.57 -59.09 53.11
CA SER D 12 -1.80 -57.89 53.92
C SER D 12 -3.01 -57.15 53.38
N CYS D 13 -3.57 -56.29 54.25
CA CYS D 13 -4.69 -55.45 53.83
C CYS D 13 -4.25 -54.44 52.77
N GLN D 14 -3.06 -53.87 52.92
CA GLN D 14 -2.54 -52.96 51.92
C GLN D 14 -2.39 -53.65 50.57
N GLN D 15 -1.91 -54.90 50.58
CA GLN D 15 -1.79 -55.66 49.35
C GLN D 15 -3.15 -55.99 48.75
N CYS D 16 -4.16 -56.20 49.59
CA CYS D 16 -5.49 -56.55 49.10
C CYS D 16 -6.12 -55.39 48.34
N LEU D 17 -6.03 -54.18 48.90
CA LEU D 17 -6.59 -53.01 48.21
C LEU D 17 -5.89 -52.78 46.88
N ALA D 18 -4.61 -53.16 46.77
CA ALA D 18 -3.85 -52.97 45.54
C ALA D 18 -4.27 -53.91 44.43
N VAL D 19 -5.06 -54.95 44.73
CA VAL D 19 -5.48 -55.88 43.70
C VAL D 19 -6.45 -55.20 42.74
N SER D 20 -7.45 -54.50 43.28
CA SER D 20 -8.47 -53.84 42.48
C SER D 20 -9.28 -52.89 43.36
N PRO D 21 -9.82 -51.80 42.80
CA PRO D 21 -10.76 -50.97 43.58
C PRO D 21 -12.00 -51.73 44.01
N MET D 22 -12.22 -52.93 43.46
CA MET D 22 -13.37 -53.76 43.77
C MET D 22 -13.19 -54.55 45.07
N CYS D 23 -11.95 -54.81 45.48
CA CYS D 23 -11.70 -55.68 46.61
C CYS D 23 -11.83 -54.95 47.94
N ALA D 24 -12.16 -55.71 48.99
CA ALA D 24 -12.25 -55.23 50.35
C ALA D 24 -11.49 -56.19 51.27
N TRP D 25 -11.35 -55.78 52.53
CA TRP D 25 -10.59 -56.57 53.49
C TRP D 25 -11.33 -56.66 54.81
N CYS D 26 -11.25 -57.82 55.44
CA CYS D 26 -11.82 -58.06 56.76
C CYS D 26 -10.68 -58.27 57.75
N SER D 27 -10.60 -57.40 58.76
CA SER D 27 -9.54 -57.47 59.77
C SER D 27 -10.02 -58.14 61.05
N ASP D 28 -11.25 -58.64 61.09
CA ASP D 28 -11.80 -59.23 62.30
C ASP D 28 -10.94 -60.40 62.77
N GLU D 29 -10.55 -60.37 64.06
CA GLU D 29 -9.72 -61.44 64.61
C GLU D 29 -10.48 -62.75 64.71
N ALA D 30 -11.81 -62.69 64.88
CA ALA D 30 -12.65 -63.88 65.04
C ALA D 30 -13.29 -64.30 63.73
N LEU D 31 -12.55 -64.28 62.63
CA LEU D 31 -13.02 -64.77 61.35
C LEU D 31 -12.74 -66.26 61.23
N PRO D 32 -13.61 -67.02 60.55
CA PRO D 32 -13.31 -68.42 60.28
C PRO D 32 -11.97 -68.59 59.57
N LEU D 33 -11.23 -69.63 59.96
CA LEU D 33 -9.94 -69.88 59.33
C LEU D 33 -10.10 -70.17 57.84
N GLY D 34 -10.97 -71.11 57.50
CA GLY D 34 -11.29 -71.37 56.11
C GLY D 34 -12.16 -70.29 55.52
N SER D 35 -11.59 -69.09 55.37
CA SER D 35 -12.32 -67.93 54.86
C SER D 35 -11.33 -66.87 54.39
N PRO D 36 -11.50 -66.33 53.19
CA PRO D 36 -10.56 -65.32 52.69
C PRO D 36 -10.82 -63.95 53.29
N ARG D 37 -9.74 -63.28 53.67
CA ARG D 37 -9.84 -61.92 54.19
C ARG D 37 -9.94 -60.88 53.09
N CYS D 38 -9.67 -61.25 51.84
CA CYS D 38 -9.64 -60.32 50.72
C CYS D 38 -10.72 -60.75 49.72
N ASP D 39 -11.85 -60.05 49.73
CA ASP D 39 -12.97 -60.37 48.88
C ASP D 39 -13.80 -59.12 48.66
N LEU D 40 -14.89 -59.26 47.91
CA LEU D 40 -15.83 -58.16 47.76
C LEU D 40 -16.47 -57.84 49.11
N LYS D 41 -16.97 -56.61 49.24
CA LYS D 41 -17.57 -56.20 50.51
C LYS D 41 -18.77 -57.07 50.87
N GLU D 42 -19.49 -57.58 49.87
CA GLU D 42 -20.69 -58.35 50.14
C GLU D 42 -20.35 -59.75 50.64
N ASN D 43 -19.37 -60.40 50.01
CA ASN D 43 -18.99 -61.75 50.43
C ASN D 43 -18.45 -61.74 51.86
N LEU D 44 -17.75 -60.68 52.25
CA LEU D 44 -17.23 -60.59 53.61
C LEU D 44 -18.35 -60.47 54.63
N LEU D 45 -19.37 -59.66 54.34
CA LEU D 45 -20.50 -59.51 55.25
C LEU D 45 -21.26 -60.82 55.40
N LYS D 46 -21.19 -61.70 54.41
CA LYS D 46 -21.84 -63.01 54.53
C LYS D 46 -21.17 -63.86 55.60
N ASP D 47 -19.86 -63.71 55.78
CA ASP D 47 -19.10 -64.49 56.76
C ASP D 47 -19.10 -63.84 58.15
N ASN D 48 -20.13 -63.07 58.47
CA ASN D 48 -20.29 -62.44 59.77
C ASN D 48 -19.10 -61.54 60.13
N CYS D 49 -18.41 -61.03 59.12
CA CYS D 49 -17.32 -60.09 59.35
C CYS D 49 -17.87 -58.82 60.01
N ALA D 50 -17.26 -58.42 61.11
CA ALA D 50 -17.70 -57.26 61.86
C ALA D 50 -17.77 -56.04 60.93
N PRO D 51 -18.94 -55.42 60.76
CA PRO D 51 -19.05 -54.29 59.81
C PRO D 51 -18.08 -53.17 60.09
N GLU D 52 -17.75 -52.91 61.35
CA GLU D 52 -16.77 -51.89 61.67
C GLU D 52 -15.34 -52.35 61.37
N SER D 53 -15.13 -53.65 61.20
CA SER D 53 -13.81 -54.20 60.91
C SER D 53 -13.55 -54.36 59.42
N ILE D 54 -14.40 -53.79 58.56
CA ILE D 54 -14.27 -53.91 57.12
C ILE D 54 -13.55 -52.67 56.60
N GLU D 55 -12.45 -52.90 55.87
CA GLU D 55 -11.71 -51.83 55.22
C GLU D 55 -12.06 -51.84 53.73
N PHE D 56 -12.74 -50.79 53.29
CA PHE D 56 -13.11 -50.66 51.88
C PHE D 56 -13.21 -49.19 51.50
N PRO D 57 -12.10 -48.53 51.17
CA PRO D 57 -12.16 -47.12 50.81
C PRO D 57 -12.85 -46.91 49.47
N VAL D 58 -13.48 -45.74 49.32
CA VAL D 58 -14.23 -45.39 48.13
C VAL D 58 -13.64 -44.11 47.55
N SER D 59 -13.25 -44.15 46.29
CA SER D 59 -12.74 -42.97 45.62
C SER D 59 -13.84 -41.92 45.50
N GLU D 60 -13.58 -40.73 46.03
CA GLU D 60 -14.59 -39.68 46.10
C GLU D 60 -13.99 -38.35 45.68
N ALA D 61 -14.83 -37.49 45.12
CA ALA D 61 -14.49 -36.11 44.81
C ALA D 61 -15.36 -35.20 45.67
N ARG D 62 -14.73 -34.25 46.35
CA ARG D 62 -15.43 -33.39 47.31
C ARG D 62 -15.03 -31.95 47.08
N VAL D 63 -16.03 -31.07 47.01
CA VAL D 63 -15.82 -29.66 46.72
C VAL D 63 -15.52 -28.92 48.02
N LEU D 64 -14.52 -28.04 47.98
CA LEU D 64 -14.09 -27.25 49.13
C LEU D 64 -14.42 -25.78 48.99
N GLU D 65 -14.01 -25.17 47.87
CA GLU D 65 -14.34 -23.79 47.56
C GLU D 65 -15.17 -23.77 46.28
N ASP D 66 -16.34 -23.14 46.34
CA ASP D 66 -17.29 -23.17 45.24
C ASP D 66 -17.98 -21.82 45.09
N ARG D 67 -17.19 -20.77 44.97
CA ARG D 67 -17.75 -19.44 44.79
C ARG D 67 -18.49 -19.37 43.45
N PRO D 68 -19.64 -18.70 43.40
CA PRO D 68 -20.37 -18.61 42.13
C PRO D 68 -19.64 -17.72 41.13
N LEU D 69 -19.82 -18.04 39.85
CA LEU D 69 -19.24 -17.24 38.78
C LEU D 69 -19.81 -15.83 38.83
N SER D 70 -18.94 -14.84 38.69
CA SER D 70 -19.39 -13.45 38.70
C SER D 70 -20.16 -13.13 37.43
N ASP D 71 -21.15 -12.26 37.57
CA ASP D 71 -21.88 -11.76 36.41
C ASP D 71 -21.14 -10.62 35.73
N LYS D 72 -20.57 -9.71 36.52
CA LYS D 72 -19.84 -8.56 36.00
C LYS D 72 -18.44 -8.57 36.59
N GLY D 73 -17.46 -8.18 35.77
CA GLY D 73 -16.08 -8.10 36.19
C GLY D 73 -15.65 -6.74 36.69
N SER D 74 -16.57 -5.80 36.83
CA SER D 74 -16.25 -4.47 37.34
C SER D 74 -16.07 -4.54 38.86
N GLY D 75 -16.04 -3.37 39.50
CA GLY D 75 -15.84 -3.34 40.94
C GLY D 75 -14.45 -3.80 41.32
N ASP D 76 -14.37 -4.64 42.35
CA ASP D 76 -13.10 -5.16 42.82
C ASP D 76 -12.68 -6.36 41.99
N SER D 77 -11.40 -6.40 41.63
CA SER D 77 -10.88 -7.54 40.89
C SER D 77 -10.68 -8.76 41.78
N SER D 78 -10.65 -8.57 43.09
CA SER D 78 -10.60 -9.71 44.01
C SER D 78 -11.91 -10.46 44.04
N GLN D 79 -13.03 -9.78 43.75
CA GLN D 79 -14.34 -10.39 43.77
C GLN D 79 -14.63 -11.20 42.51
N VAL D 80 -13.87 -11.00 41.44
CA VAL D 80 -14.17 -11.65 40.17
C VAL D 80 -13.84 -13.13 40.25
N THR D 81 -14.77 -13.97 39.79
CA THR D 81 -14.60 -15.42 39.79
C THR D 81 -14.92 -15.94 38.40
N GLN D 82 -13.91 -16.43 37.69
CA GLN D 82 -14.06 -16.94 36.34
C GLN D 82 -14.11 -18.47 36.28
N VAL D 83 -13.72 -19.16 37.35
CA VAL D 83 -13.64 -20.61 37.37
C VAL D 83 -14.45 -21.12 38.55
N SER D 84 -15.20 -22.21 38.32
CA SER D 84 -16.00 -22.83 39.36
C SER D 84 -16.02 -24.33 39.14
N PRO D 85 -15.67 -25.15 40.15
CA PRO D 85 -15.23 -24.70 41.47
C PRO D 85 -13.77 -24.26 41.49
N GLN D 86 -13.29 -23.80 42.65
CA GLN D 86 -11.91 -23.33 42.78
C GLN D 86 -10.99 -24.30 43.48
N ARG D 87 -11.53 -25.18 44.33
CA ARG D 87 -10.71 -26.13 45.07
C ARG D 87 -11.55 -27.35 45.42
N ILE D 88 -11.10 -28.53 45.00
CA ILE D 88 -11.77 -29.79 45.31
C ILE D 88 -10.75 -30.75 45.90
N ALA D 89 -11.26 -31.71 46.66
CA ALA D 89 -10.44 -32.75 47.27
C ALA D 89 -10.73 -34.09 46.58
N LEU D 90 -9.70 -34.68 45.99
CA LEU D 90 -9.83 -35.93 45.26
C LEU D 90 -9.22 -37.06 46.09
N ARG D 91 -9.94 -38.17 46.20
CA ARG D 91 -9.45 -39.37 46.86
C ARG D 91 -9.46 -40.51 45.85
N LEU D 92 -8.34 -41.22 45.75
CA LEU D 92 -8.19 -42.30 44.78
C LEU D 92 -7.44 -43.45 45.42
N ARG D 93 -8.06 -44.63 45.42
CA ARG D 93 -7.36 -45.86 45.77
C ARG D 93 -6.64 -46.41 44.56
N PRO D 94 -5.69 -47.33 44.73
CA PRO D 94 -4.84 -47.75 43.61
C PRO D 94 -5.62 -48.19 42.38
N ASP D 95 -5.13 -47.77 41.22
CA ASP D 95 -5.63 -48.15 39.90
C ASP D 95 -7.09 -47.74 39.67
N ASP D 96 -7.64 -46.88 40.51
CA ASP D 96 -9.03 -46.47 40.38
C ASP D 96 -9.10 -45.17 39.57
N SER D 97 -10.31 -44.60 39.44
CA SER D 97 -10.50 -43.35 38.72
C SER D 97 -11.80 -42.72 39.14
N LYS D 98 -11.75 -41.45 39.55
CA LYS D 98 -12.92 -40.66 39.88
C LYS D 98 -13.04 -39.51 38.89
N ASN D 99 -14.23 -38.91 38.84
CA ASN D 99 -14.52 -37.83 37.91
C ASN D 99 -15.06 -36.62 38.64
N PHE D 100 -14.76 -35.44 38.09
CA PHE D 100 -15.22 -34.16 38.62
C PHE D 100 -15.53 -33.23 37.45
N SER D 101 -15.94 -32.01 37.78
CA SER D 101 -16.38 -31.06 36.76
C SER D 101 -15.80 -29.68 37.06
N ILE D 102 -15.75 -28.85 36.02
CA ILE D 102 -15.27 -27.49 36.14
C ILE D 102 -16.07 -26.60 35.19
N GLN D 103 -16.35 -25.38 35.62
CA GLN D 103 -17.04 -24.38 34.81
C GLN D 103 -16.14 -23.16 34.62
N VAL D 104 -16.10 -22.65 33.39
CA VAL D 104 -15.33 -21.47 33.06
C VAL D 104 -16.25 -20.48 32.38
N ARG D 105 -16.02 -19.19 32.63
CA ARG D 105 -16.87 -18.13 32.09
C ARG D 105 -16.02 -16.95 31.66
N GLN D 106 -16.16 -16.55 30.39
CA GLN D 106 -15.63 -15.27 29.94
C GLN D 106 -16.48 -14.16 30.54
N VAL D 107 -16.05 -13.64 31.70
CA VAL D 107 -16.89 -12.73 32.47
C VAL D 107 -17.12 -11.44 31.70
N GLU D 108 -18.36 -10.96 31.72
CA GLU D 108 -18.71 -9.71 31.07
C GLU D 108 -18.12 -8.53 31.83
N ASP D 109 -17.75 -7.48 31.08
CA ASP D 109 -17.19 -6.25 31.63
C ASP D 109 -15.90 -6.51 32.41
N TYR D 110 -14.91 -7.03 31.69
CA TYR D 110 -13.60 -7.26 32.28
C TYR D 110 -12.63 -6.16 31.86
N PRO D 111 -11.78 -5.69 32.77
CA PRO D 111 -10.84 -4.62 32.42
C PRO D 111 -9.93 -5.02 31.26
N VAL D 112 -9.58 -4.03 30.44
CA VAL D 112 -8.81 -4.25 29.22
C VAL D 112 -7.69 -3.23 29.14
N ASP D 113 -6.49 -3.69 28.81
CA ASP D 113 -5.35 -2.83 28.49
C ASP D 113 -5.00 -3.00 27.02
N ILE D 114 -4.70 -1.90 26.34
CA ILE D 114 -4.37 -1.91 24.92
C ILE D 114 -3.13 -1.05 24.72
N TYR D 115 -2.02 -1.66 24.31
CA TYR D 115 -0.79 -0.95 23.98
C TYR D 115 -0.63 -0.94 22.47
N TYR D 116 -0.58 0.26 21.90
CA TYR D 116 -0.48 0.44 20.45
C TYR D 116 0.99 0.53 20.07
N LEU D 117 1.52 -0.54 19.48
CA LEU D 117 2.91 -0.59 19.03
C LEU D 117 2.94 -0.40 17.53
N MET D 118 3.60 0.66 17.07
CA MET D 118 3.44 1.16 15.72
C MET D 118 4.77 1.25 14.99
N ASP D 119 4.84 0.63 13.82
CA ASP D 119 5.91 0.91 12.87
C ASP D 119 5.87 2.39 12.49
N LEU D 120 7.01 3.06 12.64
CA LEU D 120 7.12 4.46 12.25
C LEU D 120 8.22 4.68 11.22
N SER D 121 8.47 3.67 10.39
CA SER D 121 9.30 3.88 9.21
C SER D 121 8.53 4.76 8.22
N TYR D 122 9.18 5.11 7.10
CA TYR D 122 8.67 6.19 6.28
C TYR D 122 7.32 5.87 5.65
N SER D 123 7.10 4.60 5.29
CA SER D 123 5.85 4.21 4.62
C SER D 123 4.64 4.28 5.54
N MET D 124 4.82 4.56 6.84
CA MET D 124 3.72 4.69 7.77
C MET D 124 3.35 6.15 8.01
N LYS D 125 3.76 7.04 7.11
CA LYS D 125 3.48 8.47 7.28
C LYS D 125 2.01 8.77 7.04
N ASP D 126 1.41 8.12 6.02
CA ASP D 126 -0.02 8.29 5.79
C ASP D 126 -0.84 7.55 6.84
N ASP D 127 -0.25 6.57 7.52
CA ASP D 127 -0.96 5.87 8.59
C ASP D 127 -1.18 6.78 9.80
N LEU D 128 -0.31 7.77 9.99
CA LEU D 128 -0.44 8.66 11.14
C LEU D 128 -1.64 9.59 11.01
N TRP D 129 -1.92 10.06 9.79
CA TRP D 129 -3.05 10.96 9.57
C TRP D 129 -4.37 10.35 9.97
N SER D 130 -4.46 9.01 9.98
CA SER D 130 -5.72 8.36 10.29
C SER D 130 -5.96 8.25 11.80
N ILE D 131 -4.91 8.00 12.57
CA ILE D 131 -5.05 7.64 13.98
C ILE D 131 -4.88 8.87 14.87
N GLN D 132 -5.11 10.04 14.31
CA GLN D 132 -4.97 11.28 15.07
C GLN D 132 -5.87 11.28 16.29
N ASN D 133 -7.11 10.81 16.14
CA ASN D 133 -8.07 10.76 17.23
C ASN D 133 -8.50 9.32 17.53
N LEU D 134 -7.57 8.37 17.40
CA LEU D 134 -7.91 6.97 17.65
C LEU D 134 -8.20 6.71 19.12
N GLY D 135 -7.54 7.44 20.02
CA GLY D 135 -7.78 7.24 21.44
C GLY D 135 -9.22 7.48 21.83
N THR D 136 -9.78 8.60 21.37
CA THR D 136 -11.18 8.91 21.66
C THR D 136 -12.12 7.92 20.99
N LYS D 137 -11.95 7.72 19.68
CA LYS D 137 -12.88 6.88 18.92
C LYS D 137 -12.86 5.44 19.43
N LEU D 138 -11.67 4.89 19.66
CA LEU D 138 -11.56 3.51 20.16
C LEU D 138 -12.14 3.39 21.56
N ALA D 139 -11.97 4.41 22.39
CA ALA D 139 -12.50 4.37 23.75
C ALA D 139 -14.02 4.36 23.74
N THR D 140 -14.64 5.06 22.79
CA THR D 140 -16.10 5.06 22.70
C THR D 140 -16.64 3.66 22.44
N GLN D 141 -16.04 2.95 21.49
CA GLN D 141 -16.53 1.62 21.15
C GLN D 141 -16.19 0.59 22.22
N MET D 142 -15.02 0.71 22.84
CA MET D 142 -14.64 -0.24 23.88
C MET D 142 -15.46 -0.06 25.15
N ARG D 143 -15.89 1.17 25.44
CA ARG D 143 -16.74 1.39 26.61
C ARG D 143 -18.08 0.67 26.50
N LYS D 144 -18.49 0.31 25.28
CA LYS D 144 -19.64 -0.57 25.13
C LYS D 144 -19.36 -1.94 25.74
N LEU D 145 -18.11 -2.39 25.68
CA LEU D 145 -17.73 -3.71 26.17
C LEU D 145 -17.24 -3.68 27.62
N THR D 146 -16.31 -2.79 27.94
CA THR D 146 -15.67 -2.78 29.24
C THR D 146 -15.84 -1.43 29.93
N SER D 147 -15.86 -1.46 31.27
CA SER D 147 -15.91 -0.26 32.08
C SER D 147 -14.51 0.26 32.43
N ASN D 148 -13.51 -0.62 32.46
CA ASN D 148 -12.15 -0.26 32.82
C ASN D 148 -11.25 -0.41 31.60
N LEU D 149 -10.98 0.70 30.93
CA LEU D 149 -10.14 0.73 29.74
C LEU D 149 -8.89 1.56 30.01
N ARG D 150 -7.75 1.07 29.55
CA ARG D 150 -6.49 1.80 29.61
C ARG D 150 -5.74 1.58 28.30
N ILE D 151 -5.19 2.66 27.75
CA ILE D 151 -4.47 2.60 26.48
C ILE D 151 -3.13 3.30 26.60
N GLY D 152 -2.17 2.85 25.78
CA GLY D 152 -0.84 3.42 25.75
C GLY D 152 -0.26 3.30 24.36
N PHE D 153 0.86 4.00 24.15
CA PHE D 153 1.44 4.11 22.81
C PHE D 153 2.94 3.90 22.86
N GLY D 154 3.47 3.30 21.79
CA GLY D 154 4.90 3.14 21.60
C GLY D 154 5.17 2.90 20.13
N ALA D 155 6.41 3.16 19.71
CA ALA D 155 6.74 3.10 18.31
C ALA D 155 8.15 2.56 18.10
N PHE D 156 8.39 2.05 16.89
CA PHE D 156 9.66 1.43 16.55
C PHE D 156 9.98 1.72 15.09
N VAL D 157 11.25 1.54 14.73
CA VAL D 157 11.68 1.56 13.34
C VAL D 157 12.60 0.37 13.10
N ASP D 158 13.86 0.49 13.52
CA ASP D 158 14.87 -0.55 13.34
C ASP D 158 16.07 -0.14 14.19
N LYS D 159 17.07 -1.01 14.23
CA LYS D 159 18.25 -0.75 15.06
C LYS D 159 19.02 0.46 14.53
N PRO D 160 19.24 1.49 15.35
CA PRO D 160 19.94 2.69 14.85
C PRO D 160 21.44 2.48 14.66
N VAL D 161 21.80 1.69 13.63
CA VAL D 161 23.19 1.39 13.37
C VAL D 161 23.30 0.96 11.91
N SER D 162 24.41 1.36 11.28
CA SER D 162 24.70 0.92 9.92
C SER D 162 24.72 -0.61 9.86
N PRO D 163 24.22 -1.23 8.79
CA PRO D 163 23.68 -0.62 7.57
C PRO D 163 22.17 -0.31 7.64
N TYR D 164 21.53 -0.61 8.77
CA TYR D 164 20.12 -0.27 8.92
C TYR D 164 19.90 1.23 8.86
N MET D 165 20.86 2.02 9.34
CA MET D 165 20.73 3.45 9.47
C MET D 165 21.65 4.16 8.49
N TYR D 166 21.14 5.22 7.86
CA TYR D 166 21.98 6.08 7.03
C TYR D 166 22.93 6.86 7.92
N ILE D 167 24.22 6.87 7.56
CA ILE D 167 25.23 7.45 8.43
C ILE D 167 26.08 8.47 7.70
N SER D 168 25.60 8.98 6.56
CA SER D 168 26.34 9.99 5.84
C SER D 168 25.40 10.77 4.95
N PRO D 169 25.57 12.11 4.82
CA PRO D 169 26.49 12.99 5.55
C PRO D 169 26.05 13.18 7.01
N PRO D 170 26.79 13.97 7.80
CA PRO D 170 26.32 14.26 9.17
C PRO D 170 24.90 14.79 9.23
N GLU D 171 24.43 15.43 8.16
CA GLU D 171 23.04 15.90 8.11
C GLU D 171 22.05 14.74 8.20
N ALA D 172 22.43 13.57 7.68
CA ALA D 172 21.51 12.43 7.65
C ALA D 172 21.32 11.81 9.04
N LEU D 173 22.25 12.02 9.96
CA LEU D 173 22.07 11.50 11.32
C LEU D 173 21.03 12.31 12.09
N GLU D 174 20.88 13.59 11.76
CA GLU D 174 19.84 14.42 12.36
C GLU D 174 18.56 14.42 11.55
N ASN D 175 18.66 14.24 10.24
CA ASN D 175 17.51 14.21 9.35
C ASN D 175 17.75 13.16 8.28
N PRO D 176 17.30 11.91 8.52
CA PRO D 176 17.47 10.86 7.50
C PRO D 176 16.77 11.16 6.19
N CYS D 177 15.88 12.15 6.15
CA CYS D 177 15.20 12.57 4.92
C CYS D 177 15.85 13.81 4.32
N TYR D 178 17.18 13.91 4.38
CA TYR D 178 17.85 15.10 3.89
C TYR D 178 17.86 15.15 2.37
N ASP D 179 18.19 14.03 1.72
CA ASP D 179 18.27 13.99 0.27
C ASP D 179 16.89 14.05 -0.38
N MET D 180 15.83 13.96 0.41
CA MET D 180 14.48 14.26 -0.03
C MET D 180 14.09 15.63 0.49
N LYS D 181 13.30 16.36 -0.30
CA LYS D 181 12.95 17.73 0.06
C LYS D 181 12.00 17.76 1.25
N THR D 182 12.44 17.29 2.41
CA THR D 182 11.58 17.19 3.59
C THR D 182 12.46 16.95 4.82
N THR D 183 11.81 16.71 5.95
CA THR D 183 12.46 16.45 7.22
C THR D 183 11.76 15.29 7.91
N CYS D 184 12.55 14.42 8.56
CA CYS D 184 11.97 13.38 9.41
C CYS D 184 12.86 13.21 10.64
N LEU D 185 12.33 12.49 11.62
CA LEU D 185 13.01 12.31 12.89
C LEU D 185 14.29 11.50 12.72
N PRO D 186 15.25 11.65 13.63
CA PRO D 186 16.38 10.72 13.67
C PRO D 186 15.88 9.30 13.90
N MET D 187 16.71 8.34 13.53
CA MET D 187 16.31 6.94 13.64
C MET D 187 16.31 6.50 15.10
N PHE D 188 15.38 5.60 15.42
CA PHE D 188 15.25 5.07 16.76
C PHE D 188 14.83 3.60 16.69
N GLY D 189 15.34 2.79 17.62
CA GLY D 189 14.97 1.40 17.69
C GLY D 189 13.55 1.21 18.21
N TYR D 190 13.34 1.52 19.48
CA TYR D 190 12.01 1.49 20.07
C TYR D 190 11.94 2.53 21.18
N LYS D 191 10.87 3.31 21.20
CA LYS D 191 10.67 4.31 22.24
C LYS D 191 9.28 4.17 22.84
N HIS D 192 9.21 4.21 24.16
CA HIS D 192 7.93 4.20 24.88
C HIS D 192 7.42 5.63 24.98
N VAL D 193 6.18 5.85 24.55
CA VAL D 193 5.63 7.19 24.50
C VAL D 193 4.67 7.41 25.67
N LEU D 194 3.57 6.66 25.68
CA LEU D 194 2.50 6.84 26.67
C LEU D 194 2.29 5.55 27.44
N THR D 195 2.41 5.62 28.75
CA THR D 195 2.05 4.51 29.62
C THR D 195 0.54 4.29 29.59
N LEU D 196 0.12 3.03 29.74
CA LEU D 196 -1.30 2.69 29.81
C LEU D 196 -2.01 3.54 30.84
N THR D 197 -3.03 4.27 30.39
CA THR D 197 -3.77 5.17 31.27
C THR D 197 -5.23 5.21 30.83
N ASP D 198 -6.09 5.62 31.76
CA ASP D 198 -7.52 5.71 31.49
C ASP D 198 -7.93 7.05 30.90
N GLN D 199 -7.01 8.02 30.84
CA GLN D 199 -7.27 9.33 30.23
C GLN D 199 -6.96 9.21 28.75
N VAL D 200 -7.97 8.79 27.97
CA VAL D 200 -7.77 8.50 26.56
C VAL D 200 -7.44 9.73 25.73
N THR D 201 -7.60 10.93 26.29
CA THR D 201 -7.18 12.13 25.57
C THR D 201 -5.66 12.22 25.50
N ARG D 202 -4.96 11.68 26.50
CA ARG D 202 -3.50 11.64 26.46
C ARG D 202 -3.00 10.87 25.25
N PHE D 203 -3.78 9.90 24.78
CA PHE D 203 -3.39 9.14 23.60
C PHE D 203 -3.32 10.05 22.37
N ASN D 204 -4.39 10.79 22.10
CA ASN D 204 -4.41 11.68 20.95
C ASN D 204 -3.39 12.81 21.10
N GLU D 205 -3.13 13.26 22.33
CA GLU D 205 -2.16 14.32 22.55
C GLU D 205 -0.76 13.88 22.13
N GLU D 206 -0.38 12.66 22.48
CA GLU D 206 0.96 12.17 22.16
C GLU D 206 1.07 11.68 20.73
N VAL D 207 0.00 11.10 20.17
CA VAL D 207 0.04 10.59 18.81
C VAL D 207 0.23 11.74 17.82
N LYS D 208 -0.46 12.87 18.05
CA LYS D 208 -0.30 14.03 17.17
C LYS D 208 1.11 14.60 17.23
N LYS D 209 1.87 14.31 18.28
CA LYS D 209 3.25 14.76 18.41
C LYS D 209 4.25 13.80 17.79
N GLN D 210 3.77 12.81 17.03
CA GLN D 210 4.62 11.78 16.46
C GLN D 210 4.87 12.04 14.97
N SER D 211 6.03 11.59 14.50
CA SER D 211 6.38 11.67 13.10
C SER D 211 7.30 10.50 12.77
N VAL D 212 7.31 10.13 11.49
CA VAL D 212 8.03 8.93 11.05
C VAL D 212 9.53 9.19 10.99
N SER D 213 10.30 8.12 10.83
CA SER D 213 11.72 8.22 10.50
C SER D 213 11.98 7.48 9.20
N ARG D 214 13.23 7.16 8.92
CA ARG D 214 13.58 6.47 7.68
C ARG D 214 14.78 5.58 7.92
N ASN D 215 14.74 4.38 7.32
CA ASN D 215 15.86 3.46 7.40
C ASN D 215 16.03 2.77 6.05
N ARG D 216 17.14 2.04 5.91
CA ARG D 216 17.54 1.58 4.58
C ARG D 216 16.85 0.29 4.16
N ASP D 217 16.80 -0.71 5.04
CA ASP D 217 16.38 -2.05 4.66
C ASP D 217 14.93 -2.31 5.03
N ALA D 218 14.25 -3.09 4.17
CA ALA D 218 12.81 -3.32 4.32
C ALA D 218 12.43 -4.01 5.62
N PRO D 219 13.08 -5.10 6.06
CA PRO D 219 12.69 -5.70 7.33
C PRO D 219 12.98 -4.76 8.48
N GLU D 220 12.08 -4.71 9.45
CA GLU D 220 12.15 -3.74 10.53
C GLU D 220 12.35 -4.44 11.87
N GLY D 221 12.68 -3.64 12.88
CA GLY D 221 12.98 -4.17 14.19
C GLY D 221 11.81 -4.12 15.15
N GLY D 222 10.67 -4.66 14.73
CA GLY D 222 9.49 -4.66 15.59
C GLY D 222 9.57 -5.66 16.72
N PHE D 223 10.24 -6.80 16.49
CA PHE D 223 10.31 -7.82 17.53
C PHE D 223 11.11 -7.34 18.74
N ASP D 224 12.06 -6.42 18.52
CA ASP D 224 12.70 -5.74 19.65
C ASP D 224 11.66 -4.97 20.46
N ALA D 225 10.75 -4.26 19.77
CA ALA D 225 9.73 -3.49 20.47
C ALA D 225 8.72 -4.39 21.16
N ILE D 226 8.36 -5.50 20.52
CA ILE D 226 7.42 -6.44 21.13
C ILE D 226 8.00 -6.98 22.43
N MET D 227 9.29 -7.33 22.42
CA MET D 227 9.94 -7.84 23.62
C MET D 227 9.92 -6.80 24.74
N GLN D 228 10.34 -5.57 24.43
CA GLN D 228 10.39 -4.52 25.45
C GLN D 228 8.99 -4.15 25.95
N ALA D 229 8.02 -4.08 25.03
CA ALA D 229 6.64 -3.82 25.46
C ALA D 229 6.10 -4.93 26.34
N THR D 230 6.65 -6.14 26.24
CA THR D 230 6.17 -7.25 27.03
C THR D 230 6.79 -7.30 28.41
N VAL D 231 8.12 -7.18 28.49
CA VAL D 231 8.82 -7.44 29.75
C VAL D 231 9.07 -6.19 30.58
N CYS D 232 8.84 -4.99 30.04
CA CYS D 232 8.96 -3.76 30.82
C CYS D 232 7.63 -3.52 31.54
N ASP D 233 7.45 -4.26 32.63
CA ASP D 233 6.17 -4.27 33.34
C ASP D 233 5.77 -2.87 33.80
N GLU D 234 6.65 -2.20 34.54
CA GLU D 234 6.28 -0.95 35.19
C GLU D 234 6.09 0.17 34.18
N LYS D 235 6.92 0.23 33.14
CA LYS D 235 6.84 1.35 32.20
C LYS D 235 5.61 1.24 31.31
N ILE D 236 5.39 0.08 30.71
CA ILE D 236 4.19 -0.11 29.88
C ILE D 236 2.94 0.01 30.74
N GLY D 237 3.00 -0.49 31.97
CA GLY D 237 1.90 -0.33 32.90
C GLY D 237 0.80 -1.36 32.77
N TRP D 238 1.15 -2.59 32.40
CA TRP D 238 0.15 -3.65 32.36
C TRP D 238 -0.44 -3.87 33.75
N ARG D 239 -1.76 -3.95 33.82
CA ARG D 239 -2.43 -4.20 35.08
C ARG D 239 -2.50 -5.70 35.36
N ASN D 240 -2.69 -6.03 36.64
CA ASN D 240 -2.66 -7.43 37.04
C ASN D 240 -3.91 -8.18 36.58
N ASP D 241 -5.09 -7.62 36.82
CA ASP D 241 -6.35 -8.28 36.53
C ASP D 241 -7.01 -7.59 35.34
N ALA D 242 -6.42 -7.77 34.16
CA ALA D 242 -6.94 -7.14 32.96
C ALA D 242 -6.48 -7.90 31.74
N SER D 243 -7.29 -7.87 30.69
CA SER D 243 -6.87 -8.39 29.39
C SER D 243 -5.75 -7.51 28.84
N HIS D 244 -4.70 -8.15 28.33
CA HIS D 244 -3.53 -7.46 27.83
C HIS D 244 -3.44 -7.66 26.32
N LEU D 245 -3.75 -6.62 25.57
CA LEU D 245 -3.66 -6.63 24.11
C LEU D 245 -2.45 -5.82 23.66
N LEU D 246 -1.62 -6.43 22.83
CA LEU D 246 -0.49 -5.75 22.20
C LEU D 246 -0.79 -5.68 20.70
N VAL D 247 -1.06 -4.48 20.21
CA VAL D 247 -1.41 -4.27 18.81
C VAL D 247 -0.14 -3.89 18.06
N PHE D 248 0.26 -4.73 17.11
CA PHE D 248 1.51 -4.60 16.37
C PHE D 248 1.18 -4.26 14.92
N THR D 249 1.52 -3.06 14.50
CA THR D 249 1.16 -2.55 13.18
C THR D 249 2.43 -2.31 12.36
N THR D 250 2.46 -2.87 11.15
CA THR D 250 3.56 -2.68 10.23
C THR D 250 3.09 -3.05 8.83
N ASP D 251 3.87 -2.63 7.82
CA ASP D 251 3.55 -2.92 6.43
C ASP D 251 4.71 -3.59 5.71
N ALA D 252 5.63 -4.23 6.43
CA ALA D 252 6.82 -4.80 5.83
C ALA D 252 7.23 -6.04 6.61
N LYS D 253 8.33 -6.65 6.16
CA LYS D 253 8.93 -7.79 6.85
C LYS D 253 9.40 -7.39 8.24
N THR D 254 9.89 -8.35 9.01
CA THR D 254 10.45 -8.09 10.32
C THR D 254 11.82 -8.74 10.43
N HIS D 255 12.67 -8.16 11.28
CA HIS D 255 13.94 -8.76 11.59
C HIS D 255 13.77 -9.81 12.68
N ILE D 256 14.50 -10.91 12.56
CA ILE D 256 14.42 -12.02 13.49
C ILE D 256 15.79 -12.22 14.14
N ALA D 257 15.83 -13.12 15.12
CA ALA D 257 17.08 -13.41 15.80
C ALA D 257 18.12 -13.91 14.81
N LEU D 258 19.38 -13.53 15.05
CA LEU D 258 20.58 -13.80 14.25
C LEU D 258 20.68 -12.87 13.05
N ASP D 259 19.68 -12.01 12.80
CA ASP D 259 19.85 -10.98 11.78
C ASP D 259 20.85 -9.92 12.21
N GLY D 260 20.93 -9.63 13.51
CA GLY D 260 21.74 -8.52 14.00
C GLY D 260 23.22 -8.62 13.66
N ARG D 261 23.68 -9.80 13.26
CA ARG D 261 25.10 -9.95 12.91
C ARG D 261 25.50 -9.08 11.74
N LEU D 262 24.56 -8.69 10.88
CA LEU D 262 24.86 -7.73 9.82
C LEU D 262 25.11 -6.33 10.35
N ALA D 263 24.91 -6.09 11.64
CA ALA D 263 25.30 -4.84 12.28
C ALA D 263 26.38 -5.06 13.32
N GLY D 264 27.05 -6.21 13.29
CA GLY D 264 28.07 -6.51 14.28
C GLY D 264 27.53 -6.93 15.61
N ILE D 265 26.24 -7.28 15.68
CA ILE D 265 25.58 -7.64 16.93
C ILE D 265 25.52 -9.15 17.01
N VAL D 266 26.08 -9.71 18.08
CA VAL D 266 26.14 -11.16 18.24
C VAL D 266 25.58 -11.60 19.59
N GLN D 267 25.37 -10.66 20.51
CA GLN D 267 24.88 -11.02 21.83
C GLN D 267 23.44 -11.48 21.75
N PRO D 268 23.10 -12.66 22.27
CA PRO D 268 21.71 -13.11 22.23
C PRO D 268 20.79 -12.23 23.07
N ASN D 269 19.53 -12.20 22.69
CA ASN D 269 18.54 -11.44 23.44
C ASN D 269 18.35 -12.05 24.83
N ASP D 270 18.43 -11.21 25.87
CA ASP D 270 18.37 -11.69 27.24
C ASP D 270 16.98 -11.63 27.84
N GLY D 271 15.98 -11.19 27.07
CA GLY D 271 14.60 -11.19 27.56
C GLY D 271 14.36 -10.29 28.76
N GLN D 272 15.20 -9.29 28.97
CA GLN D 272 15.03 -8.36 30.09
C GLN D 272 14.72 -6.97 29.57
N CYS D 273 14.23 -6.12 30.47
CA CYS D 273 13.84 -4.77 30.12
C CYS D 273 15.06 -3.85 30.11
N HIS D 274 15.21 -3.08 29.03
CA HIS D 274 16.32 -2.15 28.89
C HIS D 274 15.83 -0.81 28.36
N VAL D 275 14.73 -0.33 28.91
CA VAL D 275 14.17 0.99 28.57
C VAL D 275 14.29 1.86 29.81
N GLY D 276 15.24 2.79 29.79
CA GLY D 276 15.51 3.66 30.91
C GLY D 276 14.66 4.91 30.90
N SER D 277 15.07 5.88 31.72
CA SER D 277 14.31 7.12 31.89
C SER D 277 14.05 7.81 30.54
N ASP D 278 15.02 7.71 29.62
CA ASP D 278 14.87 8.32 28.31
C ASP D 278 13.81 7.62 27.45
N ASN D 279 13.17 6.57 27.96
CA ASN D 279 12.09 5.86 27.29
C ASN D 279 12.51 5.20 25.98
N HIS D 280 13.81 5.11 25.71
CA HIS D 280 14.30 4.44 24.51
C HIS D 280 14.96 3.11 24.89
N TYR D 281 14.91 2.17 23.95
CA TYR D 281 15.49 0.84 24.14
C TYR D 281 17.01 0.96 24.04
N SER D 282 17.68 0.94 25.19
CA SER D 282 19.10 1.25 25.25
C SER D 282 19.99 0.15 24.69
N ALA D 283 19.48 -1.07 24.58
CA ALA D 283 20.27 -2.21 24.09
C ALA D 283 20.05 -2.47 22.60
N SER D 284 19.54 -1.48 21.87
CA SER D 284 19.17 -1.71 20.48
C SER D 284 20.41 -1.99 19.63
N THR D 285 21.53 -1.34 19.94
CA THR D 285 22.75 -1.47 19.16
C THR D 285 23.78 -2.39 19.82
N THR D 286 23.36 -3.18 20.82
CA THR D 286 24.27 -4.09 21.50
C THR D 286 23.69 -5.48 21.73
N MET D 287 22.42 -5.70 21.41
CA MET D 287 21.76 -6.96 21.69
C MET D 287 20.92 -7.37 20.48
N ASP D 288 21.01 -8.65 20.12
CA ASP D 288 20.38 -9.13 18.90
C ASP D 288 18.85 -9.18 19.04
N TYR D 289 18.18 -9.32 17.91
CA TYR D 289 16.73 -9.45 17.89
C TYR D 289 16.32 -10.71 18.64
N PRO D 290 15.15 -10.70 19.28
CA PRO D 290 14.71 -11.89 20.02
C PRO D 290 14.22 -12.97 19.08
N SER D 291 14.36 -14.22 19.54
CA SER D 291 13.88 -15.35 18.77
C SER D 291 12.38 -15.54 19.00
N LEU D 292 11.77 -16.32 18.10
CA LEU D 292 10.33 -16.58 18.22
C LEU D 292 10.01 -17.28 19.53
N GLY D 293 10.83 -18.26 19.93
CA GLY D 293 10.59 -18.97 21.17
C GLY D 293 10.70 -18.06 22.39
N LEU D 294 11.70 -17.18 22.41
CA LEU D 294 11.86 -16.27 23.53
C LEU D 294 10.68 -15.31 23.64
N MET D 295 10.15 -14.86 22.49
CA MET D 295 8.95 -14.04 22.52
C MET D 295 7.77 -14.83 23.04
N THR D 296 7.60 -16.06 22.59
CA THR D 296 6.51 -16.91 23.08
C THR D 296 6.59 -17.07 24.59
N GLU D 297 7.81 -17.23 25.12
CA GLU D 297 7.97 -17.43 26.56
C GLU D 297 7.56 -16.19 27.34
N LYS D 298 7.96 -15.00 26.88
CA LYS D 298 7.67 -13.78 27.62
C LYS D 298 6.22 -13.34 27.45
N LEU D 299 5.66 -13.54 26.25
CA LEU D 299 4.24 -13.24 26.06
C LEU D 299 3.37 -14.11 26.95
N SER D 300 3.77 -15.36 27.17
CA SER D 300 3.02 -16.26 28.04
C SER D 300 3.25 -15.93 29.51
N GLN D 301 4.47 -15.56 29.87
CA GLN D 301 4.77 -15.23 31.27
C GLN D 301 4.00 -14.00 31.72
N LYS D 302 3.84 -13.03 30.83
CA LYS D 302 3.16 -11.78 31.16
C LYS D 302 1.69 -11.77 30.75
N ASN D 303 1.21 -12.85 30.13
CA ASN D 303 -0.17 -12.97 29.64
C ASN D 303 -0.52 -11.81 28.71
N ILE D 304 0.24 -11.72 27.61
CA ILE D 304 0.05 -10.70 26.59
C ILE D 304 -0.52 -11.36 25.35
N ASN D 305 -1.54 -10.75 24.77
CA ASN D 305 -2.15 -11.23 23.53
C ASN D 305 -1.60 -10.38 22.39
N LEU D 306 -0.61 -10.92 21.67
CA LEU D 306 0.02 -10.20 20.57
C LEU D 306 -0.88 -10.26 19.34
N ILE D 307 -1.21 -9.09 18.79
CA ILE D 307 -2.07 -8.98 17.63
C ILE D 307 -1.23 -8.43 16.48
N PHE D 308 -1.07 -9.23 15.43
CA PHE D 308 -0.33 -8.82 14.23
C PHE D 308 -1.29 -8.09 13.31
N ALA D 309 -1.24 -6.76 13.32
CA ALA D 309 -2.06 -5.92 12.44
C ALA D 309 -1.18 -5.49 11.27
N VAL D 310 -1.09 -6.35 10.25
CA VAL D 310 -0.19 -6.14 9.13
C VAL D 310 -1.01 -5.92 7.86
N THR D 311 -0.32 -5.49 6.81
CA THR D 311 -0.96 -5.16 5.55
C THR D 311 -1.01 -6.37 4.61
N GLU D 312 -1.78 -6.21 3.53
CA GLU D 312 -2.08 -7.31 2.63
C GLU D 312 -0.84 -8.03 2.11
N ASN D 313 0.26 -7.30 1.92
CA ASN D 313 1.45 -7.87 1.30
C ASN D 313 2.28 -8.73 2.24
N VAL D 314 1.93 -8.81 3.52
CA VAL D 314 2.70 -9.61 4.48
C VAL D 314 1.77 -10.38 5.40
N VAL D 315 0.50 -10.51 5.02
CA VAL D 315 -0.45 -11.24 5.86
C VAL D 315 -0.05 -12.71 5.96
N ASN D 316 0.26 -13.33 4.82
CA ASN D 316 0.72 -14.72 4.84
C ASN D 316 1.97 -14.88 5.69
N LEU D 317 2.84 -13.87 5.70
CA LEU D 317 4.06 -13.94 6.51
C LEU D 317 3.74 -14.02 8.00
N TYR D 318 2.94 -13.07 8.49
CA TYR D 318 2.65 -13.01 9.92
C TYR D 318 1.61 -14.03 10.34
N GLN D 319 0.72 -14.44 9.43
CA GLN D 319 -0.14 -15.59 9.72
C GLN D 319 0.70 -16.84 9.96
N ASN D 320 1.80 -16.98 9.21
CA ASN D 320 2.69 -18.12 9.39
C ASN D 320 3.52 -17.98 10.67
N TYR D 321 3.86 -16.74 11.05
CA TYR D 321 4.47 -16.52 12.36
C TYR D 321 3.49 -16.79 13.48
N SER D 322 2.20 -16.52 13.26
CA SER D 322 1.19 -16.73 14.29
C SER D 322 1.01 -18.21 14.61
N GLU D 323 1.29 -19.08 13.63
CA GLU D 323 1.21 -20.51 13.89
C GLU D 323 2.39 -21.01 14.74
N LEU D 324 3.48 -20.25 14.77
CA LEU D 324 4.62 -20.58 15.60
C LEU D 324 4.58 -19.90 16.97
N ILE D 325 3.70 -18.94 17.14
CA ILE D 325 3.49 -18.30 18.45
C ILE D 325 2.02 -18.46 18.81
N PRO D 326 1.63 -19.57 19.43
CA PRO D 326 0.20 -19.79 19.71
C PRO D 326 -0.38 -18.70 20.58
N GLY D 327 -1.64 -18.34 20.28
CA GLY D 327 -2.33 -17.28 20.97
C GLY D 327 -2.22 -15.91 20.33
N THR D 328 -1.62 -15.82 19.15
CA THR D 328 -1.43 -14.55 18.46
C THR D 328 -2.45 -14.41 17.34
N THR D 329 -3.04 -13.22 17.22
CA THR D 329 -4.09 -12.93 16.25
C THR D 329 -3.53 -12.12 15.11
N VAL D 330 -4.00 -12.40 13.90
CA VAL D 330 -3.55 -11.71 12.69
C VAL D 330 -4.75 -11.02 12.06
N GLY D 331 -4.63 -9.71 11.87
CA GLY D 331 -5.68 -8.92 11.26
C GLY D 331 -5.14 -8.11 10.09
N VAL D 332 -5.98 -7.99 9.06
CA VAL D 332 -5.57 -7.30 7.83
C VAL D 332 -5.66 -5.80 8.04
N LEU D 333 -4.51 -5.15 8.10
CA LEU D 333 -4.44 -3.69 8.23
C LEU D 333 -4.35 -3.06 6.84
N SER D 334 -4.99 -1.90 6.69
CA SER D 334 -4.91 -1.19 5.43
C SER D 334 -3.56 -0.48 5.31
N MET D 335 -3.28 0.00 4.09
CA MET D 335 -2.03 0.72 3.85
C MET D 335 -1.97 2.06 4.56
N ASP D 336 -3.09 2.53 5.10
CA ASP D 336 -3.14 3.79 5.84
C ASP D 336 -3.67 3.61 7.26
N SER D 337 -3.86 2.36 7.70
CA SER D 337 -4.38 2.06 9.04
C SER D 337 -5.76 2.68 9.26
N SER D 338 -6.54 2.82 8.20
CA SER D 338 -7.87 3.41 8.33
C SER D 338 -8.86 2.47 9.00
N ASN D 339 -8.58 1.18 9.03
CA ASN D 339 -9.47 0.17 9.60
C ASN D 339 -8.93 -0.41 10.90
N VAL D 340 -8.05 0.31 11.59
CA VAL D 340 -7.36 -0.27 12.74
C VAL D 340 -8.31 -0.41 13.94
N LEU D 341 -9.29 0.50 14.06
CA LEU D 341 -10.21 0.44 15.19
C LEU D 341 -11.05 -0.84 15.14
N GLN D 342 -11.61 -1.15 13.97
CA GLN D 342 -12.39 -2.36 13.83
C GLN D 342 -11.52 -3.61 13.81
N LEU D 343 -10.22 -3.47 13.50
CA LEU D 343 -9.30 -4.58 13.62
C LEU D 343 -9.03 -4.92 15.08
N ILE D 344 -9.03 -3.91 15.96
CA ILE D 344 -8.82 -4.14 17.39
C ILE D 344 -10.05 -4.75 18.03
N VAL D 345 -11.23 -4.20 17.74
CA VAL D 345 -12.46 -4.69 18.36
C VAL D 345 -12.72 -6.14 17.99
N ASP D 346 -12.47 -6.51 16.74
CA ASP D 346 -12.69 -7.89 16.33
C ASP D 346 -11.67 -8.83 16.95
N ALA D 347 -10.41 -8.40 17.04
CA ALA D 347 -9.38 -9.23 17.63
C ALA D 347 -9.65 -9.47 19.12
N TYR D 348 -10.09 -8.42 19.83
CA TYR D 348 -10.44 -8.59 21.24
C TYR D 348 -11.55 -9.60 21.43
N GLY D 349 -12.50 -9.67 20.48
CA GLY D 349 -13.54 -10.67 20.53
C GLY D 349 -13.05 -12.05 20.14
N LYS D 350 -12.17 -12.11 19.14
CA LYS D 350 -11.58 -13.38 18.75
C LYS D 350 -10.65 -13.92 19.83
N ILE D 351 -10.05 -13.02 20.62
CA ILE D 351 -9.19 -13.44 21.71
C ILE D 351 -10.01 -14.00 22.87
N ARG D 352 -11.23 -13.49 23.06
CA ARG D 352 -12.11 -13.94 24.14
C ARG D 352 -13.15 -14.94 23.66
N SER D 353 -13.01 -15.47 22.45
CA SER D 353 -13.92 -16.48 21.94
C SER D 353 -13.46 -17.90 22.26
N LYS D 354 -12.33 -18.05 22.93
CA LYS D 354 -11.71 -19.35 23.17
C LYS D 354 -11.49 -19.57 24.66
N VAL D 355 -11.66 -20.82 25.08
CA VAL D 355 -11.38 -21.25 26.44
C VAL D 355 -10.63 -22.56 26.34
N GLU D 356 -9.35 -22.56 26.69
CA GLU D 356 -8.48 -23.73 26.53
C GLU D 356 -7.85 -24.06 27.87
N LEU D 357 -8.08 -25.28 28.34
CA LEU D 357 -7.55 -25.71 29.63
C LEU D 357 -6.12 -26.19 29.48
N GLU D 358 -5.26 -25.72 30.38
CA GLU D 358 -3.92 -26.27 30.55
C GLU D 358 -3.79 -26.76 31.99
N VAL D 359 -3.02 -27.83 32.18
CA VAL D 359 -2.85 -28.46 33.48
C VAL D 359 -1.39 -28.32 33.89
N ARG D 360 -1.17 -27.90 35.14
CA ARG D 360 0.16 -27.69 35.68
C ARG D 360 0.38 -28.57 36.90
N ASP D 361 1.61 -29.06 37.05
CA ASP D 361 2.04 -29.83 38.21
C ASP D 361 1.29 -31.16 38.33
N LEU D 362 0.91 -31.74 37.21
CA LEU D 362 0.27 -33.06 37.24
C LEU D 362 1.31 -34.12 37.55
N PRO D 363 1.09 -34.96 38.56
CA PRO D 363 2.10 -35.97 38.91
C PRO D 363 2.27 -37.01 37.81
N GLU D 364 3.34 -37.79 37.94
CA GLU D 364 3.70 -38.76 36.91
C GLU D 364 2.65 -39.85 36.77
N GLU D 365 2.04 -40.25 37.87
CA GLU D 365 1.13 -41.39 37.90
C GLU D 365 -0.32 -41.03 37.63
N LEU D 366 -0.61 -39.75 37.36
CA LEU D 366 -1.97 -39.31 37.05
C LEU D 366 -2.11 -39.02 35.56
N SER D 367 -3.27 -39.38 35.01
CA SER D 367 -3.61 -39.10 33.62
C SER D 367 -5.05 -38.64 33.56
N LEU D 368 -5.31 -37.62 32.75
CA LEU D 368 -6.62 -36.98 32.69
C LEU D 368 -7.24 -37.13 31.32
N SER D 369 -8.58 -37.10 31.29
CA SER D 369 -9.36 -37.03 30.07
C SER D 369 -10.46 -36.00 30.26
N PHE D 370 -10.82 -35.32 29.18
CA PHE D 370 -11.75 -34.21 29.23
C PHE D 370 -12.86 -34.40 28.22
N ASN D 371 -14.09 -34.06 28.62
CA ASN D 371 -15.22 -33.96 27.70
C ASN D 371 -15.81 -32.55 27.83
N ALA D 372 -15.73 -31.79 26.73
CA ALA D 372 -16.16 -30.40 26.73
C ALA D 372 -17.63 -30.29 26.38
N THR D 373 -18.30 -29.31 26.98
CA THR D 373 -19.66 -28.91 26.64
C THR D 373 -19.58 -27.43 26.27
N CYS D 374 -19.43 -27.17 24.97
CA CYS D 374 -19.20 -25.80 24.50
C CYS D 374 -20.52 -25.12 24.10
N LEU D 375 -20.68 -24.85 22.80
CA LEU D 375 -21.89 -24.21 22.31
C LEU D 375 -23.11 -25.07 22.61
N ASN D 376 -24.17 -24.44 23.12
CA ASN D 376 -25.35 -25.15 23.60
C ASN D 376 -24.96 -26.22 24.60
N ASN D 377 -25.53 -27.41 24.46
CA ASN D 377 -25.15 -28.53 25.32
C ASN D 377 -24.60 -29.67 24.46
N GLU D 378 -23.72 -29.35 23.52
CA GLU D 378 -23.11 -30.33 22.63
C GLU D 378 -21.83 -30.84 23.28
N VAL D 379 -21.87 -32.07 23.78
CA VAL D 379 -20.74 -32.67 24.46
C VAL D 379 -19.74 -33.18 23.44
N ILE D 380 -18.48 -32.78 23.60
CA ILE D 380 -17.41 -33.16 22.67
C ILE D 380 -16.38 -34.01 23.41
N PRO D 381 -16.24 -35.29 23.07
CA PRO D 381 -15.31 -36.16 23.82
C PRO D 381 -13.86 -35.91 23.45
N GLY D 382 -13.00 -36.13 24.44
CA GLY D 382 -11.57 -36.02 24.22
C GLY D 382 -11.07 -34.63 23.89
N LEU D 383 -11.79 -33.59 24.33
CA LEU D 383 -11.44 -32.22 24.01
C LEU D 383 -11.42 -31.40 25.30
N LYS D 384 -10.39 -30.56 25.45
CA LYS D 384 -10.21 -29.72 26.62
C LYS D 384 -10.23 -28.23 26.24
N SER D 385 -10.94 -27.88 25.17
CA SER D 385 -11.00 -26.50 24.73
C SER D 385 -12.31 -26.25 24.01
N CYS D 386 -12.70 -24.98 23.94
CA CYS D 386 -13.88 -24.54 23.22
C CYS D 386 -13.54 -23.34 22.35
N MET D 387 -14.30 -23.17 21.27
CA MET D 387 -14.10 -22.07 20.34
C MET D 387 -15.46 -21.52 19.92
N GLY D 388 -15.43 -20.36 19.26
CA GLY D 388 -16.65 -19.74 18.79
C GLY D 388 -17.52 -19.15 19.88
N LEU D 389 -16.96 -18.89 21.05
CA LEU D 389 -17.74 -18.41 22.17
C LEU D 389 -17.90 -16.89 22.11
N LYS D 390 -18.96 -16.39 22.74
CA LYS D 390 -19.20 -14.97 22.91
C LYS D 390 -18.95 -14.59 24.36
N ILE D 391 -18.75 -13.29 24.58
CA ILE D 391 -18.53 -12.81 25.94
C ILE D 391 -19.76 -13.05 26.78
N GLY D 392 -19.55 -13.55 28.00
CA GLY D 392 -20.63 -13.88 28.90
C GLY D 392 -21.07 -15.33 28.86
N ASP D 393 -20.67 -16.07 27.83
CA ASP D 393 -21.00 -17.49 27.75
C ASP D 393 -20.29 -18.26 28.85
N THR D 394 -20.72 -19.51 29.04
CA THR D 394 -20.16 -20.38 30.06
C THR D 394 -20.06 -21.79 29.50
N VAL D 395 -18.87 -22.39 29.61
CA VAL D 395 -18.63 -23.76 29.16
C VAL D 395 -18.22 -24.59 30.36
N SER D 396 -18.27 -25.91 30.19
CA SER D 396 -17.97 -26.84 31.26
C SER D 396 -17.17 -28.02 30.70
N PHE D 397 -16.46 -28.69 31.60
CA PHE D 397 -15.64 -29.86 31.25
C PHE D 397 -15.83 -30.94 32.28
N SER D 398 -16.12 -32.15 31.83
CA SER D 398 -16.08 -33.33 32.69
C SER D 398 -14.68 -33.92 32.63
N ILE D 399 -14.07 -34.10 33.80
CA ILE D 399 -12.69 -34.54 33.91
C ILE D 399 -12.65 -35.82 34.73
N GLU D 400 -11.98 -36.84 34.21
CA GLU D 400 -11.79 -38.11 34.90
C GLU D 400 -10.30 -38.29 35.21
N ALA D 401 -9.98 -38.50 36.47
CA ALA D 401 -8.61 -38.66 36.93
C ALA D 401 -8.35 -40.12 37.24
N LYS D 402 -7.41 -40.73 36.50
CA LYS D 402 -7.08 -42.13 36.65
C LYS D 402 -5.62 -42.25 37.12
N VAL D 403 -5.42 -42.86 38.28
CA VAL D 403 -4.09 -43.07 38.85
C VAL D 403 -3.64 -44.48 38.53
N ARG D 404 -2.35 -44.64 38.27
CA ARG D 404 -1.74 -45.94 37.99
C ARG D 404 -0.88 -46.33 39.19
N GLY D 405 -1.33 -47.34 39.94
CA GLY D 405 -0.59 -47.82 41.09
C GLY D 405 -0.79 -46.95 42.32
N CYS D 406 0.16 -47.06 43.23
CA CYS D 406 0.18 -46.23 44.44
C CYS D 406 1.48 -45.46 44.50
N PRO D 407 1.46 -44.14 44.35
CA PRO D 407 2.69 -43.36 44.43
C PRO D 407 3.24 -43.35 45.84
N GLN D 408 4.53 -42.97 45.94
CA GLN D 408 5.20 -42.92 47.23
C GLN D 408 4.62 -41.81 48.10
N GLU D 409 4.49 -40.61 47.55
CA GLU D 409 3.88 -39.50 48.29
C GLU D 409 2.36 -39.67 48.28
N LYS D 410 1.76 -39.61 49.46
CA LYS D 410 0.33 -39.85 49.60
C LYS D 410 -0.51 -38.61 49.37
N GLU D 411 0.10 -37.42 49.29
CA GLU D 411 -0.64 -36.18 49.11
C GLU D 411 0.08 -35.29 48.12
N LYS D 412 -0.61 -34.93 47.03
CA LYS D 412 -0.12 -33.98 46.05
C LYS D 412 -1.28 -33.08 45.64
N SER D 413 -1.00 -32.10 44.79
CA SER D 413 -2.03 -31.22 44.28
C SER D 413 -1.54 -30.55 43.01
N PHE D 414 -2.43 -30.48 42.01
CA PHE D 414 -2.13 -29.84 40.73
C PHE D 414 -3.17 -28.75 40.47
N THR D 415 -3.04 -28.12 39.30
CA THR D 415 -3.84 -26.95 38.96
C THR D 415 -4.41 -27.09 37.55
N ILE D 416 -5.69 -26.79 37.40
CA ILE D 416 -6.36 -26.73 36.10
C ILE D 416 -6.77 -25.28 35.88
N LYS D 417 -6.06 -24.59 34.98
CA LYS D 417 -6.29 -23.18 34.71
C LYS D 417 -6.49 -22.96 33.22
N PRO D 418 -7.45 -22.13 32.83
CA PRO D 418 -7.59 -21.78 31.41
C PRO D 418 -6.51 -20.80 30.98
N VAL D 419 -6.10 -20.94 29.71
CA VAL D 419 -5.01 -20.12 29.19
C VAL D 419 -5.42 -18.66 29.20
N GLY D 420 -4.61 -17.82 29.86
CA GLY D 420 -4.87 -16.40 29.95
C GLY D 420 -5.66 -15.97 31.16
N PHE D 421 -6.36 -16.90 31.82
CA PHE D 421 -7.21 -16.56 32.95
C PHE D 421 -6.38 -16.42 34.22
N LYS D 422 -6.95 -15.72 35.20
CA LYS D 422 -6.33 -15.58 36.51
C LYS D 422 -6.74 -16.70 37.46
N ASP D 423 -8.05 -16.94 37.59
CA ASP D 423 -8.54 -17.97 38.48
C ASP D 423 -8.21 -19.35 37.94
N SER D 424 -8.15 -20.32 38.86
CA SER D 424 -7.78 -21.67 38.50
C SER D 424 -8.48 -22.65 39.45
N LEU D 425 -8.46 -23.93 39.07
CA LEU D 425 -8.98 -25.01 39.90
C LEU D 425 -7.82 -25.77 40.51
N ILE D 426 -7.70 -25.70 41.84
CA ILE D 426 -6.67 -26.43 42.56
C ILE D 426 -7.25 -27.76 43.01
N VAL D 427 -6.72 -28.86 42.48
CA VAL D 427 -7.19 -30.20 42.79
C VAL D 427 -6.24 -30.80 43.82
N GLN D 428 -6.75 -31.08 45.01
CA GLN D 428 -5.97 -31.66 46.10
C GLN D 428 -6.20 -33.16 46.10
N VAL D 429 -5.20 -33.93 45.70
CA VAL D 429 -5.32 -35.38 45.54
C VAL D 429 -4.76 -36.06 46.78
N THR D 430 -5.46 -37.09 47.25
CA THR D 430 -5.00 -37.94 48.34
C THR D 430 -5.16 -39.39 47.91
N PHE D 431 -4.06 -40.14 47.94
CA PHE D 431 -4.04 -41.52 47.47
C PHE D 431 -4.33 -42.46 48.64
N ASP D 432 -5.46 -43.16 48.56
CA ASP D 432 -5.89 -44.06 49.63
C ASP D 432 -5.34 -45.45 49.34
N CYS D 433 -4.10 -45.68 49.78
CA CYS D 433 -3.45 -46.97 49.61
C CYS D 433 -3.45 -47.81 50.88
N ASP D 434 -3.47 -47.18 52.05
CA ASP D 434 -3.30 -47.86 53.32
C ASP D 434 -4.65 -48.09 53.99
N CYS D 435 -4.71 -49.13 54.81
CA CYS D 435 -5.91 -49.45 55.57
C CYS D 435 -5.86 -48.76 56.94
N ALA D 436 -7.04 -48.42 57.45
CA ALA D 436 -7.10 -47.74 58.74
C ALA D 436 -6.59 -48.60 59.87
N CYS D 437 -6.75 -49.93 59.76
CA CYS D 437 -6.29 -50.85 60.80
C CYS D 437 -4.78 -50.88 60.92
N GLN D 438 -4.04 -50.25 60.00
CA GLN D 438 -2.59 -50.22 60.11
C GLN D 438 -2.11 -49.29 61.21
N ALA D 439 -2.94 -48.34 61.65
CA ALA D 439 -2.55 -47.47 62.75
C ALA D 439 -2.46 -48.25 64.06
N GLN D 440 -3.34 -49.23 64.24
CA GLN D 440 -3.34 -50.09 65.41
C GLN D 440 -2.38 -51.26 65.27
N ALA D 441 -1.45 -51.19 64.32
CA ALA D 441 -0.47 -52.26 64.15
C ALA D 441 0.36 -52.43 65.42
N GLU D 442 0.56 -53.68 65.81
CA GLU D 442 1.31 -54.01 67.02
C GLU D 442 2.68 -54.54 66.65
N PRO D 443 3.73 -53.72 66.74
CA PRO D 443 5.08 -54.23 66.44
C PRO D 443 5.54 -55.21 67.50
N ASN D 444 6.26 -56.25 67.05
CA ASN D 444 6.85 -57.25 67.94
C ASN D 444 5.77 -57.89 68.82
N SER D 445 4.72 -58.39 68.18
CA SER D 445 3.58 -58.93 68.88
C SER D 445 3.86 -60.35 69.36
N HIS D 446 3.34 -60.67 70.55
CA HIS D 446 3.45 -62.03 71.07
C HIS D 446 2.73 -63.03 70.18
N ARG D 447 1.70 -62.58 69.47
CA ARG D 447 0.85 -63.42 68.65
C ARG D 447 1.52 -63.86 67.34
N CYS D 448 2.71 -63.35 67.04
CA CYS D 448 3.40 -63.65 65.78
C CYS D 448 4.84 -64.08 66.09
N ASN D 449 5.05 -65.39 66.16
CA ASN D 449 6.39 -65.98 66.27
C ASN D 449 7.09 -65.59 67.57
N ASN D 450 6.33 -65.54 68.67
CA ASN D 450 6.80 -65.20 70.01
C ASN D 450 7.27 -63.76 70.12
N GLY D 451 7.27 -62.99 69.02
CA GLY D 451 7.66 -61.60 69.08
C GLY D 451 8.51 -61.13 67.93
N ASN D 452 8.54 -61.91 66.84
CA ASN D 452 9.37 -61.59 65.68
C ASN D 452 8.61 -60.93 64.55
N GLY D 453 7.28 -60.90 64.60
CA GLY D 453 6.48 -60.32 63.54
C GLY D 453 5.58 -59.20 64.04
N THR D 454 4.95 -58.51 63.09
CA THR D 454 4.05 -57.40 63.36
C THR D 454 2.62 -57.83 63.09
N PHE D 455 1.75 -57.63 64.08
CA PHE D 455 0.34 -57.99 63.99
C PHE D 455 -0.46 -56.75 63.59
N GLU D 456 -0.95 -56.73 62.35
CA GLU D 456 -1.78 -55.63 61.87
C GLU D 456 -2.92 -56.18 61.04
N CYS D 457 -4.12 -55.66 61.27
CA CYS D 457 -5.31 -56.00 60.49
C CYS D 457 -5.63 -57.49 60.56
N GLY D 458 -5.34 -58.12 61.70
CA GLY D 458 -5.74 -59.49 61.94
C GLY D 458 -4.80 -60.56 61.43
N VAL D 459 -3.67 -60.18 60.83
CA VAL D 459 -2.71 -61.14 60.30
C VAL D 459 -1.31 -60.73 60.74
N CYS D 460 -0.35 -61.64 60.54
CA CYS D 460 1.03 -61.44 60.96
C CYS D 460 1.89 -61.08 59.75
N ARG D 461 2.55 -59.93 59.81
CA ARG D 461 3.46 -59.47 58.78
C ARG D 461 4.89 -59.62 59.29
N CYS D 462 5.78 -60.15 58.46
CA CYS D 462 7.19 -60.24 58.84
C CYS D 462 7.76 -58.84 58.99
N GLY D 463 8.46 -58.62 60.12
CA GLY D 463 8.85 -57.29 60.52
C GLY D 463 9.99 -56.73 59.70
N PRO D 464 10.42 -55.53 60.07
CA PRO D 464 11.52 -54.88 59.35
C PRO D 464 12.86 -55.54 59.69
N GLY D 465 13.69 -55.68 58.65
CA GLY D 465 14.97 -56.35 58.79
C GLY D 465 14.95 -57.82 58.44
N TRP D 466 13.77 -58.42 58.29
CA TRP D 466 13.64 -59.82 57.92
C TRP D 466 13.42 -59.95 56.42
N LEU D 467 13.95 -61.03 55.85
CA LEU D 467 13.79 -61.33 54.43
C LEU D 467 12.85 -62.51 54.26
N GLY D 468 11.93 -62.39 53.31
CA GLY D 468 10.98 -63.45 53.03
C GLY D 468 9.57 -63.07 53.45
N SER D 469 8.59 -63.68 52.78
CA SER D 469 7.19 -63.46 53.14
C SER D 469 6.77 -64.26 54.36
N GLN D 470 7.48 -65.34 54.67
CA GLN D 470 7.21 -66.13 55.87
C GLN D 470 8.44 -66.26 56.76
N CYS D 471 9.46 -65.43 56.53
CA CYS D 471 10.66 -65.39 57.35
C CYS D 471 11.33 -66.77 57.46
N GLU E 1 44.99 -12.43 -23.26
CA GLU E 1 45.85 -11.27 -23.32
C GLU E 1 45.04 -10.03 -23.70
N VAL E 2 45.41 -8.89 -23.12
CA VAL E 2 44.70 -7.63 -23.35
C VAL E 2 45.27 -6.95 -24.58
N GLN E 3 44.38 -6.54 -25.48
CA GLN E 3 44.79 -5.81 -26.68
C GLN E 3 43.58 -5.06 -27.24
N LEU E 4 43.78 -3.78 -27.54
CA LEU E 4 42.73 -2.93 -28.10
C LEU E 4 42.93 -2.81 -29.61
N GLN E 5 41.95 -3.28 -30.38
CA GLN E 5 42.02 -3.28 -31.84
C GLN E 5 41.06 -2.23 -32.37
N GLN E 6 41.60 -1.16 -32.94
CA GLN E 6 40.81 -0.05 -33.44
C GLN E 6 40.56 -0.20 -34.94
N SER E 7 39.87 0.79 -35.50
CA SER E 7 39.50 0.77 -36.91
C SER E 7 40.67 1.19 -37.79
N GLY E 8 40.45 1.17 -39.11
CA GLY E 8 41.46 1.57 -40.06
C GLY E 8 41.49 3.08 -40.28
N ALA E 9 42.48 3.53 -41.04
CA ALA E 9 42.65 4.94 -41.33
C ALA E 9 41.43 5.49 -42.08
N GLU E 10 40.92 6.62 -41.62
CA GLU E 10 39.73 7.24 -42.18
C GLU E 10 40.11 8.51 -42.93
N LEU E 11 39.52 8.68 -44.12
CA LEU E 11 39.74 9.87 -44.94
C LEU E 11 38.39 10.43 -45.34
N VAL E 12 38.11 11.65 -44.89
CA VAL E 12 36.79 12.27 -45.05
C VAL E 12 36.98 13.74 -45.41
N LYS E 13 35.88 14.39 -45.78
CA LYS E 13 35.86 15.78 -46.18
C LYS E 13 35.31 16.64 -45.05
N PRO E 14 35.62 17.94 -45.04
CA PRO E 14 35.13 18.82 -43.97
C PRO E 14 33.62 18.84 -43.90
N GLY E 15 33.10 19.01 -42.68
CA GLY E 15 31.68 19.02 -42.44
C GLY E 15 31.05 17.65 -42.28
N ALA E 16 31.73 16.58 -42.71
CA ALA E 16 31.19 15.23 -42.60
C ALA E 16 31.34 14.75 -41.16
N SER E 17 31.03 13.49 -40.92
CA SER E 17 31.10 12.92 -39.58
C SER E 17 31.56 11.47 -39.67
N VAL E 18 32.66 11.15 -39.01
CA VAL E 18 33.22 9.81 -39.02
C VAL E 18 33.06 9.20 -37.63
N LYS E 19 32.78 7.90 -37.59
CA LYS E 19 32.55 7.17 -36.35
C LYS E 19 33.63 6.10 -36.21
N LEU E 20 34.55 6.31 -35.27
CA LEU E 20 35.66 5.39 -35.07
C LEU E 20 35.25 4.23 -34.16
N SER E 21 36.09 3.19 -34.16
CA SER E 21 35.79 1.95 -33.47
C SER E 21 36.97 1.52 -32.61
N CYS E 22 36.67 0.83 -31.51
CA CYS E 22 37.69 0.33 -30.58
C CYS E 22 37.18 -1.00 -30.02
N THR E 23 37.50 -2.08 -30.73
CA THR E 23 37.04 -3.41 -30.35
C THR E 23 38.00 -4.05 -29.36
N ALA E 24 37.45 -4.70 -28.35
CA ALA E 24 38.25 -5.35 -27.32
C ALA E 24 38.59 -6.77 -27.75
N SER E 25 39.77 -7.23 -27.30
CA SER E 25 40.28 -8.54 -27.66
C SER E 25 40.88 -9.20 -26.44
N GLY E 26 40.32 -10.34 -26.04
CA GLY E 26 40.81 -11.07 -24.89
C GLY E 26 40.22 -10.66 -23.56
N PHE E 27 39.17 -9.84 -23.57
CA PHE E 27 38.53 -9.39 -22.34
C PHE E 27 37.22 -8.72 -22.72
N ASN E 28 36.26 -8.75 -21.79
CA ASN E 28 34.99 -8.07 -21.99
C ASN E 28 35.17 -6.57 -21.79
N ILE E 29 34.67 -5.77 -22.74
CA ILE E 29 34.81 -4.33 -22.67
C ILE E 29 34.06 -3.73 -21.49
N LYS E 30 33.15 -4.49 -20.87
CA LYS E 30 32.39 -4.02 -19.73
C LYS E 30 33.24 -3.88 -18.46
N ASP E 31 34.48 -4.34 -18.49
CA ASP E 31 35.26 -4.47 -17.27
C ASP E 31 35.68 -3.12 -16.69
N THR E 32 36.14 -2.19 -17.54
CA THR E 32 36.78 -0.97 -17.07
C THR E 32 36.23 0.25 -17.81
N TYR E 33 36.68 1.42 -17.35
CA TYR E 33 36.55 2.64 -18.13
C TYR E 33 37.28 2.49 -19.47
N VAL E 34 36.82 3.25 -20.46
CA VAL E 34 37.48 3.32 -21.76
C VAL E 34 37.57 4.78 -22.17
N HIS E 35 38.79 5.26 -22.40
CA HIS E 35 39.04 6.66 -22.73
C HIS E 35 39.37 6.79 -24.22
N TRP E 36 39.26 8.02 -24.71
CA TRP E 36 39.70 8.38 -26.06
C TRP E 36 40.71 9.52 -25.96
N VAL E 37 41.78 9.42 -26.74
CA VAL E 37 42.88 10.39 -26.69
C VAL E 37 43.22 10.83 -28.11
N LYS E 38 43.43 12.13 -28.27
CA LYS E 38 43.75 12.74 -29.57
C LYS E 38 45.20 13.20 -29.56
N GLN E 39 45.92 12.91 -30.64
CA GLN E 39 47.34 13.24 -30.73
C GLN E 39 47.61 14.00 -32.03
N ARG E 40 48.18 15.19 -31.90
CA ARG E 40 48.67 16.00 -33.01
C ARG E 40 50.16 16.24 -32.84
N PRO E 41 50.88 16.49 -33.94
CA PRO E 41 52.34 16.65 -33.82
C PRO E 41 52.75 17.89 -33.05
N GLU E 42 52.07 19.01 -33.22
CA GLU E 42 52.47 20.26 -32.59
C GLU E 42 51.83 20.44 -31.21
N GLN E 43 50.49 20.33 -31.14
CA GLN E 43 49.81 20.58 -29.88
C GLN E 43 50.13 19.51 -28.84
N GLY E 44 50.17 18.25 -29.26
CA GLY E 44 50.51 17.17 -28.35
C GLY E 44 49.37 16.20 -28.09
N LEU E 45 49.24 15.77 -26.84
CA LEU E 45 48.22 14.81 -26.44
C LEU E 45 47.08 15.53 -25.74
N GLU E 46 45.84 15.18 -26.11
CA GLU E 46 44.64 15.79 -25.54
C GLU E 46 43.65 14.69 -25.17
N TRP E 47 43.08 14.81 -23.98
CA TRP E 47 42.12 13.84 -23.47
C TRP E 47 40.71 14.26 -23.91
N ILE E 48 40.02 13.36 -24.60
CA ILE E 48 38.68 13.65 -25.11
C ILE E 48 37.61 13.32 -24.08
N GLY E 49 37.63 12.11 -23.54
CA GLY E 49 36.63 11.73 -22.57
C GLY E 49 36.73 10.24 -22.26
N ARG E 50 35.74 9.75 -21.53
CA ARG E 50 35.69 8.36 -21.12
C ARG E 50 34.25 7.87 -21.18
N ILE E 51 34.08 6.54 -21.10
CA ILE E 51 32.77 5.92 -21.04
C ILE E 51 32.85 4.71 -20.12
N ASP E 52 31.76 4.45 -19.42
CA ASP E 52 31.60 3.25 -18.61
C ASP E 52 30.71 2.28 -19.37
N PRO E 53 31.28 1.34 -20.13
CA PRO E 53 30.45 0.45 -20.96
C PRO E 53 29.47 -0.40 -20.15
N ALA E 54 29.62 -0.47 -18.84
CA ALA E 54 28.70 -1.23 -18.00
C ALA E 54 27.37 -0.54 -17.79
N ASN E 55 27.20 0.70 -18.26
CA ASN E 55 25.96 1.44 -18.08
C ASN E 55 25.76 2.46 -19.19
N GLY E 56 26.84 3.06 -19.67
CA GLY E 56 26.78 4.05 -20.73
C GLY E 56 27.06 5.47 -20.30
N TYR E 57 27.29 5.72 -19.01
CA TYR E 57 27.58 7.07 -18.55
C TYR E 57 28.92 7.54 -19.09
N THR E 58 29.01 8.84 -19.37
CA THR E 58 30.15 9.40 -20.07
C THR E 58 30.65 10.66 -19.36
N LYS E 59 31.92 10.99 -19.64
CA LYS E 59 32.55 12.22 -19.22
C LYS E 59 33.32 12.78 -20.40
N TYR E 60 33.40 14.11 -20.49
CA TYR E 60 34.07 14.76 -21.60
C TYR E 60 34.87 15.96 -21.12
N ASP E 61 35.92 16.28 -21.86
CA ASP E 61 36.58 17.57 -21.74
C ASP E 61 35.69 18.62 -22.39
N PRO E 62 35.37 19.72 -21.68
CA PRO E 62 34.42 20.71 -22.23
C PRO E 62 34.84 21.29 -23.58
N LYS E 63 36.11 21.16 -23.97
CA LYS E 63 36.54 21.66 -25.27
C LYS E 63 35.89 20.87 -26.40
N PHE E 64 35.70 19.57 -26.20
CA PHE E 64 35.21 18.67 -27.25
C PHE E 64 33.70 18.49 -27.19
N GLN E 65 32.96 19.44 -26.63
CA GLN E 65 31.51 19.33 -26.57
C GLN E 65 30.89 19.63 -27.93
N GLY E 66 29.84 18.87 -28.26
CA GLY E 66 29.19 19.01 -29.54
C GLY E 66 29.89 18.23 -30.64
N LYS E 67 31.22 18.24 -30.61
CA LYS E 67 32.00 17.56 -31.64
C LYS E 67 32.15 16.07 -31.33
N ALA E 68 32.75 15.74 -30.20
CA ALA E 68 33.03 14.35 -29.85
C ALA E 68 31.86 13.72 -29.11
N THR E 69 31.53 12.49 -29.48
CA THR E 69 30.45 11.74 -28.86
C THR E 69 30.90 10.29 -28.71
N ILE E 70 31.00 9.82 -27.47
CA ILE E 70 31.48 8.48 -27.16
C ILE E 70 30.30 7.57 -26.86
N THR E 71 30.27 6.39 -27.49
CA THR E 71 29.22 5.40 -27.27
C THR E 71 29.87 4.02 -27.12
N ALA E 72 29.03 3.02 -26.91
CA ALA E 72 29.51 1.65 -26.76
C ALA E 72 28.35 0.69 -26.98
N ASP E 73 28.70 -0.55 -27.33
CA ASP E 73 27.74 -1.63 -27.51
C ASP E 73 28.36 -2.89 -26.95
N THR E 74 27.84 -3.37 -25.83
CA THR E 74 28.44 -4.52 -25.15
C THR E 74 28.33 -5.78 -26.01
N SER E 75 27.27 -5.89 -26.82
CA SER E 75 27.16 -7.01 -27.73
C SER E 75 28.32 -7.05 -28.71
N SER E 76 28.60 -5.90 -29.33
CA SER E 76 29.74 -5.79 -30.24
C SER E 76 31.07 -5.78 -29.50
N ASN E 77 31.06 -5.60 -28.19
CA ASN E 77 32.27 -5.53 -27.38
C ASN E 77 33.19 -4.41 -27.87
N THR E 78 32.60 -3.29 -28.28
CA THR E 78 33.31 -2.22 -28.94
C THR E 78 32.77 -0.87 -28.47
N ALA E 79 33.69 0.07 -28.21
CA ALA E 79 33.35 1.43 -27.86
C ALA E 79 33.68 2.35 -29.02
N TYR E 80 32.80 3.31 -29.29
CA TYR E 80 32.92 4.16 -30.47
C TYR E 80 33.22 5.60 -30.09
N LEU E 81 33.78 6.34 -31.05
CA LEU E 81 33.98 7.77 -30.94
C LEU E 81 33.45 8.41 -32.23
N GLN E 82 32.33 9.11 -32.12
CA GLN E 82 31.71 9.78 -33.26
C GLN E 82 32.15 11.24 -33.27
N LEU E 83 32.79 11.67 -34.34
CA LEU E 83 33.25 13.04 -34.51
C LEU E 83 32.43 13.71 -35.60
N SER E 84 31.76 14.80 -35.25
CA SER E 84 30.86 15.49 -36.17
C SER E 84 31.39 16.88 -36.49
N SER E 85 31.00 17.39 -37.66
CA SER E 85 31.37 18.72 -38.14
C SER E 85 32.89 18.89 -38.12
N LEU E 86 33.54 18.13 -39.00
CA LEU E 86 34.99 18.02 -38.99
C LEU E 86 35.65 19.22 -39.66
N THR E 87 36.82 19.57 -39.16
CA THR E 87 37.65 20.64 -39.71
C THR E 87 39.07 20.10 -39.91
N SER E 88 39.94 20.96 -40.45
CA SER E 88 41.34 20.58 -40.59
C SER E 88 42.04 20.48 -39.23
N GLU E 89 41.52 21.18 -38.22
CA GLU E 89 42.09 21.08 -36.88
C GLU E 89 41.77 19.74 -36.22
N ASP E 90 40.75 19.03 -36.71
CA ASP E 90 40.40 17.72 -36.19
C ASP E 90 41.22 16.60 -36.83
N THR E 91 42.15 16.92 -37.72
CA THR E 91 43.01 15.92 -38.34
C THR E 91 44.08 15.51 -37.33
N ALA E 92 44.02 14.26 -36.88
CA ALA E 92 44.92 13.77 -35.84
C ALA E 92 44.84 12.25 -35.81
N VAL E 93 45.64 11.66 -34.92
CA VAL E 93 45.56 10.23 -34.61
C VAL E 93 44.79 10.07 -33.31
N TYR E 94 43.88 9.11 -33.29
CA TYR E 94 42.99 8.91 -32.15
C TYR E 94 43.21 7.53 -31.56
N TYR E 95 43.40 7.47 -30.24
CA TYR E 95 43.63 6.23 -29.51
C TYR E 95 42.53 6.03 -28.48
N CYS E 96 42.21 4.77 -28.20
CA CYS E 96 41.40 4.40 -27.05
C CYS E 96 42.28 3.78 -25.98
N VAL E 97 41.97 4.09 -24.73
CA VAL E 97 42.83 3.71 -23.59
C VAL E 97 41.97 3.08 -22.51
N ARG E 98 42.56 2.14 -21.78
CA ARG E 98 41.95 1.52 -20.62
C ARG E 98 43.05 1.25 -19.59
N PRO E 99 42.71 1.19 -18.31
CA PRO E 99 43.72 0.95 -17.29
C PRO E 99 44.02 -0.53 -17.11
N LEU E 100 45.14 -0.79 -16.42
CA LEU E 100 45.52 -2.16 -16.06
C LEU E 100 44.86 -2.55 -14.73
N TYR E 101 45.28 -1.91 -13.65
CA TYR E 101 44.70 -2.16 -12.33
C TYR E 101 43.99 -0.92 -11.78
N ASP E 102 44.73 0.16 -11.55
CA ASP E 102 44.15 1.39 -11.02
C ASP E 102 42.95 1.83 -11.85
N TYR E 103 41.79 1.93 -11.19
CA TYR E 103 40.54 2.31 -11.84
C TYR E 103 40.67 3.57 -12.70
N TYR E 104 41.67 4.42 -12.41
CA TYR E 104 41.78 5.73 -13.04
C TYR E 104 43.01 5.89 -13.92
N ALA E 105 43.81 4.83 -14.10
CA ALA E 105 45.06 4.95 -14.83
C ALA E 105 44.82 4.87 -16.34
N MET E 106 45.90 5.09 -17.10
CA MET E 106 45.89 5.05 -18.57
C MET E 106 47.10 4.22 -18.98
N ASP E 107 46.90 2.90 -19.14
CA ASP E 107 48.01 1.98 -19.30
C ASP E 107 47.99 1.23 -20.63
N TYR E 108 46.86 0.66 -21.02
CA TYR E 108 46.76 -0.08 -22.27
C TYR E 108 46.21 0.83 -23.36
N TRP E 109 46.87 0.82 -24.52
CA TRP E 109 46.56 1.72 -25.62
C TRP E 109 46.36 0.94 -26.91
N GLY E 110 45.40 1.40 -27.72
CA GLY E 110 45.23 0.85 -29.05
C GLY E 110 46.31 1.34 -29.99
N GLN E 111 46.35 0.73 -31.18
CA GLN E 111 47.37 1.09 -32.16
C GLN E 111 47.13 2.45 -32.78
N GLY E 112 45.95 3.03 -32.62
CA GLY E 112 45.69 4.37 -33.11
C GLY E 112 45.07 4.37 -34.49
N THR E 113 44.22 5.36 -34.73
CA THR E 113 43.53 5.54 -36.00
C THR E 113 43.80 6.96 -36.49
N SER E 114 44.39 7.08 -37.67
CA SER E 114 44.66 8.37 -38.28
C SER E 114 43.44 8.85 -39.04
N VAL E 115 42.93 10.03 -38.70
CA VAL E 115 41.79 10.64 -39.37
C VAL E 115 42.32 11.86 -40.13
N THR E 116 42.05 11.89 -41.43
CA THR E 116 42.52 12.96 -42.30
C THR E 116 41.32 13.66 -42.92
N VAL E 117 41.22 14.98 -42.70
CA VAL E 117 40.13 15.78 -43.22
C VAL E 117 40.67 16.68 -44.32
N SER E 118 40.13 16.54 -45.52
CA SER E 118 40.61 17.32 -46.66
C SER E 118 39.52 17.40 -47.71
N SER E 119 39.54 18.49 -48.47
CA SER E 119 38.58 18.69 -49.55
C SER E 119 39.06 18.11 -50.88
N ALA E 120 40.38 18.00 -51.06
CA ALA E 120 40.92 17.58 -52.34
C ALA E 120 40.55 16.14 -52.65
N LYS E 121 40.32 15.87 -53.93
CA LYS E 121 39.99 14.53 -54.40
C LYS E 121 41.29 13.76 -54.67
N THR E 122 41.17 12.58 -55.26
CA THR E 122 42.35 11.78 -55.58
C THR E 122 43.14 12.47 -56.69
N THR E 123 44.46 12.55 -56.50
CA THR E 123 45.31 13.25 -57.44
C THR E 123 46.66 12.54 -57.56
N ALA E 124 47.14 12.36 -58.80
CA ALA E 124 48.41 11.70 -59.05
C ALA E 124 49.55 12.70 -58.96
N PRO E 125 50.71 12.28 -58.46
CA PRO E 125 51.81 13.22 -58.20
C PRO E 125 52.54 13.60 -59.48
N SER E 126 53.46 14.56 -59.32
CA SER E 126 54.38 14.98 -60.36
C SER E 126 55.79 14.52 -59.98
N VAL E 127 56.69 14.54 -60.97
CA VAL E 127 58.09 14.15 -60.77
C VAL E 127 58.97 15.14 -61.50
N TYR E 128 59.92 15.73 -60.79
CA TYR E 128 60.85 16.71 -61.37
C TYR E 128 62.28 16.31 -61.03
N PRO E 129 63.17 16.22 -62.01
CA PRO E 129 64.57 15.87 -61.73
C PRO E 129 65.38 17.08 -61.28
N LEU E 130 66.31 16.85 -60.35
CA LEU E 130 67.13 17.91 -59.78
C LEU E 130 68.59 17.54 -59.92
N ALA E 131 69.31 18.27 -60.77
CA ALA E 131 70.73 18.09 -61.01
C ALA E 131 71.52 19.30 -60.52
N PRO E 132 72.82 19.15 -60.27
CA PRO E 132 73.63 20.29 -59.80
C PRO E 132 73.65 21.43 -60.80
N VAL E 133 74.10 22.59 -60.31
CA VAL E 133 74.14 23.81 -61.11
C VAL E 133 75.38 23.79 -61.99
N CYS E 134 75.28 24.42 -63.17
CA CYS E 134 76.38 24.53 -64.11
C CYS E 134 77.61 25.19 -63.46
N SER E 137 84.62 15.27 -55.80
CA SER E 137 84.83 13.93 -55.29
C SER E 137 83.50 13.24 -54.98
N SER E 138 82.46 14.05 -54.80
CA SER E 138 81.13 13.52 -54.47
C SER E 138 80.08 14.46 -55.05
N VAL E 139 78.88 13.92 -55.25
CA VAL E 139 77.80 14.66 -55.89
C VAL E 139 76.48 14.20 -55.28
N THR E 140 75.53 15.14 -55.19
CA THR E 140 74.21 14.88 -54.62
C THR E 140 73.14 15.21 -55.66
N LEU E 141 72.18 14.32 -55.83
CA LEU E 141 71.09 14.51 -56.77
C LEU E 141 69.80 14.86 -56.02
N GLY E 142 68.68 14.88 -56.74
CA GLY E 142 67.41 15.20 -56.14
C GLY E 142 66.26 14.75 -57.01
N CYS E 143 65.11 14.56 -56.36
CA CYS E 143 63.92 14.05 -57.06
C CYS E 143 62.68 14.60 -56.33
N LEU E 144 62.19 15.73 -56.80
CA LEU E 144 61.05 16.39 -56.18
C LEU E 144 59.74 15.78 -56.68
N VAL E 145 58.80 15.59 -55.75
CA VAL E 145 57.47 15.04 -56.04
C VAL E 145 56.46 15.96 -55.38
N LYS E 146 55.42 16.36 -56.13
CA LYS E 146 54.49 17.34 -55.63
C LYS E 146 53.11 17.14 -56.27
N GLY E 147 52.08 17.53 -55.53
CA GLY E 147 50.72 17.53 -56.05
C GLY E 147 50.07 16.17 -56.09
N TYR E 148 49.72 15.63 -54.93
CA TYR E 148 49.09 14.31 -54.88
C TYR E 148 48.27 14.20 -53.60
N PHE E 149 47.28 13.31 -53.65
CA PHE E 149 46.40 13.04 -52.53
C PHE E 149 45.65 11.75 -52.82
N PRO E 150 45.54 10.83 -51.86
CA PRO E 150 46.10 10.97 -50.52
C PRO E 150 47.46 10.28 -50.33
N GLU E 151 47.89 10.20 -49.07
CA GLU E 151 49.10 9.47 -48.73
C GLU E 151 48.84 7.98 -48.79
N PRO E 152 49.90 7.15 -48.94
CA PRO E 152 51.31 7.52 -49.09
C PRO E 152 51.83 7.28 -50.50
N VAL E 153 53.16 7.37 -50.66
CA VAL E 153 53.83 7.11 -51.92
C VAL E 153 55.10 6.33 -51.64
N THR E 154 55.61 5.68 -52.69
CA THR E 154 56.83 4.88 -52.62
C THR E 154 57.87 5.47 -53.56
N LEU E 155 58.95 5.99 -52.98
CA LEU E 155 60.07 6.53 -53.75
C LEU E 155 61.25 5.57 -53.62
N THR E 156 61.64 4.97 -54.75
CA THR E 156 62.74 4.02 -54.79
C THR E 156 63.56 4.27 -56.05
N TRP E 157 64.73 3.64 -56.11
CA TRP E 157 65.67 3.83 -57.21
C TRP E 157 65.96 2.47 -57.84
N ASN E 158 65.57 2.33 -59.11
CA ASN E 158 65.68 1.07 -59.82
C ASN E 158 64.98 -0.04 -59.03
N SER E 159 63.72 0.24 -58.64
CA SER E 159 62.89 -0.71 -57.89
C SER E 159 63.59 -1.17 -56.62
N GLY E 160 64.16 -0.22 -55.89
CA GLY E 160 64.81 -0.53 -54.63
C GLY E 160 66.22 -1.03 -54.75
N SER E 161 66.87 -0.83 -55.90
CA SER E 161 68.23 -1.33 -56.08
C SER E 161 69.20 -0.65 -55.13
N LEU E 162 69.00 0.65 -54.90
CA LEU E 162 69.89 1.45 -54.05
C LEU E 162 69.15 1.86 -52.79
N SER E 163 69.71 1.50 -51.64
CA SER E 163 69.10 1.81 -50.36
C SER E 163 70.06 2.42 -49.35
N SER E 164 71.36 2.48 -49.63
CA SER E 164 72.33 3.03 -48.71
C SER E 164 72.62 4.48 -49.10
N GLY E 165 72.21 5.42 -48.25
CA GLY E 165 72.45 6.83 -48.50
C GLY E 165 71.34 7.53 -49.23
N VAL E 166 70.10 7.30 -48.80
CA VAL E 166 68.93 7.91 -49.41
C VAL E 166 68.09 8.53 -48.28
N HIS E 167 68.05 9.85 -48.24
CA HIS E 167 67.28 10.58 -47.22
C HIS E 167 65.96 11.01 -47.86
N THR E 168 64.97 10.12 -47.78
CA THR E 168 63.63 10.45 -48.24
C THR E 168 62.89 11.21 -47.14
N PHE E 169 62.54 12.46 -47.42
CA PHE E 169 61.99 13.33 -46.39
C PHE E 169 60.48 13.12 -46.24
N PRO E 170 59.95 13.35 -45.04
CA PRO E 170 58.51 13.20 -44.84
C PRO E 170 57.73 14.20 -45.69
N ALA E 171 56.57 13.73 -46.18
CA ALA E 171 55.70 14.60 -46.96
C ALA E 171 55.14 15.72 -46.09
N VAL E 172 54.86 16.86 -46.73
CA VAL E 172 54.36 18.04 -46.04
C VAL E 172 53.07 18.49 -46.73
N LEU E 173 52.12 18.96 -45.94
CA LEU E 173 50.84 19.41 -46.47
C LEU E 173 50.98 20.80 -47.08
N GLN E 174 50.42 20.97 -48.29
CA GLN E 174 50.45 22.25 -49.00
C GLN E 174 49.08 22.45 -49.66
N SER E 175 48.18 23.10 -48.94
CA SER E 175 46.84 23.44 -49.40
C SER E 175 46.13 22.22 -49.99
N ASP E 176 45.84 21.27 -49.09
CA ASP E 176 45.13 20.03 -49.39
C ASP E 176 45.88 19.14 -50.38
N LEU E 177 47.18 19.38 -50.58
CA LEU E 177 48.00 18.57 -51.47
C LEU E 177 49.39 18.42 -50.86
N TYR E 178 49.96 17.23 -50.98
CA TYR E 178 51.23 16.91 -50.33
C TYR E 178 52.42 17.23 -51.25
N THR E 179 53.61 17.24 -50.65
CA THR E 179 54.84 17.49 -51.37
C THR E 179 55.96 16.73 -50.67
N LEU E 180 56.51 15.71 -51.33
CA LEU E 180 57.57 14.88 -50.78
C LEU E 180 58.83 15.03 -51.62
N SER E 181 59.98 14.97 -50.95
CA SER E 181 61.27 15.11 -51.62
C SER E 181 62.25 14.09 -51.05
N SER E 182 63.21 13.69 -51.88
CA SER E 182 64.25 12.76 -51.49
C SER E 182 65.56 13.15 -52.16
N SER E 183 66.65 12.56 -51.68
CA SER E 183 67.97 12.86 -52.20
C SER E 183 68.84 11.61 -52.10
N VAL E 184 69.97 11.65 -52.80
CA VAL E 184 70.90 10.53 -52.81
C VAL E 184 72.28 11.07 -53.19
N THR E 185 73.32 10.48 -52.60
CA THR E 185 74.69 10.93 -52.79
C THR E 185 75.57 9.78 -53.26
N VAL E 186 76.41 10.06 -54.26
CA VAL E 186 77.38 9.11 -54.78
C VAL E 186 78.68 9.85 -55.06
N THR E 187 79.67 9.13 -55.56
CA THR E 187 80.95 9.72 -55.91
C THR E 187 80.90 10.35 -57.30
N SER E 188 81.98 11.05 -57.66
CA SER E 188 82.05 11.67 -58.98
C SER E 188 82.22 10.63 -60.07
N SER E 189 82.67 9.42 -59.73
CA SER E 189 82.82 8.33 -60.69
C SER E 189 81.57 7.45 -60.76
N THR E 190 80.39 8.02 -60.57
CA THR E 190 79.15 7.27 -60.61
C THR E 190 78.12 7.99 -61.46
N TRP E 191 78.22 9.33 -61.52
CA TRP E 191 77.29 10.16 -62.26
C TRP E 191 78.04 11.40 -62.71
N PRO E 192 77.94 11.78 -63.99
CA PRO E 192 77.12 11.14 -65.03
C PRO E 192 77.88 10.05 -65.81
N SER E 193 78.56 9.16 -65.09
CA SER E 193 79.18 8.01 -65.74
C SER E 193 78.24 6.83 -65.88
N GLN E 194 77.11 6.85 -65.17
CA GLN E 194 76.12 5.78 -65.23
C GLN E 194 74.73 6.39 -65.22
N SER E 195 73.81 5.77 -65.97
CA SER E 195 72.45 6.30 -66.05
C SER E 195 71.72 6.08 -64.72
N ILE E 196 71.06 7.14 -64.25
CA ILE E 196 70.37 7.12 -62.97
C ILE E 196 69.00 7.77 -63.15
N THR E 197 67.96 7.10 -62.65
CA THR E 197 66.58 7.55 -62.79
C THR E 197 65.85 7.38 -61.45
N CYS E 198 64.97 8.33 -61.14
CA CYS E 198 64.17 8.35 -59.92
C CYS E 198 62.80 7.72 -60.15
N ASN E 199 62.52 6.63 -59.43
CA ASN E 199 61.22 5.98 -59.53
C ASN E 199 60.27 6.46 -58.44
N VAL E 200 58.99 6.61 -58.80
CA VAL E 200 57.95 7.05 -57.88
C VAL E 200 56.72 6.17 -58.09
N ALA E 201 55.94 5.97 -57.03
CA ALA E 201 54.73 5.16 -57.12
C ALA E 201 53.67 5.70 -56.16
N HIS E 202 52.45 5.88 -56.68
CA HIS E 202 51.32 6.36 -55.88
C HIS E 202 50.18 5.35 -55.99
N PRO E 203 49.99 4.50 -54.98
CA PRO E 203 48.97 3.44 -55.11
C PRO E 203 47.54 3.96 -55.19
N ALA E 204 47.27 5.15 -54.68
CA ALA E 204 45.89 5.66 -54.67
C ALA E 204 45.37 5.85 -56.09
N SER E 205 46.17 6.43 -56.96
CA SER E 205 45.80 6.61 -58.36
C SER E 205 46.40 5.55 -59.27
N SER E 206 47.16 4.61 -58.72
CA SER E 206 47.74 3.49 -59.47
C SER E 206 48.62 4.00 -60.61
N THR E 207 49.64 4.78 -60.25
CA THR E 207 50.58 5.33 -61.21
C THR E 207 52.01 5.05 -60.76
N LYS E 208 52.91 4.91 -61.73
CA LYS E 208 54.29 4.50 -61.47
C LYS E 208 55.23 5.21 -62.45
N VAL E 209 55.23 6.55 -62.42
CA VAL E 209 56.03 7.34 -63.34
C VAL E 209 57.40 7.61 -62.73
N ASP E 210 58.41 7.78 -63.59
CA ASP E 210 59.77 8.06 -63.17
C ASP E 210 60.42 9.03 -64.15
N LYS E 211 61.43 9.75 -63.67
CA LYS E 211 62.13 10.76 -64.47
C LYS E 211 63.63 10.55 -64.35
N LYS E 212 64.31 10.57 -65.50
CA LYS E 212 65.75 10.35 -65.55
C LYS E 212 66.50 11.64 -65.25
N ILE E 213 67.49 11.56 -64.36
CA ILE E 213 68.27 12.72 -63.95
C ILE E 213 69.25 13.06 -65.07
N GLU E 214 69.16 14.29 -65.60
CA GLU E 214 70.04 14.73 -66.68
C GLU E 214 70.95 15.85 -66.19
N PRO E 215 72.20 15.87 -66.62
CA PRO E 215 73.11 16.96 -66.22
C PRO E 215 72.68 18.28 -66.86
N ARG E 216 73.10 19.37 -66.21
CA ARG E 216 72.77 20.71 -66.71
C ARG E 216 73.93 21.30 -67.49
N ASP F 1 41.84 23.52 -15.48
CA ASP F 1 42.61 22.32 -15.77
C ASP F 1 44.01 22.38 -15.14
N ILE F 2 44.59 21.21 -14.93
CA ILE F 2 45.94 21.11 -14.37
C ILE F 2 46.95 21.16 -15.52
N LEU F 3 48.02 21.93 -15.34
CA LEU F 3 49.05 22.06 -16.35
C LEU F 3 50.24 21.18 -15.99
N MET F 4 50.67 20.34 -16.93
CA MET F 4 51.78 19.43 -16.74
C MET F 4 52.97 19.94 -17.55
N THR F 5 54.01 20.38 -16.86
CA THR F 5 55.23 20.87 -17.48
C THR F 5 56.26 19.75 -17.47
N GLN F 6 56.61 19.25 -18.65
CA GLN F 6 57.57 18.16 -18.80
C GLN F 6 58.84 18.72 -19.42
N SER F 7 59.97 18.50 -18.73
CA SER F 7 61.26 18.99 -19.17
C SER F 7 62.30 17.89 -18.98
N PRO F 8 63.32 17.83 -19.84
CA PRO F 8 63.53 18.71 -21.00
C PRO F 8 62.66 18.34 -22.19
N SER F 9 62.58 19.23 -23.18
CA SER F 9 61.87 18.90 -24.41
C SER F 9 62.59 17.80 -25.18
N SER F 10 63.91 17.70 -25.00
CA SER F 10 64.73 16.68 -25.66
C SER F 10 66.08 16.65 -24.96
N MET F 11 66.73 15.48 -25.02
CA MET F 11 68.06 15.32 -24.45
C MET F 11 68.89 14.40 -25.34
N SER F 12 70.15 14.77 -25.53
CA SER F 12 71.09 13.99 -26.32
C SER F 12 71.91 13.12 -25.37
N VAL F 13 71.66 11.81 -25.40
CA VAL F 13 72.28 10.87 -24.48
C VAL F 13 72.74 9.64 -25.27
N SER F 14 73.42 8.74 -24.56
CA SER F 14 74.00 7.55 -25.17
C SER F 14 73.62 6.31 -24.37
N LEU F 15 74.03 5.15 -24.90
CA LEU F 15 73.72 3.88 -24.26
C LEU F 15 74.40 3.77 -22.91
N GLY F 16 73.77 3.01 -22.01
CA GLY F 16 74.32 2.81 -20.68
C GLY F 16 74.19 3.99 -19.75
N ASP F 17 73.72 5.14 -20.23
CA ASP F 17 73.57 6.31 -19.39
C ASP F 17 72.34 6.20 -18.50
N THR F 18 72.41 6.85 -17.36
CA THR F 18 71.29 6.94 -16.41
C THR F 18 70.73 8.35 -16.47
N VAL F 19 69.47 8.46 -16.93
CA VAL F 19 68.85 9.75 -17.18
C VAL F 19 67.55 9.85 -16.36
N SER F 20 67.02 11.06 -16.28
CA SER F 20 65.79 11.32 -15.56
C SER F 20 64.98 12.39 -16.27
N ILE F 21 63.66 12.19 -16.32
CA ILE F 21 62.73 13.13 -16.92
C ILE F 21 61.84 13.66 -15.81
N THR F 22 61.81 14.98 -15.64
CA THR F 22 60.98 15.60 -14.63
C THR F 22 59.64 16.02 -15.20
N CYS F 23 58.66 16.16 -14.31
CA CYS F 23 57.30 16.54 -14.69
C CYS F 23 56.69 17.34 -13.55
N HIS F 24 56.36 18.60 -13.81
CA HIS F 24 55.83 19.50 -12.80
C HIS F 24 54.37 19.79 -13.07
N ALA F 25 53.54 19.67 -12.04
CA ALA F 25 52.13 20.00 -12.13
C ALA F 25 51.86 21.34 -11.46
N SER F 26 50.87 22.06 -12.00
CA SER F 26 50.53 23.38 -11.46
C SER F 26 50.05 23.30 -10.02
N GLN F 27 49.64 22.13 -9.56
CA GLN F 27 49.22 21.93 -8.19
C GLN F 27 49.58 20.51 -7.78
N GLY F 28 49.45 20.23 -6.49
CA GLY F 28 49.72 18.88 -6.01
C GLY F 28 48.72 17.89 -6.59
N ILE F 29 49.22 16.69 -6.92
CA ILE F 29 48.39 15.63 -7.47
C ILE F 29 48.47 14.35 -6.68
N SER F 30 49.30 14.30 -5.62
CA SER F 30 49.34 13.17 -4.68
C SER F 30 49.57 11.85 -5.40
N SER F 31 50.62 11.81 -6.23
CA SER F 31 51.09 10.60 -6.91
C SER F 31 50.07 10.02 -7.89
N ASN F 32 49.11 10.83 -8.35
CA ASN F 32 48.15 10.37 -9.35
C ASN F 32 48.67 10.68 -10.76
N ILE F 33 49.82 10.09 -11.07
CA ILE F 33 50.53 10.39 -12.32
C ILE F 33 50.93 9.08 -12.99
N GLY F 34 50.93 9.10 -14.32
CA GLY F 34 51.35 7.96 -15.10
C GLY F 34 52.38 8.38 -16.15
N TRP F 35 53.18 7.41 -16.58
CA TRP F 35 54.24 7.63 -17.55
C TRP F 35 54.03 6.72 -18.76
N LEU F 36 54.29 7.27 -19.94
CA LEU F 36 54.00 6.58 -21.19
C LEU F 36 55.22 6.62 -22.10
N GLN F 37 55.30 5.64 -23.00
CA GLN F 37 56.37 5.53 -23.99
C GLN F 37 55.76 5.38 -25.37
N GLN F 38 56.35 6.04 -26.36
CA GLN F 38 55.92 5.94 -27.76
C GLN F 38 57.15 5.69 -28.62
N LYS F 39 57.36 4.43 -29.01
CA LYS F 39 58.47 4.09 -29.88
C LYS F 39 58.23 4.66 -31.28
N PRO F 40 59.31 4.89 -32.05
CA PRO F 40 59.15 5.52 -33.37
C PRO F 40 58.15 4.82 -34.28
N GLY F 41 57.10 5.54 -34.68
CA GLY F 41 56.08 5.02 -35.56
C GLY F 41 55.07 4.10 -34.90
N LYS F 42 55.37 3.56 -33.73
CA LYS F 42 54.48 2.65 -33.05
C LYS F 42 53.58 3.41 -32.09
N SER F 43 52.69 2.70 -31.40
CA SER F 43 51.71 3.31 -30.52
C SER F 43 52.30 3.47 -29.12
N PHE F 44 51.44 3.55 -28.11
CA PHE F 44 51.87 3.83 -26.74
C PHE F 44 51.95 2.55 -25.91
N MET F 45 52.89 2.55 -24.97
CA MET F 45 53.03 1.50 -23.99
C MET F 45 53.07 2.12 -22.60
N GLY F 46 52.34 1.53 -21.67
CA GLY F 46 52.35 2.03 -20.30
C GLY F 46 53.64 1.67 -19.60
N LEU F 47 54.13 2.60 -18.77
CA LEU F 47 55.33 2.38 -17.97
C LEU F 47 55.03 2.40 -16.48
N ILE F 48 54.46 3.50 -15.98
CA ILE F 48 54.23 3.69 -14.56
C ILE F 48 52.77 4.08 -14.36
N TYR F 49 52.19 3.64 -13.24
CA TYR F 49 50.90 4.13 -12.79
C TYR F 49 50.98 4.42 -11.30
N TYR F 50 50.28 5.47 -10.87
CA TYR F 50 50.30 5.94 -9.48
C TYR F 50 51.72 6.25 -9.02
N GLY F 51 52.49 6.90 -9.88
CA GLY F 51 53.79 7.44 -9.49
C GLY F 51 54.99 6.52 -9.48
N THR F 52 54.88 5.33 -8.88
CA THR F 52 56.03 4.45 -8.70
C THR F 52 55.84 3.03 -9.20
N ASN F 53 54.61 2.56 -9.40
CA ASN F 53 54.36 1.16 -9.71
C ASN F 53 54.58 0.90 -11.19
N LEU F 54 55.50 -0.02 -11.50
CA LEU F 54 55.73 -0.43 -12.88
C LEU F 54 54.53 -1.18 -13.44
N VAL F 55 54.22 -0.92 -14.70
CA VAL F 55 53.23 -1.72 -15.40
C VAL F 55 53.80 -3.12 -15.65
N ASP F 56 52.92 -4.12 -15.62
CA ASP F 56 53.34 -5.49 -15.89
C ASP F 56 54.01 -5.59 -17.26
N GLY F 57 55.21 -6.17 -17.29
CA GLY F 57 55.98 -6.33 -18.49
C GLY F 57 57.10 -5.31 -18.67
N VAL F 58 57.01 -4.17 -17.99
CA VAL F 58 58.04 -3.14 -18.12
C VAL F 58 59.33 -3.63 -17.46
N PRO F 59 60.49 -3.49 -18.12
CA PRO F 59 61.74 -3.90 -17.48
C PRO F 59 62.02 -3.10 -16.22
N SER F 60 62.72 -3.73 -15.28
CA SER F 60 62.94 -3.14 -13.97
C SER F 60 63.84 -1.92 -14.00
N ARG F 61 64.52 -1.65 -15.11
CA ARG F 61 65.40 -0.48 -15.17
C ARG F 61 64.63 0.82 -15.13
N PHE F 62 63.34 0.81 -15.45
CA PHE F 62 62.50 1.98 -15.28
C PHE F 62 62.09 2.12 -13.81
N SER F 63 61.84 3.36 -13.40
CA SER F 63 61.43 3.62 -12.02
C SER F 63 60.83 5.02 -11.94
N GLY F 64 59.79 5.16 -11.12
CA GLY F 64 59.18 6.45 -10.88
C GLY F 64 59.40 6.92 -9.45
N SER F 65 59.27 8.23 -9.22
CA SER F 65 59.52 8.79 -7.90
C SER F 65 58.96 10.20 -7.86
N GLY F 66 58.82 10.73 -6.64
CA GLY F 66 58.37 12.09 -6.42
C GLY F 66 57.12 12.14 -5.55
N SER F 67 56.71 13.37 -5.27
CA SER F 67 55.51 13.63 -4.49
C SER F 67 55.10 15.08 -4.71
N GLY F 68 53.92 15.42 -4.20
CA GLY F 68 53.41 16.76 -4.34
C GLY F 68 53.08 17.13 -5.77
N ALA F 69 53.85 18.04 -6.36
CA ALA F 69 53.64 18.50 -7.72
C ALA F 69 54.91 18.40 -8.54
N ASP F 70 55.83 17.53 -8.14
CA ASP F 70 57.10 17.38 -8.83
C ASP F 70 57.49 15.90 -8.80
N TYR F 71 57.54 15.27 -9.97
CA TYR F 71 57.79 13.85 -10.10
C TYR F 71 58.85 13.61 -11.17
N SER F 72 59.44 12.42 -11.14
CA SER F 72 60.55 12.11 -12.02
C SER F 72 60.53 10.65 -12.44
N LEU F 73 60.63 10.41 -13.75
CA LEU F 73 60.93 9.10 -14.30
C LEU F 73 62.44 8.91 -14.37
N THR F 74 62.87 7.66 -14.41
CA THR F 74 64.30 7.36 -14.41
C THR F 74 64.56 6.05 -15.14
N ILE F 75 65.51 6.08 -16.07
CA ILE F 75 65.94 4.90 -16.81
C ILE F 75 67.42 4.71 -16.56
N SER F 76 67.78 3.65 -15.84
CA SER F 76 69.17 3.33 -15.58
C SER F 76 69.69 2.39 -16.65
N SER F 77 70.87 2.71 -17.19
CA SER F 77 71.48 1.95 -18.29
C SER F 77 70.55 1.87 -19.49
N LEU F 78 70.60 2.88 -20.35
CA LEU F 78 69.69 2.95 -21.49
C LEU F 78 69.99 1.82 -22.48
N ASP F 79 68.92 1.30 -23.09
CA ASP F 79 69.00 0.31 -24.15
C ASP F 79 68.64 0.96 -25.48
N SER F 80 68.95 0.27 -26.57
CA SER F 80 68.62 0.77 -27.90
C SER F 80 67.13 1.01 -28.07
N GLU F 81 66.30 0.19 -27.43
CA GLU F 81 64.85 0.35 -27.55
C GLU F 81 64.35 1.59 -26.84
N ASP F 82 65.06 2.06 -25.82
CA ASP F 82 64.56 3.15 -24.99
C ASP F 82 64.61 4.51 -25.68
N PHE F 83 65.27 4.62 -26.83
CA PHE F 83 65.29 5.89 -27.56
C PHE F 83 63.93 6.15 -28.20
N ALA F 84 63.05 6.86 -27.50
CA ALA F 84 61.70 7.10 -27.97
C ALA F 84 61.16 8.35 -27.27
N ASP F 85 59.86 8.59 -27.42
CA ASP F 85 59.19 9.71 -26.77
C ASP F 85 58.58 9.25 -25.46
N TYR F 86 58.47 10.19 -24.53
CA TYR F 86 57.93 9.92 -23.20
C TYR F 86 57.05 11.07 -22.76
N TYR F 87 55.90 10.74 -22.16
CA TYR F 87 54.92 11.72 -21.70
C TYR F 87 54.47 11.37 -20.29
N CYS F 88 54.32 12.39 -19.45
CA CYS F 88 53.69 12.24 -18.15
C CYS F 88 52.23 12.68 -18.23
N VAL F 89 51.37 12.00 -17.49
CA VAL F 89 49.94 12.28 -17.51
C VAL F 89 49.41 12.23 -16.08
N GLN F 90 48.57 13.19 -15.74
CA GLN F 90 47.93 13.22 -14.43
C GLN F 90 46.47 12.79 -14.54
N TYR F 91 45.96 12.17 -13.48
CA TYR F 91 44.54 11.85 -13.41
C TYR F 91 43.98 12.16 -12.02
N ALA F 92 44.61 13.10 -11.31
CA ALA F 92 44.07 13.53 -10.01
C ALA F 92 42.77 14.29 -10.18
N GLN F 93 42.58 14.95 -11.32
CA GLN F 93 41.35 15.67 -11.62
C GLN F 93 40.94 15.39 -13.06
N LEU F 94 39.67 15.66 -13.35
CA LEU F 94 39.17 15.72 -14.71
C LEU F 94 39.14 17.17 -15.17
N PRO F 95 39.55 17.48 -16.42
CA PRO F 95 40.02 16.55 -17.45
C PRO F 95 41.45 16.06 -17.24
N TYR F 96 41.78 14.90 -17.80
CA TYR F 96 43.15 14.41 -17.77
C TYR F 96 44.01 15.28 -18.67
N THR F 97 45.23 15.57 -18.22
CA THR F 97 46.15 16.42 -18.96
C THR F 97 47.53 15.78 -19.03
N PHE F 98 48.13 15.83 -20.22
CA PHE F 98 49.43 15.24 -20.47
C PHE F 98 50.52 16.30 -20.40
N GLY F 99 51.78 15.84 -20.50
CA GLY F 99 52.91 16.74 -20.54
C GLY F 99 53.32 17.09 -21.96
N GLY F 100 54.22 18.08 -22.06
CA GLY F 100 54.68 18.51 -23.36
C GLY F 100 55.43 17.43 -24.12
N GLY F 101 56.11 16.55 -23.41
CA GLY F 101 56.81 15.44 -24.01
C GLY F 101 58.32 15.62 -23.97
N THR F 102 59.02 14.50 -24.07
CA THR F 102 60.48 14.46 -24.09
C THR F 102 60.92 13.48 -25.16
N LYS F 103 61.96 13.85 -25.91
CA LYS F 103 62.47 13.03 -27.00
C LYS F 103 63.94 12.70 -26.71
N LEU F 104 64.22 11.43 -26.49
CA LEU F 104 65.58 10.96 -26.23
C LEU F 104 66.27 10.65 -27.56
N GLU F 105 67.34 11.38 -27.85
CA GLU F 105 68.07 11.24 -29.09
C GLU F 105 69.51 10.80 -28.82
N ILE F 106 70.12 10.20 -29.83
CA ILE F 106 71.44 9.61 -29.68
C ILE F 106 72.49 10.72 -29.77
N LYS F 107 73.34 10.79 -28.75
CA LYS F 107 74.44 11.75 -28.73
C LYS F 107 75.56 11.28 -29.64
N ARG F 108 76.18 12.23 -30.34
CA ARG F 108 77.31 11.93 -31.21
C ARG F 108 78.08 13.22 -31.46
N ALA F 109 79.14 13.11 -32.26
CA ALA F 109 79.96 14.27 -32.58
C ALA F 109 79.21 15.23 -33.49
N ASP F 110 79.49 16.53 -33.34
CA ASP F 110 78.86 17.53 -34.17
C ASP F 110 79.30 17.39 -35.62
N ALA F 111 78.35 17.51 -36.54
CA ALA F 111 78.62 17.35 -37.96
C ALA F 111 77.99 18.49 -38.73
N ALA F 112 78.76 19.10 -39.62
CA ALA F 112 78.26 20.20 -40.43
C ALA F 112 77.38 19.67 -41.56
N PRO F 113 76.37 20.44 -41.97
CA PRO F 113 75.46 19.96 -43.01
C PRO F 113 76.07 20.02 -44.41
N THR F 114 75.57 19.15 -45.28
CA THR F 114 75.98 19.09 -46.67
C THR F 114 74.93 19.81 -47.51
N VAL F 115 75.14 21.12 -47.72
CA VAL F 115 74.18 21.92 -48.44
C VAL F 115 74.24 21.59 -49.93
N SER F 116 73.07 21.64 -50.59
CA SER F 116 72.98 21.30 -52.01
C SER F 116 71.77 22.01 -52.59
N ILE F 117 72.00 23.00 -53.46
CA ILE F 117 70.93 23.77 -54.06
C ILE F 117 70.64 23.20 -55.45
N PHE F 118 69.37 23.28 -55.85
CA PHE F 118 68.93 22.75 -57.14
C PHE F 118 67.85 23.64 -57.74
N PRO F 119 68.09 24.23 -58.90
CA PRO F 119 67.08 25.08 -59.55
C PRO F 119 65.93 24.25 -60.10
N PRO F 120 64.84 24.89 -60.54
CA PRO F 120 63.70 24.12 -61.06
C PRO F 120 64.08 23.31 -62.30
N SER F 121 63.33 22.24 -62.52
CA SER F 121 63.55 21.38 -63.68
C SER F 121 62.87 21.97 -64.91
N SER F 122 63.13 21.36 -66.06
CA SER F 122 62.46 21.78 -67.30
C SER F 122 61.03 21.28 -67.37
N GLU F 123 60.76 20.10 -66.79
CA GLU F 123 59.39 19.60 -66.74
C GLU F 123 58.51 20.42 -65.82
N GLN F 124 59.11 21.20 -64.93
CA GLN F 124 58.36 22.03 -63.98
C GLN F 124 58.06 23.40 -64.55
N LEU F 125 59.06 24.04 -65.15
CA LEU F 125 58.85 25.37 -65.72
C LEU F 125 57.90 25.33 -66.90
N THR F 126 57.60 24.14 -67.43
CA THR F 126 56.64 24.02 -68.51
C THR F 126 55.20 24.07 -68.01
N SER F 127 54.97 23.66 -66.76
CA SER F 127 53.64 23.65 -66.17
C SER F 127 53.28 24.98 -65.52
N GLY F 128 54.08 26.02 -65.73
CA GLY F 128 53.78 27.32 -65.16
C GLY F 128 54.10 27.45 -63.68
N GLY F 129 55.21 26.83 -63.24
CA GLY F 129 55.60 26.90 -61.85
C GLY F 129 57.10 26.74 -61.72
N ALA F 130 57.57 26.79 -60.48
CA ALA F 130 59.00 26.68 -60.19
C ALA F 130 59.18 26.40 -58.70
N SER F 131 60.16 25.55 -58.39
CA SER F 131 60.51 25.24 -57.00
C SER F 131 62.02 25.06 -56.91
N VAL F 132 62.65 25.82 -56.03
CA VAL F 132 64.10 25.73 -55.81
C VAL F 132 64.31 24.93 -54.52
N VAL F 133 64.92 23.76 -54.66
CA VAL F 133 65.15 22.85 -53.54
C VAL F 133 66.57 23.05 -53.03
N CYS F 134 66.75 22.88 -51.71
CA CYS F 134 68.04 23.09 -51.06
C CYS F 134 68.17 22.07 -49.94
N PHE F 135 68.85 20.95 -50.23
CA PHE F 135 68.98 19.88 -49.25
C PHE F 135 70.10 20.18 -48.25
N LEU F 136 69.94 19.62 -47.04
CA LEU F 136 70.94 19.73 -45.97
C LEU F 136 71.00 18.37 -45.28
N ASN F 137 71.82 17.47 -45.82
CA ASN F 137 71.85 16.09 -45.40
C ASN F 137 72.95 15.84 -44.37
N ASN F 138 72.65 14.97 -43.40
CA ASN F 138 73.62 14.43 -42.47
C ASN F 138 74.32 15.52 -41.65
N PHE F 139 73.65 16.02 -40.62
CA PHE F 139 74.25 16.98 -39.71
C PHE F 139 73.85 16.65 -38.29
N TYR F 140 74.49 17.34 -37.34
CA TYR F 140 74.22 17.19 -35.90
C TYR F 140 74.78 18.38 -35.14
N PRO F 141 74.05 18.93 -34.16
CA PRO F 141 72.70 18.51 -33.71
C PRO F 141 71.58 18.90 -34.67
N LYS F 142 70.35 18.58 -34.26
CA LYS F 142 69.19 18.79 -35.14
C LYS F 142 68.90 20.27 -35.35
N ASP F 143 69.28 21.12 -34.42
CA ASP F 143 68.96 22.54 -34.49
C ASP F 143 69.64 23.18 -35.70
N ILE F 144 68.84 23.75 -36.59
CA ILE F 144 69.36 24.34 -37.82
C ILE F 144 68.32 25.33 -38.34
N ASN F 145 68.81 26.39 -38.99
CA ASN F 145 67.95 27.48 -39.48
C ASN F 145 68.34 27.79 -40.92
N VAL F 146 67.39 27.64 -41.83
CA VAL F 146 67.60 27.93 -43.25
C VAL F 146 67.07 29.33 -43.54
N LYS F 147 67.70 30.01 -44.50
CA LYS F 147 67.31 31.36 -44.88
C LYS F 147 67.45 31.52 -46.38
N TRP F 148 66.45 32.10 -47.01
CA TRP F 148 66.43 32.35 -48.45
C TRP F 148 66.58 33.84 -48.72
N LYS F 149 67.41 34.17 -49.71
CA LYS F 149 67.66 35.56 -50.09
C LYS F 149 67.58 35.69 -51.61
N ILE F 150 66.50 36.31 -52.09
CA ILE F 150 66.35 36.61 -53.52
C ILE F 150 67.06 37.93 -53.78
N ASP F 151 68.27 37.85 -54.36
CA ASP F 151 69.10 39.02 -54.60
C ASP F 151 69.37 39.79 -53.30
N GLY F 152 69.81 39.07 -52.28
CA GLY F 152 70.11 39.67 -51.00
C GLY F 152 68.89 39.86 -50.12
N SER F 153 67.76 40.20 -50.73
CA SER F 153 66.52 40.42 -49.97
C SER F 153 66.02 39.10 -49.40
N GLU F 154 65.81 39.07 -48.09
CA GLU F 154 65.34 37.86 -47.43
C GLU F 154 63.99 37.43 -47.98
N ARG F 155 63.72 36.13 -47.91
CA ARG F 155 62.47 35.54 -48.37
C ARG F 155 61.89 34.66 -47.28
N GLN F 156 60.63 34.93 -46.91
CA GLN F 156 59.91 34.13 -45.94
C GLN F 156 58.58 33.61 -46.48
N ASN F 157 58.25 33.90 -47.74
CA ASN F 157 56.94 33.59 -48.31
C ASN F 157 57.02 32.33 -49.14
N GLY F 158 56.09 31.41 -48.90
CA GLY F 158 55.96 30.20 -49.70
C GLY F 158 57.12 29.24 -49.57
N VAL F 159 57.46 28.87 -48.33
CA VAL F 159 58.57 27.97 -48.05
C VAL F 159 58.00 26.68 -47.47
N LEU F 160 58.61 25.55 -47.83
CA LEU F 160 58.18 24.23 -47.38
C LEU F 160 59.39 23.45 -46.91
N ASN F 161 59.49 23.22 -45.61
CA ASN F 161 60.60 22.50 -45.00
C ASN F 161 60.13 21.14 -44.49
N SER F 162 61.07 20.20 -44.44
CA SER F 162 60.78 18.86 -43.94
C SER F 162 62.03 18.30 -43.28
N TRP F 163 61.84 17.68 -42.11
CA TRP F 163 62.93 17.14 -41.31
C TRP F 163 62.79 15.62 -41.23
N THR F 164 63.89 14.91 -41.46
CA THR F 164 63.93 13.48 -41.22
C THR F 164 64.33 13.21 -39.78
N ASP F 165 63.84 12.09 -39.25
CA ASP F 165 64.24 11.66 -37.93
C ASP F 165 65.73 11.33 -37.90
N GLN F 166 66.27 11.13 -36.70
CA GLN F 166 67.68 10.78 -36.56
C GLN F 166 67.97 9.49 -37.31
N ASP F 167 68.77 9.58 -38.36
CA ASP F 167 69.03 8.45 -39.24
C ASP F 167 69.63 7.29 -38.45
N SER F 168 68.97 6.14 -38.50
CA SER F 168 69.47 4.95 -37.80
C SER F 168 70.85 4.55 -38.30
N LYS F 169 71.21 4.95 -39.52
CA LYS F 169 72.50 4.58 -40.08
C LYS F 169 73.65 5.22 -39.31
N ASP F 170 73.69 6.56 -39.26
CA ASP F 170 74.80 7.28 -38.68
C ASP F 170 74.39 8.30 -37.62
N SER F 171 73.13 8.27 -37.17
CA SER F 171 72.64 9.14 -36.10
C SER F 171 72.71 10.61 -36.49
N THR F 172 72.47 10.90 -37.77
CA THR F 172 72.49 12.27 -38.28
C THR F 172 71.09 12.68 -38.72
N TYR F 173 70.89 13.99 -38.77
CA TYR F 173 69.64 14.58 -39.22
C TYR F 173 69.80 15.18 -40.61
N SER F 174 68.71 15.26 -41.35
CA SER F 174 68.70 15.84 -42.68
C SER F 174 67.51 16.79 -42.81
N MET F 175 67.65 17.79 -43.68
CA MET F 175 66.63 18.81 -43.83
C MET F 175 66.43 19.15 -45.31
N SER F 176 65.16 19.31 -45.70
CA SER F 176 64.79 19.77 -47.02
C SER F 176 64.15 21.14 -46.93
N SER F 177 64.07 21.83 -48.08
CA SER F 177 63.54 23.18 -48.12
C SER F 177 63.17 23.52 -49.56
N THR F 178 61.90 23.84 -49.81
CA THR F 178 61.40 24.08 -51.16
C THR F 178 60.72 25.44 -51.21
N LEU F 179 61.34 26.39 -51.91
CA LEU F 179 60.77 27.72 -52.12
C LEU F 179 60.00 27.70 -53.44
N THR F 180 58.68 27.83 -53.36
CA THR F 180 57.80 27.66 -54.50
C THR F 180 57.16 29.00 -54.89
N LEU F 181 57.08 29.25 -56.20
CA LEU F 181 56.39 30.41 -56.73
C LEU F 181 56.05 30.14 -58.19
N THR F 182 55.48 31.14 -58.85
CA THR F 182 55.05 31.01 -60.23
C THR F 182 56.22 31.22 -61.19
N LYS F 183 56.05 30.72 -62.42
CA LYS F 183 57.08 30.88 -63.44
C LYS F 183 57.28 32.34 -63.78
N ASP F 184 56.20 33.13 -63.79
CA ASP F 184 56.31 34.55 -64.09
C ASP F 184 57.15 35.27 -63.03
N GLU F 185 56.91 34.96 -61.76
CA GLU F 185 57.69 35.59 -60.69
C GLU F 185 59.12 35.06 -60.66
N TYR F 186 59.33 33.81 -61.05
CA TYR F 186 60.70 33.28 -61.10
C TYR F 186 61.54 34.01 -62.12
N GLU F 187 60.98 34.28 -63.30
CA GLU F 187 61.68 35.03 -64.35
C GLU F 187 61.71 36.53 -64.07
N ARG F 188 61.96 36.90 -62.81
CA ARG F 188 62.10 38.30 -62.40
C ARG F 188 63.46 38.62 -61.83
N HIS F 189 64.19 37.63 -61.34
CA HIS F 189 65.47 37.83 -60.67
C HIS F 189 66.48 36.80 -61.19
N ASN F 190 67.72 36.91 -60.73
CA ASN F 190 68.79 36.03 -61.20
C ASN F 190 69.43 35.25 -60.07
N SER F 191 69.96 35.93 -59.05
CA SER F 191 70.64 35.25 -57.95
C SER F 191 69.62 34.78 -56.92
N TYR F 192 69.75 33.51 -56.51
CA TYR F 192 68.86 32.91 -55.51
C TYR F 192 69.73 32.20 -54.48
N THR F 193 69.77 32.76 -53.27
CA THR F 193 70.66 32.31 -52.22
C THR F 193 69.95 31.32 -51.29
N CYS F 194 70.74 30.44 -50.67
CA CYS F 194 70.22 29.48 -49.69
C CYS F 194 71.24 29.39 -48.56
N GLU F 195 71.02 30.16 -47.50
CA GLU F 195 71.91 30.15 -46.34
C GLU F 195 71.50 29.06 -45.35
N ALA F 196 72.33 28.85 -44.33
CA ALA F 196 72.10 27.84 -43.32
C ALA F 196 72.97 28.11 -42.10
N THR F 197 72.37 28.19 -40.93
CA THR F 197 73.08 28.46 -39.69
C THR F 197 73.20 27.19 -38.86
N HIS F 198 74.38 26.95 -38.30
CA HIS F 198 74.66 25.74 -37.53
C HIS F 198 75.72 26.05 -36.49
N LYS F 199 75.76 25.24 -35.44
CA LYS F 199 76.74 25.47 -34.39
C LYS F 199 78.13 25.03 -34.83
N THR F 200 78.22 24.10 -35.77
CA THR F 200 79.52 23.67 -36.28
C THR F 200 80.19 24.74 -37.13
N SER F 201 79.43 25.67 -37.66
CA SER F 201 79.93 26.70 -38.57
C SER F 201 79.64 28.07 -37.98
N THR F 202 80.70 28.78 -37.56
CA THR F 202 80.53 30.14 -37.05
C THR F 202 79.88 31.04 -38.10
N SER F 203 80.16 30.80 -39.37
CA SER F 203 79.62 31.51 -40.53
C SER F 203 78.54 30.68 -41.20
N PRO F 204 77.58 31.32 -41.87
CA PRO F 204 76.53 30.57 -42.57
C PRO F 204 77.04 30.03 -43.91
N ILE F 205 76.76 28.75 -44.16
CA ILE F 205 77.09 28.14 -45.45
C ILE F 205 76.10 28.61 -46.51
N VAL F 206 76.61 28.83 -47.72
CA VAL F 206 75.85 29.49 -48.78
C VAL F 206 75.95 28.67 -50.07
N LYS F 207 74.85 28.64 -50.83
CA LYS F 207 74.81 28.06 -52.16
C LYS F 207 73.88 28.91 -53.02
N SER F 208 74.40 29.42 -54.14
CA SER F 208 73.66 30.31 -55.01
C SER F 208 73.74 29.81 -56.45
N PHE F 209 73.05 30.52 -57.35
CA PHE F 209 73.06 30.22 -58.78
C PHE F 209 72.38 31.37 -59.52
N ASN F 210 72.73 31.53 -60.80
CA ASN F 210 72.09 32.51 -61.66
C ASN F 210 70.95 31.85 -62.44
N ARG F 211 69.88 32.60 -62.64
CA ARG F 211 68.70 32.06 -63.32
C ARG F 211 69.01 31.78 -64.78
N ASN F 212 68.88 30.51 -65.18
CA ASN F 212 69.13 30.08 -66.55
C ASN F 212 70.52 30.49 -67.01
N GLU F 213 71.54 29.76 -66.57
CA GLU F 213 72.94 30.13 -66.83
C GLU F 213 73.45 29.50 -68.12
N CYS F 214 73.56 28.17 -68.14
CA CYS F 214 74.08 27.44 -69.28
C CYS F 214 73.33 27.75 -70.57
N GLU G 1 -42.41 -15.97 7.79
CA GLU G 1 -43.40 -15.31 8.65
C GLU G 1 -42.73 -14.83 9.94
N VAL G 2 -43.25 -13.74 10.51
CA VAL G 2 -42.70 -13.15 11.72
C VAL G 2 -43.25 -13.92 12.92
N GLN G 3 -42.35 -14.52 13.71
CA GLN G 3 -42.71 -15.19 14.94
C GLN G 3 -41.65 -14.92 15.99
N LEU G 4 -42.09 -14.63 17.21
CA LEU G 4 -41.22 -14.38 18.35
C LEU G 4 -41.38 -15.53 19.32
N GLN G 5 -40.34 -16.35 19.45
CA GLN G 5 -40.38 -17.57 20.26
C GLN G 5 -39.60 -17.33 21.55
N GLN G 6 -40.32 -17.16 22.65
CA GLN G 6 -39.71 -16.87 23.93
C GLN G 6 -39.32 -18.16 24.66
N SER G 7 -38.63 -17.99 25.78
CA SER G 7 -38.19 -19.12 26.59
C SER G 7 -39.37 -19.70 27.37
N GLY G 8 -39.11 -20.84 28.02
CA GLY G 8 -40.12 -21.49 28.82
C GLY G 8 -40.31 -20.83 30.17
N ALA G 9 -41.39 -21.24 30.85
CA ALA G 9 -41.72 -20.66 32.14
C ALA G 9 -40.60 -20.88 33.14
N GLU G 10 -40.37 -19.89 33.99
CA GLU G 10 -39.33 -19.94 35.01
C GLU G 10 -39.96 -20.07 36.39
N LEU G 11 -39.22 -20.69 37.30
CA LEU G 11 -39.68 -20.91 38.68
C LEU G 11 -38.48 -20.67 39.59
N VAL G 12 -38.40 -19.47 40.16
CA VAL G 12 -37.24 -19.03 40.91
C VAL G 12 -37.67 -18.53 42.29
N LYS G 13 -36.66 -18.30 43.15
CA LYS G 13 -36.77 -17.85 44.53
C LYS G 13 -36.54 -16.35 44.62
N PRO G 14 -37.09 -15.70 45.66
CA PRO G 14 -36.86 -14.26 45.81
C PRO G 14 -35.40 -13.95 46.07
N GLY G 15 -34.97 -12.76 45.64
CA GLY G 15 -33.60 -12.34 45.75
C GLY G 15 -32.68 -12.81 44.65
N ALA G 16 -33.07 -13.85 43.91
CA ALA G 16 -32.25 -14.36 42.82
C ALA G 16 -32.49 -13.53 41.56
N SER G 17 -31.90 -13.98 40.45
CA SER G 17 -32.06 -13.30 39.17
C SER G 17 -32.45 -14.32 38.10
N VAL G 18 -33.04 -13.81 37.02
CA VAL G 18 -33.48 -14.65 35.92
C VAL G 18 -33.31 -13.85 34.63
N LYS G 19 -33.15 -14.57 33.51
CA LYS G 19 -32.87 -13.94 32.22
C LYS G 19 -33.75 -14.61 31.17
N LEU G 20 -34.80 -13.90 30.75
CA LEU G 20 -35.69 -14.40 29.72
C LEU G 20 -35.10 -14.11 28.34
N SER G 21 -35.50 -14.92 27.35
CA SER G 21 -34.98 -14.82 26.00
C SER G 21 -36.12 -14.74 25.00
N CYS G 22 -35.87 -14.05 23.89
CA CYS G 22 -36.85 -13.83 22.83
C CYS G 22 -36.14 -14.01 21.50
N THR G 23 -36.32 -15.16 20.88
CA THR G 23 -35.62 -15.51 19.64
C THR G 23 -36.49 -15.19 18.43
N ALA G 24 -35.88 -14.52 17.45
CA ALA G 24 -36.59 -14.15 16.23
C ALA G 24 -36.63 -15.31 15.26
N SER G 25 -37.78 -15.50 14.62
CA SER G 25 -37.99 -16.58 13.67
C SER G 25 -38.58 -16.00 12.39
N GLY G 26 -37.90 -16.22 11.27
CA GLY G 26 -38.37 -15.72 9.99
C GLY G 26 -37.97 -14.31 9.66
N PHE G 27 -37.05 -13.72 10.42
CA PHE G 27 -36.57 -12.37 10.17
C PHE G 27 -35.33 -12.14 11.02
N ASN G 28 -34.68 -11.01 10.78
CA ASN G 28 -33.50 -10.62 11.55
C ASN G 28 -33.93 -9.76 12.72
N ILE G 29 -33.53 -10.15 13.94
CA ILE G 29 -33.87 -9.39 15.15
C ILE G 29 -33.38 -7.95 15.05
N LYS G 30 -32.36 -7.70 14.23
CA LYS G 30 -31.74 -6.39 14.10
C LYS G 30 -32.62 -5.39 13.35
N ASP G 31 -33.70 -5.84 12.73
CA ASP G 31 -34.47 -4.97 11.83
C ASP G 31 -35.19 -3.86 12.57
N THR G 32 -35.84 -4.18 13.70
CA THR G 32 -36.73 -3.24 14.37
C THR G 32 -36.38 -3.12 15.84
N TYR G 33 -37.12 -2.26 16.54
CA TYR G 33 -37.09 -2.21 17.99
C TYR G 33 -37.62 -3.52 18.58
N VAL G 34 -37.20 -3.81 19.81
CA VAL G 34 -37.73 -4.94 20.58
C VAL G 34 -38.12 -4.42 21.94
N HIS G 35 -39.38 -4.61 22.32
CA HIS G 35 -39.91 -4.15 23.60
C HIS G 35 -40.10 -5.33 24.53
N TRP G 36 -40.33 -5.00 25.80
CA TRP G 36 -40.70 -5.98 26.82
C TRP G 36 -41.88 -5.43 27.61
N VAL G 37 -42.90 -6.26 27.81
CA VAL G 37 -44.13 -5.86 28.47
C VAL G 37 -44.45 -6.86 29.57
N LYS G 38 -44.86 -6.34 30.73
CA LYS G 38 -45.21 -7.15 31.89
C LYS G 38 -46.73 -7.17 32.05
N GLN G 39 -47.27 -8.36 32.31
CA GLN G 39 -48.71 -8.53 32.46
C GLN G 39 -49.03 -9.23 33.76
N ARG G 40 -49.91 -8.63 34.55
CA ARG G 40 -50.48 -9.20 35.77
C ARG G 40 -51.98 -9.05 35.73
N PRO G 41 -52.73 -9.97 36.35
CA PRO G 41 -54.20 -9.89 36.27
C PRO G 41 -54.78 -8.62 36.88
N GLU G 42 -54.31 -8.21 38.06
CA GLU G 42 -54.82 -6.99 38.68
C GLU G 42 -54.22 -5.75 38.05
N GLN G 43 -52.89 -5.66 38.03
CA GLN G 43 -52.21 -4.45 37.58
C GLN G 43 -52.31 -4.26 36.07
N GLY G 44 -52.62 -5.30 35.31
CA GLY G 44 -52.75 -5.16 33.88
C GLY G 44 -51.40 -5.20 33.18
N LEU G 45 -51.30 -4.42 32.10
CA LEU G 45 -50.12 -4.40 31.25
C LEU G 45 -49.23 -3.20 31.59
N GLU G 46 -47.92 -3.43 31.60
CA GLU G 46 -46.94 -2.39 31.88
C GLU G 46 -45.78 -2.53 30.90
N TRP G 47 -45.31 -1.38 30.41
CA TRP G 47 -44.21 -1.35 29.45
C TRP G 47 -42.88 -1.28 30.20
N ILE G 48 -42.04 -2.29 30.01
CA ILE G 48 -40.76 -2.34 30.72
C ILE G 48 -39.75 -1.44 30.02
N GLY G 49 -39.43 -1.74 28.76
CA GLY G 49 -38.45 -0.97 28.03
C GLY G 49 -38.25 -1.56 26.65
N ARG G 50 -37.31 -0.96 25.92
CA ARG G 50 -37.04 -1.37 24.54
C ARG G 50 -35.54 -1.44 24.34
N ILE G 51 -35.15 -2.05 23.21
CA ILE G 51 -33.76 -2.07 22.77
C ILE G 51 -33.74 -2.07 21.24
N ASP G 52 -32.77 -1.35 20.68
CA ASP G 52 -32.45 -1.44 19.27
C ASP G 52 -31.29 -2.41 19.12
N PRO G 53 -31.55 -3.66 18.71
CA PRO G 53 -30.45 -4.65 18.69
C PRO G 53 -29.33 -4.31 17.72
N ALA G 54 -29.55 -3.38 16.79
CA ALA G 54 -28.49 -2.99 15.87
C ALA G 54 -27.34 -2.29 16.58
N ASN G 55 -27.62 -1.60 17.68
CA ASN G 55 -26.62 -0.83 18.39
C ASN G 55 -26.62 -1.05 19.89
N GLY G 56 -27.67 -1.63 20.47
CA GLY G 56 -27.70 -1.93 21.88
C GLY G 56 -28.30 -0.84 22.76
N TYR G 57 -28.70 0.29 22.19
CA TYR G 57 -29.25 1.38 22.99
C TYR G 57 -30.64 1.02 23.50
N THR G 58 -30.91 1.40 24.74
CA THR G 58 -32.13 1.00 25.44
C THR G 58 -32.84 2.20 26.03
N LYS G 59 -34.13 2.01 26.30
CA LYS G 59 -34.95 2.93 27.07
C LYS G 59 -35.73 2.13 28.11
N TYR G 60 -36.02 2.76 29.24
CA TYR G 60 -36.70 2.07 30.34
C TYR G 60 -37.76 2.98 30.95
N ASP G 61 -38.87 2.39 31.33
CA ASP G 61 -39.77 3.04 32.26
C ASP G 61 -39.05 3.18 33.60
N PRO G 62 -39.01 4.38 34.19
CA PRO G 62 -38.26 4.55 35.45
C PRO G 62 -38.72 3.64 36.58
N LYS G 63 -39.94 3.08 36.49
CA LYS G 63 -40.39 2.15 37.52
C LYS G 63 -39.55 0.88 37.55
N PHE G 64 -39.04 0.45 36.39
CA PHE G 64 -38.26 -0.78 36.29
C PHE G 64 -36.76 -0.52 36.29
N GLN G 65 -36.32 0.72 36.47
CA GLN G 65 -34.89 1.01 36.52
C GLN G 65 -34.28 0.34 37.73
N GLY G 66 -33.39 -0.62 37.49
CA GLY G 66 -32.79 -1.38 38.56
C GLY G 66 -32.98 -2.88 38.40
N LYS G 67 -34.23 -3.31 38.24
CA LYS G 67 -34.52 -4.73 38.08
C LYS G 67 -34.36 -5.19 36.64
N ALA G 68 -34.97 -4.47 35.69
CA ALA G 68 -34.94 -4.89 34.30
C ALA G 68 -33.64 -4.49 33.62
N THR G 69 -33.09 -5.40 32.82
CA THR G 69 -31.89 -5.15 32.03
C THR G 69 -32.06 -5.85 30.70
N ILE G 70 -32.25 -5.08 29.63
CA ILE G 70 -32.57 -5.61 28.31
C ILE G 70 -31.30 -5.60 27.47
N THR G 71 -30.98 -6.74 26.86
CA THR G 71 -29.81 -6.89 26.01
C THR G 71 -30.21 -7.67 24.76
N ALA G 72 -29.26 -7.79 23.83
CA ALA G 72 -29.53 -8.48 22.58
C ALA G 72 -28.22 -8.93 21.95
N ASP G 73 -28.23 -10.13 21.38
CA ASP G 73 -27.10 -10.70 20.64
C ASP G 73 -27.57 -10.99 19.22
N THR G 74 -27.11 -10.20 18.26
CA THR G 74 -27.50 -10.41 16.87
C THR G 74 -27.01 -11.74 16.32
N SER G 75 -25.95 -12.31 16.90
CA SER G 75 -25.44 -13.60 16.45
C SER G 75 -26.51 -14.67 16.58
N SER G 76 -26.98 -14.92 17.80
CA SER G 76 -28.04 -15.89 18.03
C SER G 76 -29.43 -15.32 17.76
N ASN G 77 -29.51 -14.11 17.21
CA ASN G 77 -30.78 -13.51 16.79
C ASN G 77 -31.78 -13.47 17.93
N THR G 78 -31.33 -13.08 19.11
CA THR G 78 -32.12 -13.19 20.33
C THR G 78 -32.02 -11.91 21.15
N ALA G 79 -33.12 -11.54 21.80
CA ALA G 79 -33.15 -10.44 22.75
C ALA G 79 -33.47 -10.98 24.13
N TYR G 80 -32.89 -10.35 25.15
CA TYR G 80 -32.99 -10.86 26.52
C TYR G 80 -33.53 -9.80 27.46
N LEU G 81 -34.22 -10.26 28.50
CA LEU G 81 -34.70 -9.42 29.59
C LEU G 81 -34.24 -10.05 30.89
N GLN G 82 -33.34 -9.37 31.60
CA GLN G 82 -32.84 -9.85 32.88
C GLN G 82 -33.53 -9.12 34.03
N LEU G 83 -34.00 -9.87 35.01
CA LEU G 83 -34.64 -9.33 36.20
C LEU G 83 -33.85 -9.75 37.43
N SER G 84 -33.58 -8.82 38.33
CA SER G 84 -32.75 -9.06 39.49
C SER G 84 -33.50 -8.71 40.77
N SER G 85 -33.03 -9.28 41.88
CA SER G 85 -33.63 -9.11 43.20
C SER G 85 -35.14 -9.36 43.15
N LEU G 86 -35.48 -10.57 42.69
CA LEU G 86 -36.86 -10.89 42.37
C LEU G 86 -37.74 -10.85 43.61
N THR G 87 -38.99 -10.43 43.41
CA THR G 87 -39.97 -10.26 44.47
C THR G 87 -41.26 -10.97 44.07
N SER G 88 -42.16 -11.16 45.05
CA SER G 88 -43.46 -11.72 44.76
C SER G 88 -44.23 -10.86 43.76
N GLU G 89 -43.93 -9.56 43.70
CA GLU G 89 -44.56 -8.68 42.72
C GLU G 89 -43.98 -8.84 41.32
N ASP G 90 -42.83 -9.49 41.18
CA ASP G 90 -42.28 -9.79 39.87
C ASP G 90 -42.90 -11.04 39.26
N THR G 91 -43.83 -11.69 39.95
CA THR G 91 -44.54 -12.84 39.41
C THR G 91 -45.52 -12.36 38.35
N ALA G 92 -45.20 -12.60 37.09
CA ALA G 92 -46.01 -12.09 35.99
C ALA G 92 -45.68 -12.86 34.72
N VAL G 93 -46.47 -12.61 33.69
CA VAL G 93 -46.20 -13.09 32.33
C VAL G 93 -45.49 -11.97 31.57
N TYR G 94 -44.44 -12.33 30.86
CA TYR G 94 -43.58 -11.35 30.18
C TYR G 94 -43.58 -11.63 28.68
N TYR G 95 -43.83 -10.58 27.90
CA TYR G 95 -43.88 -10.69 26.45
C TYR G 95 -42.82 -9.78 25.82
N CYS G 96 -42.29 -10.22 24.68
CA CYS G 96 -41.47 -9.37 23.83
C CYS G 96 -42.28 -8.94 22.62
N VAL G 97 -42.13 -7.67 22.24
CA VAL G 97 -42.95 -7.06 21.20
C VAL G 97 -42.05 -6.38 20.18
N ARG G 98 -42.49 -6.37 18.93
CA ARG G 98 -41.86 -5.63 17.85
C ARG G 98 -42.95 -5.08 16.95
N PRO G 99 -42.68 -3.99 16.24
CA PRO G 99 -43.68 -3.42 15.33
C PRO G 99 -43.68 -4.07 13.95
N LEU G 100 -44.76 -3.84 13.23
CA LEU G 100 -44.91 -4.34 11.86
C LEU G 100 -44.28 -3.36 10.87
N TYR G 101 -44.91 -2.19 10.72
CA TYR G 101 -44.41 -1.15 9.83
C TYR G 101 -43.99 0.09 10.61
N ASP G 102 -44.89 0.70 11.37
CA ASP G 102 -44.58 1.90 12.14
C ASP G 102 -43.43 1.62 13.09
N TYR G 103 -42.40 2.48 13.05
CA TYR G 103 -41.22 2.31 13.88
C TYR G 103 -41.55 2.16 15.36
N TYR G 104 -42.62 2.83 15.81
CA TYR G 104 -42.91 2.96 17.23
C TYR G 104 -44.07 2.08 17.69
N ALA G 105 -44.60 1.22 16.83
CA ALA G 105 -45.80 0.47 17.14
C ALA G 105 -45.48 -0.81 17.93
N MET G 106 -46.55 -1.48 18.35
CA MET G 106 -46.48 -2.72 19.14
C MET G 106 -47.45 -3.71 18.52
N ASP G 107 -47.00 -4.43 17.49
CA ASP G 107 -47.89 -5.24 16.66
C ASP G 107 -47.68 -6.73 16.83
N TYR G 108 -46.44 -7.22 16.75
CA TYR G 108 -46.14 -8.64 16.87
C TYR G 108 -45.71 -8.97 18.28
N TRP G 109 -46.26 -10.05 18.84
CA TRP G 109 -46.03 -10.44 20.22
C TRP G 109 -45.60 -11.90 20.29
N GLY G 110 -44.70 -12.20 21.22
CA GLY G 110 -44.35 -13.56 21.52
C GLY G 110 -45.44 -14.26 22.31
N GLN G 111 -45.23 -15.54 22.58
CA GLN G 111 -46.23 -16.32 23.29
C GLN G 111 -46.27 -16.00 24.78
N GLY G 112 -45.19 -15.42 25.32
CA GLY G 112 -45.16 -15.05 26.73
C GLY G 112 -44.45 -16.06 27.60
N THR G 113 -43.57 -15.58 28.47
CA THR G 113 -42.81 -16.42 29.39
C THR G 113 -43.35 -16.22 30.80
N SER G 114 -43.84 -17.30 31.40
CA SER G 114 -44.39 -17.23 32.75
C SER G 114 -43.27 -17.21 33.78
N VAL G 115 -43.41 -16.36 34.78
CA VAL G 115 -42.44 -16.22 35.85
C VAL G 115 -43.17 -16.34 37.18
N THR G 116 -42.64 -17.17 38.07
CA THR G 116 -43.21 -17.37 39.40
C THR G 116 -42.10 -17.29 40.44
N VAL G 117 -42.24 -16.37 41.38
CA VAL G 117 -41.27 -16.19 42.46
C VAL G 117 -41.91 -16.66 43.75
N SER G 118 -41.27 -17.60 44.43
CA SER G 118 -41.80 -18.15 45.67
C SER G 118 -40.70 -18.89 46.40
N SER G 119 -40.77 -18.83 47.74
CA SER G 119 -39.88 -19.60 48.60
C SER G 119 -40.38 -21.01 48.86
N ALA G 120 -41.55 -21.37 48.33
CA ALA G 120 -42.15 -22.65 48.63
C ALA G 120 -41.34 -23.80 48.03
N LYS G 121 -41.26 -24.89 48.78
CA LYS G 121 -40.61 -26.10 48.32
C LYS G 121 -41.61 -26.97 47.55
N THR G 122 -41.13 -28.08 47.01
CA THR G 122 -41.96 -29.00 46.24
C THR G 122 -42.84 -29.79 47.21
N THR G 123 -44.07 -29.33 47.40
CA THR G 123 -45.01 -29.96 48.31
C THR G 123 -46.12 -30.65 47.52
N ALA G 124 -46.48 -31.88 47.95
CA ALA G 124 -47.52 -32.66 47.31
C ALA G 124 -48.90 -32.27 47.83
N PRO G 125 -49.92 -32.33 46.97
CA PRO G 125 -51.26 -31.90 47.38
C PRO G 125 -51.89 -32.84 48.39
N SER G 126 -52.89 -32.30 49.09
CA SER G 126 -53.72 -33.05 50.02
C SER G 126 -55.13 -33.13 49.42
N VAL G 127 -55.53 -34.31 49.00
CA VAL G 127 -56.80 -34.51 48.31
C VAL G 127 -57.85 -34.97 49.33
N TYR G 128 -58.99 -34.28 49.33
CA TYR G 128 -60.08 -34.56 50.28
C TYR G 128 -61.38 -34.76 49.52
N PRO G 129 -62.13 -35.83 49.81
CA PRO G 129 -63.43 -36.00 49.17
C PRO G 129 -64.50 -35.12 49.81
N LEU G 130 -65.43 -34.67 48.98
CA LEU G 130 -66.49 -33.75 49.41
C LEU G 130 -67.85 -34.39 49.09
N ALA G 131 -68.44 -35.06 50.08
CA ALA G 131 -69.76 -35.66 49.98
C ALA G 131 -70.81 -34.75 50.62
N PRO G 132 -72.02 -34.70 50.07
CA PRO G 132 -73.04 -33.80 50.61
C PRO G 132 -73.52 -34.21 52.00
N VAL G 133 -74.43 -33.43 52.58
CA VAL G 133 -74.94 -33.67 53.92
C VAL G 133 -76.22 -34.49 53.84
N CYS G 134 -76.53 -35.19 54.92
CA CYS G 134 -77.71 -36.03 55.00
C CYS G 134 -78.99 -35.23 54.75
N THR G 135 -81.41 -35.57 48.25
CA THR G 135 -82.78 -35.23 48.63
C THR G 135 -83.57 -34.72 47.43
N GLY G 136 -82.86 -34.16 46.45
CA GLY G 136 -83.47 -33.68 45.22
C GLY G 136 -83.25 -34.63 44.06
N SER G 137 -83.50 -34.11 42.86
CA SER G 137 -83.30 -34.88 41.64
C SER G 137 -81.88 -34.81 41.13
N SER G 138 -81.11 -33.80 41.55
CA SER G 138 -79.74 -33.61 41.11
C SER G 138 -78.81 -33.61 42.32
N VAL G 139 -77.67 -34.29 42.19
CA VAL G 139 -76.69 -34.40 43.26
C VAL G 139 -75.38 -33.79 42.79
N THR G 140 -74.61 -33.26 43.73
CA THR G 140 -73.34 -32.61 43.44
C THR G 140 -72.28 -33.09 44.43
N LEU G 141 -71.14 -33.54 43.91
CA LEU G 141 -70.00 -33.95 44.71
C LEU G 141 -68.86 -32.95 44.54
N GLY G 142 -67.75 -33.20 45.23
CA GLY G 142 -66.63 -32.27 45.16
C GLY G 142 -65.32 -32.95 45.51
N CYS G 143 -64.24 -32.20 45.31
CA CYS G 143 -62.88 -32.69 45.55
C CYS G 143 -61.99 -31.50 45.81
N LEU G 144 -61.28 -31.51 46.94
CA LEU G 144 -60.47 -30.38 47.39
C LEU G 144 -59.00 -30.74 47.29
N VAL G 145 -58.27 -29.98 46.47
CA VAL G 145 -56.82 -30.13 46.30
C VAL G 145 -56.17 -28.95 46.99
N LYS G 146 -55.47 -29.20 48.10
CA LYS G 146 -54.99 -28.14 48.97
C LYS G 146 -53.52 -28.33 49.29
N GLY G 147 -52.79 -27.21 49.35
CA GLY G 147 -51.42 -27.20 49.82
C GLY G 147 -50.41 -27.92 48.94
N TYR G 148 -50.34 -27.54 47.67
CA TYR G 148 -49.37 -28.12 46.75
C TYR G 148 -48.54 -27.02 46.09
N PHE G 149 -47.34 -27.40 45.64
CA PHE G 149 -46.44 -26.47 44.97
C PHE G 149 -45.42 -27.28 44.20
N PRO G 150 -45.09 -26.88 42.96
CA PRO G 150 -45.72 -25.76 42.25
C PRO G 150 -46.89 -26.20 41.37
N GLU G 151 -47.36 -25.28 40.52
CA GLU G 151 -48.38 -25.59 39.55
C GLU G 151 -47.80 -26.42 38.40
N PRO G 152 -48.65 -27.12 37.63
CA PRO G 152 -50.09 -27.29 37.80
C PRO G 152 -50.48 -28.67 38.32
N VAL G 153 -51.77 -28.98 38.24
CA VAL G 153 -52.30 -30.29 38.59
C VAL G 153 -53.38 -30.66 37.59
N THR G 154 -53.48 -31.95 37.29
CA THR G 154 -54.50 -32.48 36.39
C THR G 154 -55.52 -33.26 37.22
N LEU G 155 -56.79 -32.91 37.06
CA LEU G 155 -57.87 -33.51 37.84
C LEU G 155 -58.95 -34.04 36.90
N THR G 156 -59.34 -35.30 37.10
CA THR G 156 -60.41 -35.92 36.33
C THR G 156 -61.33 -36.68 37.29
N TRP G 157 -62.41 -37.23 36.75
CA TRP G 157 -63.35 -38.04 37.50
C TRP G 157 -63.48 -39.40 36.83
N ASN G 158 -63.27 -40.47 37.61
CA ASN G 158 -63.30 -41.85 37.11
C ASN G 158 -62.30 -42.05 35.97
N SER G 159 -61.15 -41.37 36.08
CA SER G 159 -60.07 -41.46 35.10
C SER G 159 -60.57 -41.03 33.71
N GLY G 160 -61.02 -39.78 33.63
CA GLY G 160 -61.51 -39.20 32.40
C GLY G 160 -62.86 -39.69 31.94
N SER G 161 -63.45 -40.69 32.61
CA SER G 161 -64.75 -41.20 32.19
C SER G 161 -65.83 -40.12 32.36
N LEU G 162 -66.00 -39.63 33.58
CA LEU G 162 -66.98 -38.58 33.86
C LEU G 162 -66.36 -37.24 33.49
N SER G 163 -66.77 -36.69 32.35
CA SER G 163 -66.22 -35.44 31.84
C SER G 163 -67.26 -34.33 31.79
N SER G 164 -68.43 -34.59 31.21
CA SER G 164 -69.45 -33.57 31.11
C SER G 164 -70.09 -33.29 32.47
N GLY G 165 -70.58 -32.07 32.63
CA GLY G 165 -71.19 -31.65 33.88
C GLY G 165 -70.19 -31.54 35.01
N VAL G 166 -69.06 -30.87 34.75
CA VAL G 166 -67.97 -30.75 35.72
C VAL G 166 -67.47 -29.32 35.70
N HIS G 167 -67.06 -28.83 36.87
CA HIS G 167 -66.47 -27.50 37.01
C HIS G 167 -65.21 -27.63 37.86
N THR G 168 -64.05 -27.51 37.23
CA THR G 168 -62.77 -27.46 37.93
C THR G 168 -62.29 -26.01 37.95
N PHE G 169 -62.19 -25.44 39.15
CA PHE G 169 -61.92 -24.03 39.36
C PHE G 169 -60.42 -23.75 39.35
N PRO G 170 -60.03 -22.54 38.95
CA PRO G 170 -58.61 -22.19 38.91
C PRO G 170 -57.97 -22.27 40.28
N ALA G 171 -56.67 -22.59 40.29
CA ALA G 171 -55.91 -22.64 41.53
C ALA G 171 -55.80 -21.24 42.14
N VAL G 172 -55.64 -21.21 43.46
CA VAL G 172 -55.51 -19.96 44.20
C VAL G 172 -54.35 -20.10 45.18
N LEU G 173 -53.51 -19.07 45.25
CA LEU G 173 -52.33 -19.11 46.10
C LEU G 173 -52.73 -18.83 47.54
N GLN G 174 -52.51 -19.82 48.42
CA GLN G 174 -52.86 -19.73 49.82
C GLN G 174 -51.58 -19.89 50.65
N SER G 175 -50.96 -18.76 51.01
CA SER G 175 -49.74 -18.74 51.80
C SER G 175 -48.65 -19.58 51.14
N ASP G 176 -48.17 -19.08 50.00
CA ASP G 176 -47.10 -19.67 49.19
C ASP G 176 -47.44 -21.04 48.64
N LEU G 177 -48.60 -21.61 48.98
CA LEU G 177 -49.06 -22.89 48.47
C LEU G 177 -50.39 -22.71 47.76
N TYR G 178 -50.71 -23.62 46.85
CA TYR G 178 -51.89 -23.50 46.00
C TYR G 178 -53.03 -24.37 46.53
N THR G 179 -54.26 -23.94 46.23
CA THR G 179 -55.46 -24.65 46.64
C THR G 179 -56.43 -24.69 45.46
N LEU G 180 -56.85 -25.89 45.08
CA LEU G 180 -57.75 -26.07 43.94
C LEU G 180 -58.93 -26.94 44.36
N SER G 181 -60.06 -26.74 43.68
CA SER G 181 -61.26 -27.51 43.96
C SER G 181 -61.97 -27.83 42.64
N SER G 182 -62.85 -28.84 42.70
CA SER G 182 -63.59 -29.28 41.53
C SER G 182 -64.93 -29.85 41.96
N SER G 183 -65.97 -29.58 41.19
CA SER G 183 -67.32 -30.07 41.45
C SER G 183 -67.79 -30.89 40.27
N VAL G 184 -68.87 -31.64 40.50
CA VAL G 184 -69.45 -32.51 39.47
C VAL G 184 -70.89 -32.80 39.87
N THR G 185 -71.77 -32.84 38.87
CA THR G 185 -73.20 -32.96 39.10
C THR G 185 -73.80 -34.03 38.19
N VAL G 186 -74.53 -34.97 38.80
CA VAL G 186 -75.27 -35.99 38.05
C VAL G 186 -76.66 -36.14 38.66
N THR G 187 -77.33 -37.24 38.34
CA THR G 187 -78.66 -37.50 38.88
C THR G 187 -78.57 -38.33 40.15
N SER G 188 -79.64 -38.30 40.94
CA SER G 188 -79.65 -38.99 42.22
C SER G 188 -79.51 -40.50 42.06
N SER G 189 -79.98 -41.05 40.94
CA SER G 189 -79.88 -42.48 40.70
C SER G 189 -78.47 -42.93 40.39
N THR G 190 -77.56 -42.00 40.09
CA THR G 190 -76.18 -42.37 39.76
C THR G 190 -75.34 -42.60 41.00
N TRP G 191 -75.58 -41.82 42.07
CA TRP G 191 -74.75 -41.87 43.26
C TRP G 191 -75.64 -41.98 44.49
N PRO G 192 -75.23 -42.77 45.50
CA PRO G 192 -74.02 -43.59 45.56
C PRO G 192 -74.16 -44.94 44.88
N SER G 193 -75.04 -45.02 43.87
CA SER G 193 -75.20 -46.26 43.11
C SER G 193 -73.91 -46.62 42.39
N GLN G 194 -73.27 -45.64 41.76
CA GLN G 194 -72.06 -45.85 40.99
C GLN G 194 -70.89 -45.14 41.65
N SER G 195 -69.76 -45.83 41.73
CA SER G 195 -68.58 -45.26 42.39
C SER G 195 -68.04 -44.08 41.58
N ILE G 196 -67.75 -42.99 42.29
CA ILE G 196 -67.18 -41.78 41.69
C ILE G 196 -65.86 -41.49 42.39
N THR G 197 -64.79 -41.38 41.61
CA THR G 197 -63.44 -41.20 42.13
C THR G 197 -62.84 -39.90 41.59
N CYS G 198 -62.07 -39.22 42.44
CA CYS G 198 -61.37 -37.99 42.08
C CYS G 198 -59.90 -38.33 41.84
N ASN G 199 -59.47 -38.25 40.59
CA ASN G 199 -58.09 -38.57 40.21
C ASN G 199 -57.30 -37.28 40.08
N VAL G 200 -56.26 -37.14 40.90
CA VAL G 200 -55.44 -35.93 40.95
C VAL G 200 -53.98 -36.31 40.74
N ALA G 201 -53.33 -35.67 39.76
CA ALA G 201 -51.94 -35.93 39.45
C ALA G 201 -51.14 -34.64 39.61
N HIS G 202 -50.06 -34.70 40.39
CA HIS G 202 -49.15 -33.58 40.60
C HIS G 202 -47.78 -34.00 40.07
N PRO G 203 -47.52 -33.80 38.77
CA PRO G 203 -46.26 -34.29 38.18
C PRO G 203 -45.01 -33.70 38.82
N ALA G 204 -45.10 -32.55 39.50
CA ALA G 204 -43.93 -31.95 40.13
C ALA G 204 -43.31 -32.89 41.15
N SER G 205 -44.05 -33.23 42.19
CA SER G 205 -43.60 -34.23 43.15
C SER G 205 -43.86 -35.66 42.69
N SER G 206 -44.45 -35.83 41.50
CA SER G 206 -44.74 -37.14 40.92
C SER G 206 -45.63 -37.97 41.85
N THR G 207 -46.87 -37.49 41.97
CA THR G 207 -47.87 -38.15 42.81
C THR G 207 -49.20 -38.16 42.06
N LYS G 208 -49.88 -39.32 42.06
CA LYS G 208 -51.18 -39.48 41.41
C LYS G 208 -52.12 -40.17 42.40
N VAL G 209 -52.68 -39.39 43.31
CA VAL G 209 -53.59 -39.92 44.33
C VAL G 209 -55.00 -39.93 43.78
N ASP G 210 -55.83 -40.85 44.29
CA ASP G 210 -57.23 -40.95 43.91
C ASP G 210 -58.06 -41.25 45.14
N LYS G 211 -59.13 -40.49 45.35
CA LYS G 211 -60.02 -40.64 46.49
C LYS G 211 -61.44 -40.89 46.00
N LYS G 212 -62.08 -41.92 46.56
CA LYS G 212 -63.46 -42.25 46.21
C LYS G 212 -64.41 -41.51 47.13
N ILE G 213 -65.42 -40.87 46.55
CA ILE G 213 -66.38 -40.08 47.32
C ILE G 213 -67.34 -41.03 48.04
N GLU G 214 -67.34 -40.99 49.37
CA GLU G 214 -68.22 -41.81 50.18
C GLU G 214 -69.23 -40.95 50.91
N PRO G 215 -70.51 -41.32 50.90
CA PRO G 215 -71.53 -40.49 51.58
C PRO G 215 -71.37 -40.46 53.08
N ARG G 216 -72.24 -39.72 53.77
CA ARG G 216 -72.14 -39.55 55.21
C ARG G 216 -73.25 -40.28 55.95
N ASP H 1 -46.40 10.53 33.29
CA ASP H 1 -46.77 9.60 32.23
C ASP H 1 -48.20 9.84 31.77
N ILE H 2 -48.54 9.28 30.61
CA ILE H 2 -49.86 9.47 30.02
C ILE H 2 -50.79 8.37 30.53
N LEU H 3 -51.87 8.76 31.20
CA LEU H 3 -52.87 7.81 31.66
C LEU H 3 -53.81 7.43 30.51
N MET H 4 -54.13 6.15 30.44
CA MET H 4 -55.04 5.63 29.42
C MET H 4 -56.25 5.00 30.12
N THR H 5 -57.39 5.67 30.01
CA THR H 5 -58.63 5.21 30.65
C THR H 5 -59.49 4.51 29.59
N GLN H 6 -59.57 3.19 29.67
CA GLN H 6 -60.30 2.38 28.71
C GLN H 6 -61.66 2.01 29.29
N SER H 7 -62.72 2.24 28.51
CA SER H 7 -64.08 1.96 28.93
C SER H 7 -64.83 1.28 27.80
N PRO H 8 -65.73 0.33 28.11
CA PRO H 8 -66.03 -0.15 29.46
C PRO H 8 -65.09 -1.25 29.91
N SER H 9 -65.23 -1.68 31.17
CA SER H 9 -64.42 -2.80 31.65
C SER H 9 -64.88 -4.12 31.06
N SER H 10 -66.16 -4.22 30.71
CA SER H 10 -66.71 -5.43 30.09
C SER H 10 -68.07 -5.08 29.51
N MET H 11 -68.50 -5.88 28.54
CA MET H 11 -69.82 -5.70 27.94
C MET H 11 -70.38 -7.07 27.58
N SER H 12 -71.69 -7.23 27.81
CA SER H 12 -72.40 -8.46 27.48
C SER H 12 -73.13 -8.24 26.16
N VAL H 13 -72.67 -8.91 25.10
CA VAL H 13 -73.19 -8.70 23.76
C VAL H 13 -73.34 -10.05 23.06
N SER H 14 -74.03 -10.03 21.93
CA SER H 14 -74.36 -11.23 21.18
C SER H 14 -73.67 -11.21 19.82
N LEU H 15 -73.71 -12.35 19.14
CA LEU H 15 -73.16 -12.45 17.79
C LEU H 15 -73.90 -11.51 16.84
N GLY H 16 -73.16 -10.95 15.88
CA GLY H 16 -73.72 -10.02 14.94
C GLY H 16 -73.90 -8.60 15.45
N ASP H 17 -73.64 -8.36 16.73
CA ASP H 17 -73.75 -7.01 17.27
C ASP H 17 -72.62 -6.13 16.77
N THR H 18 -72.91 -4.84 16.62
CA THR H 18 -71.92 -3.83 16.31
C THR H 18 -71.62 -3.06 17.59
N VAL H 19 -70.42 -3.26 18.14
CA VAL H 19 -70.06 -2.72 19.44
C VAL H 19 -68.88 -1.77 19.28
N SER H 20 -68.60 -1.01 20.33
CA SER H 20 -67.56 0.00 20.30
C SER H 20 -66.86 0.08 21.64
N ILE H 21 -65.53 0.04 21.62
CA ILE H 21 -64.69 0.23 22.79
C ILE H 21 -64.00 1.58 22.66
N THR H 22 -63.92 2.33 23.75
CA THR H 22 -63.31 3.65 23.75
C THR H 22 -62.09 3.67 24.66
N CYS H 23 -61.25 4.68 24.45
CA CYS H 23 -59.98 4.80 25.17
C CYS H 23 -59.63 6.28 25.26
N HIS H 24 -59.65 6.83 26.47
CA HIS H 24 -59.40 8.25 26.69
C HIS H 24 -58.02 8.44 27.31
N ALA H 25 -57.26 9.40 26.77
CA ALA H 25 -55.92 9.70 27.25
C ALA H 25 -55.92 10.98 28.07
N SER H 26 -54.88 11.12 28.90
CA SER H 26 -54.73 12.29 29.76
C SER H 26 -54.21 13.51 29.00
N GLN H 27 -53.90 13.37 27.72
CA GLN H 27 -53.45 14.48 26.88
C GLN H 27 -53.50 14.01 25.43
N GLY H 28 -53.38 14.97 24.52
CA GLY H 28 -53.44 14.64 23.10
C GLY H 28 -52.27 13.77 22.68
N ILE H 29 -52.58 12.74 21.89
CA ILE H 29 -51.58 11.81 21.38
C ILE H 29 -51.59 11.71 19.87
N SER H 30 -52.53 12.38 19.20
CA SER H 30 -52.53 12.52 17.74
C SER H 30 -52.41 11.17 17.02
N SER H 31 -53.38 10.31 17.30
CA SER H 31 -53.54 9.01 16.63
C SER H 31 -52.34 8.09 16.83
N ASN H 32 -51.48 8.37 17.80
CA ASN H 32 -50.35 7.49 18.11
C ASN H 32 -50.79 6.40 19.09
N ILE H 33 -51.76 5.61 18.67
CA ILE H 33 -52.41 4.63 19.53
C ILE H 33 -52.57 3.32 18.75
N GLY H 34 -52.48 2.21 19.48
CA GLY H 34 -52.72 0.90 18.91
C GLY H 34 -53.81 0.15 19.65
N TRP H 35 -54.35 -0.90 19.02
CA TRP H 35 -55.37 -1.72 19.64
C TRP H 35 -54.94 -3.18 19.60
N LEU H 36 -55.23 -3.91 20.67
CA LEU H 36 -54.73 -5.26 20.85
C LEU H 36 -55.87 -6.22 21.17
N GLN H 37 -55.62 -7.50 20.93
CA GLN H 37 -56.58 -8.56 21.24
C GLN H 37 -55.84 -9.71 21.90
N GLN H 38 -56.41 -10.23 22.98
CA GLN H 38 -55.87 -11.39 23.68
C GLN H 38 -56.98 -12.42 23.86
N LYS H 39 -56.97 -13.45 23.02
CA LYS H 39 -57.96 -14.51 23.15
C LYS H 39 -57.72 -15.30 24.42
N PRO H 40 -58.78 -15.87 25.03
CA PRO H 40 -58.65 -16.52 26.34
C PRO H 40 -57.50 -17.51 26.45
N GLY H 41 -56.61 -17.27 27.41
CA GLY H 41 -55.50 -18.17 27.64
C GLY H 41 -54.47 -18.19 26.54
N LYS H 42 -54.30 -17.10 25.81
CA LYS H 42 -53.37 -17.05 24.69
C LYS H 42 -52.61 -15.74 24.73
N SER H 43 -51.83 -15.49 23.68
CA SER H 43 -50.95 -14.32 23.63
C SER H 43 -51.69 -13.17 22.96
N PHE H 44 -50.95 -12.14 22.53
CA PHE H 44 -51.54 -10.94 21.96
C PHE H 44 -51.42 -10.93 20.44
N MET H 45 -52.37 -10.28 19.79
CA MET H 45 -52.36 -10.05 18.36
C MET H 45 -52.65 -8.58 18.09
N GLY H 46 -51.89 -7.98 17.18
CA GLY H 46 -52.13 -6.60 16.84
C GLY H 46 -53.35 -6.43 15.96
N LEU H 47 -54.18 -5.44 16.29
CA LEU H 47 -55.37 -5.12 15.51
C LEU H 47 -55.22 -3.84 14.71
N ILE H 48 -54.88 -2.74 15.36
CA ILE H 48 -54.80 -1.43 14.73
C ILE H 48 -53.49 -0.77 15.16
N TYR H 49 -52.91 0.02 14.26
CA TYR H 49 -51.79 0.88 14.61
C TYR H 49 -51.99 2.24 13.97
N TYR H 50 -51.44 3.27 14.62
CA TYR H 50 -51.62 4.67 14.23
C TYR H 50 -53.11 5.02 14.13
N GLY H 51 -53.86 4.65 15.16
CA GLY H 51 -55.28 4.98 15.24
C GLY H 51 -56.29 4.28 14.33
N THR H 52 -55.96 4.12 13.04
CA THR H 52 -56.92 3.61 12.07
C THR H 52 -56.40 2.48 11.19
N ASN H 53 -55.09 2.28 11.09
CA ASN H 53 -54.53 1.36 10.10
C ASN H 53 -54.59 -0.08 10.60
N LEU H 54 -55.21 -0.95 9.79
CA LEU H 54 -55.33 -2.35 10.14
C LEU H 54 -54.00 -3.07 10.03
N VAL H 55 -53.72 -3.93 11.02
CA VAL H 55 -52.57 -4.82 10.93
C VAL H 55 -52.84 -5.89 9.86
N ASP H 56 -51.78 -6.29 9.16
CA ASP H 56 -51.92 -7.26 8.09
C ASP H 56 -52.49 -8.57 8.62
N GLY H 57 -53.58 -9.04 7.99
CA GLY H 57 -54.25 -10.25 8.39
C GLY H 57 -55.51 -10.05 9.20
N VAL H 58 -55.72 -8.85 9.74
CA VAL H 58 -56.90 -8.55 10.56
C VAL H 58 -58.12 -8.34 9.66
N PRO H 59 -59.28 -8.89 10.00
CA PRO H 59 -60.47 -8.71 9.17
C PRO H 59 -60.89 -7.25 9.11
N SER H 60 -61.66 -6.93 8.05
CA SER H 60 -62.08 -5.55 7.82
C SER H 60 -63.20 -5.11 8.75
N ARG H 61 -63.85 -6.04 9.45
CA ARG H 61 -64.91 -5.65 10.37
C ARG H 61 -64.37 -4.83 11.53
N PHE H 62 -63.11 -5.02 11.89
CA PHE H 62 -62.46 -4.15 12.85
C PHE H 62 -62.18 -2.79 12.23
N SER H 63 -62.23 -1.76 13.06
CA SER H 63 -61.99 -0.40 12.58
C SER H 63 -61.71 0.56 13.73
N GLY H 64 -60.61 1.29 13.66
CA GLY H 64 -60.26 2.27 14.66
C GLY H 64 -60.53 3.68 14.17
N SER H 65 -60.78 4.59 15.12
CA SER H 65 -61.05 5.98 14.80
C SER H 65 -60.79 6.83 16.04
N GLY H 66 -60.91 8.13 15.86
CA GLY H 66 -60.69 9.09 16.93
C GLY H 66 -59.54 10.03 16.63
N SER H 67 -59.46 11.07 17.45
CA SER H 67 -58.41 12.07 17.34
C SER H 67 -58.23 12.73 18.70
N GLY H 68 -57.17 13.53 18.80
CA GLY H 68 -56.87 14.21 20.04
C GLY H 68 -56.55 13.26 21.17
N ALA H 69 -57.50 13.10 22.10
CA ALA H 69 -57.32 12.24 23.26
C ALA H 69 -58.48 11.26 23.44
N ASP H 70 -59.29 11.06 22.40
CA ASP H 70 -60.46 10.19 22.48
C ASP H 70 -60.52 9.33 21.23
N TYR H 71 -60.39 8.02 21.41
CA TYR H 71 -60.31 7.08 20.30
C TYR H 71 -61.29 5.94 20.53
N SER H 72 -61.54 5.17 19.47
CA SER H 72 -62.56 4.14 19.51
C SER H 72 -62.16 2.95 18.66
N LEU H 73 -62.43 1.76 19.16
CA LEU H 73 -62.36 0.52 18.39
C LEU H 73 -63.77 0.00 18.16
N THR H 74 -64.07 -0.41 16.93
CA THR H 74 -65.41 -0.82 16.56
C THR H 74 -65.36 -2.15 15.82
N ILE H 75 -66.21 -3.08 16.23
CA ILE H 75 -66.31 -4.41 15.62
C ILE H 75 -67.73 -4.56 15.09
N SER H 76 -67.87 -4.53 13.76
CA SER H 76 -69.16 -4.70 13.12
C SER H 76 -69.43 -6.19 12.90
N SER H 77 -70.60 -6.65 13.34
CA SER H 77 -70.99 -8.06 13.24
C SER H 77 -69.99 -8.94 13.96
N LEU H 78 -70.18 -9.15 15.26
CA LEU H 78 -69.26 -9.94 16.05
C LEU H 78 -69.25 -11.39 15.57
N ASP H 79 -68.05 -11.98 15.55
CA ASP H 79 -67.87 -13.39 15.26
C ASP H 79 -67.58 -14.14 16.55
N SER H 80 -67.82 -15.46 16.51
CA SER H 80 -67.62 -16.29 17.70
C SER H 80 -66.20 -16.22 18.25
N GLU H 81 -65.24 -15.79 17.43
CA GLU H 81 -63.87 -15.64 17.90
C GLU H 81 -63.58 -14.28 18.51
N ASP H 82 -64.46 -13.30 18.28
CA ASP H 82 -64.21 -11.93 18.74
C ASP H 82 -64.42 -11.76 20.23
N PHE H 83 -64.94 -12.77 20.93
CA PHE H 83 -65.15 -12.67 22.37
C PHE H 83 -63.82 -12.91 23.07
N ALA H 84 -63.15 -11.82 23.43
CA ALA H 84 -61.83 -11.88 24.05
C ALA H 84 -61.54 -10.54 24.70
N ASP H 85 -60.33 -10.40 25.23
CA ASP H 85 -59.89 -9.17 25.87
C ASP H 85 -59.32 -8.20 24.84
N TYR H 86 -59.47 -6.91 25.12
CA TYR H 86 -58.99 -5.87 24.22
C TYR H 86 -58.37 -4.74 25.03
N TYR H 87 -57.20 -4.28 24.59
CA TYR H 87 -56.47 -3.22 25.26
C TYR H 87 -56.05 -2.16 24.25
N CYS H 88 -55.95 -0.93 24.72
CA CYS H 88 -55.34 0.15 23.95
C CYS H 88 -53.96 0.48 24.52
N VAL H 89 -53.13 1.07 23.67
CA VAL H 89 -51.77 1.45 24.07
C VAL H 89 -51.37 2.69 23.28
N GLN H 90 -50.88 3.70 23.99
CA GLN H 90 -50.36 4.90 23.37
C GLN H 90 -48.85 4.81 23.26
N TYR H 91 -48.29 5.32 22.15
CA TYR H 91 -46.85 5.43 22.01
C TYR H 91 -46.46 6.83 21.54
N ALA H 92 -47.25 7.83 21.93
CA ALA H 92 -46.87 9.21 21.66
C ALA H 92 -45.70 9.65 22.54
N GLN H 93 -45.56 9.06 23.73
CA GLN H 93 -44.49 9.41 24.64
C GLN H 93 -43.96 8.16 25.32
N LEU H 94 -42.71 8.25 25.78
CA LEU H 94 -42.11 7.23 26.63
C LEU H 94 -42.29 7.63 28.09
N PRO H 95 -42.69 6.71 28.97
CA PRO H 95 -42.92 5.29 28.69
C PRO H 95 -44.26 5.01 28.00
N TYR H 96 -44.32 3.93 27.22
CA TYR H 96 -45.59 3.49 26.67
C TYR H 96 -46.52 3.07 27.81
N THR H 97 -47.80 3.37 27.67
CA THR H 97 -48.79 3.04 28.69
C THR H 97 -50.01 2.42 28.03
N PHE H 98 -50.65 1.51 28.77
CA PHE H 98 -51.76 0.71 28.27
C PHE H 98 -53.05 1.12 28.96
N GLY H 99 -54.17 0.63 28.39
CA GLY H 99 -55.47 0.80 29.00
C GLY H 99 -55.83 -0.34 29.93
N GLY H 100 -56.89 -0.12 30.71
CA GLY H 100 -57.26 -1.11 31.71
C GLY H 100 -57.73 -2.42 31.13
N GLY H 101 -58.26 -2.40 29.91
CA GLY H 101 -58.71 -3.62 29.27
C GLY H 101 -60.22 -3.67 29.17
N THR H 102 -60.71 -4.44 28.20
CA THR H 102 -62.13 -4.62 27.98
C THR H 102 -62.38 -6.05 27.53
N LYS H 103 -63.27 -6.74 28.24
CA LYS H 103 -63.58 -8.14 27.95
C LYS H 103 -64.98 -8.23 27.35
N LEU H 104 -65.06 -8.79 26.15
CA LEU H 104 -66.34 -9.06 25.50
C LEU H 104 -66.86 -10.41 25.95
N GLU H 105 -68.07 -10.43 26.49
CA GLU H 105 -68.67 -11.64 27.05
C GLU H 105 -69.98 -11.95 26.34
N ILE H 106 -70.34 -13.24 26.34
CA ILE H 106 -71.54 -13.70 25.66
C ILE H 106 -72.75 -13.36 26.52
N LYS H 107 -73.72 -12.68 25.92
CA LYS H 107 -74.96 -12.35 26.62
C LYS H 107 -75.94 -13.51 26.52
N ARG H 108 -76.72 -13.69 27.59
CA ARG H 108 -77.75 -14.72 27.64
C ARG H 108 -78.79 -14.32 28.68
N ALA H 109 -79.77 -15.18 28.88
CA ALA H 109 -80.81 -14.93 29.85
C ALA H 109 -80.28 -15.14 31.27
N ASP H 110 -80.83 -14.38 32.20
CA ASP H 110 -80.44 -14.51 33.60
C ASP H 110 -80.76 -15.90 34.12
N ALA H 111 -79.93 -16.38 35.06
CA ALA H 111 -80.09 -17.73 35.60
C ALA H 111 -79.60 -17.75 37.04
N ALA H 112 -80.41 -18.33 37.93
CA ALA H 112 -80.06 -18.43 39.33
C ALA H 112 -79.02 -19.53 39.56
N PRO H 113 -78.16 -19.38 40.55
CA PRO H 113 -77.11 -20.37 40.78
C PRO H 113 -77.62 -21.62 41.49
N THR H 114 -76.80 -22.66 41.44
CA THR H 114 -77.08 -23.94 42.10
C THR H 114 -76.09 -24.09 43.25
N VAL H 115 -76.52 -23.68 44.43
CA VAL H 115 -75.65 -23.69 45.61
C VAL H 115 -75.53 -25.10 46.16
N SER H 116 -74.41 -25.38 46.81
CA SER H 116 -74.15 -26.69 47.43
C SER H 116 -73.06 -26.51 48.46
N ILE H 117 -73.33 -26.90 49.70
CA ILE H 117 -72.37 -26.75 50.80
C ILE H 117 -71.83 -28.11 51.19
N PHE H 118 -70.56 -28.14 51.59
CA PHE H 118 -69.88 -29.40 51.87
C PHE H 118 -69.05 -29.29 53.15
N PRO H 119 -69.38 -30.06 54.18
CA PRO H 119 -68.61 -30.01 55.43
C PRO H 119 -67.21 -30.56 55.24
N PRO H 120 -66.33 -30.37 56.21
CA PRO H 120 -64.96 -30.93 56.09
C PRO H 120 -65.00 -32.44 55.95
N SER H 121 -64.08 -32.96 55.14
CA SER H 121 -63.94 -34.39 55.02
C SER H 121 -63.38 -34.99 56.31
N SER H 122 -63.54 -36.31 56.44
CA SER H 122 -62.99 -36.99 57.61
C SER H 122 -61.47 -36.98 57.59
N GLU H 123 -60.88 -37.10 56.40
CA GLU H 123 -59.43 -37.11 56.29
C GLU H 123 -58.82 -35.79 56.73
N GLN H 124 -59.44 -34.67 56.33
CA GLN H 124 -58.91 -33.36 56.69
C GLN H 124 -59.04 -33.10 58.19
N LEU H 125 -60.15 -33.54 58.78
CA LEU H 125 -60.36 -33.29 60.20
C LEU H 125 -59.36 -34.03 61.07
N THR H 126 -58.99 -35.24 60.67
CA THR H 126 -58.01 -36.01 61.42
C THR H 126 -56.60 -35.43 61.32
N SER H 127 -56.37 -34.48 60.42
CA SER H 127 -55.06 -33.87 60.24
C SER H 127 -54.91 -32.53 60.96
N GLY H 128 -56.00 -31.89 61.35
CA GLY H 128 -55.90 -30.67 62.11
C GLY H 128 -56.51 -29.45 61.45
N GLY H 129 -57.16 -29.65 60.30
CA GLY H 129 -57.78 -28.56 59.56
C GLY H 129 -59.26 -28.83 59.34
N ALA H 130 -59.94 -27.79 58.84
CA ALA H 130 -61.37 -27.88 58.58
C ALA H 130 -61.74 -26.84 57.54
N SER H 131 -62.10 -27.30 56.34
CA SER H 131 -62.48 -26.41 55.24
C SER H 131 -63.91 -26.73 54.83
N VAL H 132 -64.79 -25.75 54.94
CA VAL H 132 -66.15 -25.85 54.43
C VAL H 132 -66.16 -25.29 53.01
N VAL H 133 -66.76 -26.03 52.09
CA VAL H 133 -66.79 -25.67 50.68
C VAL H 133 -68.22 -25.31 50.29
N CYS H 134 -68.36 -24.30 49.43
CA CYS H 134 -69.66 -23.81 49.00
C CYS H 134 -69.57 -23.49 47.50
N PHE H 135 -70.09 -24.38 46.67
CA PHE H 135 -70.10 -24.19 45.22
C PHE H 135 -71.34 -23.40 44.80
N LEU H 136 -71.16 -22.56 43.78
CA LEU H 136 -72.23 -21.75 43.20
C LEU H 136 -72.09 -21.87 41.68
N ASN H 137 -72.80 -22.83 41.10
CA ASN H 137 -72.55 -23.26 39.73
C ASN H 137 -73.64 -22.77 38.78
N ASN H 138 -73.23 -22.40 37.57
CA ASN H 138 -74.12 -22.10 36.46
C ASN H 138 -75.10 -20.98 36.78
N PHE H 139 -74.68 -19.73 36.59
CA PHE H 139 -75.53 -18.58 36.80
C PHE H 139 -75.14 -17.49 35.82
N TYR H 140 -76.02 -16.50 35.68
CA TYR H 140 -75.81 -15.34 34.82
C TYR H 140 -76.66 -14.22 35.37
N PRO H 141 -76.13 -12.98 35.42
CA PRO H 141 -74.79 -12.57 35.00
C PRO H 141 -73.68 -12.98 35.97
N LYS H 142 -72.46 -12.47 35.74
CA LYS H 142 -71.31 -12.84 36.55
C LYS H 142 -71.32 -12.21 37.94
N ASP H 143 -72.01 -11.09 38.12
CA ASP H 143 -71.99 -10.37 39.38
C ASP H 143 -72.66 -11.20 40.47
N ILE H 144 -71.92 -11.50 41.53
CA ILE H 144 -72.43 -12.32 42.62
C ILE H 144 -71.61 -12.04 43.86
N ASN H 145 -72.23 -12.20 45.03
CA ASN H 145 -71.57 -11.92 46.31
C ASN H 145 -71.87 -13.05 47.28
N VAL H 146 -70.83 -13.67 47.81
CA VAL H 146 -70.95 -14.77 48.76
C VAL H 146 -70.71 -14.23 50.17
N LYS H 147 -71.43 -14.79 51.14
CA LYS H 147 -71.32 -14.37 52.54
C LYS H 147 -71.35 -15.62 53.42
N TRP H 148 -70.33 -15.78 54.25
CA TRP H 148 -70.23 -16.90 55.17
C TRP H 148 -70.77 -16.51 56.54
N LYS H 149 -71.50 -17.42 57.16
CA LYS H 149 -72.12 -17.18 58.46
C LYS H 149 -71.83 -18.36 59.39
N ILE H 150 -71.20 -18.08 60.52
CA ILE H 150 -70.94 -19.07 61.57
C ILE H 150 -71.89 -18.78 62.71
N ASP H 151 -72.76 -19.74 63.03
CA ASP H 151 -73.80 -19.57 64.04
C ASP H 151 -74.65 -18.34 63.77
N GLY H 152 -74.86 -18.03 62.49
CA GLY H 152 -75.66 -16.89 62.08
C GLY H 152 -74.91 -15.58 61.96
N SER H 153 -73.63 -15.54 62.30
CA SER H 153 -72.85 -14.32 62.30
C SER H 153 -71.82 -14.35 61.17
N GLU H 154 -71.63 -13.20 60.53
CA GLU H 154 -70.78 -13.14 59.35
C GLU H 154 -69.32 -13.37 59.71
N ARG H 155 -68.61 -14.02 58.78
CA ARG H 155 -67.19 -14.33 58.93
C ARG H 155 -66.46 -13.96 57.64
N GLN H 156 -65.32 -13.28 57.78
CA GLN H 156 -64.58 -12.80 56.61
C GLN H 156 -63.11 -13.20 56.62
N ASN H 157 -62.56 -13.67 57.74
CA ASN H 157 -61.15 -14.02 57.82
C ASN H 157 -60.99 -15.50 57.51
N GLY H 158 -60.35 -15.81 56.39
CA GLY H 158 -60.11 -17.17 55.98
C GLY H 158 -60.91 -17.67 54.79
N VAL H 159 -61.50 -16.78 54.01
CA VAL H 159 -62.28 -17.14 52.84
C VAL H 159 -61.36 -17.17 51.61
N LEU H 160 -61.61 -18.11 50.71
CA LEU H 160 -60.78 -18.30 49.52
C LEU H 160 -61.72 -18.56 48.34
N ASN H 161 -61.89 -17.56 47.48
CA ASN H 161 -62.83 -17.63 46.37
C ASN H 161 -62.11 -17.89 45.05
N SER H 162 -62.87 -18.38 44.08
CA SER H 162 -62.35 -18.66 42.75
C SER H 162 -63.51 -18.73 41.77
N TRP H 163 -63.34 -18.09 40.61
CA TRP H 163 -64.36 -18.04 39.58
C TRP H 163 -63.85 -18.71 38.32
N THR H 164 -64.78 -19.15 37.48
CA THR H 164 -64.46 -19.71 36.18
C THR H 164 -64.81 -18.71 35.08
N ASP H 165 -64.12 -18.82 33.95
CA ASP H 165 -64.48 -18.03 32.79
C ASP H 165 -65.83 -18.50 32.25
N GLN H 166 -66.39 -17.70 31.35
CA GLN H 166 -67.70 -18.02 30.79
C GLN H 166 -67.67 -19.39 30.11
N ASP H 167 -68.60 -20.25 30.52
CA ASP H 167 -68.60 -21.62 30.04
C ASP H 167 -68.85 -21.67 28.54
N SER H 168 -68.16 -22.60 27.87
CA SER H 168 -68.29 -22.71 26.42
C SER H 168 -69.67 -23.20 26.00
N LYS H 169 -70.31 -24.04 26.82
CA LYS H 169 -71.60 -24.63 26.43
C LYS H 169 -72.75 -23.65 26.68
N ASP H 170 -73.07 -23.39 27.95
CA ASP H 170 -74.25 -22.63 28.31
C ASP H 170 -73.97 -21.14 28.54
N SER H 171 -72.72 -20.72 28.45
CA SER H 171 -72.34 -19.31 28.61
C SER H 171 -72.75 -18.75 29.98
N THR H 172 -72.59 -19.57 31.01
CA THR H 172 -72.83 -19.15 32.39
C THR H 172 -71.51 -19.03 33.12
N TYR H 173 -71.59 -18.68 34.41
CA TYR H 173 -70.43 -18.58 35.26
C TYR H 173 -70.63 -19.43 36.50
N SER H 174 -69.53 -19.74 37.19
CA SER H 174 -69.56 -20.55 38.39
C SER H 174 -68.54 -20.01 39.39
N MET H 175 -68.76 -20.34 40.66
CA MET H 175 -67.94 -19.80 41.74
C MET H 175 -67.67 -20.89 42.77
N SER H 176 -66.52 -20.78 43.44
CA SER H 176 -66.12 -21.71 44.49
C SER H 176 -65.59 -20.91 45.67
N SER H 177 -66.31 -20.94 46.78
CA SER H 177 -65.88 -20.30 48.02
C SER H 177 -65.50 -21.36 49.03
N THR H 178 -64.41 -21.10 49.77
CA THR H 178 -63.89 -22.05 50.73
C THR H 178 -63.51 -21.34 52.01
N LEU H 179 -64.06 -21.81 53.13
CA LEU H 179 -63.79 -21.26 54.46
C LEU H 179 -62.90 -22.24 55.21
N THR H 180 -61.66 -21.83 55.48
CA THR H 180 -60.67 -22.66 56.13
C THR H 180 -60.49 -22.23 57.58
N LEU H 181 -60.72 -23.16 58.51
CA LEU H 181 -60.52 -22.93 59.92
C LEU H 181 -59.62 -24.01 60.48
N THR H 182 -59.20 -23.84 61.73
CA THR H 182 -58.52 -24.92 62.43
C THR H 182 -59.54 -25.92 62.94
N LYS H 183 -59.08 -27.13 63.25
CA LYS H 183 -59.97 -28.14 63.81
C LYS H 183 -60.54 -27.70 65.15
N ASP H 184 -59.70 -27.09 65.99
CA ASP H 184 -60.16 -26.62 67.29
C ASP H 184 -61.23 -25.55 67.14
N GLU H 185 -61.00 -24.58 66.27
CA GLU H 185 -61.95 -23.47 66.11
C GLU H 185 -63.21 -23.93 65.38
N TYR H 186 -63.11 -24.98 64.57
CA TYR H 186 -64.28 -25.47 63.83
C TYR H 186 -65.32 -26.07 64.76
N GLU H 187 -64.90 -26.57 65.92
CA GLU H 187 -65.80 -27.24 66.86
C GLU H 187 -66.31 -26.32 67.95
N ARG H 188 -65.84 -25.08 68.02
CA ARG H 188 -66.43 -24.10 68.93
C ARG H 188 -67.84 -23.71 68.53
N HIS H 189 -68.27 -24.06 67.31
CA HIS H 189 -69.54 -23.61 66.78
C HIS H 189 -70.26 -24.80 66.14
N ASN H 190 -71.53 -24.58 65.80
CA ASN H 190 -72.40 -25.66 65.32
C ASN H 190 -72.95 -25.43 63.93
N SER H 191 -73.39 -24.22 63.61
CA SER H 191 -74.03 -23.92 62.33
C SER H 191 -73.04 -23.27 61.37
N TYR H 192 -73.12 -23.66 60.10
CA TYR H 192 -72.25 -23.12 59.06
C TYR H 192 -73.08 -22.86 57.81
N THR H 193 -72.98 -21.64 57.29
CA THR H 193 -73.87 -21.16 56.24
C THR H 193 -73.09 -20.33 55.22
N CYS H 194 -73.53 -20.40 53.97
CA CYS H 194 -73.03 -19.51 52.92
C CYS H 194 -74.23 -18.92 52.17
N GLU H 195 -74.38 -17.60 52.24
CA GLU H 195 -75.47 -16.90 51.58
C GLU H 195 -75.03 -16.37 50.24
N ALA H 196 -75.91 -16.49 49.25
CA ALA H 196 -75.64 -16.07 47.88
C ALA H 196 -76.60 -14.95 47.49
N THR H 197 -76.06 -13.82 47.05
CA THR H 197 -76.85 -12.66 46.65
C THR H 197 -76.68 -12.45 45.15
N HIS H 198 -77.76 -12.70 44.41
CA HIS H 198 -77.76 -12.58 42.96
C HIS H 198 -78.94 -11.70 42.55
N LYS H 199 -78.84 -11.12 41.36
CA LYS H 199 -79.95 -10.29 40.87
C LYS H 199 -81.17 -11.12 40.49
N THR H 200 -81.05 -12.44 40.45
CA THR H 200 -82.17 -13.30 40.15
C THR H 200 -83.12 -13.47 41.33
N SER H 201 -82.76 -12.99 42.51
CA SER H 201 -83.60 -13.15 43.69
C SER H 201 -83.27 -12.06 44.70
N THR H 202 -84.29 -11.31 45.13
CA THR H 202 -84.10 -10.35 46.19
C THR H 202 -83.74 -11.05 47.51
N SER H 203 -84.24 -12.26 47.71
CA SER H 203 -83.91 -13.07 48.87
C SER H 203 -82.62 -13.85 48.60
N PRO H 204 -81.64 -13.81 49.51
CA PRO H 204 -80.40 -14.55 49.28
C PRO H 204 -80.64 -16.06 49.35
N ILE H 205 -80.13 -16.78 48.36
CA ILE H 205 -80.21 -18.23 48.37
C ILE H 205 -79.29 -18.76 49.47
N VAL H 206 -79.86 -19.49 50.42
CA VAL H 206 -79.17 -19.93 51.61
C VAL H 206 -79.00 -21.45 51.56
N LYS H 207 -77.82 -21.93 51.95
CA LYS H 207 -77.56 -23.35 52.14
C LYS H 207 -76.63 -23.52 53.33
N SER H 208 -76.97 -24.45 54.22
CA SER H 208 -76.24 -24.58 55.48
C SER H 208 -76.38 -26.01 55.99
N PHE H 209 -75.58 -26.32 57.01
CA PHE H 209 -75.66 -27.59 57.72
C PHE H 209 -75.31 -27.33 59.18
N ASN H 210 -75.41 -28.38 59.99
CA ASN H 210 -75.09 -28.31 61.41
C ASN H 210 -74.07 -29.39 61.75
N ARG H 211 -73.01 -28.99 62.46
CA ARG H 211 -71.96 -29.93 62.85
C ARG H 211 -72.54 -31.04 63.72
N ASN H 212 -71.86 -32.19 63.72
CA ASN H 212 -72.30 -33.40 64.43
C ASN H 212 -73.59 -33.95 63.87
N GLU H 213 -74.63 -33.11 63.79
CA GLU H 213 -75.92 -33.51 63.27
C GLU H 213 -75.83 -33.87 61.80
N CYS H 214 -76.56 -34.91 61.40
CA CYS H 214 -76.69 -35.29 60.00
C CYS H 214 -77.89 -36.21 59.81
#